data_2JS3
#
_entry.id   2JS3
#
_entity_poly.entity_id   1
_entity_poly.type   'polypeptide(L)'
_entity_poly.pdbx_seq_one_letter_code
;MGSSHHHHHHSSGRENLYFQGMTDTAAEDVRKIATALLKTAIEIVSEEDGGAHNQCKLCGASVPWLQTGDEIKHADDCPV
VIAKQILSSRPKLHAV
;
_entity_poly.pdbx_strand_id   A,B
#
# COMPACT_ATOMS: atom_id res chain seq x y z
N MET A 1 40.01 -23.24 10.09
CA MET A 1 40.03 -22.99 11.54
C MET A 1 38.91 -22.02 11.92
N GLY A 2 38.65 -21.06 11.04
CA GLY A 2 37.56 -20.13 11.24
C GLY A 2 36.80 -19.90 9.96
N SER A 3 35.62 -19.30 10.06
CA SER A 3 34.80 -19.05 8.88
C SER A 3 34.15 -17.67 8.96
N SER A 4 34.72 -16.73 8.23
CA SER A 4 34.22 -15.35 8.16
C SER A 4 34.43 -14.61 9.49
N HIS A 5 34.33 -13.29 9.44
CA HIS A 5 34.45 -12.47 10.63
C HIS A 5 33.86 -11.08 10.37
N HIS A 6 34.06 -10.59 9.14
CA HIS A 6 33.49 -9.32 8.73
C HIS A 6 32.49 -9.53 7.61
N HIS A 7 31.46 -8.70 7.58
CA HIS A 7 30.44 -8.77 6.56
C HIS A 7 30.85 -7.95 5.35
N HIS A 8 31.15 -8.62 4.25
CA HIS A 8 31.57 -7.94 3.04
C HIS A 8 30.37 -7.51 2.20
N HIS A 9 29.17 -7.78 2.70
CA HIS A 9 27.94 -7.33 2.06
C HIS A 9 27.73 -5.83 2.36
N HIS A 10 28.84 -5.12 2.38
CA HIS A 10 28.89 -3.71 2.74
C HIS A 10 28.85 -2.85 1.47
N SER A 11 29.00 -3.52 0.33
CA SER A 11 29.03 -2.86 -0.96
C SER A 11 27.79 -2.00 -1.19
N SER A 12 27.96 -0.69 -1.02
CA SER A 12 26.88 0.25 -1.21
C SER A 12 27.11 1.05 -2.48
N GLY A 13 26.64 0.51 -3.60
CA GLY A 13 26.83 1.17 -4.87
C GLY A 13 25.72 0.87 -5.83
N ARG A 14 24.52 1.34 -5.52
CA ARG A 14 23.37 1.15 -6.39
C ARG A 14 23.23 2.29 -7.37
N GLU A 15 22.78 1.98 -8.58
CA GLU A 15 22.59 2.96 -9.63
C GLU A 15 21.55 4.00 -9.22
N ASN A 16 21.76 5.24 -9.61
CA ASN A 16 20.79 6.30 -9.37
C ASN A 16 19.81 6.37 -10.53
N LEU A 17 18.77 5.54 -10.48
CA LEU A 17 17.80 5.46 -11.54
C LEU A 17 16.43 5.92 -11.07
N TYR A 18 15.39 5.62 -11.85
CA TYR A 18 14.04 6.06 -11.57
C TYR A 18 13.57 5.54 -10.21
N PHE A 19 13.52 4.22 -10.07
CA PHE A 19 13.13 3.61 -8.81
C PHE A 19 14.33 3.47 -7.87
N GLN A 20 14.90 4.62 -7.51
CA GLN A 20 16.01 4.71 -6.59
C GLN A 20 17.15 3.76 -6.97
N GLY A 21 17.25 2.62 -6.27
CA GLY A 21 18.30 1.67 -6.56
C GLY A 21 17.88 0.70 -7.63
N MET A 22 17.51 1.23 -8.79
CA MET A 22 16.93 0.44 -9.84
C MET A 22 17.97 -0.41 -10.55
N THR A 23 18.10 -1.63 -10.06
CA THR A 23 18.99 -2.63 -10.62
C THR A 23 18.72 -3.95 -9.92
N ASP A 24 18.55 -3.87 -8.61
CA ASP A 24 18.15 -5.02 -7.80
C ASP A 24 17.32 -4.53 -6.62
N THR A 25 17.66 -3.36 -6.10
CA THR A 25 16.94 -2.74 -5.01
C THR A 25 15.58 -2.20 -5.49
N ALA A 26 15.46 -2.06 -6.82
CA ALA A 26 14.20 -1.64 -7.43
C ALA A 26 13.03 -2.50 -6.94
N ALA A 27 13.28 -3.80 -6.86
CA ALA A 27 12.27 -4.73 -6.38
C ALA A 27 12.12 -4.65 -4.86
N GLU A 28 13.21 -4.28 -4.19
CA GLU A 28 13.21 -4.18 -2.74
C GLU A 28 12.35 -3.00 -2.28
N ASP A 29 12.67 -1.81 -2.81
CA ASP A 29 12.02 -0.57 -2.37
C ASP A 29 10.51 -0.62 -2.55
N VAL A 30 10.07 -1.12 -3.69
CA VAL A 30 8.64 -1.22 -3.97
C VAL A 30 7.99 -2.26 -3.07
N ARG A 31 8.70 -3.36 -2.81
CA ARG A 31 8.19 -4.43 -1.96
C ARG A 31 8.04 -3.93 -0.52
N LYS A 32 8.94 -3.04 -0.10
CA LYS A 32 8.86 -2.43 1.23
C LYS A 32 7.52 -1.73 1.40
N ILE A 33 7.17 -0.92 0.39
CA ILE A 33 5.91 -0.20 0.37
C ILE A 33 4.74 -1.17 0.42
N ALA A 34 4.76 -2.15 -0.50
CA ALA A 34 3.69 -3.14 -0.61
C ALA A 34 3.48 -3.88 0.70
N THR A 35 4.57 -4.24 1.37
CA THR A 35 4.49 -4.97 2.62
C THR A 35 3.83 -4.12 3.71
N ALA A 36 4.26 -2.87 3.81
CA ALA A 36 3.76 -1.96 4.83
C ALA A 36 2.30 -1.61 4.59
N LEU A 37 1.96 -1.28 3.35
CA LEU A 37 0.61 -0.85 3.00
C LEU A 37 -0.42 -1.95 3.22
N LEU A 38 0.03 -3.20 3.18
CA LEU A 38 -0.87 -4.32 3.43
C LEU A 38 -1.08 -4.50 4.93
N LYS A 39 0.02 -4.67 5.66
CA LYS A 39 -0.04 -5.03 7.08
C LYS A 39 -0.76 -3.99 7.92
N THR A 40 -0.61 -2.73 7.59
CA THR A 40 -1.08 -1.66 8.46
C THR A 40 -2.37 -1.01 7.95
N ALA A 41 -3.01 -1.64 6.98
CA ALA A 41 -4.23 -1.09 6.42
C ALA A 41 -5.33 -2.14 6.35
N ILE A 42 -5.38 -2.99 7.36
CA ILE A 42 -6.41 -4.01 7.47
C ILE A 42 -7.32 -3.71 8.65
N GLU A 43 -8.61 -3.60 8.39
CA GLU A 43 -9.56 -3.36 9.45
C GLU A 43 -10.37 -4.60 9.77
N ILE A 44 -10.42 -4.95 11.05
CA ILE A 44 -11.25 -6.04 11.51
C ILE A 44 -12.67 -5.56 11.71
N VAL A 45 -13.57 -6.05 10.88
CA VAL A 45 -14.97 -5.63 10.95
C VAL A 45 -15.76 -6.56 11.85
N SER A 46 -16.47 -5.98 12.81
CA SER A 46 -17.32 -6.77 13.68
C SER A 46 -18.74 -6.69 13.20
N GLU A 47 -19.31 -7.84 12.95
CA GLU A 47 -20.63 -7.95 12.38
C GLU A 47 -21.61 -8.46 13.41
N GLU A 48 -22.76 -7.80 13.49
CA GLU A 48 -23.82 -8.22 14.40
C GLU A 48 -24.64 -9.34 13.76
N ASP A 49 -24.58 -9.39 12.44
CA ASP A 49 -25.26 -10.43 11.68
C ASP A 49 -24.33 -11.61 11.44
N GLY A 50 -23.12 -11.49 11.97
CA GLY A 50 -22.14 -12.55 11.84
C GLY A 50 -21.18 -12.57 13.01
N GLY A 51 -19.98 -12.06 12.78
CA GLY A 51 -18.98 -12.00 13.83
C GLY A 51 -17.81 -11.14 13.41
N ALA A 52 -16.67 -11.36 14.02
CA ALA A 52 -15.47 -10.60 13.69
C ALA A 52 -14.78 -11.19 12.48
N HIS A 53 -14.59 -10.37 11.45
CA HIS A 53 -13.94 -10.84 10.23
C HIS A 53 -12.70 -10.03 9.92
N ASN A 54 -11.68 -10.70 9.40
CA ASN A 54 -10.46 -10.04 8.99
C ASN A 54 -10.53 -9.72 7.50
N GLN A 55 -10.67 -8.44 7.19
CA GLN A 55 -10.87 -8.00 5.83
C GLN A 55 -9.91 -6.87 5.48
N CYS A 56 -9.19 -7.02 4.38
CA CYS A 56 -8.26 -6.00 3.95
C CYS A 56 -9.01 -4.79 3.37
N LYS A 57 -8.37 -3.63 3.47
CA LYS A 57 -8.94 -2.34 3.08
C LYS A 57 -9.82 -2.38 1.83
N LEU A 58 -9.27 -2.86 0.71
CA LEU A 58 -9.97 -2.81 -0.56
C LEU A 58 -10.77 -4.09 -0.83
N CYS A 59 -10.97 -4.90 0.21
CA CYS A 59 -11.75 -6.14 0.10
C CYS A 59 -11.08 -7.14 -0.84
N GLY A 60 -9.83 -6.86 -1.21
CA GLY A 60 -9.10 -7.70 -2.15
C GLY A 60 -8.63 -8.98 -1.53
N ALA A 61 -8.75 -9.08 -0.22
CA ALA A 61 -8.35 -10.26 0.52
C ALA A 61 -9.17 -10.37 1.80
N SER A 62 -9.73 -11.55 2.05
CA SER A 62 -10.49 -11.79 3.26
C SER A 62 -10.11 -13.14 3.87
N VAL A 63 -9.91 -13.16 5.17
CA VAL A 63 -9.50 -14.36 5.88
C VAL A 63 -10.15 -14.41 7.26
N PRO A 64 -10.55 -15.62 7.71
CA PRO A 64 -11.07 -15.82 9.07
C PRO A 64 -10.17 -15.17 10.13
N TRP A 65 -10.77 -14.69 11.21
CA TRP A 65 -10.03 -13.98 12.25
C TRP A 65 -9.05 -14.90 12.98
N LEU A 66 -9.14 -16.19 12.69
CA LEU A 66 -8.20 -17.17 13.21
C LEU A 66 -6.81 -16.92 12.62
N GLN A 67 -6.78 -16.23 11.48
CA GLN A 67 -5.54 -15.77 10.85
C GLN A 67 -4.66 -16.93 10.36
N THR A 68 -4.78 -17.25 9.08
CA THR A 68 -3.85 -18.15 8.45
C THR A 68 -2.82 -17.33 7.65
N GLY A 69 -3.31 -16.32 6.94
CA GLY A 69 -2.44 -15.35 6.29
C GLY A 69 -1.89 -15.81 4.97
N ASP A 70 -1.31 -17.00 4.94
CA ASP A 70 -0.69 -17.53 3.73
C ASP A 70 -1.72 -17.82 2.65
N GLU A 71 -2.70 -18.65 2.99
CA GLU A 71 -3.72 -19.05 2.02
C GLU A 71 -4.91 -18.09 2.04
N ILE A 72 -4.86 -17.10 1.17
CA ILE A 72 -5.94 -16.15 1.01
C ILE A 72 -6.19 -15.90 -0.47
N LYS A 73 -7.45 -15.79 -0.85
CA LYS A 73 -7.81 -15.54 -2.24
C LYS A 73 -7.48 -14.11 -2.64
N HIS A 74 -7.94 -13.71 -3.82
CA HIS A 74 -7.68 -12.38 -4.32
C HIS A 74 -8.88 -11.84 -5.09
N ALA A 75 -9.30 -10.64 -4.77
CA ALA A 75 -10.28 -9.94 -5.58
C ALA A 75 -9.59 -9.43 -6.84
N ASP A 76 -9.92 -10.04 -7.97
CA ASP A 76 -9.17 -9.86 -9.21
C ASP A 76 -9.27 -8.43 -9.74
N ASP A 77 -10.40 -7.78 -9.46
CA ASP A 77 -10.62 -6.41 -9.93
C ASP A 77 -9.88 -5.39 -9.06
N CYS A 78 -9.59 -5.77 -7.83
CA CYS A 78 -8.95 -4.88 -6.89
C CYS A 78 -7.44 -4.87 -7.07
N PRO A 79 -6.81 -3.69 -6.96
CA PRO A 79 -5.35 -3.52 -7.14
C PRO A 79 -4.52 -4.28 -6.11
N VAL A 80 -5.20 -4.99 -5.21
CA VAL A 80 -4.54 -5.81 -4.21
C VAL A 80 -3.75 -6.93 -4.89
N VAL A 81 -4.26 -7.38 -6.04
CA VAL A 81 -3.64 -8.47 -6.78
C VAL A 81 -2.18 -8.17 -7.14
N ILE A 82 -1.93 -6.98 -7.65
CA ILE A 82 -0.58 -6.60 -8.07
C ILE A 82 0.31 -6.37 -6.85
N ALA A 83 -0.28 -5.79 -5.80
CA ALA A 83 0.43 -5.57 -4.55
C ALA A 83 0.97 -6.89 -4.01
N LYS A 84 0.11 -7.91 -4.00
CA LYS A 84 0.50 -9.24 -3.57
C LYS A 84 1.63 -9.79 -4.44
N GLN A 85 1.50 -9.62 -5.76
CA GLN A 85 2.50 -10.08 -6.70
C GLN A 85 3.86 -9.45 -6.42
N ILE A 86 3.85 -8.19 -6.02
CA ILE A 86 5.09 -7.46 -5.76
C ILE A 86 5.73 -7.90 -4.45
N LEU A 87 4.95 -7.93 -3.38
CA LEU A 87 5.50 -8.22 -2.06
C LEU A 87 5.80 -9.71 -1.87
N SER A 88 5.27 -10.54 -2.77
CA SER A 88 5.51 -11.97 -2.70
C SER A 88 6.73 -12.33 -3.54
N SER A 89 6.64 -12.05 -4.86
CA SER A 89 7.70 -12.35 -5.83
C SER A 89 8.16 -13.82 -5.73
N ARG A 90 7.26 -14.69 -5.31
CA ARG A 90 7.57 -16.10 -5.13
C ARG A 90 6.49 -16.95 -5.80
N PRO A 91 6.90 -17.98 -6.55
CA PRO A 91 5.96 -18.87 -7.26
C PRO A 91 4.94 -19.53 -6.33
N LYS A 92 3.74 -18.98 -6.31
CA LYS A 92 2.66 -19.50 -5.47
C LYS A 92 1.32 -19.06 -6.04
N LEU A 93 0.29 -19.91 -5.88
CA LEU A 93 -1.08 -19.58 -6.28
C LEU A 93 -1.21 -19.43 -7.80
N HIS A 94 -1.84 -20.40 -8.45
CA HIS A 94 -2.05 -20.33 -9.88
C HIS A 94 -3.34 -19.59 -10.19
N ALA A 95 -4.32 -19.75 -9.30
CA ALA A 95 -5.59 -19.01 -9.36
C ALA A 95 -6.23 -19.00 -10.75
N VAL A 96 -6.97 -20.05 -11.06
CA VAL A 96 -7.67 -20.14 -12.33
C VAL A 96 -9.08 -19.56 -12.22
N MET B 1 -4.59 6.09 -34.47
CA MET B 1 -3.29 6.07 -33.77
C MET B 1 -3.42 6.75 -32.41
N GLY B 2 -2.31 6.87 -31.70
CA GLY B 2 -2.33 7.52 -30.40
C GLY B 2 -2.54 6.53 -29.28
N SER B 3 -3.76 5.98 -29.22
CA SER B 3 -4.12 4.94 -28.27
C SER B 3 -4.20 5.47 -26.83
N SER B 4 -3.05 5.81 -26.27
CA SER B 4 -2.96 6.20 -24.87
C SER B 4 -3.27 7.69 -24.68
N HIS B 5 -4.56 8.01 -24.61
CA HIS B 5 -4.97 9.37 -24.29
C HIS B 5 -6.03 9.37 -23.19
N HIS B 6 -6.34 8.17 -22.70
CA HIS B 6 -7.30 7.98 -21.59
C HIS B 6 -7.53 6.49 -21.37
N HIS B 7 -6.43 5.74 -21.32
CA HIS B 7 -6.53 4.28 -21.14
C HIS B 7 -5.57 3.80 -20.06
N HIS B 8 -5.92 2.67 -19.45
CA HIS B 8 -5.07 2.01 -18.46
C HIS B 8 -4.62 0.67 -19.02
N HIS B 9 -3.55 0.70 -19.82
CA HIS B 9 -3.04 -0.47 -20.55
C HIS B 9 -4.01 -0.92 -21.63
N HIS B 10 -3.56 -0.88 -22.88
CA HIS B 10 -4.36 -1.36 -24.00
C HIS B 10 -4.41 -2.88 -23.97
N SER B 11 -3.25 -3.50 -23.73
CA SER B 11 -3.16 -4.94 -23.60
C SER B 11 -1.76 -5.33 -23.14
N SER B 12 -0.76 -4.95 -23.95
CA SER B 12 0.64 -5.26 -23.67
C SER B 12 0.87 -6.78 -23.64
N GLY B 13 2.01 -7.20 -23.12
CA GLY B 13 2.29 -8.60 -23.01
C GLY B 13 2.67 -8.97 -21.59
N ARG B 14 3.43 -10.04 -21.43
CA ARG B 14 3.88 -10.48 -20.12
C ARG B 14 5.16 -11.29 -20.23
N GLU B 15 5.68 -11.71 -19.07
CA GLU B 15 6.91 -12.52 -19.00
C GLU B 15 8.09 -11.76 -19.59
N ASN B 16 8.56 -10.75 -18.87
CA ASN B 16 9.72 -9.96 -19.26
C ASN B 16 10.50 -9.57 -18.01
N LEU B 17 9.97 -8.58 -17.29
CA LEU B 17 10.57 -8.13 -16.04
C LEU B 17 9.54 -8.24 -14.92
N TYR B 18 9.91 -7.77 -13.75
CA TYR B 18 9.07 -7.89 -12.56
C TYR B 18 7.72 -7.22 -12.76
N PHE B 19 7.75 -5.97 -13.20
CA PHE B 19 6.51 -5.23 -13.43
C PHE B 19 6.19 -5.20 -14.92
N GLN B 20 5.90 -6.38 -15.47
CA GLN B 20 5.63 -6.55 -16.89
C GLN B 20 6.85 -6.15 -17.71
N GLY B 21 6.92 -4.88 -18.11
CA GLY B 21 8.09 -4.39 -18.81
C GLY B 21 9.04 -3.70 -17.86
N MET B 22 8.44 -2.99 -16.89
CA MET B 22 9.16 -2.35 -15.79
C MET B 22 10.00 -1.14 -16.22
N THR B 23 10.50 -1.17 -17.44
CA THR B 23 11.29 -0.07 -17.97
C THR B 23 10.41 1.17 -18.17
N ASP B 24 9.11 0.97 -18.15
CA ASP B 24 8.15 2.04 -18.37
C ASP B 24 6.86 1.81 -17.59
N THR B 25 6.34 0.60 -17.72
CA THR B 25 5.06 0.23 -17.11
C THR B 25 5.12 0.11 -15.58
N ALA B 26 6.32 0.06 -15.03
CA ALA B 26 6.51 -0.14 -13.59
C ALA B 26 5.86 0.99 -12.79
N ALA B 27 5.99 2.20 -13.28
CA ALA B 27 5.59 3.39 -12.53
C ALA B 27 4.09 3.44 -12.31
N GLU B 28 3.32 2.97 -13.29
CA GLU B 28 1.87 3.10 -13.26
C GLU B 28 1.26 2.31 -12.09
N ASP B 29 1.64 1.04 -11.98
CA ASP B 29 1.07 0.18 -10.94
C ASP B 29 1.61 0.54 -9.56
N VAL B 30 2.88 0.94 -9.51
CA VAL B 30 3.50 1.31 -8.25
C VAL B 30 2.81 2.54 -7.64
N ARG B 31 2.53 3.55 -8.45
CA ARG B 31 1.88 4.74 -7.92
C ARG B 31 0.43 4.44 -7.54
N LYS B 32 -0.18 3.47 -8.20
CA LYS B 32 -1.56 3.11 -7.93
C LYS B 32 -1.69 2.56 -6.50
N ILE B 33 -0.84 1.61 -6.14
CA ILE B 33 -0.88 1.03 -4.80
C ILE B 33 -0.40 2.04 -3.76
N ALA B 34 0.46 2.96 -4.20
CA ALA B 34 0.94 4.04 -3.34
C ALA B 34 -0.17 5.03 -3.02
N THR B 35 -1.08 5.21 -3.98
CA THR B 35 -2.20 6.12 -3.79
C THR B 35 -3.19 5.56 -2.76
N ALA B 36 -3.24 4.22 -2.67
CA ALA B 36 -4.08 3.54 -1.71
C ALA B 36 -3.77 3.98 -0.27
N LEU B 37 -2.54 4.46 -0.06
CA LEU B 37 -2.14 4.99 1.23
C LEU B 37 -3.02 6.18 1.62
N LEU B 38 -3.25 7.07 0.66
CA LEU B 38 -4.06 8.25 0.88
C LEU B 38 -5.54 7.88 0.85
N LYS B 39 -5.85 6.81 0.13
CA LYS B 39 -7.22 6.36 -0.03
C LYS B 39 -7.86 5.99 1.32
N THR B 40 -7.19 5.13 2.08
CA THR B 40 -7.76 4.65 3.33
C THR B 40 -6.70 4.25 4.37
N ALA B 41 -5.44 4.14 3.95
CA ALA B 41 -4.39 3.69 4.87
C ALA B 41 -4.07 4.76 5.91
N ILE B 42 -4.19 6.02 5.51
CA ILE B 42 -3.97 7.14 6.41
C ILE B 42 -5.25 7.46 7.18
N GLU B 43 -5.12 7.56 8.50
CA GLU B 43 -6.24 7.88 9.37
C GLU B 43 -5.72 8.30 10.73
N ILE B 44 -6.61 8.61 11.65
CA ILE B 44 -6.20 9.06 12.96
C ILE B 44 -6.27 7.93 13.98
N VAL B 45 -5.26 7.83 14.81
CA VAL B 45 -5.27 6.89 15.92
C VAL B 45 -5.90 7.56 17.14
N SER B 46 -6.71 6.81 17.86
CA SER B 46 -7.49 7.39 18.95
C SER B 46 -6.64 7.61 20.18
N GLU B 47 -7.02 8.63 20.96
CA GLU B 47 -6.32 8.97 22.19
C GLU B 47 -6.90 8.19 23.37
N GLU B 48 -6.23 8.28 24.50
CA GLU B 48 -6.69 7.64 25.72
C GLU B 48 -7.47 8.65 26.56
N ASP B 49 -7.09 9.91 26.40
CA ASP B 49 -7.77 11.01 27.09
C ASP B 49 -9.13 11.29 26.47
N GLY B 50 -9.12 11.66 25.20
CA GLY B 50 -10.36 11.96 24.49
C GLY B 50 -10.11 12.75 23.23
N GLY B 51 -9.50 12.10 22.25
CA GLY B 51 -9.15 12.76 21.02
C GLY B 51 -8.50 11.80 20.04
N ALA B 52 -7.51 12.28 19.31
CA ALA B 52 -6.81 11.46 18.33
C ALA B 52 -5.47 12.09 17.93
N HIS B 53 -4.69 11.34 17.17
CA HIS B 53 -3.44 11.84 16.61
C HIS B 53 -3.38 11.47 15.14
N ASN B 54 -2.91 12.39 14.31
CA ASN B 54 -2.79 12.11 12.89
C ASN B 54 -1.47 11.39 12.63
N GLN B 55 -1.55 10.10 12.36
CA GLN B 55 -0.37 9.29 12.20
C GLN B 55 -0.58 8.21 11.15
N CYS B 56 0.44 8.00 10.34
CA CYS B 56 0.49 6.83 9.53
C CYS B 56 0.83 5.65 10.44
N LYS B 57 0.46 4.46 10.05
CA LYS B 57 0.64 3.29 10.91
C LYS B 57 2.13 2.95 11.09
N LEU B 58 3.00 3.69 10.42
CA LEU B 58 4.44 3.55 10.66
C LEU B 58 5.05 4.93 10.92
N CYS B 59 5.63 5.54 9.88
CA CYS B 59 6.22 6.87 10.00
C CYS B 59 5.99 7.66 8.72
N GLY B 60 5.23 7.09 7.80
CA GLY B 60 5.04 7.68 6.49
C GLY B 60 4.36 9.04 6.54
N ALA B 61 3.64 9.28 7.61
CA ALA B 61 2.98 10.55 7.85
C ALA B 61 2.75 10.74 9.35
N SER B 62 2.96 11.94 9.85
CA SER B 62 2.71 12.23 11.26
C SER B 62 2.69 13.74 11.50
N VAL B 63 1.68 14.19 12.23
CA VAL B 63 1.52 15.60 12.55
C VAL B 63 0.31 15.76 13.47
N PRO B 64 0.30 16.77 14.37
CA PRO B 64 -0.90 17.12 15.13
C PRO B 64 -2.13 17.18 14.22
N TRP B 65 -3.18 16.45 14.61
CA TRP B 65 -4.33 16.22 13.75
C TRP B 65 -5.01 17.52 13.34
N LEU B 66 -4.92 18.53 14.18
CA LEU B 66 -5.61 19.80 13.92
C LEU B 66 -4.64 20.83 13.35
N GLN B 67 -3.50 20.36 12.86
CA GLN B 67 -2.51 21.25 12.25
C GLN B 67 -2.40 20.98 10.76
N THR B 68 -2.82 21.98 9.98
CA THR B 68 -2.83 21.95 8.51
C THR B 68 -3.41 20.65 7.91
N GLY B 69 -2.60 19.61 7.81
CA GLY B 69 -3.07 18.37 7.21
C GLY B 69 -2.92 18.34 5.71
N ASP B 70 -2.58 19.49 5.12
CA ASP B 70 -2.42 19.58 3.67
C ASP B 70 -1.08 19.00 3.25
N GLU B 71 -0.01 19.63 3.72
CA GLU B 71 1.32 19.09 3.51
C GLU B 71 1.76 18.31 4.76
N ILE B 72 1.11 17.18 4.96
CA ILE B 72 1.33 16.37 6.15
C ILE B 72 2.79 15.93 6.27
N LYS B 73 3.35 16.11 7.46
CA LYS B 73 4.76 15.87 7.69
C LYS B 73 5.10 14.39 7.58
N HIS B 74 6.31 14.11 7.09
CA HIS B 74 6.75 12.74 6.86
C HIS B 74 8.05 12.44 7.59
N ALA B 75 8.14 11.25 8.15
CA ALA B 75 9.38 10.76 8.73
C ALA B 75 10.00 9.75 7.77
N ASP B 76 11.14 10.10 7.23
CA ASP B 76 11.71 9.42 6.06
C ASP B 76 12.32 8.07 6.40
N ASP B 77 12.25 7.68 7.66
CA ASP B 77 12.75 6.38 8.08
C ASP B 77 11.75 5.29 7.72
N CYS B 78 10.63 5.70 7.14
CA CYS B 78 9.56 4.77 6.79
C CYS B 78 9.44 4.62 5.27
N PRO B 79 9.30 3.36 4.80
CA PRO B 79 9.14 3.06 3.36
C PRO B 79 7.83 3.59 2.79
N VAL B 80 6.96 4.12 3.63
CA VAL B 80 5.72 4.72 3.17
C VAL B 80 5.99 6.07 2.53
N VAL B 81 7.03 6.75 3.00
CA VAL B 81 7.35 8.09 2.52
C VAL B 81 7.87 8.07 1.09
N ILE B 82 8.67 7.05 0.75
CA ILE B 82 9.25 6.95 -0.60
C ILE B 82 8.13 6.91 -1.63
N ALA B 83 7.04 6.25 -1.28
CA ALA B 83 5.87 6.14 -2.16
C ALA B 83 5.32 7.52 -2.52
N LYS B 84 5.22 8.40 -1.51
CA LYS B 84 4.75 9.77 -1.72
C LYS B 84 5.67 10.48 -2.72
N GLN B 85 6.97 10.31 -2.54
CA GLN B 85 7.94 11.01 -3.35
C GLN B 85 7.92 10.48 -4.79
N ILE B 86 7.70 9.17 -4.94
CA ILE B 86 7.61 8.56 -6.26
C ILE B 86 6.47 9.16 -7.07
N LEU B 87 5.28 9.22 -6.49
CA LEU B 87 4.11 9.71 -7.20
C LEU B 87 4.16 11.24 -7.38
N SER B 88 5.03 11.89 -6.61
CA SER B 88 5.23 13.33 -6.73
C SER B 88 6.25 13.63 -7.84
N SER B 89 7.20 12.70 -8.01
CA SER B 89 8.20 12.84 -9.06
C SER B 89 7.55 12.61 -10.42
N ARG B 90 6.87 11.45 -10.54
CA ARG B 90 6.07 11.08 -11.72
C ARG B 90 6.87 11.09 -13.04
N PRO B 91 6.33 10.44 -14.09
CA PRO B 91 6.91 10.52 -15.43
C PRO B 91 6.82 11.94 -15.99
N LYS B 92 7.95 12.46 -16.44
CA LYS B 92 8.00 13.84 -16.91
C LYS B 92 8.04 13.91 -18.43
N LEU B 93 7.13 14.67 -18.99
CA LEU B 93 7.12 14.94 -20.42
C LEU B 93 7.62 16.36 -20.67
N HIS B 94 8.82 16.47 -21.22
CA HIS B 94 9.43 17.78 -21.41
C HIS B 94 9.11 18.32 -22.80
N ALA B 95 8.22 19.29 -22.86
CA ALA B 95 7.86 19.94 -24.11
C ALA B 95 7.64 21.43 -23.89
N VAL B 96 7.81 22.22 -24.95
CA VAL B 96 7.57 23.64 -24.89
C VAL B 96 6.28 23.97 -25.63
N MET A 1 17.01 -20.71 14.29
CA MET A 1 16.55 -21.92 13.57
C MET A 1 15.79 -21.53 12.30
N GLY A 2 15.73 -20.22 12.03
CA GLY A 2 15.02 -19.74 10.86
C GLY A 2 15.63 -20.26 9.57
N SER A 3 14.85 -21.00 8.80
CA SER A 3 15.34 -21.60 7.57
C SER A 3 14.88 -20.80 6.35
N SER A 4 14.19 -19.70 6.61
CA SER A 4 13.72 -18.83 5.56
C SER A 4 14.49 -17.51 5.59
N HIS A 5 15.09 -17.16 4.47
CA HIS A 5 15.80 -15.90 4.34
C HIS A 5 15.67 -15.38 2.92
N HIS A 6 15.54 -14.07 2.78
CA HIS A 6 15.39 -13.46 1.47
C HIS A 6 16.75 -13.28 0.83
N HIS A 7 16.81 -13.35 -0.49
CA HIS A 7 18.08 -13.37 -1.21
C HIS A 7 18.79 -12.01 -1.18
N HIS A 8 18.08 -10.97 -0.77
CA HIS A 8 18.68 -9.65 -0.66
C HIS A 8 18.50 -9.08 0.74
N HIS A 9 17.25 -8.77 1.10
CA HIS A 9 16.90 -8.20 2.41
C HIS A 9 17.84 -7.05 2.78
N HIS A 10 18.12 -6.20 1.78
CA HIS A 10 18.93 -5.00 1.96
C HIS A 10 20.41 -5.34 2.25
N SER A 11 20.88 -6.46 1.71
CA SER A 11 22.32 -6.74 1.75
C SER A 11 23.00 -6.08 0.55
N SER A 12 22.18 -5.52 -0.33
CA SER A 12 22.66 -4.79 -1.49
C SER A 12 21.68 -3.66 -1.80
N GLY A 13 22.05 -2.78 -2.71
CA GLY A 13 21.21 -1.64 -3.03
C GLY A 13 21.70 -0.40 -2.34
N ARG A 14 22.89 0.04 -2.71
CA ARG A 14 23.54 1.18 -2.08
C ARG A 14 23.11 2.48 -2.76
N GLU A 15 22.37 2.34 -3.85
CA GLU A 15 22.04 3.47 -4.70
C GLU A 15 20.54 3.50 -5.00
N ASN A 16 20.06 4.67 -5.41
CA ASN A 16 18.67 4.81 -5.82
C ASN A 16 18.60 5.23 -7.28
N LEU A 17 17.67 4.65 -8.01
CA LEU A 17 17.50 4.96 -9.41
C LEU A 17 16.06 5.35 -9.71
N TYR A 18 15.73 5.47 -10.98
CA TYR A 18 14.40 5.88 -11.40
C TYR A 18 13.73 4.76 -12.17
N PHE A 19 12.65 5.08 -12.87
CA PHE A 19 11.93 4.09 -13.66
C PHE A 19 12.73 3.70 -14.89
N GLN A 20 12.36 2.57 -15.51
CA GLN A 20 13.04 2.02 -16.69
C GLN A 20 14.39 1.43 -16.32
N GLY A 21 15.25 2.23 -15.70
CA GLY A 21 16.53 1.76 -15.26
C GLY A 21 16.48 1.26 -13.83
N MET A 22 15.91 0.08 -13.63
CA MET A 22 15.78 -0.50 -12.30
C MET A 22 15.98 -2.01 -12.34
N THR A 23 16.51 -2.56 -11.26
CA THR A 23 16.82 -3.98 -11.16
C THR A 23 16.31 -4.56 -9.84
N ASP A 24 16.96 -5.62 -9.35
CA ASP A 24 16.56 -6.32 -8.11
C ASP A 24 16.22 -5.37 -6.97
N THR A 25 17.08 -4.37 -6.75
CA THR A 25 16.91 -3.44 -5.65
C THR A 25 15.53 -2.77 -5.66
N ALA A 26 15.08 -2.35 -6.83
CA ALA A 26 13.80 -1.67 -6.96
C ALA A 26 12.65 -2.60 -6.61
N ALA A 27 12.76 -3.85 -7.01
CA ALA A 27 11.72 -4.82 -6.75
C ALA A 27 11.57 -5.09 -5.26
N GLU A 28 12.69 -5.13 -4.57
CA GLU A 28 12.69 -5.39 -3.13
C GLU A 28 12.26 -4.14 -2.36
N ASP A 29 12.68 -2.97 -2.84
CA ASP A 29 12.33 -1.71 -2.18
C ASP A 29 10.82 -1.49 -2.24
N VAL A 30 10.23 -1.78 -3.40
CA VAL A 30 8.77 -1.70 -3.54
C VAL A 30 8.09 -2.80 -2.73
N ARG A 31 8.72 -3.97 -2.63
CA ARG A 31 8.21 -5.04 -1.78
C ARG A 31 8.17 -4.59 -0.32
N LYS A 32 9.20 -3.83 0.07
CA LYS A 32 9.29 -3.28 1.42
C LYS A 32 8.12 -2.34 1.69
N ILE A 33 7.76 -1.56 0.67
CA ILE A 33 6.60 -0.67 0.75
C ILE A 33 5.31 -1.49 0.82
N ALA A 34 5.23 -2.51 -0.02
CA ALA A 34 4.07 -3.40 -0.05
C ALA A 34 3.87 -4.08 1.29
N THR A 35 4.97 -4.48 1.93
CA THR A 35 4.91 -5.11 3.23
C THR A 35 4.32 -4.15 4.26
N ALA A 36 4.64 -2.87 4.12
CA ALA A 36 4.16 -1.85 5.03
C ALA A 36 2.66 -1.63 4.88
N LEU A 37 2.20 -1.56 3.63
CA LEU A 37 0.78 -1.32 3.39
C LEU A 37 -0.06 -2.54 3.79
N LEU A 38 0.55 -3.72 3.79
CA LEU A 38 -0.11 -4.92 4.29
C LEU A 38 -0.33 -4.81 5.79
N LYS A 39 0.60 -4.14 6.46
CA LYS A 39 0.52 -3.94 7.89
C LYS A 39 -0.39 -2.76 8.20
N THR A 40 -0.74 -2.02 7.16
CA THR A 40 -1.56 -0.82 7.30
C THR A 40 -3.03 -1.11 6.99
N ALA A 41 -3.29 -1.75 5.86
CA ALA A 41 -4.65 -1.95 5.40
C ALA A 41 -5.23 -3.28 5.84
N ILE A 42 -4.43 -4.10 6.50
CA ILE A 42 -4.90 -5.40 6.98
C ILE A 42 -4.69 -5.51 8.48
N GLU A 43 -5.79 -5.62 9.22
CA GLU A 43 -5.73 -5.66 10.68
C GLU A 43 -6.55 -6.84 11.22
N ILE A 44 -6.23 -7.25 12.43
CA ILE A 44 -6.94 -8.33 13.10
C ILE A 44 -8.18 -7.80 13.81
N VAL A 45 -9.33 -8.32 13.44
CA VAL A 45 -10.56 -8.04 14.14
C VAL A 45 -11.13 -9.34 14.70
N SER A 46 -11.01 -9.49 16.01
CA SER A 46 -11.33 -10.75 16.65
C SER A 46 -12.74 -10.76 17.23
N GLU A 47 -13.26 -11.96 17.46
CA GLU A 47 -14.52 -12.15 18.13
C GLU A 47 -14.28 -12.33 19.62
N GLU A 48 -15.16 -11.79 20.44
CA GLU A 48 -15.04 -11.92 21.89
C GLU A 48 -15.11 -13.38 22.31
N ASP A 49 -16.02 -14.11 21.71
CA ASP A 49 -16.20 -15.53 22.04
C ASP A 49 -15.50 -16.42 21.02
N GLY A 50 -15.49 -15.97 19.76
CA GLY A 50 -14.87 -16.74 18.70
C GLY A 50 -13.36 -16.56 18.66
N GLY A 51 -12.86 -16.11 17.52
CA GLY A 51 -11.44 -15.94 17.37
C GLY A 51 -11.09 -14.76 16.49
N ALA A 52 -9.83 -14.69 16.09
CA ALA A 52 -9.33 -13.57 15.30
C ALA A 52 -9.70 -13.72 13.84
N HIS A 53 -9.91 -12.60 13.17
CA HIS A 53 -10.24 -12.60 11.76
C HIS A 53 -9.47 -11.50 11.03
N ASN A 54 -8.88 -11.85 9.91
CA ASN A 54 -8.16 -10.88 9.09
C ASN A 54 -9.10 -10.20 8.12
N GLN A 55 -9.22 -8.88 8.23
CA GLN A 55 -9.99 -8.12 7.26
C GLN A 55 -9.15 -6.98 6.69
N CYS A 56 -9.26 -6.77 5.39
CA CYS A 56 -8.57 -5.67 4.75
C CYS A 56 -9.51 -4.50 4.54
N LYS A 57 -9.01 -3.30 4.83
CA LYS A 57 -9.82 -2.09 4.77
C LYS A 57 -10.05 -1.68 3.31
N LEU A 58 -9.33 -2.33 2.40
CA LEU A 58 -9.34 -1.95 1.01
C LEU A 58 -10.40 -2.71 0.20
N CYS A 59 -10.44 -4.03 0.35
CA CYS A 59 -11.32 -4.85 -0.46
C CYS A 59 -12.41 -5.55 0.36
N GLY A 60 -12.37 -5.36 1.67
CA GLY A 60 -13.37 -5.97 2.53
C GLY A 60 -13.33 -7.49 2.49
N ALA A 61 -12.12 -8.04 2.48
CA ALA A 61 -11.95 -9.49 2.47
C ALA A 61 -11.63 -9.98 3.88
N SER A 62 -12.35 -11.00 4.31
CA SER A 62 -12.16 -11.55 5.64
C SER A 62 -11.74 -13.01 5.59
N VAL A 63 -10.86 -13.40 6.50
CA VAL A 63 -10.39 -14.78 6.57
C VAL A 63 -10.04 -15.14 8.02
N PRO A 64 -10.35 -16.36 8.46
CA PRO A 64 -9.96 -16.86 9.78
C PRO A 64 -8.45 -16.81 9.99
N TRP A 65 -8.05 -16.38 11.18
CA TRP A 65 -6.63 -16.17 11.51
C TRP A 65 -5.80 -17.45 11.36
N LEU A 66 -6.40 -18.60 11.62
CA LEU A 66 -5.66 -19.85 11.69
C LEU A 66 -5.42 -20.43 10.29
N GLN A 67 -5.92 -19.77 9.27
CA GLN A 67 -5.64 -20.17 7.91
C GLN A 67 -4.20 -19.84 7.56
N THR A 68 -3.95 -18.58 7.26
CA THR A 68 -2.60 -18.10 6.93
C THR A 68 -2.56 -16.58 6.99
N GLY A 69 -3.42 -15.95 6.19
CA GLY A 69 -3.33 -14.52 5.99
C GLY A 69 -2.51 -14.22 4.76
N ASP A 70 -2.43 -12.94 4.38
CA ASP A 70 -1.66 -12.51 3.21
C ASP A 70 -2.33 -12.95 1.90
N GLU A 71 -2.54 -14.25 1.77
CA GLU A 71 -3.19 -14.82 0.58
C GLU A 71 -4.71 -14.57 0.59
N ILE A 72 -5.10 -13.33 0.38
CA ILE A 72 -6.52 -12.98 0.27
C ILE A 72 -6.78 -12.11 -0.97
N LYS A 73 -7.39 -12.70 -1.98
CA LYS A 73 -7.68 -11.99 -3.21
C LYS A 73 -9.18 -11.91 -3.41
N HIS A 74 -9.75 -10.74 -3.15
CA HIS A 74 -11.19 -10.54 -3.27
C HIS A 74 -11.52 -9.67 -4.48
N ALA A 75 -10.48 -9.13 -5.10
CA ALA A 75 -10.66 -8.25 -6.25
C ALA A 75 -9.41 -8.23 -7.11
N ASP A 76 -9.54 -8.74 -8.33
CA ASP A 76 -8.44 -8.75 -9.28
C ASP A 76 -8.20 -7.36 -9.84
N ASP A 77 -9.22 -6.51 -9.70
CA ASP A 77 -9.15 -5.14 -10.21
C ASP A 77 -8.33 -4.25 -9.27
N CYS A 78 -8.40 -4.54 -7.98
CA CYS A 78 -7.75 -3.71 -6.98
C CYS A 78 -6.24 -3.92 -6.97
N PRO A 79 -5.48 -2.91 -6.50
CA PRO A 79 -4.00 -2.95 -6.50
C PRO A 79 -3.43 -4.00 -5.56
N VAL A 80 -4.30 -4.75 -4.88
CA VAL A 80 -3.86 -5.82 -3.99
C VAL A 80 -3.10 -6.89 -4.77
N VAL A 81 -3.61 -7.22 -5.95
CA VAL A 81 -3.00 -8.24 -6.79
C VAL A 81 -1.67 -7.78 -7.35
N ILE A 82 -1.60 -6.53 -7.81
CA ILE A 82 -0.38 -6.01 -8.39
C ILE A 82 0.71 -5.87 -7.33
N ALA A 83 0.30 -5.49 -6.12
CA ALA A 83 1.22 -5.41 -4.99
C ALA A 83 1.65 -6.80 -4.57
N LYS A 84 0.71 -7.74 -4.64
CA LYS A 84 0.97 -9.12 -4.28
C LYS A 84 2.05 -9.69 -5.18
N GLN A 85 1.99 -9.35 -6.46
CA GLN A 85 2.99 -9.78 -7.43
C GLN A 85 4.39 -9.36 -6.99
N ILE A 86 4.49 -8.17 -6.42
CA ILE A 86 5.77 -7.61 -6.01
C ILE A 86 6.28 -8.27 -4.74
N LEU A 87 5.43 -8.33 -3.72
CA LEU A 87 5.83 -8.87 -2.43
C LEU A 87 6.03 -10.39 -2.50
N SER A 88 5.37 -11.02 -3.47
CA SER A 88 5.56 -12.43 -3.71
C SER A 88 6.45 -12.60 -4.94
N SER A 89 7.72 -12.27 -4.76
CA SER A 89 8.67 -12.22 -5.87
C SER A 89 8.97 -13.62 -6.41
N ARG A 90 9.00 -14.60 -5.50
CA ARG A 90 9.42 -15.97 -5.84
C ARG A 90 10.81 -15.95 -6.49
N PRO A 91 11.87 -15.85 -5.68
CA PRO A 91 13.25 -15.78 -6.18
C PRO A 91 13.81 -17.15 -6.55
N LYS A 92 15.11 -17.21 -6.80
CA LYS A 92 15.77 -18.47 -7.11
C LYS A 92 15.87 -19.35 -5.87
N LEU A 93 14.77 -20.03 -5.56
CA LEU A 93 14.69 -20.92 -4.42
C LEU A 93 13.83 -22.11 -4.82
N HIS A 94 14.24 -23.30 -4.41
CA HIS A 94 13.56 -24.53 -4.84
C HIS A 94 12.14 -24.59 -4.30
N ALA A 95 11.18 -24.35 -5.17
CA ALA A 95 9.77 -24.40 -4.82
C ALA A 95 8.96 -24.92 -6.00
N VAL A 96 8.05 -25.84 -5.74
CA VAL A 96 7.25 -26.44 -6.79
C VAL A 96 5.95 -25.66 -6.98
N MET B 1 -9.40 20.88 3.86
CA MET B 1 -10.14 21.13 2.59
C MET B 1 -9.23 20.88 1.39
N GLY B 2 -9.81 20.33 0.34
CA GLY B 2 -9.04 20.01 -0.86
C GLY B 2 -9.30 18.60 -1.34
N SER B 3 -10.55 18.18 -1.30
CA SER B 3 -10.91 16.82 -1.66
C SER B 3 -11.11 16.69 -3.19
N SER B 4 -10.00 16.56 -3.90
CA SER B 4 -10.04 16.38 -5.34
C SER B 4 -10.42 14.95 -5.70
N HIS B 5 -11.62 14.76 -6.23
CA HIS B 5 -12.10 13.44 -6.60
C HIS B 5 -12.62 13.42 -8.04
N HIS B 6 -11.90 12.74 -8.91
CA HIS B 6 -12.38 12.51 -10.27
C HIS B 6 -12.43 11.01 -10.52
N HIS B 7 -13.40 10.58 -11.31
CA HIS B 7 -13.63 9.15 -11.50
C HIS B 7 -12.65 8.58 -12.51
N HIS B 8 -12.60 7.25 -12.58
CA HIS B 8 -11.71 6.56 -13.50
C HIS B 8 -12.27 5.19 -13.85
N HIS B 9 -12.76 5.06 -15.07
CA HIS B 9 -13.38 3.80 -15.50
C HIS B 9 -12.51 3.08 -16.52
N HIS B 10 -11.27 3.52 -16.65
CA HIS B 10 -10.35 2.89 -17.58
C HIS B 10 -9.09 2.41 -16.86
N SER B 11 -8.92 1.10 -16.78
CA SER B 11 -7.77 0.52 -16.12
C SER B 11 -7.42 -0.81 -16.79
N SER B 12 -6.22 -0.89 -17.35
CA SER B 12 -5.80 -2.08 -18.08
C SER B 12 -4.30 -2.32 -17.89
N GLY B 13 -3.96 -2.96 -16.78
CA GLY B 13 -2.56 -3.27 -16.50
C GLY B 13 -2.35 -4.74 -16.29
N ARG B 14 -2.77 -5.53 -17.27
CA ARG B 14 -2.69 -6.99 -17.18
C ARG B 14 -1.26 -7.48 -17.38
N GLU B 15 -0.49 -6.71 -18.14
CA GLU B 15 0.84 -7.15 -18.54
C GLU B 15 1.91 -6.50 -17.67
N ASN B 16 2.45 -7.29 -16.75
CA ASN B 16 3.50 -6.85 -15.84
C ASN B 16 4.46 -8.00 -15.58
N LEU B 17 5.72 -7.84 -15.96
CA LEU B 17 6.70 -8.91 -15.84
C LEU B 17 7.97 -8.44 -15.13
N TYR B 18 7.85 -8.13 -13.84
CA TYR B 18 9.00 -7.85 -12.96
C TYR B 18 9.75 -6.57 -13.35
N PHE B 19 10.25 -5.87 -12.33
CA PHE B 19 11.03 -4.66 -12.53
C PHE B 19 12.41 -4.95 -13.10
N GLN B 20 12.49 -5.10 -14.41
CA GLN B 20 13.76 -5.23 -15.11
C GLN B 20 13.61 -4.73 -16.53
N GLY B 21 12.73 -5.38 -17.28
CA GLY B 21 12.33 -4.88 -18.58
C GLY B 21 11.02 -4.16 -18.49
N MET B 22 10.80 -3.55 -17.32
CA MET B 22 9.55 -2.90 -16.97
C MET B 22 9.42 -1.57 -17.69
N THR B 23 10.41 -0.71 -17.50
CA THR B 23 10.52 0.50 -18.29
C THR B 23 9.42 1.53 -17.98
N ASP B 24 8.20 1.28 -18.44
CA ASP B 24 7.15 2.29 -18.42
C ASP B 24 6.07 1.99 -17.38
N THR B 25 5.61 0.74 -17.36
CA THR B 25 4.48 0.33 -16.54
C THR B 25 4.70 0.65 -15.05
N ALA B 26 5.96 0.63 -14.62
CA ALA B 26 6.31 0.79 -13.20
C ALA B 26 5.76 2.09 -12.61
N ALA B 27 5.60 3.10 -13.44
CA ALA B 27 5.11 4.39 -12.98
C ALA B 27 3.61 4.33 -12.71
N GLU B 28 2.92 3.45 -13.43
CA GLU B 28 1.47 3.36 -13.35
C GLU B 28 1.05 2.42 -12.22
N ASP B 29 1.65 1.24 -12.18
CA ASP B 29 1.18 0.18 -11.27
C ASP B 29 1.62 0.44 -9.84
N VAL B 30 2.85 0.90 -9.67
CA VAL B 30 3.37 1.24 -8.35
C VAL B 30 2.62 2.45 -7.78
N ARG B 31 2.15 3.33 -8.66
CA ARG B 31 1.40 4.50 -8.22
C ARG B 31 0.03 4.09 -7.70
N LYS B 32 -0.52 3.01 -8.24
CA LYS B 32 -1.80 2.50 -7.80
C LYS B 32 -1.81 2.20 -6.30
N ILE B 33 -0.81 1.47 -5.84
CA ILE B 33 -0.74 1.08 -4.43
C ILE B 33 -0.42 2.27 -3.54
N ALA B 34 0.39 3.19 -4.07
CA ALA B 34 0.77 4.39 -3.33
C ALA B 34 -0.41 5.33 -3.15
N THR B 35 -1.31 5.35 -4.12
CA THR B 35 -2.48 6.22 -4.08
C THR B 35 -3.49 5.72 -3.05
N ALA B 36 -3.53 4.41 -2.84
CA ALA B 36 -4.43 3.82 -1.85
C ALA B 36 -4.11 4.36 -0.45
N LEU B 37 -2.85 4.76 -0.26
CA LEU B 37 -2.39 5.31 1.00
C LEU B 37 -2.97 6.71 1.22
N LEU B 38 -3.27 7.37 0.12
CA LEU B 38 -3.84 8.71 0.16
C LEU B 38 -5.34 8.65 0.44
N LYS B 39 -5.98 7.60 -0.06
CA LYS B 39 -7.41 7.46 0.03
C LYS B 39 -7.86 7.06 1.44
N THR B 40 -7.19 6.09 2.04
CA THR B 40 -7.57 5.60 3.35
C THR B 40 -6.37 5.00 4.08
N ALA B 41 -5.86 3.89 3.54
CA ALA B 41 -4.70 3.19 4.10
C ALA B 41 -5.01 2.53 5.44
N ILE B 42 -5.24 3.35 6.46
CA ILE B 42 -5.44 2.85 7.81
C ILE B 42 -6.88 3.03 8.28
N GLU B 43 -7.10 2.80 9.57
CA GLU B 43 -8.42 2.87 10.15
C GLU B 43 -8.50 3.98 11.19
N ILE B 44 -9.70 4.47 11.45
CA ILE B 44 -9.92 5.52 12.42
C ILE B 44 -10.59 4.96 13.67
N VAL B 45 -9.95 5.15 14.81
CA VAL B 45 -10.49 4.69 16.08
C VAL B 45 -11.29 5.81 16.73
N SER B 46 -12.20 5.45 17.61
CA SER B 46 -13.06 6.45 18.23
C SER B 46 -13.15 6.25 19.73
N GLU B 47 -13.30 7.35 20.46
CA GLU B 47 -13.53 7.28 21.89
C GLU B 47 -14.91 6.68 22.15
N GLU B 48 -15.22 6.39 23.41
CA GLU B 48 -16.52 5.87 23.76
C GLU B 48 -17.56 6.93 23.44
N ASP B 49 -17.29 8.13 23.91
CA ASP B 49 -18.07 9.30 23.54
C ASP B 49 -17.24 10.55 23.76
N GLY B 50 -16.71 11.05 22.66
CA GLY B 50 -15.85 12.21 22.72
C GLY B 50 -15.43 12.66 21.33
N GLY B 51 -14.52 11.91 20.72
CA GLY B 51 -14.04 12.26 19.40
C GLY B 51 -13.25 11.15 18.77
N ALA B 52 -13.41 10.98 17.47
CA ALA B 52 -12.67 9.98 16.72
C ALA B 52 -11.25 10.44 16.44
N HIS B 53 -10.34 9.48 16.30
CA HIS B 53 -8.93 9.76 16.05
C HIS B 53 -8.39 8.81 14.99
N ASN B 54 -7.82 9.36 13.94
CA ASN B 54 -7.20 8.54 12.91
C ASN B 54 -5.80 8.14 13.37
N GLN B 55 -5.41 6.90 13.10
CA GLN B 55 -4.17 6.39 13.63
C GLN B 55 -3.36 5.64 12.57
N CYS B 56 -2.16 6.13 12.30
CA CYS B 56 -1.22 5.42 11.47
C CYS B 56 -0.34 4.55 12.36
N LYS B 57 -0.66 3.26 12.41
CA LYS B 57 -0.05 2.36 13.38
C LYS B 57 1.39 1.99 13.04
N LEU B 58 2.00 2.72 12.13
CA LEU B 58 3.39 2.53 11.78
C LEU B 58 4.28 3.46 12.61
N CYS B 59 4.18 4.76 12.32
CA CYS B 59 4.98 5.75 13.02
C CYS B 59 4.29 6.20 14.30
N GLY B 60 3.05 5.78 14.48
CA GLY B 60 2.28 6.19 15.65
C GLY B 60 1.67 7.55 15.48
N ALA B 61 1.26 7.85 14.25
CA ALA B 61 0.70 9.15 13.93
C ALA B 61 -0.78 9.21 14.27
N SER B 62 -1.18 10.26 14.96
CA SER B 62 -2.57 10.44 15.34
C SER B 62 -3.13 11.71 14.71
N VAL B 63 -4.29 11.58 14.08
CA VAL B 63 -4.95 12.71 13.44
C VAL B 63 -6.39 12.85 13.93
N PRO B 64 -6.69 13.95 14.63
CA PRO B 64 -8.05 14.24 15.09
C PRO B 64 -9.03 14.37 13.93
N TRP B 65 -10.21 13.79 14.10
CA TRP B 65 -11.25 13.84 13.08
C TRP B 65 -11.75 15.28 12.92
N LEU B 66 -12.41 15.54 11.78
CA LEU B 66 -12.87 16.88 11.38
C LEU B 66 -11.76 17.68 10.71
N GLN B 67 -10.52 17.25 10.90
CA GLN B 67 -9.39 17.90 10.24
C GLN B 67 -9.31 17.49 8.78
N THR B 68 -8.41 18.13 8.03
CA THR B 68 -8.26 17.88 6.61
C THR B 68 -7.45 16.61 6.33
N GLY B 69 -7.08 15.91 7.39
CA GLY B 69 -6.29 14.71 7.24
C GLY B 69 -4.89 14.91 7.77
N ASP B 70 -4.41 16.16 7.68
CA ASP B 70 -3.13 16.57 8.28
C ASP B 70 -1.96 15.87 7.59
N GLU B 71 -2.25 15.22 6.46
CA GLU B 71 -1.29 14.44 5.68
C GLU B 71 -0.62 13.34 6.50
N ILE B 72 -1.11 13.10 7.71
CA ILE B 72 -0.50 12.13 8.62
C ILE B 72 0.92 12.55 8.99
N LYS B 73 1.09 13.16 10.16
CA LYS B 73 2.41 13.56 10.62
C LYS B 73 3.33 12.35 10.71
N HIS B 74 4.47 12.44 10.05
CA HIS B 74 5.26 11.28 9.75
C HIS B 74 6.76 11.57 9.82
N ALA B 75 7.54 10.50 9.84
CA ALA B 75 8.96 10.59 9.60
C ALA B 75 9.17 10.53 8.09
N ASP B 76 10.32 10.96 7.61
CA ASP B 76 10.56 11.03 6.18
C ASP B 76 11.03 9.69 5.63
N ASP B 77 11.54 8.85 6.53
CA ASP B 77 12.09 7.54 6.14
C ASP B 77 10.99 6.48 6.03
N CYS B 78 9.78 6.83 6.45
CA CYS B 78 8.66 5.89 6.43
C CYS B 78 8.33 5.43 5.01
N PRO B 79 8.04 4.13 4.85
CA PRO B 79 7.75 3.53 3.52
C PRO B 79 6.59 4.21 2.81
N VAL B 80 5.59 4.62 3.58
CA VAL B 80 4.44 5.33 3.03
C VAL B 80 4.88 6.64 2.38
N VAL B 81 5.86 7.29 2.99
CA VAL B 81 6.34 8.57 2.52
C VAL B 81 7.19 8.43 1.26
N ILE B 82 8.05 7.42 1.24
CA ILE B 82 8.92 7.18 0.10
C ILE B 82 8.08 6.82 -1.12
N ALA B 83 7.00 6.09 -0.90
CA ALA B 83 6.07 5.73 -1.97
C ALA B 83 5.35 6.96 -2.51
N LYS B 84 4.98 7.87 -1.62
CA LYS B 84 4.32 9.11 -2.01
C LYS B 84 5.24 9.97 -2.87
N GLN B 85 6.52 9.96 -2.53
CA GLN B 85 7.51 10.70 -3.29
C GLN B 85 7.70 10.10 -4.67
N ILE B 86 7.42 8.80 -4.80
CA ILE B 86 7.54 8.10 -6.07
C ILE B 86 6.39 8.49 -7.02
N LEU B 87 5.17 8.56 -6.49
CA LEU B 87 4.01 8.87 -7.31
C LEU B 87 4.07 10.30 -7.84
N SER B 88 4.80 11.17 -7.12
CA SER B 88 5.03 12.52 -7.56
C SER B 88 6.12 12.55 -8.63
N SER B 89 5.70 12.52 -9.89
CA SER B 89 6.64 12.47 -11.01
C SER B 89 7.35 13.81 -11.17
N ARG B 90 8.50 13.93 -10.55
CA ARG B 90 9.30 15.14 -10.64
C ARG B 90 10.76 14.82 -10.32
N PRO B 91 11.70 15.36 -11.10
CA PRO B 91 13.13 15.21 -10.84
C PRO B 91 13.57 16.08 -9.67
N LYS B 92 13.55 15.51 -8.47
CA LYS B 92 13.98 16.23 -7.28
C LYS B 92 15.49 16.14 -7.13
N LEU B 93 16.17 17.18 -7.56
CA LEU B 93 17.61 17.25 -7.47
C LEU B 93 18.02 18.47 -6.66
N HIS B 94 18.09 18.29 -5.35
CA HIS B 94 18.43 19.39 -4.46
C HIS B 94 19.38 18.92 -3.37
N ALA B 95 20.67 19.06 -3.63
CA ALA B 95 21.70 18.74 -2.65
C ALA B 95 21.92 19.94 -1.75
N VAL B 96 21.48 19.82 -0.49
CA VAL B 96 21.57 20.89 0.50
C VAL B 96 20.58 22.02 0.18
N MET A 1 13.30 7.81 -30.69
CA MET A 1 12.86 6.78 -31.64
C MET A 1 14.05 6.01 -32.17
N GLY A 2 13.82 4.78 -32.58
CA GLY A 2 14.88 3.91 -33.02
C GLY A 2 14.71 2.52 -32.46
N SER A 3 14.49 1.54 -33.34
CA SER A 3 14.17 0.19 -32.90
C SER A 3 15.38 -0.51 -32.29
N SER A 4 15.45 -0.49 -30.97
CA SER A 4 16.48 -1.21 -30.25
C SER A 4 16.03 -2.65 -30.08
N HIS A 5 16.23 -3.45 -31.13
CA HIS A 5 15.73 -4.81 -31.19
C HIS A 5 16.33 -5.68 -30.09
N HIS A 6 15.46 -6.47 -29.44
CA HIS A 6 15.87 -7.40 -28.38
C HIS A 6 16.38 -6.65 -27.15
N HIS A 7 15.52 -6.55 -26.14
CA HIS A 7 15.85 -5.80 -24.93
C HIS A 7 17.12 -6.34 -24.26
N HIS A 8 17.88 -5.44 -23.66
CA HIS A 8 19.17 -5.78 -23.08
C HIS A 8 19.53 -4.77 -21.99
N HIS A 9 20.51 -5.10 -21.17
CA HIS A 9 20.86 -4.26 -20.02
C HIS A 9 22.15 -3.50 -20.27
N HIS A 10 22.03 -2.21 -20.54
CA HIS A 10 23.19 -1.33 -20.64
C HIS A 10 23.17 -0.29 -19.53
N SER A 11 22.54 -0.63 -18.42
CA SER A 11 22.47 0.25 -17.27
C SER A 11 23.84 0.42 -16.64
N SER A 12 24.61 1.35 -17.18
CA SER A 12 25.98 1.59 -16.73
C SER A 12 25.99 2.66 -15.64
N GLY A 13 26.22 2.22 -14.41
CA GLY A 13 26.30 3.14 -13.30
C GLY A 13 25.28 2.84 -12.23
N ARG A 14 24.65 3.87 -11.71
CA ARG A 14 23.66 3.72 -10.65
C ARG A 14 22.27 4.10 -11.16
N GLU A 15 22.02 3.72 -12.41
CA GLU A 15 20.76 4.04 -13.09
C GLU A 15 19.63 3.12 -12.63
N ASN A 16 19.95 2.24 -11.68
CA ASN A 16 19.03 1.19 -11.23
C ASN A 16 18.12 1.68 -10.11
N LEU A 17 17.82 2.97 -10.10
CA LEU A 17 17.03 3.56 -9.03
C LEU A 17 15.60 3.84 -9.46
N TYR A 18 15.39 4.98 -10.08
CA TYR A 18 14.05 5.45 -10.40
C TYR A 18 13.51 4.80 -11.68
N PHE A 19 12.26 5.10 -12.00
CA PHE A 19 11.58 4.53 -13.16
C PHE A 19 12.26 4.88 -14.47
N GLN A 20 11.88 4.13 -15.52
CA GLN A 20 12.38 4.31 -16.88
C GLN A 20 13.78 3.72 -17.03
N GLY A 21 14.42 3.45 -15.90
CA GLY A 21 15.68 2.73 -15.90
C GLY A 21 15.58 1.51 -15.01
N MET A 22 16.13 1.62 -13.81
CA MET A 22 16.04 0.61 -12.73
C MET A 22 16.41 -0.81 -13.19
N THR A 23 16.09 -1.78 -12.34
CA THR A 23 16.39 -3.18 -12.57
C THR A 23 15.82 -3.99 -11.39
N ASP A 24 16.33 -5.21 -11.19
CA ASP A 24 15.84 -6.10 -10.12
C ASP A 24 15.97 -5.45 -8.74
N THR A 25 16.91 -4.51 -8.60
CA THR A 25 17.15 -3.83 -7.34
C THR A 25 15.89 -3.10 -6.84
N ALA A 26 15.11 -2.57 -7.77
CA ALA A 26 13.93 -1.78 -7.42
C ALA A 26 12.86 -2.64 -6.75
N ALA A 27 12.92 -3.95 -6.99
CA ALA A 27 11.95 -4.88 -6.42
C ALA A 27 12.00 -4.87 -4.91
N GLU A 28 13.17 -4.56 -4.37
CA GLU A 28 13.36 -4.48 -2.94
C GLU A 28 12.62 -3.26 -2.36
N ASP A 29 12.78 -2.12 -3.03
CA ASP A 29 12.15 -0.88 -2.56
C ASP A 29 10.64 -0.93 -2.73
N VAL A 30 10.18 -1.49 -3.84
CA VAL A 30 8.74 -1.63 -4.07
C VAL A 30 8.14 -2.61 -3.06
N ARG A 31 8.93 -3.60 -2.66
CA ARG A 31 8.54 -4.52 -1.60
C ARG A 31 8.27 -3.75 -0.31
N LYS A 32 9.19 -2.86 0.03
CA LYS A 32 9.10 -2.06 1.25
C LYS A 32 7.76 -1.33 1.34
N ILE A 33 7.45 -0.56 0.30
CA ILE A 33 6.23 0.25 0.29
C ILE A 33 4.97 -0.61 0.28
N ALA A 34 5.04 -1.75 -0.41
CA ALA A 34 3.92 -2.68 -0.47
C ALA A 34 3.67 -3.30 0.91
N THR A 35 4.73 -3.46 1.69
CA THR A 35 4.65 -4.04 3.02
C THR A 35 3.76 -3.21 3.94
N ALA A 36 3.70 -1.91 3.69
CA ALA A 36 2.90 -0.99 4.51
C ALA A 36 1.44 -1.44 4.59
N LEU A 37 0.98 -2.17 3.57
CA LEU A 37 -0.38 -2.68 3.55
C LEU A 37 -0.63 -3.63 4.72
N LEU A 38 0.40 -4.37 5.08
CA LEU A 38 0.31 -5.34 6.16
C LEU A 38 0.21 -4.67 7.52
N LYS A 39 0.72 -3.45 7.61
CA LYS A 39 0.78 -2.73 8.86
C LYS A 39 -0.60 -2.19 9.27
N THR A 40 -1.37 -1.70 8.30
CA THR A 40 -2.65 -1.07 8.62
C THR A 40 -3.76 -1.38 7.62
N ALA A 41 -3.41 -1.69 6.37
CA ALA A 41 -4.43 -1.87 5.33
C ALA A 41 -5.11 -3.23 5.46
N ILE A 42 -4.33 -4.21 5.90
CA ILE A 42 -4.84 -5.56 6.10
C ILE A 42 -4.60 -5.99 7.54
N GLU A 43 -5.56 -5.75 8.42
CA GLU A 43 -5.42 -6.10 9.81
C GLU A 43 -6.75 -6.47 10.44
N ILE A 44 -6.70 -7.01 11.65
CA ILE A 44 -7.89 -7.37 12.38
C ILE A 44 -8.27 -6.26 13.36
N VAL A 45 -9.48 -5.75 13.21
CA VAL A 45 -9.97 -4.76 14.14
C VAL A 45 -10.70 -5.46 15.29
N SER A 46 -10.45 -5.00 16.49
CA SER A 46 -11.00 -5.64 17.67
C SER A 46 -12.38 -5.07 18.00
N GLU A 47 -13.31 -5.95 18.34
CA GLU A 47 -14.60 -5.53 18.86
C GLU A 47 -14.45 -5.15 20.31
N GLU A 48 -15.38 -4.34 20.83
CA GLU A 48 -15.37 -4.00 22.23
C GLU A 48 -15.61 -5.27 23.04
N ASP A 49 -16.45 -6.13 22.48
CA ASP A 49 -16.64 -7.48 23.00
C ASP A 49 -17.30 -8.34 21.93
N GLY A 50 -16.72 -9.50 21.65
CA GLY A 50 -17.29 -10.39 20.66
C GLY A 50 -16.22 -11.06 19.81
N GLY A 51 -15.14 -10.34 19.57
CA GLY A 51 -14.05 -10.91 18.81
C GLY A 51 -13.32 -9.85 18.00
N ALA A 52 -12.98 -10.21 16.77
CA ALA A 52 -12.22 -9.34 15.88
C ALA A 52 -12.64 -9.56 14.44
N HIS A 53 -12.40 -8.57 13.60
CA HIS A 53 -12.75 -8.63 12.19
C HIS A 53 -11.53 -8.31 11.33
N ASN A 54 -11.16 -9.23 10.47
CA ASN A 54 -10.06 -8.99 9.54
C ASN A 54 -10.60 -8.27 8.31
N GLN A 55 -10.18 -7.03 8.12
CA GLN A 55 -10.76 -6.20 7.08
C GLN A 55 -9.70 -5.75 6.07
N CYS A 56 -10.14 -5.58 4.84
CA CYS A 56 -9.33 -4.94 3.82
C CYS A 56 -9.98 -3.63 3.41
N LYS A 57 -9.46 -2.53 3.93
CA LYS A 57 -10.07 -1.21 3.73
C LYS A 57 -9.97 -0.78 2.26
N LEU A 58 -9.10 -1.46 1.51
CA LEU A 58 -8.89 -1.17 0.09
C LEU A 58 -9.95 -1.83 -0.78
N CYS A 59 -11.04 -2.27 -0.17
CA CYS A 59 -12.11 -2.94 -0.92
C CYS A 59 -13.40 -2.94 -0.11
N GLY A 60 -13.28 -3.16 1.20
CA GLY A 60 -14.44 -3.25 2.04
C GLY A 60 -14.74 -4.68 2.42
N ALA A 61 -13.82 -5.58 2.07
CA ALA A 61 -13.93 -6.98 2.42
C ALA A 61 -13.61 -7.17 3.89
N SER A 62 -14.40 -8.00 4.56
CA SER A 62 -14.23 -8.23 5.98
C SER A 62 -14.68 -9.64 6.34
N VAL A 63 -13.80 -10.38 7.01
CA VAL A 63 -14.11 -11.74 7.43
C VAL A 63 -13.79 -11.91 8.91
N PRO A 64 -14.57 -12.73 9.65
CA PRO A 64 -14.24 -13.09 11.03
C PRO A 64 -12.79 -13.54 11.16
N TRP A 65 -12.15 -13.13 12.24
CA TRP A 65 -10.74 -13.43 12.46
C TRP A 65 -10.49 -14.93 12.57
N LEU A 66 -9.22 -15.32 12.51
CA LEU A 66 -8.78 -16.72 12.69
C LEU A 66 -8.99 -17.54 11.42
N GLN A 67 -10.13 -17.37 10.78
CA GLN A 67 -10.44 -18.10 9.55
C GLN A 67 -9.87 -17.35 8.34
N THR A 68 -9.63 -18.08 7.26
CA THR A 68 -8.97 -17.51 6.09
C THR A 68 -9.99 -16.85 5.15
N GLY A 69 -11.08 -17.56 4.86
CA GLY A 69 -12.07 -17.06 3.93
C GLY A 69 -11.50 -16.96 2.53
N ASP A 70 -11.03 -18.11 2.02
CA ASP A 70 -10.28 -18.17 0.76
C ASP A 70 -8.98 -17.39 0.89
N GLU A 71 -9.06 -16.09 0.63
CA GLU A 71 -7.95 -15.18 0.84
C GLU A 71 -8.48 -13.84 1.34
N ILE A 72 -9.50 -13.93 2.22
CA ILE A 72 -10.18 -12.78 2.81
C ILE A 72 -11.20 -12.18 1.82
N LYS A 73 -11.30 -12.81 0.64
CA LYS A 73 -12.18 -12.36 -0.44
C LYS A 73 -11.68 -11.06 -1.05
N HIS A 74 -11.35 -11.08 -2.32
CA HIS A 74 -10.82 -9.89 -2.97
C HIS A 74 -11.46 -9.63 -4.32
N ALA A 75 -11.67 -8.35 -4.60
CA ALA A 75 -12.18 -7.92 -5.87
C ALA A 75 -11.03 -7.62 -6.83
N ASP A 76 -11.34 -7.51 -8.11
CA ASP A 76 -10.32 -7.33 -9.14
C ASP A 76 -9.74 -5.93 -9.11
N ASP A 77 -10.52 -4.97 -8.62
CA ASP A 77 -10.15 -3.56 -8.70
C ASP A 77 -9.14 -3.15 -7.64
N CYS A 78 -8.93 -4.00 -6.62
CA CYS A 78 -8.06 -3.62 -5.52
C CYS A 78 -6.60 -3.76 -5.91
N PRO A 79 -5.77 -2.74 -5.63
CA PRO A 79 -4.35 -2.74 -5.98
C PRO A 79 -3.55 -3.77 -5.19
N VAL A 80 -4.23 -4.48 -4.32
CA VAL A 80 -3.60 -5.50 -3.50
C VAL A 80 -3.12 -6.67 -4.38
N VAL A 81 -3.88 -6.97 -5.43
CA VAL A 81 -3.58 -8.10 -6.29
C VAL A 81 -2.19 -7.98 -6.93
N ILE A 82 -1.86 -6.78 -7.41
CA ILE A 82 -0.56 -6.54 -8.04
C ILE A 82 0.53 -6.43 -6.98
N ALA A 83 0.20 -5.78 -5.88
CA ALA A 83 1.15 -5.58 -4.78
C ALA A 83 1.70 -6.90 -4.26
N LYS A 84 0.81 -7.85 -3.99
CA LYS A 84 1.20 -9.17 -3.51
C LYS A 84 2.21 -9.81 -4.44
N GLN A 85 1.85 -9.85 -5.72
CA GLN A 85 2.70 -10.42 -6.75
C GLN A 85 4.13 -9.88 -6.68
N ILE A 86 4.26 -8.59 -6.40
CA ILE A 86 5.57 -7.95 -6.35
C ILE A 86 6.32 -8.30 -5.07
N LEU A 87 5.67 -8.14 -3.93
CA LEU A 87 6.32 -8.33 -2.64
C LEU A 87 6.60 -9.81 -2.37
N SER A 88 5.89 -10.69 -3.06
CA SER A 88 6.04 -12.11 -2.86
C SER A 88 7.06 -12.72 -3.82
N SER A 89 7.03 -12.25 -5.07
CA SER A 89 7.85 -12.82 -6.13
C SER A 89 7.50 -14.30 -6.34
N ARG A 90 6.30 -14.65 -5.91
CA ARG A 90 5.82 -16.02 -5.98
C ARG A 90 5.21 -16.26 -7.35
N PRO A 91 5.46 -17.45 -7.94
CA PRO A 91 5.05 -17.82 -9.30
C PRO A 91 3.84 -17.06 -9.83
N LYS A 92 4.10 -16.12 -10.72
CA LYS A 92 3.06 -15.29 -11.30
C LYS A 92 2.54 -15.93 -12.58
N LEU A 93 1.44 -16.67 -12.46
CA LEU A 93 0.86 -17.37 -13.59
C LEU A 93 0.03 -16.41 -14.44
N HIS A 94 0.61 -16.00 -15.57
CA HIS A 94 -0.08 -15.15 -16.56
C HIS A 94 -0.26 -13.71 -16.08
N ALA A 95 -0.27 -13.52 -14.76
CA ALA A 95 -0.48 -12.20 -14.13
C ALA A 95 -1.93 -11.75 -14.31
N VAL A 96 -2.31 -10.74 -13.55
CA VAL A 96 -3.68 -10.23 -13.59
C VAL A 96 -3.74 -8.97 -14.44
N MET B 1 -4.47 19.85 -0.51
CA MET B 1 -3.80 19.88 -1.85
C MET B 1 -4.01 18.56 -2.56
N GLY B 2 -3.62 18.50 -3.83
CA GLY B 2 -3.79 17.29 -4.61
C GLY B 2 -4.79 17.47 -5.73
N SER B 3 -5.60 18.52 -5.62
CA SER B 3 -6.64 18.80 -6.60
C SER B 3 -6.01 19.27 -7.93
N SER B 4 -6.77 19.11 -9.01
CA SER B 4 -6.32 19.52 -10.35
C SER B 4 -5.10 18.71 -10.78
N HIS B 5 -4.33 19.24 -11.74
CA HIS B 5 -3.13 18.57 -12.29
C HIS B 5 -3.54 17.51 -13.31
N HIS B 6 -4.66 16.85 -13.03
CA HIS B 6 -5.24 15.80 -13.90
C HIS B 6 -4.20 14.83 -14.47
N HIS B 7 -3.93 13.77 -13.73
CA HIS B 7 -3.04 12.72 -14.21
C HIS B 7 -3.80 11.42 -14.30
N HIS B 8 -5.04 11.53 -14.76
CA HIS B 8 -5.91 10.38 -14.97
C HIS B 8 -5.46 9.62 -16.22
N HIS B 9 -4.69 8.56 -16.02
CA HIS B 9 -4.05 7.86 -17.13
C HIS B 9 -3.83 6.40 -16.80
N HIS B 10 -4.04 5.53 -17.79
CA HIS B 10 -3.71 4.12 -17.66
C HIS B 10 -3.54 3.49 -19.04
N SER B 11 -2.34 3.02 -19.31
CA SER B 11 -2.05 2.32 -20.57
C SER B 11 -1.47 0.94 -20.28
N SER B 12 -2.07 -0.08 -20.88
CA SER B 12 -1.62 -1.45 -20.66
C SER B 12 -0.82 -1.96 -21.86
N GLY B 13 0.28 -2.64 -21.58
CA GLY B 13 1.10 -3.18 -22.65
C GLY B 13 2.50 -3.54 -22.17
N ARG B 14 3.50 -3.17 -22.98
CA ARG B 14 4.90 -3.45 -22.69
C ARG B 14 5.16 -4.96 -22.66
N GLU B 15 6.21 -5.36 -21.96
CA GLU B 15 6.63 -6.77 -21.95
C GLU B 15 6.45 -7.38 -20.57
N ASN B 16 6.80 -8.65 -20.43
CA ASN B 16 6.65 -9.34 -19.16
C ASN B 16 7.94 -9.25 -18.34
N LEU B 17 7.98 -8.29 -17.43
CA LEU B 17 9.13 -8.11 -16.57
C LEU B 17 8.77 -8.50 -15.13
N TYR B 18 9.68 -8.19 -14.21
CA TYR B 18 9.51 -8.53 -12.79
C TYR B 18 8.17 -8.02 -12.26
N PHE B 19 7.94 -6.73 -12.42
CA PHE B 19 6.71 -6.11 -11.93
C PHE B 19 5.58 -6.28 -12.92
N GLN B 20 5.90 -6.83 -14.10
CA GLN B 20 5.00 -6.85 -15.26
C GLN B 20 4.96 -5.46 -15.91
N GLY B 21 5.03 -5.43 -17.23
CA GLY B 21 5.02 -4.16 -17.93
C GLY B 21 6.40 -3.51 -17.95
N MET B 22 6.67 -2.67 -16.94
CA MET B 22 7.95 -1.96 -16.83
C MET B 22 8.14 -0.99 -18.00
N THR B 23 9.26 -0.26 -18.01
CA THR B 23 9.57 0.74 -19.05
C THR B 23 8.43 1.75 -19.23
N ASP B 24 8.50 2.82 -18.44
CA ASP B 24 7.47 3.87 -18.42
C ASP B 24 6.23 3.39 -17.68
N THR B 25 5.60 2.33 -18.19
CA THR B 25 4.38 1.79 -17.60
C THR B 25 4.60 1.29 -16.17
N ALA B 26 5.86 1.01 -15.82
CA ALA B 26 6.22 0.57 -14.47
C ALA B 26 5.75 1.58 -13.42
N ALA B 27 5.73 2.84 -13.79
CA ALA B 27 5.33 3.91 -12.88
C ALA B 27 3.83 3.89 -12.63
N GLU B 28 3.08 3.40 -13.61
CA GLU B 28 1.63 3.42 -13.56
C GLU B 28 1.09 2.51 -12.47
N ASP B 29 1.55 1.25 -12.47
CA ASP B 29 1.08 0.26 -11.50
C ASP B 29 1.52 0.62 -10.08
N VAL B 30 2.79 0.99 -9.93
CA VAL B 30 3.30 1.39 -8.62
C VAL B 30 2.54 2.62 -8.10
N ARG B 31 2.20 3.52 -9.01
CA ARG B 31 1.42 4.71 -8.68
C ARG B 31 0.09 4.30 -8.06
N LYS B 32 -0.56 3.32 -8.69
CA LYS B 32 -1.86 2.83 -8.26
C LYS B 32 -1.81 2.27 -6.84
N ILE B 33 -0.79 1.45 -6.58
CA ILE B 33 -0.62 0.84 -5.26
C ILE B 33 -0.40 1.92 -4.20
N ALA B 34 0.40 2.92 -4.56
CA ALA B 34 0.70 4.03 -3.66
C ALA B 34 -0.53 4.92 -3.45
N THR B 35 -1.37 5.03 -4.47
CA THR B 35 -2.56 5.87 -4.40
C THR B 35 -3.53 5.33 -3.34
N ALA B 36 -3.53 4.01 -3.14
CA ALA B 36 -4.38 3.38 -2.15
C ALA B 36 -4.13 3.96 -0.76
N LEU B 37 -2.89 4.38 -0.52
CA LEU B 37 -2.50 4.95 0.76
C LEU B 37 -3.22 6.25 1.02
N LEU B 38 -3.39 7.04 -0.03
CA LEU B 38 -4.03 8.34 0.07
C LEU B 38 -5.54 8.20 0.13
N LYS B 39 -6.05 7.11 -0.43
CA LYS B 39 -7.48 6.87 -0.47
C LYS B 39 -8.01 6.41 0.88
N THR B 40 -7.48 5.30 1.39
CA THR B 40 -7.98 4.74 2.64
C THR B 40 -7.22 3.45 3.02
N ALA B 41 -5.93 3.44 2.74
CA ALA B 41 -5.09 2.34 3.17
C ALA B 41 -5.06 2.23 4.69
N ILE B 42 -5.26 3.35 5.33
CA ILE B 42 -5.34 3.41 6.78
C ILE B 42 -6.82 3.48 7.16
N GLU B 43 -7.15 3.26 8.43
CA GLU B 43 -8.56 3.17 8.80
C GLU B 43 -9.01 4.45 9.49
N ILE B 44 -10.28 4.77 9.30
CA ILE B 44 -10.88 5.95 9.87
C ILE B 44 -11.40 5.67 11.28
N VAL B 45 -10.79 6.32 12.26
CA VAL B 45 -11.31 6.29 13.61
C VAL B 45 -12.27 7.46 13.78
N SER B 46 -13.56 7.14 13.82
CA SER B 46 -14.58 8.17 13.82
C SER B 46 -15.13 8.40 15.20
N GLU B 47 -15.39 9.67 15.50
CA GLU B 47 -16.07 10.04 16.73
C GLU B 47 -17.56 10.14 16.44
N GLU B 48 -18.40 9.69 17.38
CA GLU B 48 -19.85 9.63 17.16
C GLU B 48 -20.39 10.96 16.63
N ASP B 49 -20.16 12.00 17.41
CA ASP B 49 -20.48 13.34 16.98
C ASP B 49 -19.30 14.26 17.25
N GLY B 50 -18.61 14.61 16.19
CA GLY B 50 -17.41 15.41 16.31
C GLY B 50 -16.60 15.38 15.05
N GLY B 51 -16.39 14.20 14.49
CA GLY B 51 -15.67 14.08 13.24
C GLY B 51 -14.93 12.77 13.12
N ALA B 52 -14.61 12.42 11.90
CA ALA B 52 -13.81 11.23 11.62
C ALA B 52 -12.34 11.61 11.54
N HIS B 53 -11.46 10.68 11.84
CA HIS B 53 -10.03 10.96 11.83
C HIS B 53 -9.27 9.83 11.13
N ASN B 54 -8.24 10.19 10.38
CA ASN B 54 -7.37 9.19 9.78
C ASN B 54 -6.06 9.19 10.55
N GLN B 55 -5.74 8.07 11.18
CA GLN B 55 -4.56 7.99 12.02
C GLN B 55 -3.49 7.14 11.35
N CYS B 56 -2.52 7.81 10.75
CA CYS B 56 -1.45 7.14 10.02
C CYS B 56 -0.69 6.21 10.96
N LYS B 57 -0.95 4.92 10.80
CA LYS B 57 -0.48 3.89 11.72
C LYS B 57 1.02 3.61 11.55
N LEU B 58 1.66 4.28 10.60
CA LEU B 58 3.08 4.05 10.34
C LEU B 58 3.92 5.28 10.64
N CYS B 59 3.60 6.40 9.99
CA CYS B 59 4.41 7.61 10.14
C CYS B 59 4.04 8.40 11.39
N GLY B 60 2.99 7.96 12.09
CA GLY B 60 2.60 8.62 13.32
C GLY B 60 1.97 9.98 13.09
N ALA B 61 1.28 10.12 11.97
CA ALA B 61 0.62 11.38 11.65
C ALA B 61 -0.89 11.24 11.78
N SER B 62 -1.58 12.36 11.91
CA SER B 62 -3.03 12.34 12.00
C SER B 62 -3.64 13.25 10.92
N VAL B 63 -4.58 12.70 10.19
CA VAL B 63 -5.25 13.44 9.12
C VAL B 63 -6.61 13.94 9.60
N PRO B 64 -6.90 15.24 9.38
CA PRO B 64 -8.16 15.88 9.80
C PRO B 64 -9.38 15.37 9.02
N TRP B 65 -9.16 14.37 8.17
CA TRP B 65 -10.23 13.73 7.38
C TRP B 65 -10.65 14.61 6.20
N LEU B 66 -11.05 13.96 5.11
CA LEU B 66 -11.57 14.65 3.92
C LEU B 66 -10.49 15.55 3.30
N GLN B 67 -9.23 15.20 3.53
CA GLN B 67 -8.11 15.95 2.97
C GLN B 67 -6.91 15.03 2.82
N THR B 68 -6.10 15.29 1.80
CA THR B 68 -4.94 14.47 1.48
C THR B 68 -3.94 14.38 2.63
N GLY B 69 -3.85 15.45 3.41
CA GLY B 69 -2.88 15.52 4.48
C GLY B 69 -1.72 16.42 4.11
N ASP B 70 -1.54 16.58 2.80
CA ASP B 70 -0.57 17.52 2.24
C ASP B 70 0.85 17.18 2.65
N GLU B 71 1.13 15.89 2.72
CA GLU B 71 2.43 15.39 3.11
C GLU B 71 2.88 15.99 4.44
N ILE B 72 2.06 15.76 5.45
CA ILE B 72 2.28 16.24 6.81
C ILE B 72 3.57 15.65 7.41
N LYS B 73 3.98 16.18 8.58
CA LYS B 73 5.13 15.67 9.31
C LYS B 73 5.16 14.15 9.34
N HIS B 74 6.28 13.57 8.95
CA HIS B 74 6.35 12.15 8.71
C HIS B 74 7.70 11.56 9.10
N ALA B 75 7.68 10.39 9.69
CA ALA B 75 8.90 9.62 9.92
C ALA B 75 9.43 9.13 8.59
N ASP B 76 10.67 9.50 8.28
CA ASP B 76 11.22 9.28 6.94
C ASP B 76 11.68 7.84 6.76
N ASP B 77 11.61 7.07 7.83
CA ASP B 77 12.08 5.69 7.83
C ASP B 77 10.95 4.72 7.48
N CYS B 78 9.73 5.21 7.38
CA CYS B 78 8.58 4.34 7.13
C CYS B 78 8.37 4.13 5.63
N PRO B 79 7.79 2.99 5.24
CA PRO B 79 7.53 2.67 3.83
C PRO B 79 6.59 3.67 3.15
N VAL B 80 5.70 4.27 3.95
CA VAL B 80 4.69 5.19 3.43
C VAL B 80 5.33 6.39 2.73
N VAL B 81 6.33 6.99 3.38
CA VAL B 81 6.97 8.17 2.86
C VAL B 81 7.76 7.87 1.60
N ILE B 82 8.38 6.70 1.58
CA ILE B 82 9.10 6.22 0.40
C ILE B 82 8.18 6.23 -0.83
N ALA B 83 7.00 5.64 -0.68
CA ALA B 83 6.02 5.60 -1.75
C ALA B 83 5.61 7.01 -2.15
N LYS B 84 5.37 7.87 -1.17
CA LYS B 84 4.97 9.25 -1.40
C LYS B 84 6.04 10.02 -2.18
N GLN B 85 7.30 9.73 -1.89
CA GLN B 85 8.41 10.37 -2.56
C GLN B 85 8.55 9.86 -3.99
N ILE B 86 8.25 8.58 -4.18
CA ILE B 86 8.37 7.95 -5.49
C ILE B 86 7.24 8.37 -6.43
N LEU B 87 6.03 8.46 -5.89
CA LEU B 87 4.86 8.80 -6.70
C LEU B 87 4.88 10.26 -7.14
N SER B 88 5.78 11.04 -6.55
CA SER B 88 5.93 12.45 -6.91
C SER B 88 6.78 12.58 -8.18
N SER B 89 6.24 12.09 -9.28
CA SER B 89 6.92 12.15 -10.56
C SER B 89 6.73 13.52 -11.19
N ARG B 90 7.73 13.97 -11.96
CA ARG B 90 7.73 15.31 -12.56
C ARG B 90 7.65 16.37 -11.47
N PRO B 91 8.81 16.76 -10.92
CA PRO B 91 8.90 17.72 -9.83
C PRO B 91 8.70 19.16 -10.31
N LYS B 92 7.66 19.80 -9.80
CA LYS B 92 7.45 21.22 -10.05
C LYS B 92 7.35 21.97 -8.74
N LEU B 93 7.29 21.21 -7.66
CA LEU B 93 7.24 21.76 -6.32
C LEU B 93 8.61 21.62 -5.67
N HIS B 94 8.77 22.20 -4.48
CA HIS B 94 10.01 22.14 -3.72
C HIS B 94 11.10 22.95 -4.43
N ALA B 95 10.68 24.07 -5.02
CA ALA B 95 11.61 24.95 -5.72
C ALA B 95 12.35 25.84 -4.74
N VAL B 96 13.66 25.71 -4.71
CA VAL B 96 14.49 26.54 -3.84
C VAL B 96 15.77 26.93 -4.56
N MET A 1 -11.22 -11.24 -5.53
CA MET A 1 -10.95 -12.68 -5.35
C MET A 1 -9.83 -12.89 -4.34
N GLY A 2 -9.89 -13.97 -3.59
CA GLY A 2 -8.82 -14.31 -2.67
C GLY A 2 -7.55 -14.64 -3.41
N SER A 3 -6.43 -14.10 -2.95
CA SER A 3 -5.17 -14.25 -3.67
C SER A 3 -3.97 -14.33 -2.74
N SER A 4 -3.06 -15.23 -3.07
CA SER A 4 -1.77 -15.39 -2.38
C SER A 4 -1.93 -16.01 -1.00
N HIS A 5 -0.95 -16.83 -0.62
CA HIS A 5 -0.95 -17.51 0.66
C HIS A 5 0.47 -17.89 1.06
N HIS A 6 0.92 -17.37 2.20
CA HIS A 6 2.22 -17.72 2.79
C HIS A 6 3.38 -17.28 1.89
N HIS A 7 4.08 -16.24 2.31
CA HIS A 7 5.21 -15.72 1.54
C HIS A 7 6.51 -16.18 2.17
N HIS A 8 7.57 -16.25 1.38
CA HIS A 8 8.87 -16.66 1.88
C HIS A 8 9.98 -16.06 1.03
N HIS A 9 11.21 -16.58 1.20
CA HIS A 9 12.40 -16.11 0.49
C HIS A 9 12.88 -14.79 1.08
N HIS A 10 14.08 -14.80 1.64
CA HIS A 10 14.61 -13.61 2.29
C HIS A 10 15.38 -12.75 1.28
N SER A 11 14.70 -11.77 0.74
CA SER A 11 15.33 -10.80 -0.14
C SER A 11 15.77 -9.58 0.66
N SER A 12 17.01 -9.16 0.46
CA SER A 12 17.54 -8.00 1.16
C SER A 12 18.76 -7.46 0.42
N GLY A 13 18.86 -6.14 0.37
CA GLY A 13 19.98 -5.51 -0.29
C GLY A 13 20.11 -4.05 0.13
N ARG A 14 21.33 -3.55 0.15
CA ARG A 14 21.57 -2.17 0.55
C ARG A 14 21.75 -1.27 -0.66
N GLU A 15 20.64 -0.80 -1.20
CA GLU A 15 20.65 0.13 -2.32
C GLU A 15 19.34 0.90 -2.33
N ASN A 16 19.39 2.12 -2.84
CA ASN A 16 18.21 2.95 -2.97
C ASN A 16 18.33 3.79 -4.24
N LEU A 17 17.65 3.39 -5.29
CA LEU A 17 17.80 4.02 -6.58
C LEU A 17 16.43 4.28 -7.19
N TYR A 18 16.22 5.50 -7.65
CA TYR A 18 14.91 5.89 -8.15
C TYR A 18 14.76 5.63 -9.63
N PHE A 19 14.40 4.40 -9.92
CA PHE A 19 13.98 3.95 -11.26
C PHE A 19 15.06 4.12 -12.34
N GLN A 20 14.68 3.75 -13.57
CA GLN A 20 15.59 3.70 -14.70
C GLN A 20 16.67 2.63 -14.51
N GLY A 21 17.67 2.92 -13.68
CA GLY A 21 18.76 1.97 -13.47
C GLY A 21 18.48 0.99 -12.34
N MET A 22 17.36 0.28 -12.46
CA MET A 22 16.92 -0.61 -11.40
C MET A 22 17.53 -2.00 -11.56
N THR A 23 18.27 -2.42 -10.54
CA THR A 23 18.93 -3.71 -10.55
C THR A 23 18.98 -4.31 -9.14
N ASP A 24 18.66 -5.60 -9.05
CA ASP A 24 18.73 -6.37 -7.79
C ASP A 24 17.78 -5.82 -6.72
N THR A 25 18.21 -4.77 -6.04
CA THR A 25 17.48 -4.21 -4.92
C THR A 25 16.25 -3.41 -5.41
N ALA A 26 16.05 -3.42 -6.72
CA ALA A 26 14.89 -2.83 -7.33
C ALA A 26 13.62 -3.44 -6.77
N ALA A 27 13.68 -4.74 -6.51
CA ALA A 27 12.54 -5.46 -5.94
C ALA A 27 12.33 -5.04 -4.49
N GLU A 28 13.44 -4.87 -3.78
CA GLU A 28 13.41 -4.54 -2.36
C GLU A 28 12.72 -3.21 -2.09
N ASP A 29 13.14 -2.17 -2.78
CA ASP A 29 12.61 -0.82 -2.51
C ASP A 29 11.12 -0.74 -2.77
N VAL A 30 10.65 -1.39 -3.83
CA VAL A 30 9.24 -1.39 -4.15
C VAL A 30 8.46 -2.31 -3.22
N ARG A 31 8.96 -3.52 -3.01
CA ARG A 31 8.29 -4.49 -2.13
C ARG A 31 8.28 -3.97 -0.70
N LYS A 32 9.26 -3.14 -0.37
CA LYS A 32 9.35 -2.51 0.95
C LYS A 32 8.04 -1.80 1.29
N ILE A 33 7.55 -1.00 0.34
CA ILE A 33 6.31 -0.26 0.53
C ILE A 33 5.13 -1.21 0.65
N ALA A 34 5.10 -2.21 -0.24
CA ALA A 34 4.02 -3.18 -0.28
C ALA A 34 3.97 -4.04 0.98
N THR A 35 5.14 -4.44 1.46
CA THR A 35 5.22 -5.29 2.65
C THR A 35 4.66 -4.56 3.86
N ALA A 36 5.01 -3.28 4.00
CA ALA A 36 4.57 -2.49 5.13
C ALA A 36 3.06 -2.34 5.17
N LEU A 37 2.46 -2.05 4.02
CA LEU A 37 1.02 -1.88 3.95
C LEU A 37 0.31 -3.22 4.08
N LEU A 38 0.98 -4.29 3.68
CA LEU A 38 0.42 -5.63 3.78
C LEU A 38 0.37 -6.08 5.23
N LYS A 39 1.26 -5.53 6.03
CA LYS A 39 1.37 -5.89 7.42
C LYS A 39 0.51 -4.99 8.29
N THR A 40 0.00 -3.92 7.70
CA THR A 40 -0.87 -3.00 8.40
C THR A 40 -2.12 -2.71 7.57
N ALA A 41 -2.11 -1.54 6.89
CA ALA A 41 -3.25 -1.03 6.10
C ALA A 41 -4.52 -0.87 6.93
N ILE A 42 -5.05 -1.99 7.39
CA ILE A 42 -6.32 -2.06 8.10
C ILE A 42 -6.22 -1.47 9.50
N GLU A 43 -7.36 -1.40 10.17
CA GLU A 43 -7.43 -0.86 11.52
C GLU A 43 -8.57 -1.51 12.27
N ILE A 44 -8.39 -1.71 13.56
CA ILE A 44 -9.41 -2.35 14.37
C ILE A 44 -9.97 -1.40 15.42
N VAL A 45 -11.23 -1.04 15.27
CA VAL A 45 -11.93 -0.29 16.28
C VAL A 45 -12.84 -1.23 17.05
N SER A 46 -13.04 -0.96 18.33
CA SER A 46 -13.80 -1.87 19.15
C SER A 46 -15.00 -1.17 19.76
N GLU A 47 -16.10 -1.89 19.81
CA GLU A 47 -17.29 -1.40 20.48
C GLU A 47 -17.23 -1.81 21.95
N GLU A 48 -18.14 -1.30 22.76
CA GLU A 48 -18.16 -1.64 24.18
C GLU A 48 -18.39 -3.13 24.36
N ASP A 49 -19.56 -3.58 23.95
CA ASP A 49 -19.93 -4.98 24.03
C ASP A 49 -20.20 -5.54 22.64
N GLY A 50 -19.95 -4.71 21.64
CA GLY A 50 -20.14 -5.12 20.26
C GLY A 50 -18.98 -5.95 19.74
N GLY A 51 -17.80 -5.69 20.28
CA GLY A 51 -16.62 -6.43 19.86
C GLY A 51 -15.71 -5.58 19.00
N ALA A 52 -14.49 -6.04 18.82
CA ALA A 52 -13.54 -5.38 17.95
C ALA A 52 -13.78 -5.79 16.49
N HIS A 53 -13.82 -4.81 15.62
CA HIS A 53 -14.08 -5.06 14.20
C HIS A 53 -12.86 -4.68 13.37
N ASN A 54 -12.49 -5.54 12.46
CA ASN A 54 -11.37 -5.27 11.55
C ASN A 54 -11.90 -4.66 10.25
N GLN A 55 -11.51 -3.43 9.98
CA GLN A 55 -12.01 -2.70 8.82
C GLN A 55 -11.05 -2.79 7.65
N CYS A 56 -11.46 -3.48 6.60
CA CYS A 56 -10.72 -3.49 5.36
C CYS A 56 -11.04 -2.22 4.59
N LYS A 57 -10.18 -1.22 4.74
CA LYS A 57 -10.41 0.14 4.25
C LYS A 57 -10.88 0.17 2.80
N LEU A 58 -10.15 -0.51 1.93
CA LEU A 58 -10.36 -0.42 0.48
C LEU A 58 -11.73 -0.93 0.05
N CYS A 59 -12.12 -2.10 0.54
CA CYS A 59 -13.37 -2.71 0.09
C CYS A 59 -14.53 -2.38 1.02
N GLY A 60 -14.24 -1.65 2.09
CA GLY A 60 -15.27 -1.26 3.05
C GLY A 60 -15.89 -2.47 3.74
N ALA A 61 -15.09 -3.51 3.92
CA ALA A 61 -15.56 -4.74 4.55
C ALA A 61 -15.08 -4.83 5.98
N SER A 62 -16.00 -5.12 6.88
CA SER A 62 -15.65 -5.25 8.29
C SER A 62 -15.81 -6.70 8.73
N VAL A 63 -14.78 -7.23 9.39
CA VAL A 63 -14.78 -8.61 9.83
C VAL A 63 -14.38 -8.68 11.31
N PRO A 64 -15.06 -9.53 12.09
CA PRO A 64 -14.72 -9.74 13.51
C PRO A 64 -13.24 -10.07 13.72
N TRP A 65 -12.69 -9.58 14.81
CA TRP A 65 -11.27 -9.78 15.13
C TRP A 65 -10.90 -11.26 15.31
N LEU A 66 -11.92 -12.10 15.33
CA LEU A 66 -11.72 -13.55 15.51
C LEU A 66 -11.15 -14.18 14.24
N GLN A 67 -11.26 -13.50 13.11
CA GLN A 67 -10.70 -14.00 11.86
C GLN A 67 -9.38 -13.34 11.54
N THR A 68 -8.74 -13.81 10.46
CA THR A 68 -7.45 -13.29 10.04
C THR A 68 -7.61 -11.97 9.28
N GLY A 69 -8.80 -11.73 8.75
CA GLY A 69 -9.05 -10.50 8.03
C GLY A 69 -9.01 -10.68 6.53
N ASP A 70 -7.91 -11.23 6.02
CA ASP A 70 -7.75 -11.45 4.59
C ASP A 70 -8.64 -12.60 4.11
N GLU A 71 -9.14 -13.36 5.06
CA GLU A 71 -9.97 -14.54 4.79
C GLU A 71 -11.30 -14.14 4.14
N ILE A 72 -11.81 -12.96 4.47
CA ILE A 72 -13.03 -12.48 3.84
C ILE A 72 -12.72 -12.14 2.39
N LYS A 73 -13.64 -12.45 1.50
CA LYS A 73 -13.38 -12.29 0.07
C LYS A 73 -13.26 -10.82 -0.29
N HIS A 74 -12.04 -10.43 -0.64
CA HIS A 74 -11.73 -9.05 -1.00
C HIS A 74 -11.99 -8.83 -2.49
N ALA A 75 -12.40 -7.62 -2.83
CA ALA A 75 -12.68 -7.27 -4.21
C ALA A 75 -11.39 -7.18 -5.02
N ASP A 76 -11.50 -7.40 -6.30
CA ASP A 76 -10.35 -7.38 -7.20
C ASP A 76 -10.01 -5.95 -7.57
N ASP A 77 -10.93 -5.05 -7.28
CA ASP A 77 -10.75 -3.62 -7.55
C ASP A 77 -9.92 -2.99 -6.45
N CYS A 78 -9.51 -3.80 -5.49
CA CYS A 78 -8.59 -3.36 -4.45
C CYS A 78 -7.16 -3.65 -4.88
N PRO A 79 -6.34 -2.61 -5.10
CA PRO A 79 -4.97 -2.75 -5.62
C PRO A 79 -4.05 -3.61 -4.74
N VAL A 80 -4.55 -4.06 -3.59
CA VAL A 80 -3.79 -4.94 -2.73
C VAL A 80 -3.50 -6.26 -3.44
N VAL A 81 -4.42 -6.68 -4.31
CA VAL A 81 -4.23 -7.89 -5.10
C VAL A 81 -3.03 -7.75 -6.02
N ILE A 82 -2.87 -6.54 -6.54
CA ILE A 82 -1.70 -6.19 -7.37
C ILE A 82 -0.44 -6.21 -6.52
N ALA A 83 -0.52 -5.59 -5.34
CA ALA A 83 0.62 -5.53 -4.42
C ALA A 83 1.13 -6.91 -4.07
N LYS A 84 0.21 -7.82 -3.74
CA LYS A 84 0.57 -9.20 -3.43
C LYS A 84 1.31 -9.84 -4.61
N GLN A 85 0.75 -9.65 -5.80
CA GLN A 85 1.32 -10.21 -7.02
C GLN A 85 2.72 -9.65 -7.29
N ILE A 86 2.94 -8.42 -6.86
CA ILE A 86 4.23 -7.77 -7.07
C ILE A 86 5.29 -8.33 -6.11
N LEU A 87 4.96 -8.39 -4.83
CA LEU A 87 5.93 -8.83 -3.83
C LEU A 87 6.13 -10.36 -3.85
N SER A 88 5.21 -11.07 -4.51
CA SER A 88 5.35 -12.49 -4.69
C SER A 88 5.91 -12.82 -6.08
N SER A 89 6.35 -11.79 -6.79
CA SER A 89 6.93 -11.91 -8.13
C SER A 89 6.06 -12.78 -9.06
N ARG A 90 4.95 -12.21 -9.51
CA ARG A 90 4.05 -12.90 -10.43
C ARG A 90 4.69 -13.09 -11.81
N PRO A 91 4.50 -14.27 -12.41
CA PRO A 91 4.94 -14.53 -13.77
C PRO A 91 3.84 -14.24 -14.79
N LYS A 92 4.07 -14.62 -16.05
CA LYS A 92 3.07 -14.48 -17.09
C LYS A 92 1.96 -15.52 -16.87
N LEU A 93 0.79 -15.05 -16.49
CA LEU A 93 -0.31 -15.94 -16.16
C LEU A 93 -1.64 -15.33 -16.56
N HIS A 94 -2.54 -16.14 -17.10
CA HIS A 94 -3.88 -15.70 -17.46
C HIS A 94 -4.80 -15.78 -16.25
N ALA A 95 -4.62 -14.85 -15.33
CA ALA A 95 -5.42 -14.83 -14.12
C ALA A 95 -5.82 -13.40 -13.77
N VAL A 96 -5.89 -12.55 -14.78
CA VAL A 96 -6.22 -11.15 -14.61
C VAL A 96 -7.71 -10.94 -14.88
N MET B 1 -16.73 20.36 15.33
CA MET B 1 -15.61 19.72 14.62
C MET B 1 -16.11 19.00 13.38
N GLY B 2 -15.75 19.51 12.21
CA GLY B 2 -16.18 18.90 10.96
C GLY B 2 -15.54 19.57 9.77
N SER B 3 -14.22 19.55 9.72
CA SER B 3 -13.48 20.16 8.62
C SER B 3 -12.36 19.23 8.17
N SER B 4 -12.40 18.85 6.91
CA SER B 4 -11.37 17.99 6.33
C SER B 4 -10.56 18.79 5.31
N HIS B 5 -9.52 18.18 4.77
CA HIS B 5 -8.67 18.85 3.79
C HIS B 5 -8.24 17.87 2.72
N HIS B 6 -7.89 18.41 1.55
CA HIS B 6 -7.40 17.62 0.42
C HIS B 6 -8.51 16.80 -0.23
N HIS B 7 -8.84 17.14 -1.47
CA HIS B 7 -9.77 16.35 -2.25
C HIS B 7 -9.15 15.02 -2.63
N HIS B 8 -9.76 13.94 -2.18
CA HIS B 8 -9.23 12.61 -2.46
C HIS B 8 -9.64 12.15 -3.85
N HIS B 9 -8.97 12.70 -4.84
CA HIS B 9 -9.23 12.38 -6.24
C HIS B 9 -7.90 12.15 -6.95
N HIS B 10 -7.45 10.91 -6.98
CA HIS B 10 -6.18 10.59 -7.59
C HIS B 10 -6.37 9.55 -8.69
N SER B 11 -6.44 10.00 -9.92
CA SER B 11 -6.66 9.12 -11.05
C SER B 11 -5.34 8.54 -11.54
N SER B 12 -5.10 7.28 -11.21
CA SER B 12 -3.89 6.59 -11.64
C SER B 12 -4.15 5.10 -11.75
N GLY B 13 -3.96 4.56 -12.94
CA GLY B 13 -4.17 3.14 -13.16
C GLY B 13 -3.62 2.71 -14.50
N ARG B 14 -4.52 2.22 -15.36
CA ARG B 14 -4.16 1.81 -16.73
C ARG B 14 -3.30 0.53 -16.69
N GLU B 15 -2.89 0.08 -17.88
CA GLU B 15 -2.04 -1.11 -17.98
C GLU B 15 -0.71 -0.88 -17.27
N ASN B 16 -0.46 -1.69 -16.25
CA ASN B 16 0.76 -1.57 -15.44
C ASN B 16 1.90 -2.37 -16.07
N LEU B 17 3.08 -2.31 -15.45
CA LEU B 17 4.25 -3.00 -15.98
C LEU B 17 4.72 -4.11 -15.01
N TYR B 18 6.00 -4.07 -14.62
CA TYR B 18 6.57 -5.11 -13.75
C TYR B 18 8.04 -4.78 -13.46
N PHE B 19 8.60 -5.44 -12.43
CA PHE B 19 10.02 -5.30 -12.08
C PHE B 19 10.94 -5.58 -13.27
N GLN B 20 10.60 -6.58 -14.06
CA GLN B 20 11.43 -6.97 -15.18
C GLN B 20 11.29 -5.94 -16.29
N GLY B 21 12.40 -5.28 -16.60
CA GLY B 21 12.36 -4.11 -17.43
C GLY B 21 12.24 -2.87 -16.58
N MET B 22 11.07 -2.72 -15.94
CA MET B 22 10.81 -1.70 -14.92
C MET B 22 10.87 -0.29 -15.51
N THR B 23 12.09 0.19 -15.76
CA THR B 23 12.37 1.48 -16.37
C THR B 23 11.55 2.65 -15.78
N ASP B 24 10.35 2.85 -16.33
CA ASP B 24 9.58 4.07 -16.06
C ASP B 24 8.17 3.77 -15.57
N THR B 25 7.41 2.97 -16.33
CA THR B 25 6.01 2.65 -16.00
C THR B 25 5.89 1.91 -14.66
N ALA B 26 7.00 1.37 -14.15
CA ALA B 26 6.99 0.69 -12.86
C ALA B 26 6.59 1.64 -11.74
N ALA B 27 6.82 2.93 -11.96
CA ALA B 27 6.38 3.95 -11.01
C ALA B 27 4.87 4.06 -11.04
N GLU B 28 4.30 3.73 -12.19
CA GLU B 28 2.86 3.79 -12.38
C GLU B 28 2.18 2.60 -11.73
N ASP B 29 2.89 1.46 -11.71
CA ASP B 29 2.44 0.29 -10.95
C ASP B 29 2.23 0.67 -9.49
N VAL B 30 3.27 1.26 -8.91
CA VAL B 30 3.26 1.64 -7.51
C VAL B 30 2.21 2.70 -7.20
N ARG B 31 2.12 3.74 -8.03
CA ARG B 31 1.19 4.82 -7.78
C ARG B 31 -0.26 4.35 -7.90
N LYS B 32 -0.49 3.34 -8.72
CA LYS B 32 -1.82 2.74 -8.87
C LYS B 32 -2.26 2.14 -7.52
N ILE B 33 -1.32 1.51 -6.83
CA ILE B 33 -1.59 0.93 -5.52
C ILE B 33 -1.63 2.03 -4.45
N ALA B 34 -0.69 2.96 -4.56
CA ALA B 34 -0.56 4.08 -3.63
C ALA B 34 -1.85 4.90 -3.56
N THR B 35 -2.57 4.96 -4.67
CA THR B 35 -3.83 5.68 -4.73
C THR B 35 -4.81 5.22 -3.66
N ALA B 36 -4.71 3.95 -3.27
CA ALA B 36 -5.58 3.38 -2.25
C ALA B 36 -5.31 4.00 -0.89
N LEU B 37 -4.03 4.14 -0.54
CA LEU B 37 -3.67 4.70 0.75
C LEU B 37 -3.89 6.21 0.76
N LEU B 38 -3.86 6.81 -0.42
CA LEU B 38 -4.16 8.23 -0.57
C LEU B 38 -5.65 8.49 -0.33
N LYS B 39 -6.48 7.50 -0.67
CA LYS B 39 -7.89 7.59 -0.42
C LYS B 39 -8.20 7.42 1.06
N THR B 40 -7.80 6.29 1.63
CA THR B 40 -8.03 6.04 3.03
C THR B 40 -7.19 4.87 3.55
N ALA B 41 -6.01 5.20 4.02
CA ALA B 41 -5.19 4.29 4.80
C ALA B 41 -5.06 4.85 6.20
N ILE B 42 -5.60 6.04 6.37
CA ILE B 42 -5.55 6.75 7.63
C ILE B 42 -6.46 6.09 8.67
N GLU B 43 -5.99 6.05 9.90
CA GLU B 43 -6.73 5.47 11.00
C GLU B 43 -7.34 6.57 11.83
N ILE B 44 -8.57 6.39 12.22
CA ILE B 44 -9.24 7.36 13.07
C ILE B 44 -9.76 6.70 14.33
N VAL B 45 -9.21 7.11 15.44
CA VAL B 45 -9.76 6.75 16.73
C VAL B 45 -10.49 7.94 17.32
N SER B 46 -11.81 7.89 17.29
CA SER B 46 -12.62 9.02 17.69
C SER B 46 -12.84 9.01 19.20
N GLU B 47 -12.50 10.11 19.82
CA GLU B 47 -12.66 10.30 21.25
C GLU B 47 -13.63 11.44 21.49
N GLU B 48 -14.31 11.39 22.61
CA GLU B 48 -15.30 12.42 22.93
C GLU B 48 -14.61 13.70 23.40
N ASP B 49 -13.55 13.52 24.17
CA ASP B 49 -12.87 14.67 24.77
C ASP B 49 -11.58 14.97 24.03
N GLY B 50 -10.83 13.92 23.75
CA GLY B 50 -9.58 14.06 23.03
C GLY B 50 -9.78 14.31 21.55
N GLY B 51 -11.02 14.17 21.09
CA GLY B 51 -11.33 14.41 19.71
C GLY B 51 -11.00 13.22 18.84
N ALA B 52 -11.42 13.27 17.60
CA ALA B 52 -11.02 12.29 16.61
C ALA B 52 -9.54 12.41 16.33
N HIS B 53 -8.84 11.29 16.26
CA HIS B 53 -7.40 11.33 16.08
C HIS B 53 -7.01 10.72 14.75
N ASN B 54 -6.28 11.51 13.96
CA ASN B 54 -5.78 11.07 12.66
C ASN B 54 -4.45 10.37 12.87
N GLN B 55 -4.41 9.07 12.66
CA GLN B 55 -3.18 8.31 12.87
C GLN B 55 -2.84 7.48 11.64
N CYS B 56 -1.56 7.39 11.34
CA CYS B 56 -1.06 6.47 10.35
C CYS B 56 -0.45 5.26 11.05
N LYS B 57 -1.02 4.08 10.84
CA LYS B 57 -0.56 2.89 11.55
C LYS B 57 0.74 2.37 10.94
N LEU B 58 1.21 3.06 9.92
CA LEU B 58 2.44 2.69 9.24
C LEU B 58 3.63 3.21 10.02
N CYS B 59 3.50 4.43 10.54
CA CYS B 59 4.55 5.05 11.33
C CYS B 59 4.24 4.96 12.82
N GLY B 60 2.98 5.18 13.18
CA GLY B 60 2.58 5.12 14.57
C GLY B 60 2.48 6.48 15.21
N ALA B 61 2.72 7.52 14.43
CA ALA B 61 2.69 8.89 14.92
C ALA B 61 2.12 9.80 13.85
N SER B 62 1.21 10.69 14.23
CA SER B 62 0.47 11.47 13.25
C SER B 62 -0.01 12.82 13.79
N VAL B 63 -0.92 13.46 13.05
CA VAL B 63 -1.24 14.86 13.25
C VAL B 63 -2.66 15.03 13.82
N PRO B 64 -2.87 16.05 14.68
CA PRO B 64 -4.20 16.37 15.23
C PRO B 64 -5.27 16.60 14.16
N TRP B 65 -6.51 16.30 14.52
CA TRP B 65 -7.66 16.42 13.62
C TRP B 65 -7.92 17.90 13.26
N LEU B 66 -8.71 18.10 12.19
CA LEU B 66 -9.11 19.43 11.71
C LEU B 66 -7.99 20.11 10.93
N GLN B 67 -6.76 19.66 11.11
CA GLN B 67 -5.64 20.16 10.33
C GLN B 67 -5.42 19.28 9.12
N THR B 68 -4.66 19.78 8.15
CA THR B 68 -4.29 18.98 6.99
C THR B 68 -3.59 17.70 7.43
N GLY B 69 -4.23 16.57 7.19
CA GLY B 69 -3.66 15.29 7.55
C GLY B 69 -2.64 14.81 6.54
N ASP B 70 -1.57 15.57 6.39
CA ASP B 70 -0.55 15.28 5.41
C ASP B 70 0.80 15.73 5.97
N GLU B 71 1.86 15.53 5.19
CA GLU B 71 3.23 15.81 5.62
C GLU B 71 3.53 15.22 6.99
N ILE B 72 3.01 14.01 7.23
CA ILE B 72 3.27 13.31 8.48
C ILE B 72 4.73 12.88 8.55
N LYS B 73 5.53 13.65 9.28
CA LYS B 73 6.94 13.36 9.42
C LYS B 73 7.19 12.36 10.54
N HIS B 74 8.15 11.47 10.31
CA HIS B 74 8.59 10.49 11.29
C HIS B 74 9.94 9.95 10.84
N ALA B 75 9.99 8.69 10.49
CA ALA B 75 11.19 8.13 9.89
C ALA B 75 11.08 8.21 8.38
N ASP B 76 12.15 8.63 7.72
CA ASP B 76 12.17 8.72 6.26
C ASP B 76 12.32 7.33 5.66
N ASP B 77 12.51 6.35 6.54
CA ASP B 77 12.56 4.95 6.16
C ASP B 77 11.15 4.43 5.91
N CYS B 78 10.15 5.18 6.39
CA CYS B 78 8.75 4.82 6.22
C CYS B 78 8.35 4.90 4.75
N PRO B 79 7.62 3.89 4.25
CA PRO B 79 7.20 3.81 2.84
C PRO B 79 6.38 5.02 2.39
N VAL B 80 5.85 5.78 3.34
CA VAL B 80 5.09 6.99 3.04
C VAL B 80 5.91 7.95 2.20
N VAL B 81 7.17 8.13 2.59
CA VAL B 81 8.07 9.04 1.89
C VAL B 81 8.42 8.51 0.50
N ILE B 82 8.67 7.21 0.43
CA ILE B 82 9.06 6.57 -0.82
C ILE B 82 7.90 6.59 -1.82
N ALA B 83 6.71 6.23 -1.35
CA ALA B 83 5.53 6.22 -2.20
C ALA B 83 5.26 7.61 -2.74
N LYS B 84 5.41 8.61 -1.88
CA LYS B 84 5.23 10.01 -2.28
C LYS B 84 6.20 10.39 -3.39
N GLN B 85 7.47 10.04 -3.23
CA GLN B 85 8.48 10.34 -4.24
C GLN B 85 8.08 9.77 -5.59
N ILE B 86 7.45 8.60 -5.55
CA ILE B 86 7.01 7.94 -6.77
C ILE B 86 5.76 8.60 -7.36
N LEU B 87 4.71 8.73 -6.56
CA LEU B 87 3.43 9.22 -7.08
C LEU B 87 3.47 10.72 -7.40
N SER B 88 4.46 11.43 -6.86
CA SER B 88 4.54 12.86 -7.08
C SER B 88 5.33 13.16 -8.35
N SER B 89 6.14 12.21 -8.78
CA SER B 89 6.93 12.36 -9.99
C SER B 89 6.15 11.87 -11.20
N ARG B 90 4.93 11.40 -10.96
CA ARG B 90 4.05 10.95 -12.01
C ARG B 90 2.69 11.62 -11.89
N PRO B 91 2.46 12.68 -12.66
CA PRO B 91 1.18 13.39 -12.65
C PRO B 91 0.11 12.68 -13.49
N LYS B 92 -1.04 13.31 -13.63
CA LYS B 92 -2.09 12.78 -14.48
C LYS B 92 -2.00 13.40 -15.87
N LEU B 93 -1.31 12.70 -16.76
CA LEU B 93 -1.09 13.19 -18.12
C LEU B 93 -2.35 13.04 -18.96
N HIS B 94 -2.52 13.92 -19.93
CA HIS B 94 -3.62 13.82 -20.87
C HIS B 94 -3.24 12.91 -22.03
N ALA B 95 -3.49 11.63 -21.83
CA ALA B 95 -3.21 10.61 -22.83
C ALA B 95 -4.23 9.50 -22.72
N VAL B 96 -5.47 9.89 -22.45
CA VAL B 96 -6.58 8.96 -22.19
C VAL B 96 -6.48 8.39 -20.78
N MET A 1 -0.36 -22.65 -5.10
CA MET A 1 0.42 -23.86 -4.72
C MET A 1 1.60 -23.47 -3.85
N GLY A 2 1.37 -23.36 -2.55
CA GLY A 2 2.44 -22.98 -1.64
C GLY A 2 2.74 -21.50 -1.70
N SER A 3 1.69 -20.71 -1.90
CA SER A 3 1.86 -19.27 -2.07
C SER A 3 1.55 -18.54 -0.77
N SER A 4 2.59 -18.16 -0.05
CA SER A 4 2.42 -17.40 1.18
C SER A 4 3.09 -16.02 1.02
N HIS A 5 4.37 -15.96 1.32
CA HIS A 5 5.17 -14.74 1.15
C HIS A 5 6.60 -14.99 1.65
N HIS A 6 7.56 -14.88 0.75
CA HIS A 6 8.96 -15.07 1.10
C HIS A 6 9.51 -13.81 1.78
N HIS A 7 10.08 -14.00 2.97
CA HIS A 7 10.63 -12.89 3.74
C HIS A 7 12.04 -12.52 3.28
N HIS A 8 12.46 -11.29 3.60
CA HIS A 8 13.80 -10.84 3.28
C HIS A 8 14.36 -9.94 4.38
N HIS A 9 13.82 -8.71 4.46
CA HIS A 9 14.30 -7.68 5.40
C HIS A 9 15.63 -7.09 4.92
N HIS A 10 15.55 -5.91 4.31
CA HIS A 10 16.74 -5.16 3.92
C HIS A 10 16.65 -3.76 4.50
N SER A 11 17.79 -3.07 4.56
CA SER A 11 17.83 -1.72 5.12
C SER A 11 17.39 -0.68 4.10
N SER A 12 16.61 -1.11 3.13
CA SER A 12 16.05 -0.23 2.12
C SER A 12 15.10 0.77 2.76
N GLY A 13 15.33 2.05 2.51
CA GLY A 13 14.50 3.09 3.09
C GLY A 13 14.91 4.46 2.60
N ARG A 14 15.13 4.57 1.30
CA ARG A 14 15.60 5.80 0.70
C ARG A 14 15.25 5.79 -0.79
N GLU A 15 15.27 6.96 -1.43
CA GLU A 15 15.10 7.01 -2.87
C GLU A 15 16.37 6.50 -3.54
N ASN A 16 16.50 5.17 -3.54
CA ASN A 16 17.70 4.49 -4.02
C ASN A 16 17.81 4.55 -5.53
N LEU A 17 16.93 3.83 -6.21
CA LEU A 17 16.97 3.74 -7.66
C LEU A 17 15.57 3.87 -8.22
N TYR A 18 15.43 4.70 -9.24
CA TYR A 18 14.14 4.96 -9.86
C TYR A 18 13.98 4.09 -11.11
N PHE A 19 12.87 4.28 -11.83
CA PHE A 19 12.59 3.52 -13.05
C PHE A 19 13.73 3.65 -14.06
N GLN A 20 13.80 2.69 -14.98
CA GLN A 20 14.81 2.65 -16.05
C GLN A 20 16.15 2.11 -15.53
N GLY A 21 16.49 2.44 -14.29
CA GLY A 21 17.74 1.98 -13.71
C GLY A 21 17.60 1.56 -12.27
N MET A 22 16.55 0.81 -11.96
CA MET A 22 16.30 0.38 -10.59
C MET A 22 17.03 -0.93 -10.27
N THR A 23 17.31 -1.70 -11.32
CA THR A 23 18.03 -2.99 -11.23
C THR A 23 17.46 -3.94 -10.16
N ASP A 24 18.03 -3.93 -8.97
CA ASP A 24 17.72 -4.94 -7.95
C ASP A 24 17.09 -4.36 -6.71
N THR A 25 17.85 -3.52 -5.99
CA THR A 25 17.50 -3.06 -4.66
C THR A 25 16.10 -2.42 -4.58
N ALA A 26 15.68 -1.76 -5.66
CA ALA A 26 14.39 -1.07 -5.69
C ALA A 26 13.23 -2.03 -5.45
N ALA A 27 13.44 -3.31 -5.76
CA ALA A 27 12.42 -4.32 -5.56
C ALA A 27 12.10 -4.49 -4.09
N GLU A 28 13.07 -4.19 -3.23
CA GLU A 28 12.90 -4.34 -1.80
C GLU A 28 12.23 -3.10 -1.21
N ASP A 29 12.60 -1.93 -1.73
CA ASP A 29 11.98 -0.67 -1.31
C ASP A 29 10.49 -0.68 -1.66
N VAL A 30 10.17 -1.10 -2.88
CA VAL A 30 8.78 -1.16 -3.33
C VAL A 30 8.04 -2.29 -2.60
N ARG A 31 8.77 -3.34 -2.25
CA ARG A 31 8.17 -4.44 -1.50
C ARG A 31 7.71 -3.95 -0.14
N LYS A 32 8.48 -3.05 0.46
CA LYS A 32 8.17 -2.52 1.77
C LYS A 32 6.86 -1.74 1.79
N ILE A 33 6.68 -0.83 0.84
CA ILE A 33 5.45 -0.02 0.80
C ILE A 33 4.23 -0.89 0.51
N ALA A 34 4.42 -1.94 -0.29
CA ALA A 34 3.33 -2.84 -0.66
C ALA A 34 2.98 -3.77 0.51
N THR A 35 4.00 -4.20 1.24
CA THR A 35 3.79 -5.11 2.37
C THR A 35 3.24 -4.35 3.58
N ALA A 36 3.60 -3.07 3.70
CA ALA A 36 3.18 -2.25 4.83
C ALA A 36 1.67 -2.28 5.05
N LEU A 37 0.91 -2.15 3.96
CA LEU A 37 -0.54 -2.13 4.06
C LEU A 37 -1.11 -3.49 4.48
N LEU A 38 -0.46 -4.55 4.04
CA LEU A 38 -0.90 -5.90 4.41
C LEU A 38 -0.44 -6.25 5.82
N LYS A 39 0.64 -5.60 6.23
CA LYS A 39 1.22 -5.81 7.55
C LYS A 39 0.38 -5.12 8.65
N THR A 40 -0.18 -3.96 8.34
CA THR A 40 -0.85 -3.18 9.37
C THR A 40 -2.23 -2.66 8.93
N ALA A 41 -2.27 -1.93 7.81
CA ALA A 41 -3.50 -1.29 7.36
C ALA A 41 -4.43 -2.29 6.67
N ILE A 42 -4.93 -3.24 7.45
CA ILE A 42 -5.82 -4.26 6.94
C ILE A 42 -6.81 -4.65 8.04
N GLU A 43 -7.98 -5.14 7.65
CA GLU A 43 -8.98 -5.56 8.62
C GLU A 43 -9.05 -7.07 8.71
N ILE A 44 -9.23 -7.56 9.91
CA ILE A 44 -9.39 -8.99 10.14
C ILE A 44 -10.57 -9.25 11.06
N VAL A 45 -11.38 -10.21 10.69
CA VAL A 45 -12.50 -10.63 11.51
C VAL A 45 -12.18 -11.97 12.15
N SER A 46 -12.76 -12.25 13.29
CA SER A 46 -12.45 -13.47 14.00
C SER A 46 -13.52 -14.53 13.78
N GLU A 47 -13.07 -15.76 13.60
CA GLU A 47 -13.96 -16.90 13.53
C GLU A 47 -14.40 -17.26 14.94
N GLU A 48 -15.72 -17.31 15.14
CA GLU A 48 -16.27 -17.53 16.48
C GLU A 48 -15.76 -18.85 17.08
N ASP A 49 -15.57 -19.84 16.22
CA ASP A 49 -15.05 -21.15 16.65
C ASP A 49 -13.61 -21.02 17.13
N GLY A 50 -12.86 -20.12 16.52
CA GLY A 50 -11.46 -19.94 16.88
C GLY A 50 -10.56 -19.82 15.68
N GLY A 51 -10.51 -18.64 15.08
CA GLY A 51 -9.64 -18.40 13.95
C GLY A 51 -9.66 -16.96 13.52
N ALA A 52 -8.81 -16.64 12.57
CA ALA A 52 -8.74 -15.30 12.02
C ALA A 52 -9.07 -15.31 10.52
N HIS A 53 -9.88 -14.36 10.09
CA HIS A 53 -10.27 -14.26 8.70
C HIS A 53 -9.89 -12.89 8.15
N ASN A 54 -9.04 -12.90 7.14
CA ASN A 54 -8.52 -11.65 6.57
C ASN A 54 -9.43 -11.14 5.47
N GLN A 55 -9.67 -9.83 5.46
CA GLN A 55 -10.44 -9.21 4.40
C GLN A 55 -9.64 -8.08 3.79
N CYS A 56 -9.21 -8.27 2.55
CA CYS A 56 -8.45 -7.25 1.86
C CYS A 56 -9.35 -6.05 1.57
N LYS A 57 -9.05 -4.94 2.25
CA LYS A 57 -9.98 -3.83 2.43
C LYS A 57 -10.03 -2.93 1.20
N LEU A 58 -9.98 -3.52 0.02
CA LEU A 58 -10.01 -2.77 -1.21
C LEU A 58 -10.48 -3.63 -2.38
N CYS A 59 -11.03 -4.80 -2.07
CA CYS A 59 -11.44 -5.74 -3.12
C CYS A 59 -12.60 -6.62 -2.67
N GLY A 60 -12.65 -6.92 -1.38
CA GLY A 60 -13.72 -7.74 -0.85
C GLY A 60 -13.39 -9.22 -0.84
N ALA A 61 -12.17 -9.56 -1.22
CA ALA A 61 -11.74 -10.96 -1.20
C ALA A 61 -11.39 -11.37 0.23
N SER A 62 -11.80 -12.57 0.62
CA SER A 62 -11.53 -13.06 1.95
C SER A 62 -10.35 -14.02 1.95
N VAL A 63 -9.36 -13.69 2.76
CA VAL A 63 -8.11 -14.42 2.77
C VAL A 63 -8.01 -15.28 4.02
N PRO A 64 -7.40 -16.48 3.91
CA PRO A 64 -7.11 -17.38 5.05
C PRO A 64 -6.26 -16.74 6.16
N TRP A 65 -6.02 -15.43 6.05
CA TRP A 65 -5.36 -14.61 7.08
C TRP A 65 -3.83 -14.66 6.96
N LEU A 66 -3.30 -15.79 6.58
CA LEU A 66 -1.86 -15.95 6.46
C LEU A 66 -1.36 -15.29 5.18
N GLN A 67 -1.21 -13.96 5.22
CA GLN A 67 -0.67 -13.16 4.11
C GLN A 67 -1.52 -13.28 2.85
N THR A 68 -1.22 -14.28 2.04
CA THR A 68 -1.91 -14.49 0.78
C THR A 68 -2.91 -15.65 0.92
N GLY A 69 -2.68 -16.50 1.93
CA GLY A 69 -3.43 -17.72 2.05
C GLY A 69 -2.86 -18.77 1.12
N ASP A 70 -3.05 -18.54 -0.17
CA ASP A 70 -2.38 -19.30 -1.22
C ASP A 70 -2.86 -18.83 -2.58
N GLU A 71 -4.03 -19.29 -2.97
CA GLU A 71 -4.60 -18.92 -4.24
C GLU A 71 -5.98 -18.30 -4.07
N ILE A 72 -5.99 -17.03 -3.72
CA ILE A 72 -7.25 -16.31 -3.61
C ILE A 72 -7.65 -15.76 -4.99
N LYS A 73 -8.93 -15.52 -5.19
CA LYS A 73 -9.41 -15.05 -6.48
C LYS A 73 -9.00 -13.59 -6.70
N HIS A 74 -8.39 -13.35 -7.85
CA HIS A 74 -7.71 -12.08 -8.10
C HIS A 74 -8.63 -11.04 -8.70
N ALA A 75 -8.81 -9.95 -7.97
CA ALA A 75 -9.47 -8.77 -8.50
C ALA A 75 -8.42 -7.88 -9.15
N ASP A 76 -8.32 -7.98 -10.46
CA ASP A 76 -7.19 -7.44 -11.22
C ASP A 76 -7.09 -5.91 -11.11
N ASP A 77 -8.22 -5.24 -10.93
CA ASP A 77 -8.23 -3.78 -10.87
C ASP A 77 -7.80 -3.29 -9.49
N CYS A 78 -7.96 -4.14 -8.49
CA CYS A 78 -7.68 -3.76 -7.12
C CYS A 78 -6.18 -3.84 -6.82
N PRO A 79 -5.57 -2.70 -6.46
CA PRO A 79 -4.12 -2.60 -6.25
C PRO A 79 -3.60 -3.52 -5.15
N VAL A 80 -4.48 -3.90 -4.22
CA VAL A 80 -4.08 -4.78 -3.13
C VAL A 80 -3.76 -6.18 -3.66
N VAL A 81 -4.47 -6.61 -4.69
CA VAL A 81 -4.22 -7.90 -5.31
C VAL A 81 -2.93 -7.82 -6.12
N ILE A 82 -2.72 -6.68 -6.75
CA ILE A 82 -1.49 -6.43 -7.50
C ILE A 82 -0.29 -6.40 -6.54
N ALA A 83 -0.44 -5.66 -5.46
CA ALA A 83 0.61 -5.50 -4.47
C ALA A 83 1.13 -6.83 -3.96
N LYS A 84 0.23 -7.77 -3.68
CA LYS A 84 0.62 -9.09 -3.20
C LYS A 84 1.47 -9.81 -4.23
N GLN A 85 1.04 -9.75 -5.48
CA GLN A 85 1.78 -10.33 -6.58
C GLN A 85 3.17 -9.69 -6.68
N ILE A 86 3.22 -8.38 -6.48
CA ILE A 86 4.47 -7.63 -6.51
C ILE A 86 5.39 -8.01 -5.35
N LEU A 87 4.85 -8.00 -4.13
CA LEU A 87 5.66 -8.27 -2.95
C LEU A 87 6.09 -9.73 -2.87
N SER A 88 5.42 -10.58 -3.64
CA SER A 88 5.81 -11.98 -3.73
C SER A 88 6.85 -12.14 -4.85
N SER A 89 6.67 -11.37 -5.92
CA SER A 89 7.61 -11.32 -7.04
C SER A 89 7.67 -12.66 -7.78
N ARG A 90 6.61 -13.45 -7.68
CA ARG A 90 6.57 -14.76 -8.33
C ARG A 90 5.31 -14.94 -9.18
N PRO A 91 5.43 -14.66 -10.48
CA PRO A 91 4.38 -14.95 -11.45
C PRO A 91 4.63 -16.30 -12.14
N LYS A 92 3.61 -16.83 -12.82
CA LYS A 92 3.75 -18.09 -13.53
C LYS A 92 2.83 -18.11 -14.74
N LEU A 93 3.20 -18.88 -15.76
CA LEU A 93 2.42 -18.96 -16.98
C LEU A 93 1.12 -19.72 -16.76
N HIS A 94 0.02 -18.99 -16.75
CA HIS A 94 -1.30 -19.60 -16.62
C HIS A 94 -2.20 -19.15 -17.76
N ALA A 95 -2.89 -18.03 -17.56
CA ALA A 95 -3.80 -17.44 -18.55
C ALA A 95 -5.00 -18.35 -18.85
N VAL A 96 -6.19 -17.79 -18.76
CA VAL A 96 -7.40 -18.53 -19.07
C VAL A 96 -7.78 -18.36 -20.53
N MET B 1 -34.84 4.79 -10.67
CA MET B 1 -33.76 5.77 -10.42
C MET B 1 -32.42 5.07 -10.26
N GLY B 2 -31.35 5.76 -10.62
CA GLY B 2 -30.02 5.18 -10.55
C GLY B 2 -29.53 4.72 -11.91
N SER B 3 -28.28 4.32 -11.98
CA SER B 3 -27.71 3.84 -13.23
C SER B 3 -26.84 2.61 -13.01
N SER B 4 -25.83 2.76 -12.15
CA SER B 4 -24.85 1.71 -11.88
C SER B 4 -24.11 1.34 -13.17
N HIS B 5 -23.07 2.11 -13.49
CA HIS B 5 -22.31 1.86 -14.71
C HIS B 5 -21.07 1.03 -14.39
N HIS B 6 -21.04 -0.19 -14.93
CA HIS B 6 -19.98 -1.14 -14.63
C HIS B 6 -19.19 -1.49 -15.88
N HIS B 7 -17.91 -1.14 -15.88
CA HIS B 7 -17.03 -1.47 -17.00
C HIS B 7 -16.59 -2.93 -16.92
N HIS B 8 -16.24 -3.48 -18.08
CA HIS B 8 -15.75 -4.84 -18.14
C HIS B 8 -14.26 -4.84 -18.41
N HIS B 9 -13.48 -4.91 -17.34
CA HIS B 9 -12.02 -4.91 -17.46
C HIS B 9 -11.53 -6.34 -17.61
N HIS B 10 -10.49 -6.53 -18.43
CA HIS B 10 -9.98 -7.87 -18.71
C HIS B 10 -9.09 -8.37 -17.56
N SER B 11 -7.79 -8.12 -17.66
CA SER B 11 -6.83 -8.59 -16.67
C SER B 11 -5.42 -8.16 -17.06
N SER B 12 -4.87 -8.83 -18.06
CA SER B 12 -3.50 -8.57 -18.51
C SER B 12 -3.50 -7.58 -19.66
N GLY B 13 -2.43 -6.81 -19.78
CA GLY B 13 -2.27 -5.86 -20.86
C GLY B 13 -0.83 -5.72 -21.28
N ARG B 14 -0.27 -6.82 -21.83
CA ARG B 14 1.14 -6.91 -22.21
C ARG B 14 2.03 -7.10 -20.99
N GLU B 15 2.18 -6.04 -20.21
CA GLU B 15 3.10 -5.99 -19.08
C GLU B 15 4.54 -6.13 -19.56
N ASN B 16 5.20 -7.22 -19.16
CA ASN B 16 6.59 -7.49 -19.53
C ASN B 16 7.56 -6.49 -18.90
N LEU B 17 8.82 -6.91 -18.79
CA LEU B 17 9.90 -6.06 -18.29
C LEU B 17 9.54 -5.47 -16.91
N TYR B 18 9.38 -6.34 -15.92
CA TYR B 18 9.04 -5.90 -14.58
C TYR B 18 10.10 -6.40 -13.62
N PHE B 19 10.58 -5.50 -12.76
CA PHE B 19 11.69 -5.79 -11.84
C PHE B 19 12.98 -6.09 -12.61
N GLN B 20 12.99 -5.69 -13.88
CA GLN B 20 14.16 -5.84 -14.71
C GLN B 20 14.73 -4.46 -15.06
N GLY B 21 13.82 -3.51 -15.25
CA GLY B 21 14.24 -2.17 -15.62
C GLY B 21 13.13 -1.16 -15.42
N MET B 22 11.91 -1.55 -15.82
CA MET B 22 10.72 -0.70 -15.70
C MET B 22 10.68 0.36 -16.81
N THR B 23 9.51 0.47 -17.44
CA THR B 23 9.32 1.44 -18.51
C THR B 23 8.22 2.44 -18.12
N ASP B 24 7.80 3.26 -19.08
CA ASP B 24 6.81 4.32 -18.86
C ASP B 24 5.52 3.79 -18.24
N THR B 25 5.04 2.67 -18.76
CA THR B 25 3.79 2.09 -18.31
C THR B 25 3.88 1.60 -16.85
N ALA B 26 5.07 1.16 -16.46
CA ALA B 26 5.27 0.63 -15.12
C ALA B 26 5.09 1.71 -14.06
N ALA B 27 5.23 2.95 -14.48
CA ALA B 27 5.08 4.08 -13.56
C ALA B 27 3.66 4.19 -13.05
N GLU B 28 2.69 3.77 -13.85
CA GLU B 28 1.30 3.87 -13.46
C GLU B 28 0.92 2.76 -12.49
N ASP B 29 1.48 1.59 -12.69
CA ASP B 29 1.22 0.45 -11.80
C ASP B 29 1.75 0.73 -10.40
N VAL B 30 3.02 1.09 -10.32
CA VAL B 30 3.67 1.36 -9.04
C VAL B 30 3.03 2.55 -8.33
N ARG B 31 2.59 3.56 -9.09
CA ARG B 31 1.94 4.71 -8.48
C ARG B 31 0.54 4.35 -8.00
N LYS B 32 -0.11 3.41 -8.67
CA LYS B 32 -1.47 3.01 -8.33
C LYS B 32 -1.49 2.34 -6.95
N ILE B 33 -0.56 1.43 -6.72
CA ILE B 33 -0.48 0.76 -5.42
C ILE B 33 -0.06 1.73 -4.32
N ALA B 34 0.79 2.68 -4.67
CA ALA B 34 1.25 3.69 -3.72
C ALA B 34 0.12 4.63 -3.34
N THR B 35 -0.76 4.90 -4.30
CA THR B 35 -1.92 5.74 -4.06
C THR B 35 -2.99 4.98 -3.28
N ALA B 36 -3.04 3.67 -3.50
CA ALA B 36 -4.04 2.81 -2.87
C ALA B 36 -3.91 2.82 -1.35
N LEU B 37 -2.68 2.75 -0.85
CA LEU B 37 -2.45 2.74 0.58
C LEU B 37 -2.83 4.10 1.18
N LEU B 38 -2.67 5.16 0.40
CA LEU B 38 -3.02 6.50 0.83
C LEU B 38 -4.52 6.75 0.70
N LYS B 39 -5.14 6.01 -0.21
CA LYS B 39 -6.57 6.13 -0.48
C LYS B 39 -7.39 5.91 0.79
N THR B 40 -6.97 4.98 1.62
CA THR B 40 -7.63 4.74 2.88
C THR B 40 -6.70 5.13 4.04
N ALA B 41 -5.66 4.32 4.29
CA ALA B 41 -4.60 4.62 5.27
C ALA B 41 -5.07 4.60 6.73
N ILE B 42 -6.23 5.19 6.99
CA ILE B 42 -6.69 5.40 8.35
C ILE B 42 -8.04 4.75 8.60
N GLU B 43 -8.05 3.59 9.25
CA GLU B 43 -9.30 2.97 9.69
C GLU B 43 -9.37 2.97 11.22
N ILE B 44 -10.44 2.43 11.78
CA ILE B 44 -10.64 2.47 13.21
C ILE B 44 -10.49 1.10 13.88
N VAL B 45 -9.90 1.10 15.07
CA VAL B 45 -9.91 -0.06 15.94
C VAL B 45 -10.77 0.25 17.16
N SER B 46 -11.67 -0.66 17.50
CA SER B 46 -12.66 -0.38 18.53
C SER B 46 -12.16 -0.73 19.93
N GLU B 47 -12.42 0.17 20.88
CA GLU B 47 -12.13 -0.07 22.28
C GLU B 47 -13.12 -1.08 22.83
N GLU B 48 -12.72 -1.82 23.86
CA GLU B 48 -13.59 -2.83 24.42
C GLU B 48 -14.60 -2.20 25.37
N ASP B 49 -14.16 -1.18 26.10
CA ASP B 49 -15.05 -0.45 27.01
C ASP B 49 -16.06 0.36 26.22
N GLY B 50 -15.60 1.07 25.20
CA GLY B 50 -16.51 1.86 24.38
C GLY B 50 -15.83 3.05 23.74
N GLY B 51 -15.34 2.86 22.52
CA GLY B 51 -14.66 3.91 21.80
C GLY B 51 -14.00 3.37 20.57
N ALA B 52 -13.26 4.22 19.87
CA ALA B 52 -12.57 3.80 18.65
C ALA B 52 -11.32 4.65 18.41
N HIS B 53 -10.27 4.00 17.94
CA HIS B 53 -9.05 4.70 17.58
C HIS B 53 -8.91 4.76 16.07
N ASN B 54 -9.02 5.96 15.53
CA ASN B 54 -8.83 6.16 14.11
C ASN B 54 -7.38 6.60 13.88
N GLN B 55 -6.55 5.71 13.37
CA GLN B 55 -5.14 5.98 13.24
C GLN B 55 -4.52 5.12 12.16
N CYS B 56 -3.39 5.57 11.63
CA CYS B 56 -2.63 4.79 10.67
C CYS B 56 -1.94 3.67 11.41
N LYS B 57 -2.21 2.44 11.00
CA LYS B 57 -1.75 1.25 11.73
C LYS B 57 -0.22 1.15 11.79
N LEU B 58 0.47 1.97 11.01
CA LEU B 58 1.92 2.04 11.11
C LEU B 58 2.31 2.98 12.25
N CYS B 59 2.76 4.18 11.90
CA CYS B 59 3.08 5.20 12.90
C CYS B 59 2.89 6.58 12.29
N GLY B 60 2.23 6.62 11.13
CA GLY B 60 2.17 7.83 10.35
C GLY B 60 1.02 8.74 10.72
N ALA B 61 0.07 8.24 11.50
CA ALA B 61 -1.07 9.05 11.92
C ALA B 61 -1.70 8.53 13.20
N SER B 62 -1.90 9.43 14.16
CA SER B 62 -2.69 9.12 15.34
C SER B 62 -3.56 10.33 15.69
N VAL B 63 -4.86 10.10 15.75
CA VAL B 63 -5.81 11.18 16.03
C VAL B 63 -6.99 10.65 16.84
N PRO B 64 -7.44 11.42 17.85
CA PRO B 64 -8.65 11.07 18.60
C PRO B 64 -9.89 11.11 17.72
N TRP B 65 -10.79 10.15 17.91
CA TRP B 65 -12.01 10.07 17.12
C TRP B 65 -12.95 11.22 17.44
N LEU B 66 -12.65 11.94 18.52
CA LEU B 66 -13.42 13.10 18.92
C LEU B 66 -12.81 14.37 18.34
N GLN B 67 -12.04 14.22 17.26
CA GLN B 67 -11.39 15.35 16.62
C GLN B 67 -11.36 15.14 15.11
N THR B 68 -11.12 16.20 14.37
CA THR B 68 -10.99 16.11 12.92
C THR B 68 -9.61 15.58 12.54
N GLY B 69 -9.55 14.84 11.45
CA GLY B 69 -8.29 14.31 10.97
C GLY B 69 -8.17 14.47 9.46
N ASP B 70 -7.40 15.47 9.03
CA ASP B 70 -7.28 15.75 7.61
C ASP B 70 -5.87 16.19 7.26
N GLU B 71 -5.39 17.19 7.98
CA GLU B 71 -4.07 17.78 7.73
C GLU B 71 -3.04 17.26 8.72
N ILE B 72 -3.29 16.07 9.25
CA ILE B 72 -2.42 15.47 10.24
C ILE B 72 -1.05 15.11 9.64
N LYS B 73 0.02 15.49 10.35
CA LYS B 73 1.37 15.22 9.88
C LYS B 73 1.70 13.74 9.97
N HIS B 74 2.67 13.32 9.16
CA HIS B 74 3.00 11.90 9.08
C HIS B 74 4.45 11.67 9.47
N ALA B 75 4.67 10.56 10.17
CA ALA B 75 5.99 10.20 10.65
C ALA B 75 6.94 9.87 9.51
N ASP B 76 8.19 10.24 9.70
CA ASP B 76 9.24 9.99 8.71
C ASP B 76 9.73 8.55 8.82
N ASP B 77 9.22 7.88 9.84
CA ASP B 77 9.57 6.49 10.14
C ASP B 77 8.91 5.53 9.16
N CYS B 78 7.95 6.05 8.41
CA CYS B 78 7.18 5.22 7.49
C CYS B 78 7.71 5.35 6.06
N PRO B 79 7.66 4.26 5.28
CA PRO B 79 8.14 4.23 3.90
C PRO B 79 7.28 5.07 2.94
N VAL B 80 6.28 5.75 3.50
CA VAL B 80 5.42 6.63 2.73
C VAL B 80 6.23 7.74 2.08
N VAL B 81 7.31 8.14 2.77
CA VAL B 81 8.23 9.14 2.26
C VAL B 81 8.71 8.78 0.86
N ILE B 82 9.09 7.52 0.69
CA ILE B 82 9.61 7.03 -0.58
C ILE B 82 8.52 7.08 -1.65
N ALA B 83 7.32 6.65 -1.27
CA ALA B 83 6.19 6.64 -2.18
C ALA B 83 5.91 8.03 -2.73
N LYS B 84 5.94 9.03 -1.85
CA LYS B 84 5.71 10.42 -2.23
C LYS B 84 6.63 10.82 -3.37
N GLN B 85 7.92 10.59 -3.17
CA GLN B 85 8.94 10.93 -4.15
C GLN B 85 8.76 10.15 -5.44
N ILE B 86 8.43 8.86 -5.33
CA ILE B 86 8.25 8.01 -6.50
C ILE B 86 7.05 8.44 -7.35
N LEU B 87 5.89 8.59 -6.72
CA LEU B 87 4.65 8.85 -7.46
C LEU B 87 4.62 10.25 -8.07
N SER B 88 5.48 11.13 -7.58
CA SER B 88 5.52 12.49 -8.09
C SER B 88 6.09 12.53 -9.51
N SER B 89 7.25 11.88 -9.70
CA SER B 89 7.99 11.89 -10.96
C SER B 89 8.26 13.32 -11.46
N ARG B 90 8.92 13.43 -12.61
CA ARG B 90 9.23 14.73 -13.22
C ARG B 90 10.03 15.59 -12.24
N PRO B 91 11.37 15.45 -12.25
CA PRO B 91 12.26 16.04 -11.23
C PRO B 91 12.34 17.57 -11.29
N LYS B 92 11.32 18.21 -10.75
CA LYS B 92 11.29 19.67 -10.59
C LYS B 92 10.36 20.03 -9.45
N LEU B 93 10.20 21.32 -9.20
CA LEU B 93 9.22 21.79 -8.24
C LEU B 93 7.83 21.60 -8.84
N HIS B 94 7.03 20.75 -8.20
CA HIS B 94 5.72 20.37 -8.73
C HIS B 94 4.90 21.60 -9.12
N ALA B 95 4.49 21.64 -10.37
CA ALA B 95 3.80 22.79 -10.93
C ALA B 95 2.29 22.61 -10.84
N VAL B 96 1.57 23.60 -11.37
CA VAL B 96 0.11 23.59 -11.37
C VAL B 96 -0.39 22.78 -12.55
N MET A 1 -9.19 -3.85 22.04
CA MET A 1 -9.51 -2.40 21.94
C MET A 1 -8.26 -1.59 21.58
N GLY A 2 -7.31 -1.55 22.51
CA GLY A 2 -6.12 -0.75 22.30
C GLY A 2 -4.92 -1.57 21.89
N SER A 3 -4.05 -0.99 21.07
CA SER A 3 -2.83 -1.65 20.65
C SER A 3 -1.79 -0.61 20.21
N SER A 4 -2.11 0.66 20.42
CA SER A 4 -1.32 1.75 19.89
C SER A 4 -0.19 2.16 20.84
N HIS A 5 1.01 1.69 20.54
CA HIS A 5 2.21 2.14 21.24
C HIS A 5 2.99 3.05 20.31
N HIS A 6 2.74 4.35 20.40
CA HIS A 6 3.28 5.30 19.44
C HIS A 6 4.77 5.51 19.66
N HIS A 7 5.51 5.62 18.57
CA HIS A 7 6.94 5.85 18.61
C HIS A 7 7.43 6.40 17.28
N HIS A 8 8.72 6.64 17.17
CA HIS A 8 9.30 7.16 15.95
C HIS A 8 10.26 6.16 15.34
N HIS A 9 10.99 6.59 14.32
CA HIS A 9 11.97 5.76 13.65
C HIS A 9 13.24 6.56 13.41
N HIS A 10 13.88 6.35 12.26
CA HIS A 10 15.12 7.05 11.96
C HIS A 10 14.81 8.42 11.36
N SER A 11 14.05 8.42 10.26
CA SER A 11 13.69 9.64 9.54
C SER A 11 14.93 10.31 8.91
N SER A 12 14.70 11.44 8.25
CA SER A 12 15.77 12.21 7.61
C SER A 12 16.33 11.48 6.39
N GLY A 13 17.26 12.12 5.69
CA GLY A 13 17.93 11.50 4.56
C GLY A 13 17.59 12.19 3.25
N ARG A 14 16.30 12.20 2.92
CA ARG A 14 15.81 12.83 1.70
C ARG A 14 16.31 12.10 0.45
N GLU A 15 16.36 10.77 0.51
CA GLU A 15 16.73 9.96 -0.65
C GLU A 15 15.67 10.08 -1.73
N ASN A 16 16.10 10.34 -2.96
CA ASN A 16 15.18 10.39 -4.09
C ASN A 16 15.59 9.36 -5.14
N LEU A 17 14.68 8.45 -5.44
CA LEU A 17 14.92 7.42 -6.43
C LEU A 17 13.76 7.36 -7.41
N TYR A 18 14.09 7.32 -8.69
CA TYR A 18 13.06 7.30 -9.72
C TYR A 18 13.23 6.08 -10.62
N PHE A 19 12.21 5.80 -11.41
CA PHE A 19 12.20 4.61 -12.27
C PHE A 19 13.30 4.67 -13.34
N GLN A 20 13.81 5.86 -13.59
CA GLN A 20 14.92 6.02 -14.52
C GLN A 20 16.22 5.73 -13.80
N GLY A 21 16.69 4.50 -13.92
CA GLY A 21 17.86 4.05 -13.19
C GLY A 21 17.52 2.87 -12.31
N MET A 22 17.23 3.17 -11.04
CA MET A 22 16.82 2.16 -10.04
C MET A 22 17.91 1.19 -9.65
N THR A 23 18.75 0.81 -10.60
CA THR A 23 19.92 0.00 -10.31
C THR A 23 19.53 -1.46 -10.03
N ASP A 24 18.86 -1.68 -8.91
CA ASP A 24 18.48 -3.02 -8.47
C ASP A 24 17.50 -2.95 -7.31
N THR A 25 17.64 -1.91 -6.49
CA THR A 25 16.87 -1.75 -5.27
C THR A 25 15.37 -1.52 -5.54
N ALA A 26 15.02 -1.38 -6.81
CA ALA A 26 13.62 -1.18 -7.21
C ALA A 26 12.73 -2.30 -6.68
N ALA A 27 13.26 -3.51 -6.66
CA ALA A 27 12.49 -4.66 -6.18
C ALA A 27 12.36 -4.62 -4.66
N GLU A 28 13.34 -4.03 -4.01
CA GLU A 28 13.38 -3.97 -2.56
C GLU A 28 12.27 -3.05 -2.05
N ASP A 29 12.28 -1.80 -2.52
CA ASP A 29 11.38 -0.77 -2.02
C ASP A 29 9.91 -1.08 -2.33
N VAL A 30 9.67 -1.88 -3.37
CA VAL A 30 8.30 -2.30 -3.69
C VAL A 30 7.76 -3.26 -2.62
N ARG A 31 8.58 -4.23 -2.21
CA ARG A 31 8.19 -5.13 -1.12
C ARG A 31 8.09 -4.31 0.16
N LYS A 32 9.04 -3.39 0.28
CA LYS A 32 9.17 -2.49 1.40
C LYS A 32 7.86 -1.75 1.69
N ILE A 33 7.27 -1.15 0.65
CA ILE A 33 6.00 -0.44 0.82
C ILE A 33 4.84 -1.42 1.02
N ALA A 34 4.93 -2.58 0.38
CA ALA A 34 3.88 -3.60 0.51
C ALA A 34 3.85 -4.19 1.92
N THR A 35 5.01 -4.24 2.56
CA THR A 35 5.13 -4.79 3.91
C THR A 35 4.22 -4.04 4.88
N ALA A 36 4.00 -2.76 4.63
CA ALA A 36 3.14 -1.95 5.49
C ALA A 36 1.71 -2.49 5.51
N LEU A 37 1.19 -2.82 4.34
CA LEU A 37 -0.18 -3.31 4.23
C LEU A 37 -0.27 -4.77 4.64
N LEU A 38 0.84 -5.49 4.55
CA LEU A 38 0.91 -6.86 5.06
C LEU A 38 0.93 -6.87 6.59
N LYS A 39 1.45 -5.80 7.17
CA LYS A 39 1.56 -5.70 8.61
C LYS A 39 0.30 -5.12 9.25
N THR A 40 -0.28 -4.12 8.61
CA THR A 40 -1.47 -3.48 9.13
C THR A 40 -2.51 -3.28 8.03
N ALA A 41 -2.43 -2.13 7.36
CA ALA A 41 -3.38 -1.73 6.31
C ALA A 41 -4.80 -1.54 6.85
N ILE A 42 -5.39 -2.63 7.30
CA ILE A 42 -6.78 -2.68 7.74
C ILE A 42 -7.07 -1.62 8.80
N GLU A 43 -8.04 -0.76 8.52
CA GLU A 43 -8.39 0.33 9.42
C GLU A 43 -9.70 0.03 10.16
N ILE A 44 -9.95 0.78 11.20
CA ILE A 44 -11.16 0.61 11.99
C ILE A 44 -11.90 1.94 12.08
N VAL A 45 -13.09 1.97 11.51
CA VAL A 45 -13.88 3.19 11.50
C VAL A 45 -14.67 3.33 12.79
N SER A 46 -14.47 4.45 13.47
CA SER A 46 -15.19 4.73 14.68
C SER A 46 -16.45 5.51 14.38
N GLU A 47 -17.57 4.87 14.58
CA GLU A 47 -18.86 5.51 14.35
C GLU A 47 -19.34 6.17 15.64
N GLU A 48 -19.92 7.37 15.49
CA GLU A 48 -20.38 8.15 16.61
C GLU A 48 -21.31 7.34 17.51
N ASP A 49 -22.27 6.67 16.89
CA ASP A 49 -23.22 5.85 17.62
C ASP A 49 -23.21 4.41 17.10
N GLY A 50 -22.83 4.25 15.85
CA GLY A 50 -22.79 2.93 15.24
C GLY A 50 -21.76 2.02 15.86
N GLY A 51 -20.76 2.61 16.51
CA GLY A 51 -19.76 1.83 17.20
C GLY A 51 -18.53 1.63 16.35
N ALA A 52 -17.61 0.86 16.88
CA ALA A 52 -16.38 0.52 16.18
C ALA A 52 -16.64 -0.58 15.16
N HIS A 53 -16.18 -0.37 13.93
CA HIS A 53 -16.35 -1.35 12.87
C HIS A 53 -15.06 -1.50 12.08
N ASN A 54 -14.75 -2.72 11.67
CA ASN A 54 -13.50 -2.99 10.97
C ASN A 54 -13.71 -2.98 9.46
N GLN A 55 -12.88 -2.22 8.76
CA GLN A 55 -13.03 -2.03 7.31
C GLN A 55 -11.77 -2.49 6.60
N CYS A 56 -11.90 -2.87 5.34
CA CYS A 56 -10.75 -3.26 4.54
C CYS A 56 -10.35 -2.15 3.58
N LYS A 57 -9.14 -2.24 3.06
CA LYS A 57 -8.63 -1.26 2.12
C LYS A 57 -8.85 -1.73 0.70
N LEU A 58 -10.05 -1.47 0.22
CA LEU A 58 -10.46 -1.79 -1.14
C LEU A 58 -10.71 -3.28 -1.30
N CYS A 59 -11.98 -3.61 -1.37
CA CYS A 59 -12.46 -4.98 -1.46
C CYS A 59 -13.98 -4.98 -1.33
N GLY A 60 -14.48 -4.00 -0.60
CA GLY A 60 -15.92 -3.87 -0.42
C GLY A 60 -16.45 -4.88 0.56
N ALA A 61 -15.64 -5.21 1.55
CA ALA A 61 -16.00 -6.23 2.54
C ALA A 61 -15.76 -5.70 3.95
N SER A 62 -16.43 -6.30 4.91
CA SER A 62 -16.29 -5.89 6.30
C SER A 62 -16.39 -7.10 7.22
N VAL A 63 -15.82 -6.96 8.41
CA VAL A 63 -15.80 -8.04 9.40
C VAL A 63 -15.78 -7.45 10.80
N PRO A 64 -16.48 -8.06 11.77
CA PRO A 64 -16.41 -7.64 13.17
C PRO A 64 -14.97 -7.56 13.67
N TRP A 65 -14.64 -6.45 14.33
CA TRP A 65 -13.26 -6.20 14.78
C TRP A 65 -12.82 -7.19 15.85
N LEU A 66 -13.77 -8.00 16.31
CA LEU A 66 -13.46 -9.08 17.26
C LEU A 66 -12.64 -10.16 16.58
N GLN A 67 -12.81 -10.30 15.27
CA GLN A 67 -12.13 -11.31 14.50
C GLN A 67 -10.89 -10.73 13.81
N THR A 68 -10.29 -11.50 12.93
CA THR A 68 -9.10 -11.07 12.23
C THR A 68 -9.47 -10.40 10.92
N GLY A 69 -8.49 -9.82 10.25
CA GLY A 69 -8.76 -9.09 9.03
C GLY A 69 -8.33 -9.84 7.79
N ASP A 70 -9.05 -9.58 6.69
CA ASP A 70 -8.73 -10.15 5.38
C ASP A 70 -9.03 -11.65 5.34
N GLU A 71 -9.74 -12.14 6.34
CA GLU A 71 -10.11 -13.55 6.39
C GLU A 71 -11.27 -13.83 5.46
N ILE A 72 -11.89 -12.78 4.96
CA ILE A 72 -13.02 -12.90 4.05
C ILE A 72 -12.53 -12.86 2.60
N LYS A 73 -13.26 -13.52 1.71
CA LYS A 73 -12.90 -13.57 0.29
C LYS A 73 -12.59 -12.19 -0.28
N HIS A 74 -11.49 -12.11 -1.01
CA HIS A 74 -11.03 -10.86 -1.59
C HIS A 74 -11.61 -10.67 -2.99
N ALA A 75 -11.24 -9.57 -3.63
CA ALA A 75 -11.64 -9.31 -5.01
C ALA A 75 -10.42 -8.96 -5.84
N ASP A 76 -10.46 -9.36 -7.11
CA ASP A 76 -9.33 -9.14 -8.03
C ASP A 76 -9.33 -7.70 -8.53
N ASP A 77 -10.46 -7.04 -8.33
CA ASP A 77 -10.63 -5.64 -8.73
C ASP A 77 -9.76 -4.71 -7.88
N CYS A 78 -9.28 -5.23 -6.76
CA CYS A 78 -8.55 -4.43 -5.79
C CYS A 78 -7.04 -4.45 -6.07
N PRO A 79 -6.44 -3.26 -6.21
CA PRO A 79 -5.00 -3.11 -6.51
C PRO A 79 -4.09 -3.72 -5.44
N VAL A 80 -4.67 -4.01 -4.28
CA VAL A 80 -3.93 -4.66 -3.20
C VAL A 80 -3.44 -6.04 -3.61
N VAL A 81 -4.18 -6.69 -4.51
CA VAL A 81 -3.80 -8.00 -5.02
C VAL A 81 -2.52 -7.89 -5.86
N ILE A 82 -2.33 -6.73 -6.49
CA ILE A 82 -1.13 -6.47 -7.27
C ILE A 82 0.09 -6.51 -6.35
N ALA A 83 -0.01 -5.85 -5.21
CA ALA A 83 1.10 -5.77 -4.25
C ALA A 83 1.56 -7.15 -3.79
N LYS A 84 0.61 -7.99 -3.39
CA LYS A 84 0.92 -9.34 -2.92
C LYS A 84 1.43 -10.22 -4.08
N GLN A 85 0.97 -9.91 -5.28
CA GLN A 85 1.42 -10.62 -6.47
C GLN A 85 2.87 -10.26 -6.79
N ILE A 86 3.21 -8.99 -6.64
CA ILE A 86 4.55 -8.51 -6.92
C ILE A 86 5.58 -9.13 -5.99
N LEU A 87 5.28 -9.12 -4.69
CA LEU A 87 6.23 -9.67 -3.70
C LEU A 87 6.33 -11.20 -3.84
N SER A 88 5.32 -11.80 -4.46
CA SER A 88 5.36 -13.22 -4.76
C SER A 88 6.14 -13.44 -6.04
N SER A 89 5.94 -12.52 -6.98
CA SER A 89 6.62 -12.52 -8.28
C SER A 89 6.15 -13.70 -9.13
N ARG A 90 6.80 -13.89 -10.27
CA ARG A 90 6.43 -14.91 -11.24
C ARG A 90 5.00 -14.67 -11.73
N PRO A 91 4.82 -13.72 -12.67
CA PRO A 91 3.49 -13.31 -13.15
C PRO A 91 2.79 -14.41 -13.94
N LYS A 92 1.62 -14.80 -13.45
CA LYS A 92 0.82 -15.83 -14.08
C LYS A 92 -0.65 -15.63 -13.73
N LEU A 93 -1.54 -16.16 -14.56
CA LEU A 93 -2.99 -16.12 -14.32
C LEU A 93 -3.53 -14.69 -14.44
N HIS A 94 -4.17 -14.41 -15.56
CA HIS A 94 -4.75 -13.08 -15.81
C HIS A 94 -6.27 -13.15 -15.79
N ALA A 95 -6.80 -14.01 -14.94
CA ALA A 95 -8.24 -14.21 -14.83
C ALA A 95 -8.92 -13.02 -14.16
N VAL A 96 -9.51 -12.17 -14.97
CA VAL A 96 -10.22 -10.99 -14.48
C VAL A 96 -11.59 -10.89 -15.13
N MET B 1 -17.65 10.00 8.56
CA MET B 1 -16.26 10.22 8.11
C MET B 1 -15.98 9.47 6.82
N GLY B 2 -15.61 10.20 5.78
CA GLY B 2 -15.31 9.57 4.50
C GLY B 2 -15.73 10.42 3.32
N SER B 3 -15.50 11.73 3.43
CA SER B 3 -15.85 12.66 2.36
C SER B 3 -14.98 12.42 1.13
N SER B 4 -15.58 11.88 0.09
CA SER B 4 -14.87 11.56 -1.13
C SER B 4 -15.09 12.65 -2.18
N HIS B 5 -14.37 12.54 -3.28
CA HIS B 5 -14.49 13.48 -4.37
C HIS B 5 -14.70 12.73 -5.67
N HIS B 6 -15.91 12.79 -6.20
CA HIS B 6 -16.27 12.00 -7.37
C HIS B 6 -15.72 12.64 -8.65
N HIS B 7 -14.61 12.09 -9.11
CA HIS B 7 -14.00 12.51 -10.37
C HIS B 7 -13.40 11.28 -11.06
N HIS B 8 -14.26 10.39 -11.51
CA HIS B 8 -13.81 9.13 -12.07
C HIS B 8 -13.64 9.24 -13.59
N HIS B 9 -12.49 9.72 -13.99
CA HIS B 9 -12.14 9.83 -15.40
C HIS B 9 -11.87 8.45 -15.97
N HIS B 10 -12.23 8.23 -17.23
CA HIS B 10 -11.99 6.93 -17.86
C HIS B 10 -10.52 6.76 -18.18
N SER B 11 -9.77 6.30 -17.20
CA SER B 11 -8.36 6.06 -17.36
C SER B 11 -8.11 4.73 -18.05
N SER B 12 -7.54 4.79 -19.24
CA SER B 12 -7.16 3.59 -19.96
C SER B 12 -5.66 3.35 -19.77
N GLY B 13 -5.33 2.37 -18.95
CA GLY B 13 -3.93 2.07 -18.64
C GLY B 13 -3.16 1.63 -19.86
N ARG B 14 -1.93 2.08 -19.97
CA ARG B 14 -1.11 1.76 -21.12
C ARG B 14 -0.11 0.66 -20.80
N GLU B 15 -0.39 -0.54 -21.31
CA GLU B 15 0.53 -1.68 -21.22
C GLU B 15 0.80 -2.07 -19.76
N ASN B 16 1.92 -2.76 -19.56
CA ASN B 16 2.35 -3.21 -18.24
C ASN B 16 3.71 -3.86 -18.38
N LEU B 17 4.62 -3.57 -17.46
CA LEU B 17 5.97 -4.09 -17.55
C LEU B 17 6.52 -4.35 -16.15
N TYR B 18 7.58 -5.13 -16.07
CA TYR B 18 8.10 -5.60 -14.80
C TYR B 18 9.40 -4.90 -14.42
N PHE B 19 10.11 -5.44 -13.43
CA PHE B 19 11.35 -4.86 -12.95
C PHE B 19 12.44 -4.92 -14.02
N GLN B 20 13.38 -3.99 -13.93
CA GLN B 20 14.47 -3.86 -14.89
C GLN B 20 13.94 -3.63 -16.31
N GLY B 21 12.74 -3.08 -16.37
CA GLY B 21 12.18 -2.63 -17.63
C GLY B 21 11.46 -1.32 -17.41
N MET B 22 12.16 -0.37 -16.82
CA MET B 22 11.54 0.85 -16.37
C MET B 22 11.92 2.04 -17.24
N THR B 23 10.90 2.71 -17.75
CA THR B 23 11.07 3.88 -18.59
C THR B 23 9.85 4.79 -18.51
N ASP B 24 8.67 4.19 -18.49
CA ASP B 24 7.42 4.95 -18.49
C ASP B 24 6.26 4.14 -17.92
N THR B 25 6.01 2.99 -18.53
CA THR B 25 4.91 2.11 -18.14
C THR B 25 4.98 1.69 -16.67
N ALA B 26 6.11 1.13 -16.27
CA ALA B 26 6.31 0.63 -14.91
C ALA B 26 6.03 1.70 -13.84
N ALA B 27 6.17 2.96 -14.22
CA ALA B 27 5.93 4.07 -13.29
C ALA B 27 4.46 4.18 -12.95
N GLU B 28 3.61 3.77 -13.89
CA GLU B 28 2.17 3.88 -13.73
C GLU B 28 1.64 2.75 -12.86
N ASP B 29 2.15 1.54 -13.09
CA ASP B 29 1.74 0.36 -12.33
C ASP B 29 2.06 0.52 -10.84
N VAL B 30 3.26 0.98 -10.54
CA VAL B 30 3.68 1.16 -9.15
C VAL B 30 2.94 2.35 -8.52
N ARG B 31 2.64 3.35 -9.33
CA ARG B 31 1.92 4.52 -8.85
C ARG B 31 0.50 4.15 -8.44
N LYS B 32 -0.04 3.14 -9.11
CA LYS B 32 -1.41 2.68 -8.87
C LYS B 32 -1.63 2.28 -7.41
N ILE B 33 -0.74 1.46 -6.89
CA ILE B 33 -0.85 1.01 -5.50
C ILE B 33 -0.51 2.13 -4.53
N ALA B 34 0.38 3.02 -4.94
CA ALA B 34 0.79 4.15 -4.12
C ALA B 34 -0.34 5.16 -3.96
N THR B 35 -1.17 5.28 -4.98
CA THR B 35 -2.30 6.20 -4.98
C THR B 35 -3.29 5.91 -3.85
N ALA B 36 -3.36 4.64 -3.44
CA ALA B 36 -4.32 4.20 -2.43
C ALA B 36 -4.11 4.89 -1.08
N LEU B 37 -2.87 5.18 -0.72
CA LEU B 37 -2.57 5.76 0.58
C LEU B 37 -3.12 7.18 0.71
N LEU B 38 -3.30 7.85 -0.43
CA LEU B 38 -3.85 9.21 -0.44
C LEU B 38 -5.29 9.21 0.07
N LYS B 39 -5.97 8.07 -0.08
CA LYS B 39 -7.35 7.95 0.31
C LYS B 39 -7.47 7.45 1.75
N THR B 40 -6.52 6.63 2.16
CA THR B 40 -6.53 6.06 3.49
C THR B 40 -5.14 5.61 3.92
N ALA B 41 -4.44 6.52 4.57
CA ALA B 41 -3.17 6.20 5.22
C ALA B 41 -3.21 6.67 6.66
N ILE B 42 -4.39 7.09 7.08
CA ILE B 42 -4.58 7.68 8.39
C ILE B 42 -5.70 6.96 9.16
N GLU B 43 -5.54 6.84 10.47
CA GLU B 43 -6.53 6.21 11.31
C GLU B 43 -7.30 7.28 12.09
N ILE B 44 -8.58 7.04 12.31
CA ILE B 44 -9.38 7.95 13.11
C ILE B 44 -9.79 7.30 14.42
N VAL B 45 -9.24 7.83 15.50
CA VAL B 45 -9.59 7.38 16.83
C VAL B 45 -10.45 8.43 17.51
N SER B 46 -11.73 8.14 17.64
CA SER B 46 -12.65 9.06 18.27
C SER B 46 -12.78 8.72 19.74
N GLU B 47 -12.87 9.75 20.57
CA GLU B 47 -12.90 9.58 22.00
C GLU B 47 -14.26 9.07 22.49
N GLU B 48 -14.35 8.88 23.79
CA GLU B 48 -15.54 8.33 24.43
C GLU B 48 -16.67 9.35 24.45
N ASP B 49 -16.33 10.58 24.78
CA ASP B 49 -17.30 11.68 24.80
C ASP B 49 -16.78 12.90 24.04
N GLY B 50 -15.46 12.99 23.90
CA GLY B 50 -14.86 14.13 23.23
C GLY B 50 -15.14 14.18 21.74
N GLY B 51 -14.17 13.79 20.93
CA GLY B 51 -14.34 13.82 19.49
C GLY B 51 -13.32 12.97 18.78
N ALA B 52 -13.26 13.12 17.48
CA ALA B 52 -12.35 12.34 16.64
C ALA B 52 -10.93 12.88 16.72
N HIS B 53 -9.97 12.03 16.38
CA HIS B 53 -8.57 12.42 16.37
C HIS B 53 -7.86 11.82 15.17
N ASN B 54 -7.03 12.61 14.51
CA ASN B 54 -6.30 12.16 13.34
C ASN B 54 -4.96 11.56 13.75
N GLN B 55 -4.77 10.28 13.47
CA GLN B 55 -3.54 9.60 13.86
C GLN B 55 -2.85 8.97 12.66
N CYS B 56 -1.57 9.28 12.50
CA CYS B 56 -0.74 8.59 11.53
C CYS B 56 -0.49 7.17 12.01
N LYS B 57 -1.26 6.23 11.49
CA LYS B 57 -1.33 4.88 12.03
C LYS B 57 -0.02 4.12 11.77
N LEU B 58 0.74 4.57 10.79
CA LEU B 58 1.93 3.86 10.38
C LEU B 58 3.15 4.25 11.23
N CYS B 59 2.93 5.01 12.28
CA CYS B 59 4.01 5.46 13.15
C CYS B 59 3.51 5.73 14.56
N GLY B 60 2.37 6.38 14.65
CA GLY B 60 1.85 6.77 15.94
C GLY B 60 2.07 8.25 16.20
N ALA B 61 1.47 9.08 15.35
CA ALA B 61 1.57 10.52 15.51
C ALA B 61 0.20 11.14 15.42
N SER B 62 -0.11 12.01 16.37
CA SER B 62 -1.42 12.63 16.43
C SER B 62 -1.35 14.07 15.90
N VAL B 63 -2.32 14.43 15.09
CA VAL B 63 -2.42 15.78 14.55
C VAL B 63 -3.88 16.24 14.56
N PRO B 64 -4.13 17.50 14.95
CA PRO B 64 -5.49 18.06 14.97
C PRO B 64 -6.24 17.86 13.66
N TRP B 65 -7.48 17.39 13.78
CA TRP B 65 -8.31 17.15 12.61
C TRP B 65 -8.79 18.48 12.02
N LEU B 66 -9.29 18.43 10.79
CA LEU B 66 -9.64 19.63 10.02
C LEU B 66 -8.38 20.37 9.58
N GLN B 67 -7.26 19.65 9.58
CA GLN B 67 -6.00 20.16 9.08
C GLN B 67 -5.52 19.25 7.96
N THR B 68 -4.59 19.72 7.12
CA THR B 68 -4.15 18.95 5.96
C THR B 68 -3.23 17.80 6.37
N GLY B 69 -2.55 17.93 7.50
CA GLY B 69 -1.72 16.85 8.01
C GLY B 69 -0.44 16.67 7.21
N ASP B 70 0.33 15.63 7.55
CA ASP B 70 1.61 15.30 6.88
C ASP B 70 2.71 16.30 7.25
N GLU B 71 2.31 17.53 7.55
CA GLU B 71 3.22 18.61 7.93
C GLU B 71 4.08 18.23 9.13
N ILE B 72 3.47 17.52 10.08
CA ILE B 72 4.17 17.06 11.28
C ILE B 72 5.32 16.13 10.90
N LYS B 73 6.47 16.32 11.53
CA LYS B 73 7.62 15.48 11.23
C LYS B 73 7.38 14.05 11.66
N HIS B 74 7.15 13.23 10.65
CA HIS B 74 6.82 11.82 10.82
C HIS B 74 8.07 10.97 10.79
N ALA B 75 7.90 9.66 10.83
CA ALA B 75 8.99 8.74 10.58
C ALA B 75 9.13 8.54 9.08
N ASP B 76 10.26 8.97 8.53
CA ASP B 76 10.48 8.90 7.09
C ASP B 76 10.72 7.46 6.65
N ASP B 77 10.86 6.58 7.63
CA ASP B 77 11.00 5.14 7.39
C ASP B 77 9.70 4.56 6.86
N CYS B 78 8.60 5.24 7.13
CA CYS B 78 7.28 4.78 6.72
C CYS B 78 7.16 4.75 5.20
N PRO B 79 6.76 3.59 4.65
CA PRO B 79 6.61 3.38 3.19
C PRO B 79 5.75 4.44 2.50
N VAL B 80 4.86 5.09 3.26
CA VAL B 80 4.04 6.16 2.71
C VAL B 80 4.92 7.31 2.21
N VAL B 81 6.03 7.53 2.90
CA VAL B 81 6.93 8.63 2.58
C VAL B 81 7.68 8.36 1.27
N ILE B 82 8.22 7.16 1.14
CA ILE B 82 8.93 6.80 -0.08
C ILE B 82 7.97 6.70 -1.25
N ALA B 83 6.79 6.16 -0.99
CA ALA B 83 5.75 6.02 -2.02
C ALA B 83 5.34 7.37 -2.58
N LYS B 84 5.08 8.34 -1.70
CA LYS B 84 4.67 9.66 -2.13
C LYS B 84 5.81 10.37 -2.86
N GLN B 85 7.05 10.01 -2.51
CA GLN B 85 8.23 10.53 -3.19
C GLN B 85 8.33 9.95 -4.59
N ILE B 86 7.95 8.68 -4.73
CA ILE B 86 7.97 8.00 -6.02
C ILE B 86 6.88 8.53 -6.94
N LEU B 87 5.68 8.71 -6.41
CA LEU B 87 4.57 9.20 -7.22
C LEU B 87 4.69 10.71 -7.46
N SER B 88 5.65 11.32 -6.77
CA SER B 88 5.94 12.73 -6.97
C SER B 88 6.53 12.93 -8.36
N SER B 89 5.74 13.52 -9.24
CA SER B 89 6.15 13.71 -10.62
C SER B 89 5.85 15.14 -11.07
N ARG B 90 6.39 15.53 -12.21
CA ARG B 90 6.15 16.86 -12.75
C ARG B 90 4.72 16.96 -13.26
N PRO B 91 3.91 17.81 -12.62
CA PRO B 91 2.47 17.92 -12.92
C PRO B 91 2.18 18.46 -14.30
N LYS B 92 1.87 17.57 -15.23
CA LYS B 92 1.34 17.97 -16.52
C LYS B 92 -0.16 18.21 -16.35
N LEU B 93 -0.72 19.14 -17.13
CA LEU B 93 -2.08 19.63 -16.90
C LEU B 93 -2.11 20.41 -15.58
N HIS B 94 -3.22 21.05 -15.26
CA HIS B 94 -3.30 21.78 -14.03
C HIS B 94 -3.88 20.92 -12.92
N ALA B 95 -3.05 20.64 -11.92
CA ALA B 95 -3.49 19.90 -10.75
C ALA B 95 -3.45 20.80 -9.52
N VAL B 96 -4.25 20.46 -8.53
CA VAL B 96 -4.31 21.23 -7.29
C VAL B 96 -4.80 20.35 -6.15
N MET A 1 -2.85 -9.14 10.29
CA MET A 1 -2.04 -9.20 9.06
C MET A 1 -2.47 -10.38 8.19
N GLY A 2 -2.54 -11.57 8.79
CA GLY A 2 -2.94 -12.74 8.05
C GLY A 2 -3.37 -13.89 8.94
N SER A 3 -3.85 -14.96 8.34
CA SER A 3 -4.26 -16.15 9.07
C SER A 3 -3.04 -16.98 9.47
N SER A 4 -2.00 -16.88 8.65
CA SER A 4 -0.76 -17.58 8.90
C SER A 4 0.25 -16.62 9.55
N HIS A 5 1.08 -17.14 10.45
CA HIS A 5 2.06 -16.32 11.14
C HIS A 5 3.22 -15.96 10.21
N HIS A 6 3.45 -14.67 10.05
CA HIS A 6 4.56 -14.18 9.24
C HIS A 6 5.30 -13.07 9.98
N HIS A 7 6.60 -13.01 9.79
CA HIS A 7 7.41 -11.99 10.45
C HIS A 7 8.41 -11.40 9.47
N HIS A 8 8.67 -10.10 9.61
CA HIS A 8 9.61 -9.42 8.74
C HIS A 8 10.10 -8.14 9.43
N HIS A 9 11.37 -8.13 9.78
CA HIS A 9 11.95 -7.00 10.51
C HIS A 9 11.97 -5.74 9.64
N HIS A 10 11.99 -4.58 10.28
CA HIS A 10 12.02 -3.31 9.57
C HIS A 10 13.39 -3.04 8.98
N SER A 11 13.65 -3.64 7.83
CA SER A 11 14.88 -3.39 7.11
C SER A 11 14.72 -2.12 6.27
N SER A 12 15.15 -1.00 6.84
CA SER A 12 14.96 0.30 6.21
C SER A 12 16.01 0.57 5.14
N GLY A 13 16.27 -0.42 4.31
CA GLY A 13 17.21 -0.26 3.23
C GLY A 13 16.55 0.34 2.01
N ARG A 14 17.35 0.73 1.02
CA ARG A 14 16.82 1.33 -0.20
C ARG A 14 17.88 1.36 -1.31
N GLU A 15 17.41 1.18 -2.53
CA GLU A 15 18.25 1.33 -3.71
C GLU A 15 17.44 2.09 -4.75
N ASN A 16 17.32 3.39 -4.52
CA ASN A 16 16.38 4.23 -5.26
C ASN A 16 16.79 4.46 -6.71
N LEU A 17 16.14 3.74 -7.60
CA LEU A 17 16.25 3.95 -9.04
C LEU A 17 14.86 3.84 -9.65
N TYR A 18 14.55 4.76 -10.54
CA TYR A 18 13.22 4.80 -11.14
C TYR A 18 13.09 3.76 -12.24
N PHE A 19 11.98 3.80 -12.97
CA PHE A 19 11.67 2.79 -13.97
C PHE A 19 12.52 2.97 -15.23
N GLN A 20 12.38 2.02 -16.15
CA GLN A 20 13.15 1.97 -17.39
C GLN A 20 14.59 1.53 -17.10
N GLY A 21 15.23 2.22 -16.16
CA GLY A 21 16.55 1.85 -15.73
C GLY A 21 16.56 1.47 -14.26
N MET A 22 15.90 0.36 -13.96
CA MET A 22 15.74 -0.09 -12.58
C MET A 22 16.94 -0.92 -12.15
N THR A 23 16.81 -1.56 -11.00
CA THR A 23 17.86 -2.39 -10.46
C THR A 23 17.26 -3.49 -9.59
N ASP A 24 18.11 -4.26 -8.91
CA ASP A 24 17.67 -5.44 -8.16
C ASP A 24 16.84 -5.06 -6.93
N THR A 25 17.38 -4.18 -6.09
CA THR A 25 16.74 -3.84 -4.83
C THR A 25 15.54 -2.91 -5.06
N ALA A 26 15.38 -2.44 -6.30
CA ALA A 26 14.27 -1.56 -6.65
C ALA A 26 12.94 -2.27 -6.43
N ALA A 27 12.95 -3.59 -6.61
CA ALA A 27 11.75 -4.39 -6.38
C ALA A 27 11.46 -4.48 -4.89
N GLU A 28 12.51 -4.43 -4.08
CA GLU A 28 12.39 -4.51 -2.63
C GLU A 28 11.87 -3.19 -2.07
N ASP A 29 12.27 -2.08 -2.69
CA ASP A 29 11.79 -0.76 -2.28
C ASP A 29 10.28 -0.67 -2.43
N VAL A 30 9.77 -1.19 -3.53
CA VAL A 30 8.33 -1.24 -3.74
C VAL A 30 7.71 -2.32 -2.87
N ARG A 31 8.46 -3.38 -2.62
CA ARG A 31 8.01 -4.47 -1.74
C ARG A 31 7.81 -3.94 -0.32
N LYS A 32 8.59 -2.94 0.05
CA LYS A 32 8.50 -2.32 1.37
C LYS A 32 7.10 -1.77 1.65
N ILE A 33 6.55 -1.02 0.69
CA ILE A 33 5.23 -0.41 0.88
C ILE A 33 4.14 -1.48 0.92
N ALA A 34 4.32 -2.52 0.12
CA ALA A 34 3.38 -3.64 0.09
C ALA A 34 3.39 -4.39 1.43
N THR A 35 4.58 -4.68 1.91
CA THR A 35 4.74 -5.40 3.17
C THR A 35 4.15 -4.59 4.33
N ALA A 36 4.29 -3.28 4.23
CA ALA A 36 3.80 -2.38 5.26
C ALA A 36 2.28 -2.40 5.36
N LEU A 37 1.61 -2.33 4.21
CA LEU A 37 0.16 -2.25 4.18
C LEU A 37 -0.47 -3.57 4.62
N LEU A 38 0.24 -4.68 4.38
CA LEU A 38 -0.20 -5.98 4.86
C LEU A 38 -0.07 -6.05 6.37
N LYS A 39 0.96 -5.39 6.90
CA LYS A 39 1.22 -5.39 8.33
C LYS A 39 0.19 -4.55 9.07
N THR A 40 0.06 -3.28 8.70
CA THR A 40 -0.88 -2.40 9.37
C THR A 40 -1.20 -1.15 8.55
N ALA A 41 -2.14 -1.31 7.64
CA ALA A 41 -2.67 -0.18 6.90
C ALA A 41 -4.14 0.00 7.24
N ILE A 42 -4.59 -0.80 8.19
CA ILE A 42 -5.99 -0.79 8.60
C ILE A 42 -6.12 -0.12 9.96
N GLU A 43 -7.05 0.81 10.09
CA GLU A 43 -7.23 1.52 11.34
C GLU A 43 -8.47 1.03 12.08
N ILE A 44 -8.48 1.19 13.39
CA ILE A 44 -9.61 0.79 14.20
C ILE A 44 -10.53 1.97 14.49
N VAL A 45 -11.82 1.76 14.28
CA VAL A 45 -12.81 2.76 14.65
C VAL A 45 -13.61 2.26 15.83
N SER A 46 -13.55 3.00 16.92
CA SER A 46 -14.23 2.61 18.13
C SER A 46 -15.64 3.17 18.14
N GLU A 47 -16.57 2.34 18.56
CA GLU A 47 -17.96 2.74 18.66
C GLU A 47 -18.21 3.34 20.03
N GLU A 48 -19.40 3.88 20.24
CA GLU A 48 -19.77 4.40 21.55
C GLU A 48 -19.92 3.26 22.55
N ASP A 49 -20.66 2.25 22.14
CA ASP A 49 -20.89 1.08 22.99
C ASP A 49 -20.68 -0.21 22.23
N GLY A 50 -20.87 -0.17 20.91
CA GLY A 50 -20.79 -1.36 20.08
C GLY A 50 -19.45 -2.07 20.17
N GLY A 51 -18.39 -1.33 20.45
CA GLY A 51 -17.08 -1.92 20.56
C GLY A 51 -16.07 -1.21 19.69
N ALA A 52 -15.43 -1.96 18.83
CA ALA A 52 -14.43 -1.42 17.91
C ALA A 52 -14.40 -2.24 16.63
N HIS A 53 -14.30 -1.56 15.50
CA HIS A 53 -14.27 -2.24 14.21
C HIS A 53 -12.96 -1.93 13.49
N ASN A 54 -12.27 -2.98 13.08
CA ASN A 54 -11.06 -2.83 12.28
C ASN A 54 -11.33 -3.29 10.86
N GLN A 55 -11.44 -2.36 9.93
CA GLN A 55 -11.85 -2.72 8.58
C GLN A 55 -11.06 -1.97 7.53
N CYS A 56 -10.59 -2.71 6.54
CA CYS A 56 -9.82 -2.14 5.45
C CYS A 56 -10.76 -1.62 4.37
N LYS A 57 -10.71 -0.32 4.13
CA LYS A 57 -11.63 0.30 3.18
C LYS A 57 -11.18 0.03 1.75
N LEU A 58 -9.94 -0.41 1.60
CA LEU A 58 -9.41 -0.71 0.28
C LEU A 58 -9.84 -2.11 -0.19
N CYS A 59 -10.75 -2.72 0.57
CA CYS A 59 -11.25 -4.03 0.23
C CYS A 59 -12.70 -4.20 0.67
N GLY A 60 -13.07 -3.56 1.79
CA GLY A 60 -14.43 -3.64 2.28
C GLY A 60 -14.59 -4.72 3.33
N ALA A 61 -13.48 -5.37 3.67
CA ALA A 61 -13.49 -6.44 4.65
C ALA A 61 -13.46 -5.86 6.06
N SER A 62 -14.37 -6.33 6.90
CA SER A 62 -14.46 -5.85 8.27
C SER A 62 -13.97 -6.92 9.25
N VAL A 63 -13.00 -6.56 10.06
CA VAL A 63 -12.45 -7.45 11.08
C VAL A 63 -12.99 -7.06 12.45
N PRO A 64 -13.47 -8.05 13.24
CA PRO A 64 -14.02 -7.80 14.59
C PRO A 64 -12.98 -7.33 15.59
N TRP A 65 -11.71 -7.29 15.15
CA TRP A 65 -10.59 -6.74 15.94
C TRP A 65 -10.18 -7.66 17.10
N LEU A 66 -11.15 -8.30 17.73
CA LEU A 66 -10.88 -9.33 18.74
C LEU A 66 -10.87 -10.69 18.07
N GLN A 67 -11.05 -10.70 16.76
CA GLN A 67 -11.12 -11.91 15.98
C GLN A 67 -10.29 -11.73 14.72
N THR A 68 -9.74 -12.82 14.18
CA THR A 68 -8.89 -12.77 12.99
C THR A 68 -9.53 -11.98 11.84
N GLY A 69 -10.86 -12.03 11.76
CA GLY A 69 -11.55 -11.33 10.70
C GLY A 69 -12.00 -12.28 9.62
N ASP A 70 -11.84 -13.58 9.90
CA ASP A 70 -12.19 -14.64 8.96
C ASP A 70 -11.33 -14.59 7.70
N GLU A 71 -10.24 -13.83 7.80
CA GLU A 71 -9.28 -13.63 6.70
C GLU A 71 -9.90 -12.80 5.57
N ILE A 72 -10.89 -13.39 4.89
CA ILE A 72 -11.59 -12.74 3.79
C ILE A 72 -10.70 -12.58 2.58
N LYS A 73 -10.99 -13.37 1.54
CA LYS A 73 -10.28 -13.24 0.28
C LYS A 73 -10.51 -11.84 -0.27
N HIS A 74 -9.42 -11.12 -0.45
CA HIS A 74 -9.48 -9.70 -0.74
C HIS A 74 -9.81 -9.43 -2.21
N ALA A 75 -10.34 -8.24 -2.46
CA ALA A 75 -10.82 -7.87 -3.79
C ALA A 75 -9.70 -7.87 -4.82
N ASP A 76 -9.96 -8.53 -5.93
CA ASP A 76 -9.03 -8.60 -7.05
C ASP A 76 -9.12 -7.35 -7.90
N ASP A 77 -10.20 -6.60 -7.69
CA ASP A 77 -10.42 -5.32 -8.36
C ASP A 77 -9.29 -4.34 -8.06
N CYS A 78 -8.83 -4.37 -6.81
CA CYS A 78 -7.85 -3.42 -6.34
C CYS A 78 -6.44 -3.82 -6.77
N PRO A 79 -5.54 -2.83 -6.91
CA PRO A 79 -4.14 -3.09 -7.30
C PRO A 79 -3.35 -3.84 -6.23
N VAL A 80 -4.07 -4.34 -5.21
CA VAL A 80 -3.48 -5.18 -4.18
C VAL A 80 -2.92 -6.45 -4.81
N VAL A 81 -3.54 -6.87 -5.91
CA VAL A 81 -3.05 -8.00 -6.70
C VAL A 81 -1.59 -7.79 -7.11
N ILE A 82 -1.24 -6.55 -7.42
CA ILE A 82 0.13 -6.19 -7.77
C ILE A 82 1.02 -6.26 -6.53
N ALA A 83 0.53 -5.67 -5.45
CA ALA A 83 1.29 -5.57 -4.20
C ALA A 83 1.74 -6.95 -3.71
N LYS A 84 0.86 -7.93 -3.80
CA LYS A 84 1.19 -9.28 -3.35
C LYS A 84 2.26 -9.91 -4.24
N GLN A 85 2.29 -9.52 -5.50
CA GLN A 85 3.26 -10.03 -6.44
C GLN A 85 4.62 -9.41 -6.20
N ILE A 86 4.60 -8.14 -5.81
CA ILE A 86 5.83 -7.42 -5.47
C ILE A 86 6.50 -8.07 -4.27
N LEU A 87 5.68 -8.47 -3.29
CA LEU A 87 6.15 -9.16 -2.11
C LEU A 87 6.83 -10.48 -2.48
N SER A 88 6.36 -11.07 -3.58
CA SER A 88 6.89 -12.33 -4.07
C SER A 88 8.14 -12.11 -4.92
N SER A 89 9.05 -11.27 -4.43
CA SER A 89 10.29 -10.98 -5.14
C SER A 89 11.11 -12.26 -5.32
N ARG A 90 11.32 -12.64 -6.59
CA ARG A 90 12.02 -13.88 -6.94
C ARG A 90 11.27 -15.08 -6.37
N PRO A 91 10.21 -15.53 -7.04
CA PRO A 91 9.36 -16.61 -6.57
C PRO A 91 9.96 -17.98 -6.85
N LYS A 92 10.83 -18.44 -5.94
CA LYS A 92 11.50 -19.73 -6.07
C LYS A 92 12.40 -19.72 -7.32
N LEU A 93 13.00 -20.86 -7.66
CA LEU A 93 13.91 -20.92 -8.80
C LEU A 93 13.18 -20.62 -10.10
N HIS A 94 11.99 -21.19 -10.27
CA HIS A 94 11.16 -20.91 -11.43
C HIS A 94 9.70 -20.79 -11.02
N ALA A 95 9.01 -21.93 -10.94
CA ALA A 95 7.61 -21.98 -10.52
C ALA A 95 6.71 -21.15 -11.44
N VAL A 96 5.48 -20.93 -11.01
CA VAL A 96 4.55 -20.08 -11.72
C VAL A 96 3.58 -19.43 -10.73
N MET B 1 -15.53 6.34 9.52
CA MET B 1 -16.14 5.57 10.63
C MET B 1 -17.55 5.14 10.24
N GLY B 2 -17.68 3.87 9.86
CA GLY B 2 -18.97 3.35 9.45
C GLY B 2 -19.45 3.99 8.17
N SER B 3 -18.51 4.53 7.41
CA SER B 3 -18.82 5.23 6.18
C SER B 3 -18.56 4.34 4.98
N SER B 4 -19.61 3.88 4.32
CA SER B 4 -19.46 3.04 3.16
C SER B 4 -20.69 3.13 2.27
N HIS B 5 -20.45 3.28 0.98
CA HIS B 5 -21.51 3.27 -0.02
C HIS B 5 -21.03 2.44 -1.20
N HIS B 6 -21.95 1.76 -1.88
CA HIS B 6 -21.57 0.81 -2.92
C HIS B 6 -20.95 1.51 -4.12
N HIS B 7 -21.60 2.57 -4.60
CA HIS B 7 -21.18 3.29 -5.80
C HIS B 7 -21.14 2.35 -7.00
N HIS B 8 -20.50 2.79 -8.07
CA HIS B 8 -20.35 1.95 -9.26
C HIS B 8 -19.08 2.34 -10.00
N HIS B 9 -18.00 1.64 -9.71
CA HIS B 9 -16.74 1.85 -10.41
C HIS B 9 -16.19 0.53 -10.92
N HIS B 10 -15.92 -0.39 -9.99
CA HIS B 10 -15.31 -1.69 -10.32
C HIS B 10 -13.95 -1.50 -10.99
N SER B 11 -12.90 -1.54 -10.18
CA SER B 11 -11.55 -1.35 -10.68
C SER B 11 -11.06 -2.59 -11.42
N SER B 12 -10.06 -2.42 -12.27
CA SER B 12 -9.50 -3.54 -13.01
C SER B 12 -7.99 -3.39 -13.13
N GLY B 13 -7.28 -4.18 -12.33
CA GLY B 13 -5.84 -4.21 -12.40
C GLY B 13 -5.32 -5.63 -12.35
N ARG B 14 -4.42 -5.97 -13.26
CA ARG B 14 -3.90 -7.32 -13.29
C ARG B 14 -2.37 -7.28 -13.24
N GLU B 15 -1.78 -8.36 -12.75
CA GLU B 15 -0.33 -8.42 -12.57
C GLU B 15 0.34 -9.14 -13.73
N ASN B 16 1.29 -8.46 -14.35
CA ASN B 16 2.09 -9.05 -15.42
C ASN B 16 3.56 -8.75 -15.17
N LEU B 17 4.27 -9.76 -14.66
CA LEU B 17 5.68 -9.65 -14.31
C LEU B 17 5.87 -8.74 -13.10
N TYR B 18 7.02 -8.85 -12.48
CA TYR B 18 7.37 -8.01 -11.36
C TYR B 18 8.42 -6.97 -11.78
N PHE B 19 8.97 -6.26 -10.81
CA PHE B 19 9.90 -5.18 -11.11
C PHE B 19 11.28 -5.72 -11.45
N GLN B 20 12.27 -4.80 -11.53
CA GLN B 20 13.65 -5.12 -11.91
C GLN B 20 13.74 -5.29 -13.43
N GLY B 21 12.64 -5.69 -14.06
CA GLY B 21 12.58 -5.76 -15.50
C GLY B 21 11.43 -4.93 -16.05
N MET B 22 11.05 -3.90 -15.30
CA MET B 22 9.93 -3.04 -15.69
C MET B 22 10.41 -1.85 -16.49
N THR B 23 9.65 -1.50 -17.52
CA THR B 23 10.08 -0.50 -18.46
C THR B 23 9.10 0.66 -18.60
N ASP B 24 7.87 0.37 -19.00
CA ASP B 24 6.93 1.41 -19.41
C ASP B 24 5.85 1.69 -18.37
N THR B 25 4.79 0.89 -18.41
CA THR B 25 3.55 1.23 -17.72
C THR B 25 3.65 1.04 -16.20
N ALA B 26 4.73 0.43 -15.75
CA ALA B 26 4.95 0.18 -14.33
C ALA B 26 4.92 1.47 -13.51
N ALA B 27 5.27 2.58 -14.16
CA ALA B 27 5.29 3.87 -13.50
C ALA B 27 3.90 4.27 -13.01
N GLU B 28 2.88 3.79 -13.70
CA GLU B 28 1.50 4.09 -13.36
C GLU B 28 0.98 3.12 -12.30
N ASP B 29 1.40 1.86 -12.40
CA ASP B 29 0.95 0.82 -11.46
C ASP B 29 1.40 1.11 -10.03
N VAL B 30 2.64 1.57 -9.87
CA VAL B 30 3.18 1.83 -8.54
C VAL B 30 2.50 3.03 -7.88
N ARG B 31 2.27 4.08 -8.66
CA ARG B 31 1.58 5.24 -8.12
C ARG B 31 0.11 4.92 -7.86
N LYS B 32 -0.42 3.96 -8.62
CA LYS B 32 -1.78 3.47 -8.42
C LYS B 32 -1.98 2.97 -6.99
N ILE B 33 -1.13 2.03 -6.57
CA ILE B 33 -1.20 1.49 -5.21
C ILE B 33 -0.85 2.56 -4.18
N ALA B 34 0.18 3.34 -4.47
CA ALA B 34 0.64 4.39 -3.57
C ALA B 34 -0.48 5.38 -3.26
N THR B 35 -1.15 5.87 -4.29
CA THR B 35 -2.23 6.83 -4.11
C THR B 35 -3.39 6.22 -3.34
N ALA B 36 -3.72 4.98 -3.67
CA ALA B 36 -4.84 4.29 -3.06
C ALA B 36 -4.68 4.14 -1.55
N LEU B 37 -3.47 3.77 -1.13
CA LEU B 37 -3.22 3.50 0.28
C LEU B 37 -3.18 4.78 1.10
N LEU B 38 -2.85 5.90 0.46
CA LEU B 38 -2.84 7.19 1.15
C LEU B 38 -4.26 7.74 1.29
N LYS B 39 -5.05 7.63 0.22
CA LYS B 39 -6.30 8.35 0.14
C LYS B 39 -7.45 7.69 0.90
N THR B 40 -7.62 6.36 0.78
CA THR B 40 -8.83 5.74 1.32
C THR B 40 -8.65 4.26 1.63
N ALA B 41 -7.42 3.80 1.68
CA ALA B 41 -7.15 2.40 2.02
C ALA B 41 -7.43 2.16 3.50
N ILE B 42 -7.22 3.20 4.30
CA ILE B 42 -7.37 3.13 5.74
C ILE B 42 -8.82 3.44 6.13
N GLU B 43 -9.01 4.44 6.98
CA GLU B 43 -10.36 4.86 7.35
C GLU B 43 -10.37 6.29 7.88
N ILE B 44 -11.48 6.97 7.66
CA ILE B 44 -11.67 8.32 8.11
C ILE B 44 -12.23 8.35 9.53
N VAL B 45 -11.56 9.08 10.40
CA VAL B 45 -12.09 9.34 11.72
C VAL B 45 -12.71 10.73 11.75
N SER B 46 -14.03 10.78 11.77
CA SER B 46 -14.75 12.04 11.67
C SER B 46 -15.10 12.58 13.06
N GLU B 47 -15.01 13.90 13.20
CA GLU B 47 -15.34 14.55 14.46
C GLU B 47 -16.86 14.63 14.60
N GLU B 48 -17.42 13.70 15.36
CA GLU B 48 -18.86 13.58 15.56
C GLU B 48 -19.60 13.45 14.22
N ASP B 49 -19.77 14.58 13.55
CA ASP B 49 -20.51 14.63 12.29
C ASP B 49 -19.88 15.64 11.31
N GLY B 50 -19.23 16.66 11.85
CA GLY B 50 -18.76 17.76 11.03
C GLY B 50 -17.54 17.45 10.19
N GLY B 51 -16.37 17.46 10.82
CA GLY B 51 -15.15 17.31 10.09
C GLY B 51 -14.71 15.88 10.02
N ALA B 52 -13.77 15.61 9.14
CA ALA B 52 -13.28 14.26 8.92
C ALA B 52 -11.76 14.27 8.82
N HIS B 53 -11.12 13.33 9.52
CA HIS B 53 -9.68 13.25 9.54
C HIS B 53 -9.19 11.90 9.04
N ASN B 54 -8.22 11.92 8.16
CA ASN B 54 -7.60 10.70 7.67
C ASN B 54 -6.33 10.42 8.47
N GLN B 55 -6.33 9.35 9.24
CA GLN B 55 -5.18 9.00 10.05
C GLN B 55 -4.47 7.80 9.45
N CYS B 56 -3.25 8.01 9.01
CA CYS B 56 -2.49 7.00 8.33
C CYS B 56 -1.87 6.04 9.33
N LYS B 57 -2.40 4.82 9.39
CA LYS B 57 -1.90 3.79 10.30
C LYS B 57 -0.51 3.32 9.87
N LEU B 58 -0.11 3.72 8.68
CA LEU B 58 1.12 3.24 8.07
C LEU B 58 2.32 4.10 8.47
N CYS B 59 2.07 5.11 9.30
CA CYS B 59 3.15 6.02 9.71
C CYS B 59 2.80 6.77 10.99
N GLY B 60 1.52 7.04 11.20
CA GLY B 60 1.11 7.79 12.38
C GLY B 60 0.86 9.25 12.06
N ALA B 61 0.69 9.55 10.79
CA ALA B 61 0.41 10.91 10.35
C ALA B 61 -1.09 11.11 10.15
N SER B 62 -1.53 12.35 10.07
CA SER B 62 -2.94 12.66 9.95
C SER B 62 -3.18 13.81 8.96
N VAL B 63 -4.17 13.65 8.11
CA VAL B 63 -4.48 14.66 7.11
C VAL B 63 -6.00 14.90 7.02
N PRO B 64 -6.43 16.17 6.96
CA PRO B 64 -7.84 16.52 6.78
C PRO B 64 -8.45 15.90 5.52
N TRP B 65 -9.76 15.62 5.59
CA TRP B 65 -10.48 14.97 4.50
C TRP B 65 -10.39 15.74 3.17
N LEU B 66 -10.02 17.01 3.24
CA LEU B 66 -9.91 17.84 2.04
C LEU B 66 -8.69 17.47 1.21
N GLN B 67 -7.70 16.85 1.85
CA GLN B 67 -6.46 16.49 1.17
C GLN B 67 -6.25 14.98 1.28
N THR B 68 -5.28 14.44 0.56
CA THR B 68 -5.12 13.00 0.48
C THR B 68 -3.82 12.48 1.14
N GLY B 69 -2.66 12.76 0.55
CA GLY B 69 -1.46 12.08 1.01
C GLY B 69 -0.20 12.92 0.96
N ASP B 70 -0.25 14.08 0.33
CA ASP B 70 0.93 14.95 0.22
C ASP B 70 1.21 15.60 1.55
N GLU B 71 0.26 15.48 2.46
CA GLU B 71 0.33 16.11 3.77
C GLU B 71 0.76 15.09 4.83
N ILE B 72 1.16 13.91 4.36
CA ILE B 72 1.54 12.83 5.24
C ILE B 72 3.05 12.82 5.46
N LYS B 73 3.45 13.06 6.70
CA LYS B 73 4.86 13.06 7.07
C LYS B 73 5.00 12.58 8.50
N HIS B 74 6.02 11.76 8.76
CA HIS B 74 6.33 11.33 10.12
C HIS B 74 7.68 10.60 10.14
N ALA B 75 7.65 9.32 10.45
CA ALA B 75 8.87 8.55 10.62
C ALA B 75 9.50 8.18 9.27
N ASP B 76 10.83 8.21 9.23
CA ASP B 76 11.59 7.83 8.04
C ASP B 76 11.58 6.32 7.87
N ASP B 77 11.28 5.63 8.97
CA ASP B 77 11.16 4.17 9.00
C ASP B 77 9.96 3.70 8.18
N CYS B 78 9.01 4.60 7.96
CA CYS B 78 7.78 4.26 7.28
C CYS B 78 7.93 4.39 5.77
N PRO B 79 7.59 3.33 5.02
CA PRO B 79 7.73 3.30 3.56
C PRO B 79 6.85 4.33 2.84
N VAL B 80 6.03 5.04 3.61
CA VAL B 80 5.17 6.08 3.08
C VAL B 80 6.00 7.17 2.40
N VAL B 81 7.16 7.50 2.98
CA VAL B 81 8.04 8.51 2.41
C VAL B 81 8.53 8.09 1.03
N ILE B 82 8.79 6.79 0.88
CA ILE B 82 9.24 6.24 -0.39
C ILE B 82 8.13 6.32 -1.44
N ALA B 83 6.95 5.84 -1.06
CA ALA B 83 5.81 5.78 -1.98
C ALA B 83 5.45 7.15 -2.54
N LYS B 84 5.39 8.15 -1.67
CA LYS B 84 5.01 9.49 -2.11
C LYS B 84 6.07 10.11 -3.00
N GLN B 85 7.33 9.71 -2.82
CA GLN B 85 8.41 10.18 -3.67
C GLN B 85 8.33 9.56 -5.06
N ILE B 86 7.94 8.29 -5.11
CA ILE B 86 7.81 7.58 -6.38
C ILE B 86 6.77 8.25 -7.28
N LEU B 87 5.64 8.62 -6.69
CA LEU B 87 4.57 9.25 -7.46
C LEU B 87 4.89 10.71 -7.76
N SER B 88 5.90 11.26 -7.09
CA SER B 88 6.32 12.63 -7.33
C SER B 88 7.25 12.70 -8.56
N SER B 89 6.75 12.21 -9.68
CA SER B 89 7.49 12.22 -10.92
C SER B 89 6.51 12.31 -12.09
N ARG B 90 6.63 13.38 -12.86
CA ARG B 90 5.71 13.62 -13.96
C ARG B 90 6.25 13.05 -15.26
N PRO B 91 5.36 12.61 -16.16
CA PRO B 91 5.73 12.08 -17.47
C PRO B 91 6.58 13.06 -18.27
N LYS B 92 7.59 12.55 -18.95
CA LYS B 92 8.50 13.39 -19.73
C LYS B 92 7.94 13.58 -21.14
N LEU B 93 6.81 12.92 -21.40
CA LEU B 93 6.12 12.97 -22.70
C LEU B 93 6.92 12.18 -23.74
N HIS B 94 6.21 11.44 -24.58
CA HIS B 94 6.83 10.56 -25.55
C HIS B 94 7.33 11.34 -26.77
N ALA B 95 8.65 11.54 -26.84
CA ALA B 95 9.29 12.15 -28.01
C ALA B 95 8.81 13.58 -28.24
N VAL B 96 8.75 13.96 -29.52
CA VAL B 96 8.34 15.30 -29.98
C VAL B 96 8.90 16.44 -29.12
N MET A 1 -0.31 -21.21 17.40
CA MET A 1 0.25 -20.72 16.12
C MET A 1 0.86 -19.33 16.32
N GLY A 2 1.45 -18.78 15.27
CA GLY A 2 2.03 -17.45 15.35
C GLY A 2 3.52 -17.50 15.49
N SER A 3 4.20 -17.88 14.42
CA SER A 3 5.65 -17.96 14.42
C SER A 3 6.26 -16.58 14.17
N SER A 4 7.07 -16.12 15.11
CA SER A 4 7.66 -14.80 15.02
C SER A 4 9.14 -14.89 14.65
N HIS A 5 9.57 -14.02 13.74
CA HIS A 5 10.95 -13.97 13.33
C HIS A 5 11.61 -12.68 13.79
N HIS A 6 11.26 -11.56 13.15
CA HIS A 6 11.89 -10.27 13.38
C HIS A 6 13.36 -10.33 12.96
N HIS A 7 14.06 -9.19 13.04
CA HIS A 7 15.48 -9.12 12.67
C HIS A 7 15.69 -9.63 11.25
N HIS A 8 14.85 -9.16 10.33
CA HIS A 8 14.83 -9.66 8.96
C HIS A 8 15.92 -9.00 8.10
N HIS A 9 17.07 -8.74 8.72
CA HIS A 9 18.24 -8.18 8.05
C HIS A 9 18.03 -6.73 7.63
N HIS A 10 19.06 -6.14 7.06
CA HIS A 10 18.98 -4.78 6.53
C HIS A 10 19.34 -4.81 5.05
N SER A 11 18.33 -4.92 4.21
CA SER A 11 18.52 -5.02 2.78
C SER A 11 18.40 -3.66 2.12
N SER A 12 18.35 -3.66 0.77
CA SER A 12 18.22 -2.45 -0.04
C SER A 12 19.55 -1.70 -0.11
N GLY A 13 20.38 -2.09 -1.07
CA GLY A 13 21.64 -1.42 -1.29
C GLY A 13 21.47 -0.12 -2.06
N ARG A 14 22.50 0.70 -2.08
CA ARG A 14 22.43 2.00 -2.74
C ARG A 14 22.66 1.87 -4.25
N GLU A 15 21.58 1.88 -5.00
CA GLU A 15 21.66 1.85 -6.45
C GLU A 15 20.61 2.79 -7.05
N ASN A 16 19.37 2.29 -7.19
CA ASN A 16 18.23 3.11 -7.64
C ASN A 16 18.42 3.68 -9.05
N LEU A 17 17.69 3.12 -10.00
CA LEU A 17 17.71 3.64 -11.36
C LEU A 17 16.35 4.20 -11.75
N TYR A 18 15.50 4.42 -10.73
CA TYR A 18 14.12 4.86 -10.94
C TYR A 18 13.32 3.77 -11.66
N PHE A 19 12.01 3.95 -11.77
CA PHE A 19 11.14 2.95 -12.37
C PHE A 19 11.20 2.99 -13.90
N GLN A 20 12.33 3.42 -14.43
CA GLN A 20 12.55 3.40 -15.86
C GLN A 20 13.78 2.56 -16.15
N GLY A 21 14.22 1.83 -15.13
CA GLY A 21 15.37 0.97 -15.26
C GLY A 21 15.35 -0.14 -14.21
N MET A 22 16.26 -0.02 -13.24
CA MET A 22 16.37 -0.99 -12.14
C MET A 22 16.86 -2.34 -12.63
N THR A 23 17.83 -2.87 -11.92
CA THR A 23 18.37 -4.18 -12.23
C THR A 23 17.40 -5.27 -11.75
N ASP A 24 17.33 -5.44 -10.43
CA ASP A 24 16.35 -6.33 -9.82
C ASP A 24 15.80 -5.67 -8.56
N THR A 25 16.46 -4.59 -8.17
CA THR A 25 16.20 -3.88 -6.92
C THR A 25 14.79 -3.28 -6.87
N ALA A 26 14.12 -3.25 -8.02
CA ALA A 26 12.76 -2.70 -8.10
C ALA A 26 11.82 -3.46 -7.19
N ALA A 27 11.94 -4.78 -7.20
CA ALA A 27 11.09 -5.63 -6.37
C ALA A 27 11.56 -5.58 -4.93
N GLU A 28 12.85 -5.32 -4.74
CA GLU A 28 13.47 -5.37 -3.43
C GLU A 28 12.92 -4.29 -2.49
N ASP A 29 12.88 -3.05 -2.97
CA ASP A 29 12.50 -1.93 -2.11
C ASP A 29 10.98 -1.77 -2.01
N VAL A 30 10.30 -1.95 -3.13
CA VAL A 30 8.84 -1.83 -3.15
C VAL A 30 8.22 -2.93 -2.28
N ARG A 31 8.89 -4.08 -2.22
CA ARG A 31 8.48 -5.17 -1.33
C ARG A 31 8.40 -4.69 0.11
N LYS A 32 9.32 -3.81 0.46
CA LYS A 32 9.41 -3.24 1.80
C LYS A 32 8.13 -2.46 2.13
N ILE A 33 7.69 -1.65 1.18
CA ILE A 33 6.49 -0.85 1.36
C ILE A 33 5.24 -1.74 1.27
N ALA A 34 5.27 -2.66 0.31
CA ALA A 34 4.13 -3.54 0.05
C ALA A 34 3.83 -4.46 1.24
N THR A 35 4.89 -5.03 1.82
CA THR A 35 4.72 -5.95 2.95
C THR A 35 4.10 -5.22 4.15
N ALA A 36 4.41 -3.93 4.25
CA ALA A 36 3.88 -3.10 5.33
C ALA A 36 2.40 -2.81 5.10
N LEU A 37 2.06 -2.32 3.92
CA LEU A 37 0.69 -1.90 3.61
C LEU A 37 -0.28 -3.08 3.65
N LEU A 38 0.23 -4.28 3.44
CA LEU A 38 -0.61 -5.48 3.49
C LEU A 38 -1.19 -5.68 4.90
N LYS A 39 -0.37 -5.39 5.90
CA LYS A 39 -0.79 -5.50 7.29
C LYS A 39 -1.30 -4.16 7.82
N THR A 40 -0.46 -3.14 7.73
CA THR A 40 -0.75 -1.87 8.40
C THR A 40 -1.33 -0.82 7.46
N ALA A 41 -2.38 -1.21 6.75
CA ALA A 41 -3.18 -0.27 5.98
C ALA A 41 -4.66 -0.63 6.12
N ILE A 42 -4.92 -1.59 6.99
CA ILE A 42 -6.26 -2.11 7.21
C ILE A 42 -6.72 -1.80 8.63
N GLU A 43 -7.96 -1.36 8.77
CA GLU A 43 -8.53 -1.05 10.07
C GLU A 43 -9.48 -2.15 10.50
N ILE A 44 -9.49 -2.44 11.79
CA ILE A 44 -10.42 -3.41 12.35
C ILE A 44 -11.56 -2.70 13.06
N VAL A 45 -12.75 -2.81 12.49
CA VAL A 45 -13.92 -2.18 13.09
C VAL A 45 -14.70 -3.22 13.87
N SER A 46 -14.94 -2.96 15.13
CA SER A 46 -15.63 -3.91 15.96
C SER A 46 -17.13 -3.81 15.75
N GLU A 47 -17.77 -4.95 15.69
CA GLU A 47 -19.18 -5.01 15.37
C GLU A 47 -19.89 -6.04 16.24
N GLU A 48 -21.18 -5.82 16.43
CA GLU A 48 -22.01 -6.76 17.15
C GLU A 48 -22.26 -7.99 16.27
N ASP A 49 -22.13 -7.77 14.96
CA ASP A 49 -22.31 -8.83 13.97
C ASP A 49 -21.49 -10.07 14.29
N GLY A 50 -20.17 -9.93 14.28
CA GLY A 50 -19.32 -11.07 14.52
C GLY A 50 -18.11 -10.72 15.37
N GLY A 51 -17.99 -9.45 15.72
CA GLY A 51 -16.85 -8.99 16.50
C GLY A 51 -15.66 -8.66 15.63
N ALA A 52 -15.05 -7.50 15.92
CA ALA A 52 -13.85 -7.00 15.23
C ALA A 52 -13.71 -7.49 13.78
N HIS A 53 -14.34 -6.78 12.86
CA HIS A 53 -14.24 -7.10 11.46
C HIS A 53 -12.97 -6.51 10.87
N ASN A 54 -12.05 -7.38 10.50
CA ASN A 54 -10.82 -6.96 9.86
C ASN A 54 -11.11 -6.72 8.39
N GLN A 55 -11.19 -5.45 8.00
CA GLN A 55 -11.67 -5.10 6.67
C GLN A 55 -10.72 -4.17 5.95
N CYS A 56 -10.29 -4.60 4.77
CA CYS A 56 -9.54 -3.73 3.88
C CYS A 56 -10.44 -2.58 3.41
N LYS A 57 -10.02 -1.37 3.74
CA LYS A 57 -10.87 -0.18 3.61
C LYS A 57 -10.97 0.28 2.15
N LEU A 58 -10.19 -0.35 1.30
CA LEU A 58 -10.13 0.03 -0.10
C LEU A 58 -11.37 -0.44 -0.85
N CYS A 59 -11.63 -1.74 -0.80
CA CYS A 59 -12.76 -2.33 -1.50
C CYS A 59 -13.93 -2.61 -0.56
N GLY A 60 -13.60 -2.79 0.72
CA GLY A 60 -14.63 -3.09 1.70
C GLY A 60 -14.90 -4.57 1.79
N ALA A 61 -13.88 -5.33 2.17
CA ALA A 61 -14.02 -6.77 2.40
C ALA A 61 -13.37 -7.14 3.71
N SER A 62 -14.07 -7.89 4.56
CA SER A 62 -13.59 -8.18 5.89
C SER A 62 -13.47 -9.68 6.16
N VAL A 63 -12.72 -10.01 7.20
CA VAL A 63 -12.54 -11.39 7.62
C VAL A 63 -12.72 -11.46 9.15
N PRO A 64 -13.32 -12.55 9.66
CA PRO A 64 -13.42 -12.81 11.10
C PRO A 64 -12.05 -12.74 11.78
N TRP A 65 -11.95 -11.94 12.84
CA TRP A 65 -10.69 -11.72 13.54
C TRP A 65 -10.17 -13.00 14.19
N LEU A 66 -11.07 -13.91 14.56
CA LEU A 66 -10.66 -15.14 15.22
C LEU A 66 -10.40 -16.26 14.23
N GLN A 67 -10.22 -15.91 12.96
CA GLN A 67 -9.85 -16.90 11.96
C GLN A 67 -8.33 -17.05 11.91
N THR A 68 -7.64 -15.98 11.52
CA THR A 68 -6.18 -15.96 11.44
C THR A 68 -5.68 -14.63 10.87
N GLY A 69 -6.43 -14.08 9.92
CA GLY A 69 -6.01 -12.83 9.30
C GLY A 69 -5.02 -13.07 8.18
N ASP A 70 -4.24 -12.03 7.85
CA ASP A 70 -3.22 -12.09 6.80
C ASP A 70 -3.82 -12.31 5.41
N GLU A 71 -4.31 -13.52 5.15
CA GLU A 71 -4.91 -13.86 3.87
C GLU A 71 -6.28 -13.24 3.72
N ILE A 72 -6.32 -12.15 3.01
CA ILE A 72 -7.56 -11.45 2.72
C ILE A 72 -7.89 -11.56 1.25
N LYS A 73 -8.95 -12.29 0.92
CA LYS A 73 -9.40 -12.40 -0.46
C LYS A 73 -9.92 -11.07 -0.97
N HIS A 74 -9.12 -10.41 -1.79
CA HIS A 74 -9.47 -9.08 -2.30
C HIS A 74 -10.11 -9.19 -3.68
N ALA A 75 -10.52 -8.05 -4.22
CA ALA A 75 -11.04 -7.99 -5.58
C ALA A 75 -9.88 -7.83 -6.56
N ASP A 76 -10.07 -8.33 -7.77
CA ASP A 76 -9.04 -8.27 -8.80
C ASP A 76 -8.83 -6.83 -9.27
N ASP A 77 -9.78 -5.98 -8.90
CA ASP A 77 -9.77 -4.57 -9.29
C ASP A 77 -8.87 -3.75 -8.36
N CYS A 78 -8.47 -4.35 -7.26
CA CYS A 78 -7.68 -3.66 -6.25
C CYS A 78 -6.19 -3.74 -6.56
N PRO A 79 -5.47 -2.62 -6.42
CA PRO A 79 -4.01 -2.57 -6.62
C PRO A 79 -3.26 -3.34 -5.54
N VAL A 80 -3.99 -3.96 -4.63
CA VAL A 80 -3.40 -4.77 -3.58
C VAL A 80 -2.90 -6.09 -4.15
N VAL A 81 -3.57 -6.56 -5.21
CA VAL A 81 -3.20 -7.82 -5.84
C VAL A 81 -1.78 -7.79 -6.37
N ILE A 82 -1.47 -6.76 -7.14
CA ILE A 82 -0.12 -6.60 -7.68
C ILE A 82 0.88 -6.38 -6.56
N ALA A 83 0.52 -5.52 -5.61
CA ALA A 83 1.37 -5.21 -4.46
C ALA A 83 1.76 -6.48 -3.69
N LYS A 84 0.80 -7.39 -3.52
CA LYS A 84 1.06 -8.64 -2.82
C LYS A 84 2.07 -9.49 -3.57
N GLN A 85 1.99 -9.46 -4.89
CA GLN A 85 2.94 -10.16 -5.73
C GLN A 85 4.32 -9.53 -5.60
N ILE A 86 4.35 -8.20 -5.51
CA ILE A 86 5.60 -7.47 -5.34
C ILE A 86 6.29 -7.86 -4.04
N LEU A 87 5.52 -7.91 -2.96
CA LEU A 87 6.08 -8.23 -1.64
C LEU A 87 6.50 -9.69 -1.56
N SER A 88 6.04 -10.50 -2.49
CA SER A 88 6.46 -11.89 -2.57
C SER A 88 7.75 -11.97 -3.39
N SER A 89 7.82 -11.16 -4.45
CA SER A 89 9.02 -11.01 -5.28
C SER A 89 9.37 -12.30 -6.02
N ARG A 90 8.40 -13.21 -6.12
CA ARG A 90 8.63 -14.48 -6.78
C ARG A 90 7.41 -14.89 -7.59
N PRO A 91 7.62 -15.71 -8.63
CA PRO A 91 6.52 -16.27 -9.42
C PRO A 91 5.75 -17.32 -8.63
N LYS A 92 4.49 -17.04 -8.37
CA LYS A 92 3.63 -17.97 -7.65
C LYS A 92 2.84 -18.82 -8.63
N LEU A 93 2.79 -20.12 -8.38
CA LEU A 93 2.12 -21.05 -9.28
C LEU A 93 0.95 -21.74 -8.59
N HIS A 94 -0.01 -22.18 -9.41
CA HIS A 94 -1.14 -23.01 -8.96
C HIS A 94 -1.87 -22.44 -7.75
N ALA A 95 -2.86 -21.61 -8.00
CA ALA A 95 -3.68 -21.05 -6.93
C ALA A 95 -5.01 -21.80 -6.85
N VAL A 96 -5.65 -21.71 -5.70
CA VAL A 96 -6.95 -22.35 -5.50
C VAL A 96 -7.92 -21.39 -4.83
N MET B 1 -39.22 -15.31 -3.48
CA MET B 1 -37.98 -15.78 -2.82
C MET B 1 -36.84 -14.82 -3.10
N GLY B 2 -35.71 -15.04 -2.43
CA GLY B 2 -34.57 -14.15 -2.56
C GLY B 2 -33.95 -14.21 -3.94
N SER B 3 -33.24 -13.14 -4.29
CA SER B 3 -32.58 -13.04 -5.59
C SER B 3 -31.30 -13.87 -5.61
N SER B 4 -31.18 -14.76 -6.58
CA SER B 4 -29.99 -15.58 -6.71
C SER B 4 -29.00 -14.94 -7.69
N HIS B 5 -27.83 -14.59 -7.20
CA HIS B 5 -26.82 -13.93 -8.01
C HIS B 5 -25.63 -14.83 -8.26
N HIS B 6 -25.14 -14.80 -9.49
CA HIS B 6 -23.92 -15.52 -9.84
C HIS B 6 -22.73 -14.60 -9.59
N HIS B 7 -21.86 -14.97 -8.67
CA HIS B 7 -20.84 -14.05 -8.17
C HIS B 7 -19.52 -14.76 -7.87
N HIS B 8 -18.64 -14.83 -8.86
CA HIS B 8 -17.31 -15.40 -8.69
C HIS B 8 -16.49 -15.24 -9.96
N HIS B 9 -15.21 -14.94 -9.80
CA HIS B 9 -14.27 -14.89 -10.93
C HIS B 9 -13.06 -15.76 -10.64
N HIS B 10 -12.24 -16.01 -11.65
CA HIS B 10 -11.07 -16.87 -11.50
C HIS B 10 -10.15 -16.79 -12.71
N SER B 11 -9.00 -17.47 -12.59
CA SER B 11 -8.07 -17.64 -13.72
C SER B 11 -7.32 -16.36 -14.07
N SER B 12 -7.15 -15.47 -13.10
CA SER B 12 -6.32 -14.29 -13.28
C SER B 12 -4.85 -14.70 -13.37
N GLY B 13 -4.31 -14.71 -14.58
CA GLY B 13 -2.98 -15.22 -14.79
C GLY B 13 -1.91 -14.14 -14.84
N ARG B 14 -1.22 -13.95 -13.72
CA ARG B 14 -0.08 -13.06 -13.68
C ARG B 14 1.19 -13.86 -13.36
N GLU B 15 1.98 -14.15 -14.39
CA GLU B 15 3.20 -14.91 -14.22
C GLU B 15 4.43 -14.05 -14.45
N ASN B 16 5.33 -14.02 -13.47
CA ASN B 16 6.59 -13.30 -13.57
C ASN B 16 6.34 -11.80 -13.76
N LEU B 17 7.40 -11.09 -14.14
CA LEU B 17 7.33 -9.64 -14.42
C LEU B 17 7.10 -8.84 -13.14
N TYR B 18 8.10 -8.03 -12.78
CA TYR B 18 8.04 -7.25 -11.56
C TYR B 18 7.15 -6.03 -11.70
N PHE B 19 7.25 -5.35 -12.84
CA PHE B 19 6.44 -4.17 -13.10
C PHE B 19 6.04 -4.13 -14.56
N GLN B 20 4.98 -3.38 -14.85
CA GLN B 20 4.44 -3.30 -16.21
C GLN B 20 5.34 -2.47 -17.12
N GLY B 21 6.51 -3.02 -17.46
CA GLY B 21 7.42 -2.33 -18.35
C GLY B 21 8.15 -1.19 -17.69
N MET B 22 9.47 -1.28 -17.61
CA MET B 22 10.27 -0.23 -16.97
C MET B 22 10.24 1.04 -17.81
N THR B 23 9.43 1.98 -17.35
CA THR B 23 9.16 3.21 -18.07
C THR B 23 8.09 3.98 -17.28
N ASP B 24 7.32 4.83 -17.95
CA ASP B 24 6.24 5.57 -17.30
C ASP B 24 5.22 4.61 -16.69
N THR B 25 5.07 3.45 -17.31
CA THR B 25 4.06 2.48 -16.90
C THR B 25 4.46 1.75 -15.62
N ALA B 26 5.76 1.50 -15.45
CA ALA B 26 6.27 0.91 -14.21
C ALA B 26 6.01 1.85 -13.05
N ALA B 27 6.18 3.14 -13.30
CA ALA B 27 5.89 4.16 -12.30
C ALA B 27 4.39 4.22 -12.02
N GLU B 28 3.59 4.06 -13.08
CA GLU B 28 2.15 4.08 -12.97
C GLU B 28 1.64 2.95 -12.06
N ASP B 29 2.21 1.76 -12.23
CA ASP B 29 1.78 0.59 -11.46
C ASP B 29 1.94 0.84 -9.95
N VAL B 30 3.14 1.21 -9.55
CA VAL B 30 3.41 1.49 -8.14
C VAL B 30 2.65 2.73 -7.66
N ARG B 31 2.50 3.70 -8.56
CA ARG B 31 1.71 4.90 -8.28
C ARG B 31 0.27 4.53 -8.00
N LYS B 32 -0.26 3.60 -8.78
CA LYS B 32 -1.64 3.15 -8.63
C LYS B 32 -1.89 2.63 -7.22
N ILE B 33 -0.96 1.81 -6.74
CA ILE B 33 -1.05 1.25 -5.40
C ILE B 33 -0.96 2.34 -4.35
N ALA B 34 0.09 3.14 -4.44
CA ALA B 34 0.39 4.16 -3.44
C ALA B 34 -0.71 5.23 -3.36
N THR B 35 -1.24 5.64 -4.50
CA THR B 35 -2.27 6.67 -4.52
C THR B 35 -3.55 6.17 -3.83
N ALA B 36 -3.83 4.88 -3.95
CA ALA B 36 -5.02 4.30 -3.36
C ALA B 36 -4.92 4.24 -1.84
N LEU B 37 -3.76 3.84 -1.34
CA LEU B 37 -3.56 3.73 0.10
C LEU B 37 -3.47 5.11 0.74
N LEU B 38 -2.94 6.07 0.00
CA LEU B 38 -2.87 7.45 0.47
C LEU B 38 -4.28 8.00 0.69
N LYS B 39 -5.22 7.43 -0.05
CA LYS B 39 -6.60 7.88 -0.01
C LYS B 39 -7.40 7.14 1.05
N THR B 40 -7.25 5.81 1.12
CA THR B 40 -8.15 5.00 1.92
C THR B 40 -7.44 3.98 2.83
N ALA B 41 -6.24 4.31 3.29
CA ALA B 41 -5.54 3.44 4.24
C ALA B 41 -5.31 4.15 5.56
N ILE B 42 -6.24 5.04 5.90
CA ILE B 42 -6.15 5.80 7.14
C ILE B 42 -7.38 5.52 8.00
N GLU B 43 -7.18 5.27 9.29
CA GLU B 43 -8.26 4.87 10.17
C GLU B 43 -8.67 6.01 11.09
N ILE B 44 -9.92 5.99 11.52
CA ILE B 44 -10.41 6.96 12.48
C ILE B 44 -10.69 6.27 13.82
N VAL B 45 -9.90 6.58 14.82
CA VAL B 45 -10.10 6.04 16.15
C VAL B 45 -10.64 7.11 17.09
N SER B 46 -11.90 6.99 17.42
CA SER B 46 -12.55 7.96 18.29
C SER B 46 -12.81 7.35 19.66
N GLU B 47 -12.58 8.13 20.72
CA GLU B 47 -12.77 7.63 22.08
C GLU B 47 -14.25 7.56 22.41
N GLU B 48 -14.58 6.74 23.40
CA GLU B 48 -15.95 6.56 23.84
C GLU B 48 -16.57 7.88 24.26
N ASP B 49 -15.76 8.74 24.89
CA ASP B 49 -16.20 10.08 25.26
C ASP B 49 -15.90 11.05 24.11
N GLY B 50 -14.63 11.27 23.84
CA GLY B 50 -14.24 12.18 22.78
C GLY B 50 -13.28 11.55 21.79
N GLY B 51 -12.00 11.60 22.11
CA GLY B 51 -10.98 11.11 21.21
C GLY B 51 -11.06 11.73 19.84
N ALA B 52 -11.20 10.84 18.87
CA ALA B 52 -11.37 11.18 17.46
C ALA B 52 -10.03 11.57 16.83
N HIS B 53 -9.30 10.55 16.40
CA HIS B 53 -8.02 10.74 15.74
C HIS B 53 -7.97 9.95 14.45
N ASN B 54 -7.78 10.66 13.34
CA ASN B 54 -7.68 10.04 12.04
C ASN B 54 -6.20 9.86 11.71
N GLN B 55 -5.75 8.62 11.75
CA GLN B 55 -4.34 8.33 11.62
C GLN B 55 -4.09 7.09 10.78
N CYS B 56 -3.00 7.10 10.04
CA CYS B 56 -2.59 5.93 9.29
C CYS B 56 -1.79 5.03 10.20
N LYS B 57 -1.92 3.71 10.00
CA LYS B 57 -1.23 2.72 10.83
C LYS B 57 0.27 2.98 10.90
N LEU B 58 0.83 3.39 9.78
CA LEU B 58 2.26 3.60 9.66
C LEU B 58 2.68 4.99 10.12
N CYS B 59 1.73 5.73 10.69
CA CYS B 59 1.98 7.05 11.26
C CYS B 59 2.39 8.03 10.17
N GLY B 60 2.04 7.72 8.93
CA GLY B 60 2.30 8.62 7.84
C GLY B 60 1.60 9.93 8.01
N ALA B 61 0.39 9.88 8.56
CA ALA B 61 -0.39 11.08 8.84
C ALA B 61 -1.36 10.82 9.97
N SER B 62 -1.39 11.72 10.95
CA SER B 62 -2.31 11.63 12.07
C SER B 62 -2.90 13.01 12.35
N VAL B 63 -4.22 13.12 12.36
CA VAL B 63 -4.90 14.39 12.55
C VAL B 63 -6.28 14.15 13.19
N PRO B 64 -6.74 15.04 14.10
CA PRO B 64 -8.06 14.94 14.73
C PRO B 64 -9.21 14.80 13.73
N TRP B 65 -9.73 13.57 13.64
CA TRP B 65 -10.87 13.22 12.79
C TRP B 65 -10.62 13.56 11.31
N LEU B 66 -11.68 13.55 10.52
CA LEU B 66 -11.58 13.81 9.08
C LEU B 66 -11.37 15.29 8.83
N GLN B 67 -10.12 15.72 8.91
CA GLN B 67 -9.76 17.11 8.74
C GLN B 67 -8.31 17.23 8.27
N THR B 68 -8.11 17.61 7.01
CA THR B 68 -6.78 17.81 6.45
C THR B 68 -6.08 16.48 6.16
N GLY B 69 -5.33 16.42 5.08
CA GLY B 69 -4.59 15.22 4.72
C GLY B 69 -3.41 15.53 3.83
N ASP B 70 -2.34 14.73 3.98
CA ASP B 70 -1.09 14.89 3.21
C ASP B 70 -0.30 16.11 3.66
N GLU B 71 -0.96 17.27 3.67
CA GLU B 71 -0.31 18.51 4.11
C GLU B 71 -0.30 18.60 5.63
N ILE B 72 0.65 17.91 6.26
CA ILE B 72 0.76 17.90 7.71
C ILE B 72 2.10 17.29 8.12
N LYS B 73 2.52 17.57 9.36
CA LYS B 73 3.73 16.95 9.91
C LYS B 73 3.62 15.43 9.85
N HIS B 74 4.64 14.81 9.29
CA HIS B 74 4.61 13.37 9.03
C HIS B 74 5.92 12.71 9.44
N ALA B 75 5.85 11.43 9.74
CA ALA B 75 7.05 10.67 10.10
C ALA B 75 7.98 10.57 8.90
N ASP B 76 9.23 10.96 9.09
CA ASP B 76 10.22 10.98 8.01
C ASP B 76 10.82 9.59 7.82
N ASP B 77 10.80 8.80 8.89
CA ASP B 77 11.31 7.43 8.87
C ASP B 77 10.35 6.50 8.14
N CYS B 78 9.11 6.96 7.99
CA CYS B 78 8.06 6.15 7.41
C CYS B 78 8.24 6.04 5.90
N PRO B 79 8.18 4.80 5.37
CA PRO B 79 8.39 4.52 3.94
C PRO B 79 7.32 5.16 3.05
N VAL B 80 6.25 5.63 3.66
CA VAL B 80 5.17 6.27 2.90
C VAL B 80 5.66 7.56 2.26
N VAL B 81 6.64 8.22 2.88
CA VAL B 81 7.16 9.49 2.37
C VAL B 81 7.75 9.32 0.98
N ILE B 82 8.60 8.33 0.80
CA ILE B 82 9.18 8.07 -0.51
C ILE B 82 8.16 7.44 -1.45
N ALA B 83 7.25 6.66 -0.90
CA ALA B 83 6.17 6.05 -1.68
C ALA B 83 5.30 7.13 -2.35
N LYS B 84 4.80 8.07 -1.55
CA LYS B 84 4.01 9.18 -2.08
C LYS B 84 4.87 10.05 -3.01
N GLN B 85 6.17 10.07 -2.75
CA GLN B 85 7.11 10.82 -3.56
C GLN B 85 7.16 10.22 -4.96
N ILE B 86 7.15 8.89 -5.03
CA ILE B 86 7.17 8.19 -6.30
C ILE B 86 5.88 8.41 -7.09
N LEU B 87 4.73 8.31 -6.40
CA LEU B 87 3.45 8.50 -7.07
C LEU B 87 3.29 9.94 -7.54
N SER B 88 4.00 10.83 -6.87
CA SER B 88 4.01 12.24 -7.22
C SER B 88 4.86 12.44 -8.47
N SER B 89 6.11 11.97 -8.40
CA SER B 89 7.05 11.99 -9.53
C SER B 89 7.41 13.41 -9.97
N ARG B 90 6.89 14.41 -9.26
CA ARG B 90 7.21 15.80 -9.57
C ARG B 90 8.23 16.34 -8.56
N PRO B 91 9.23 17.08 -9.04
CA PRO B 91 10.23 17.69 -8.17
C PRO B 91 9.63 18.79 -7.31
N LYS B 92 9.28 18.44 -6.08
CA LYS B 92 8.79 19.42 -5.13
C LYS B 92 9.94 20.35 -4.75
N LEU B 93 9.74 21.64 -4.98
CA LEU B 93 10.80 22.62 -4.80
C LEU B 93 11.35 22.62 -3.39
N HIS B 94 12.66 22.72 -3.28
CA HIS B 94 13.35 22.70 -2.00
C HIS B 94 13.07 23.99 -1.24
N ALA B 95 12.25 23.89 -0.21
CA ALA B 95 11.88 25.05 0.59
C ALA B 95 11.48 24.62 1.99
N VAL B 96 12.06 25.26 2.99
CA VAL B 96 11.75 24.95 4.37
C VAL B 96 10.99 26.12 4.99
N MET A 1 3.48 -1.98 18.57
CA MET A 1 3.04 -3.24 17.92
C MET A 1 4.22 -4.17 17.71
N GLY A 2 5.32 -3.64 17.18
CA GLY A 2 6.50 -4.43 16.98
C GLY A 2 6.82 -4.69 15.52
N SER A 3 7.81 -3.98 15.01
CA SER A 3 8.31 -4.20 13.66
C SER A 3 9.77 -3.78 13.59
N SER A 4 10.66 -4.76 13.45
CA SER A 4 12.09 -4.50 13.42
C SER A 4 12.48 -3.71 12.17
N HIS A 5 12.75 -2.43 12.36
CA HIS A 5 13.06 -1.55 11.25
C HIS A 5 14.56 -1.29 11.18
N HIS A 6 15.13 -1.50 10.02
CA HIS A 6 16.53 -1.18 9.77
C HIS A 6 16.62 -0.24 8.57
N HIS A 7 17.83 0.16 8.23
CA HIS A 7 18.02 1.17 7.18
C HIS A 7 17.97 0.53 5.79
N HIS A 8 17.58 1.34 4.82
CA HIS A 8 17.68 0.95 3.43
C HIS A 8 18.46 2.03 2.69
N HIS A 9 19.76 2.01 2.86
CA HIS A 9 20.64 2.94 2.20
C HIS A 9 21.66 2.16 1.39
N HIS A 10 21.40 2.02 0.10
CA HIS A 10 22.23 1.17 -0.76
C HIS A 10 23.14 2.02 -1.63
N SER A 11 22.56 3.00 -2.31
CA SER A 11 23.31 3.85 -3.22
C SER A 11 22.74 5.27 -3.27
N SER A 12 23.62 6.24 -3.51
CA SER A 12 23.21 7.63 -3.63
C SER A 12 23.97 8.30 -4.77
N GLY A 13 23.30 8.49 -5.89
CA GLY A 13 23.94 9.09 -7.05
C GLY A 13 22.93 9.58 -8.06
N ARG A 14 23.22 9.36 -9.33
CA ARG A 14 22.31 9.76 -10.41
C ARG A 14 22.12 8.61 -11.40
N GLU A 15 22.66 7.45 -11.04
CA GLU A 15 22.57 6.27 -11.90
C GLU A 15 21.20 5.61 -11.73
N ASN A 16 20.87 4.70 -12.65
CA ASN A 16 19.61 3.97 -12.61
C ASN A 16 18.44 4.86 -13.06
N LEU A 17 17.42 4.26 -13.66
CA LEU A 17 16.33 5.01 -14.26
C LEU A 17 15.08 4.97 -13.36
N TYR A 18 13.97 5.47 -13.88
CA TYR A 18 12.73 5.51 -13.14
C TYR A 18 11.76 4.47 -13.67
N PHE A 19 11.81 3.30 -13.06
CA PHE A 19 10.95 2.15 -13.38
C PHE A 19 11.24 1.54 -14.75
N GLN A 20 11.37 2.38 -15.77
CA GLN A 20 11.69 1.93 -17.13
C GLN A 20 13.00 1.15 -17.14
N GLY A 21 13.93 1.60 -16.29
CA GLY A 21 15.17 0.89 -16.10
C GLY A 21 15.49 0.76 -14.63
N MET A 22 15.69 -0.46 -14.17
CA MET A 22 15.85 -0.72 -12.73
C MET A 22 17.03 -1.64 -12.49
N THR A 23 17.34 -1.85 -11.21
CA THR A 23 18.37 -2.80 -10.82
C THR A 23 17.75 -3.84 -9.88
N ASP A 24 18.56 -4.77 -9.40
CA ASP A 24 18.08 -5.85 -8.55
C ASP A 24 17.66 -5.33 -7.17
N THR A 25 18.39 -4.33 -6.68
CA THR A 25 18.11 -3.72 -5.38
C THR A 25 16.68 -3.19 -5.31
N ALA A 26 16.13 -2.79 -6.47
CA ALA A 26 14.77 -2.24 -6.53
C ALA A 26 13.73 -3.24 -6.04
N ALA A 27 14.05 -4.52 -6.15
CA ALA A 27 13.14 -5.57 -5.72
C ALA A 27 12.92 -5.50 -4.22
N GLU A 28 13.90 -4.99 -3.49
CA GLU A 28 13.81 -4.87 -2.06
C GLU A 28 12.90 -3.70 -1.68
N ASP A 29 13.11 -2.55 -2.34
CA ASP A 29 12.34 -1.35 -2.03
C ASP A 29 10.85 -1.59 -2.16
N VAL A 30 10.44 -2.08 -3.32
CA VAL A 30 9.03 -2.27 -3.61
C VAL A 30 8.43 -3.32 -2.67
N ARG A 31 9.20 -4.36 -2.37
CA ARG A 31 8.73 -5.43 -1.51
C ARG A 31 8.56 -4.92 -0.07
N LYS A 32 9.53 -4.15 0.39
CA LYS A 32 9.50 -3.60 1.74
C LYS A 32 8.32 -2.64 1.90
N ILE A 33 8.10 -1.80 0.89
CA ILE A 33 7.00 -0.86 0.92
C ILE A 33 5.66 -1.59 0.86
N ALA A 34 5.52 -2.48 -0.13
CA ALA A 34 4.26 -3.19 -0.36
C ALA A 34 3.81 -3.97 0.86
N THR A 35 4.77 -4.52 1.59
CA THR A 35 4.44 -5.32 2.76
C THR A 35 3.95 -4.43 3.91
N ALA A 36 4.47 -3.21 3.98
CA ALA A 36 4.06 -2.27 4.99
C ALA A 36 2.63 -1.79 4.73
N LEU A 37 2.29 -1.72 3.45
CA LEU A 37 0.95 -1.29 3.02
C LEU A 37 -0.09 -2.24 3.58
N LEU A 38 0.23 -3.53 3.58
CA LEU A 38 -0.68 -4.56 4.04
C LEU A 38 -1.16 -4.30 5.46
N LYS A 39 -0.28 -3.78 6.30
CA LYS A 39 -0.59 -3.57 7.70
C LYS A 39 -1.16 -2.18 7.96
N THR A 40 -1.00 -1.26 7.00
CA THR A 40 -1.45 0.10 7.21
C THR A 40 -2.73 0.42 6.42
N ALA A 41 -3.00 -0.34 5.37
CA ALA A 41 -4.18 -0.12 4.54
C ALA A 41 -5.33 -1.04 4.95
N ILE A 42 -4.99 -2.11 5.67
CA ILE A 42 -5.99 -3.03 6.19
C ILE A 42 -6.19 -2.76 7.69
N GLU A 43 -7.36 -2.26 8.05
CA GLU A 43 -7.60 -1.85 9.41
C GLU A 43 -8.47 -2.86 10.17
N ILE A 44 -8.40 -2.81 11.48
CA ILE A 44 -9.31 -3.55 12.32
C ILE A 44 -10.23 -2.58 13.05
N VAL A 45 -11.52 -2.77 12.88
CA VAL A 45 -12.49 -1.87 13.47
C VAL A 45 -13.14 -2.49 14.69
N SER A 46 -12.87 -1.90 15.84
CA SER A 46 -13.45 -2.36 17.09
C SER A 46 -14.84 -1.78 17.27
N GLU A 47 -15.73 -2.60 17.79
CA GLU A 47 -17.09 -2.16 18.09
C GLU A 47 -17.14 -1.61 19.50
N GLU A 48 -18.32 -1.18 19.92
CA GLU A 48 -18.50 -0.70 21.28
C GLU A 48 -18.92 -1.85 22.19
N ASP A 49 -19.38 -2.93 21.58
CA ASP A 49 -19.81 -4.10 22.35
C ASP A 49 -19.46 -5.42 21.64
N GLY A 50 -19.83 -5.50 20.37
CA GLY A 50 -19.74 -6.76 19.63
C GLY A 50 -18.34 -7.36 19.55
N GLY A 51 -17.32 -6.52 19.56
CA GLY A 51 -15.97 -7.03 19.44
C GLY A 51 -15.14 -6.21 18.49
N ALA A 52 -14.57 -6.88 17.50
CA ALA A 52 -13.74 -6.21 16.50
C ALA A 52 -13.81 -6.96 15.18
N HIS A 53 -13.76 -6.21 14.08
CA HIS A 53 -13.83 -6.80 12.76
C HIS A 53 -12.59 -6.42 11.95
N ASN A 54 -12.06 -7.38 11.20
CA ASN A 54 -10.97 -7.10 10.28
C ASN A 54 -11.57 -6.54 8.99
N GLN A 55 -11.09 -5.41 8.53
CA GLN A 55 -11.67 -4.77 7.38
C GLN A 55 -10.60 -4.40 6.35
N CYS A 56 -10.95 -4.56 5.08
CA CYS A 56 -10.13 -4.05 4.01
C CYS A 56 -10.92 -2.99 3.25
N LYS A 57 -10.82 -1.74 3.70
CA LYS A 57 -11.62 -0.64 3.16
C LYS A 57 -11.46 -0.50 1.65
N LEU A 58 -10.33 -0.98 1.12
CA LEU A 58 -10.08 -0.96 -0.32
C LEU A 58 -11.05 -1.88 -1.07
N CYS A 59 -11.38 -3.02 -0.46
CA CYS A 59 -12.24 -4.00 -1.10
C CYS A 59 -13.67 -3.89 -0.57
N GLY A 60 -13.79 -3.62 0.71
CA GLY A 60 -15.10 -3.49 1.32
C GLY A 60 -15.48 -4.72 2.12
N ALA A 61 -14.54 -5.63 2.30
CA ALA A 61 -14.79 -6.88 3.01
C ALA A 61 -14.48 -6.73 4.50
N SER A 62 -15.06 -7.62 5.30
CA SER A 62 -14.84 -7.60 6.74
C SER A 62 -15.23 -8.95 7.36
N VAL A 63 -14.47 -9.37 8.36
CA VAL A 63 -14.68 -10.65 9.03
C VAL A 63 -14.23 -10.51 10.49
N PRO A 64 -14.74 -11.36 11.43
CA PRO A 64 -14.25 -11.40 12.80
C PRO A 64 -12.72 -11.33 12.88
N TRP A 65 -12.22 -10.40 13.70
CA TRP A 65 -10.79 -10.06 13.74
C TRP A 65 -9.93 -11.26 14.14
N LEU A 66 -10.52 -12.22 14.83
CA LEU A 66 -9.78 -13.36 15.33
C LEU A 66 -9.84 -14.52 14.33
N GLN A 67 -9.84 -14.18 13.05
CA GLN A 67 -9.87 -15.16 11.97
C GLN A 67 -9.32 -14.54 10.69
N THR A 68 -8.41 -15.26 10.03
CA THR A 68 -7.79 -14.78 8.81
C THR A 68 -8.80 -14.70 7.67
N GLY A 69 -9.54 -15.80 7.45
CA GLY A 69 -10.61 -15.81 6.49
C GLY A 69 -10.18 -15.40 5.09
N ASP A 70 -9.35 -16.23 4.45
CA ASP A 70 -8.90 -15.98 3.07
C ASP A 70 -8.12 -14.67 2.97
N GLU A 71 -7.54 -14.25 4.09
CA GLU A 71 -6.83 -12.97 4.17
C GLU A 71 -7.79 -11.84 3.80
N ILE A 72 -8.98 -11.91 4.40
CA ILE A 72 -10.08 -10.93 4.25
C ILE A 72 -10.69 -10.94 2.84
N LYS A 73 -10.11 -11.75 1.95
CA LYS A 73 -10.55 -11.85 0.55
C LYS A 73 -10.27 -10.53 -0.20
N HIS A 74 -9.86 -10.65 -1.46
CA HIS A 74 -9.48 -9.49 -2.25
C HIS A 74 -10.20 -9.48 -3.59
N ALA A 75 -10.54 -8.30 -4.08
CA ALA A 75 -11.19 -8.17 -5.37
C ALA A 75 -10.17 -8.00 -6.46
N ASP A 76 -10.59 -8.22 -7.70
CA ASP A 76 -9.71 -8.10 -8.87
C ASP A 76 -9.27 -6.64 -9.05
N ASP A 77 -10.17 -5.74 -8.68
CA ASP A 77 -9.95 -4.30 -8.82
C ASP A 77 -8.96 -3.77 -7.76
N CYS A 78 -8.62 -4.60 -6.79
CA CYS A 78 -7.76 -4.19 -5.69
C CYS A 78 -6.29 -4.24 -6.11
N PRO A 79 -5.59 -3.09 -6.01
CA PRO A 79 -4.18 -2.98 -6.37
C PRO A 79 -3.28 -3.84 -5.48
N VAL A 80 -3.83 -4.28 -4.36
CA VAL A 80 -3.11 -5.13 -3.43
C VAL A 80 -2.70 -6.46 -4.08
N VAL A 81 -3.52 -6.92 -5.03
CA VAL A 81 -3.23 -8.16 -5.74
C VAL A 81 -1.95 -8.00 -6.55
N ILE A 82 -1.71 -6.79 -7.06
CA ILE A 82 -0.51 -6.49 -7.82
C ILE A 82 0.70 -6.47 -6.89
N ALA A 83 0.56 -5.73 -5.78
CA ALA A 83 1.62 -5.61 -4.79
C ALA A 83 2.05 -6.97 -4.26
N LYS A 84 1.06 -7.83 -4.00
CA LYS A 84 1.32 -9.17 -3.50
C LYS A 84 2.17 -9.95 -4.50
N GLN A 85 1.79 -9.88 -5.76
CA GLN A 85 2.51 -10.55 -6.82
C GLN A 85 3.97 -10.09 -6.89
N ILE A 86 4.17 -8.78 -6.78
CA ILE A 86 5.51 -8.19 -6.88
C ILE A 86 6.43 -8.71 -5.77
N LEU A 87 5.91 -8.80 -4.56
CA LEU A 87 6.72 -9.22 -3.43
C LEU A 87 6.87 -10.74 -3.37
N SER A 88 6.16 -11.43 -4.27
CA SER A 88 6.18 -12.88 -4.30
C SER A 88 7.03 -13.41 -5.45
N SER A 89 8.06 -12.66 -5.83
CA SER A 89 9.02 -13.13 -6.83
C SER A 89 9.60 -14.47 -6.40
N ARG A 90 9.86 -14.58 -5.11
CA ARG A 90 10.20 -15.85 -4.50
C ARG A 90 8.92 -16.44 -3.92
N PRO A 91 8.54 -17.64 -4.36
CA PRO A 91 7.25 -18.26 -4.03
C PRO A 91 6.91 -18.20 -2.55
N LYS A 92 5.86 -17.44 -2.23
CA LYS A 92 5.37 -17.33 -0.86
C LYS A 92 5.05 -18.71 -0.31
N LEU A 93 5.38 -18.94 0.96
CA LEU A 93 5.14 -20.22 1.61
C LEU A 93 3.70 -20.69 1.40
N HIS A 94 3.55 -21.73 0.59
CA HIS A 94 2.25 -22.31 0.32
C HIS A 94 2.33 -23.83 0.38
N ALA A 95 1.44 -24.43 1.15
CA ALA A 95 1.33 -25.86 1.22
C ALA A 95 0.41 -26.35 0.11
N VAL A 96 1.00 -26.79 -0.99
CA VAL A 96 0.25 -27.18 -2.17
C VAL A 96 -0.43 -25.96 -2.81
N MET B 1 -33.42 -13.01 -11.19
CA MET B 1 -32.05 -12.62 -10.79
C MET B 1 -31.03 -13.53 -11.44
N GLY B 2 -30.03 -12.92 -12.05
CA GLY B 2 -28.97 -13.68 -12.68
C GLY B 2 -27.62 -13.02 -12.50
N SER B 3 -26.88 -13.45 -11.49
CA SER B 3 -25.61 -12.84 -11.15
C SER B 3 -24.53 -13.25 -12.15
N SER B 4 -23.65 -12.30 -12.48
CA SER B 4 -22.57 -12.55 -13.41
C SER B 4 -21.38 -13.17 -12.70
N HIS B 5 -20.62 -14.00 -13.40
CA HIS B 5 -19.44 -14.63 -12.84
C HIS B 5 -18.23 -14.39 -13.72
N HIS B 6 -17.26 -13.66 -13.19
CA HIS B 6 -16.06 -13.33 -13.94
C HIS B 6 -14.95 -14.32 -13.61
N HIS B 7 -14.62 -15.17 -14.58
CA HIS B 7 -13.68 -16.27 -14.34
C HIS B 7 -12.23 -15.84 -14.54
N HIS B 8 -11.35 -16.48 -13.78
CA HIS B 8 -9.91 -16.35 -13.97
C HIS B 8 -9.33 -17.70 -14.33
N HIS B 9 -8.38 -17.72 -15.26
CA HIS B 9 -7.73 -18.96 -15.65
C HIS B 9 -6.38 -18.67 -16.29
N HIS B 10 -5.66 -19.74 -16.67
CA HIS B 10 -4.29 -19.67 -17.18
C HIS B 10 -3.31 -19.43 -16.03
N SER B 11 -2.49 -20.43 -15.75
CA SER B 11 -1.51 -20.34 -14.69
C SER B 11 -0.26 -21.12 -15.04
N SER B 12 0.73 -20.44 -15.58
CA SER B 12 2.01 -21.06 -15.88
C SER B 12 3.03 -20.66 -14.83
N GLY B 13 2.86 -19.45 -14.29
CA GLY B 13 3.74 -18.97 -13.25
C GLY B 13 4.86 -18.12 -13.81
N ARG B 14 5.76 -17.72 -12.92
CA ARG B 14 6.93 -16.90 -13.27
C ARG B 14 6.53 -15.48 -13.67
N GLU B 15 7.02 -14.53 -12.90
CA GLU B 15 6.87 -13.12 -13.23
C GLU B 15 8.16 -12.64 -13.88
N ASN B 16 9.17 -13.52 -13.88
CA ASN B 16 10.47 -13.25 -14.50
C ASN B 16 11.15 -12.07 -13.84
N LEU B 17 12.18 -11.54 -14.47
CA LEU B 17 12.81 -10.33 -13.99
C LEU B 17 12.02 -9.12 -14.48
N TYR B 18 10.95 -8.81 -13.77
CA TYR B 18 10.03 -7.75 -14.16
C TYR B 18 10.70 -6.38 -14.15
N PHE B 19 11.70 -6.19 -13.29
CA PHE B 19 12.45 -4.94 -13.29
C PHE B 19 13.36 -4.87 -14.50
N GLN B 20 13.81 -3.66 -14.84
CA GLN B 20 14.72 -3.43 -15.97
C GLN B 20 13.96 -3.49 -17.31
N GLY B 21 13.11 -4.49 -17.46
CA GLY B 21 12.33 -4.61 -18.68
C GLY B 21 10.93 -4.06 -18.52
N MET B 22 10.83 -2.85 -18.01
CA MET B 22 9.53 -2.23 -17.78
C MET B 22 9.31 -1.06 -18.71
N THR B 23 8.05 -0.68 -18.83
CA THR B 23 7.67 0.45 -19.65
C THR B 23 7.33 1.63 -18.73
N ASP B 24 7.12 2.80 -19.32
CA ASP B 24 6.78 4.01 -18.56
C ASP B 24 5.52 3.80 -17.73
N THR B 25 4.68 2.88 -18.19
CA THR B 25 3.42 2.59 -17.52
C THR B 25 3.63 1.85 -16.20
N ALA B 26 4.84 1.35 -15.97
CA ALA B 26 5.15 0.64 -14.73
C ALA B 26 4.96 1.56 -13.54
N ALA B 27 5.34 2.83 -13.72
CA ALA B 27 5.19 3.83 -12.68
C ALA B 27 3.71 4.08 -12.38
N GLU B 28 2.89 3.91 -13.41
CA GLU B 28 1.46 4.16 -13.31
C GLU B 28 0.78 3.04 -12.51
N ASP B 29 1.21 1.80 -12.74
CA ASP B 29 0.63 0.66 -12.02
C ASP B 29 1.10 0.65 -10.57
N VAL B 30 2.27 1.22 -10.33
CA VAL B 30 2.76 1.42 -8.97
C VAL B 30 1.98 2.54 -8.30
N ARG B 31 1.69 3.60 -9.05
CA ARG B 31 0.88 4.71 -8.55
C ARG B 31 -0.51 4.19 -8.18
N LYS B 32 -0.97 3.21 -8.95
CA LYS B 32 -2.25 2.54 -8.72
C LYS B 32 -2.34 2.04 -7.29
N ILE B 33 -1.27 1.38 -6.83
CA ILE B 33 -1.23 0.84 -5.48
C ILE B 33 -1.04 1.95 -4.46
N ALA B 34 -0.11 2.86 -4.76
CA ALA B 34 0.27 3.94 -3.86
C ALA B 34 -0.89 4.91 -3.60
N THR B 35 -1.77 5.08 -4.59
CA THR B 35 -2.88 6.02 -4.47
C THR B 35 -3.79 5.70 -3.28
N ALA B 36 -3.89 4.42 -2.93
CA ALA B 36 -4.73 3.99 -1.81
C ALA B 36 -4.26 4.59 -0.50
N LEU B 37 -2.95 4.83 -0.39
CA LEU B 37 -2.36 5.32 0.84
C LEU B 37 -2.85 6.73 1.17
N LEU B 38 -2.94 7.56 0.13
CA LEU B 38 -3.35 8.95 0.29
C LEU B 38 -4.82 9.03 0.69
N LYS B 39 -5.59 8.02 0.33
CA LYS B 39 -7.00 7.99 0.66
C LYS B 39 -7.25 7.36 2.02
N THR B 40 -6.73 6.16 2.23
CA THR B 40 -6.95 5.46 3.48
C THR B 40 -5.77 4.55 3.84
N ALA B 41 -4.82 5.14 4.55
CA ALA B 41 -3.71 4.40 5.13
C ALA B 41 -3.54 4.82 6.57
N ILE B 42 -4.47 5.64 7.04
CA ILE B 42 -4.44 6.16 8.39
C ILE B 42 -5.61 5.58 9.19
N GLU B 43 -5.31 4.91 10.29
CA GLU B 43 -6.34 4.29 11.11
C GLU B 43 -6.55 5.11 12.37
N ILE B 44 -7.77 5.09 12.89
CA ILE B 44 -8.09 5.85 14.08
C ILE B 44 -8.06 4.98 15.33
N VAL B 45 -7.12 5.26 16.21
CA VAL B 45 -7.04 4.57 17.47
C VAL B 45 -7.87 5.30 18.52
N SER B 46 -8.83 4.61 19.11
CA SER B 46 -9.72 5.22 20.08
C SER B 46 -9.09 5.23 21.46
N GLU B 47 -9.30 6.32 22.18
CA GLU B 47 -8.80 6.46 23.53
C GLU B 47 -9.74 5.74 24.48
N GLU B 48 -9.17 4.99 25.42
CA GLU B 48 -9.95 4.25 26.39
C GLU B 48 -10.76 5.18 27.27
N ASP B 49 -10.24 6.39 27.47
CA ASP B 49 -10.92 7.41 28.25
C ASP B 49 -12.15 7.93 27.51
N GLY B 50 -12.12 7.85 26.18
CA GLY B 50 -13.24 8.31 25.38
C GLY B 50 -12.82 9.35 24.35
N GLY B 51 -12.02 8.93 23.38
CA GLY B 51 -11.58 9.83 22.33
C GLY B 51 -11.05 9.06 21.15
N ALA B 52 -10.24 9.71 20.32
CA ALA B 52 -9.69 9.08 19.12
C ALA B 52 -8.51 9.87 18.56
N HIS B 53 -7.54 9.15 18.02
CA HIS B 53 -6.40 9.77 17.37
C HIS B 53 -6.14 9.10 16.02
N ASN B 54 -5.76 9.89 15.03
CA ASN B 54 -5.37 9.36 13.73
C ASN B 54 -3.93 8.90 13.83
N GLN B 55 -3.65 7.67 13.41
CA GLN B 55 -2.30 7.15 13.51
C GLN B 55 -2.02 6.11 12.43
N CYS B 56 -0.81 6.14 11.92
CA CYS B 56 -0.29 5.06 11.11
C CYS B 56 0.63 4.23 11.97
N LYS B 57 0.38 2.93 12.06
CA LYS B 57 1.13 2.04 12.96
C LYS B 57 2.60 1.93 12.55
N LEU B 58 2.96 2.56 11.44
CA LEU B 58 4.35 2.61 11.01
C LEU B 58 5.11 3.71 11.74
N CYS B 59 4.38 4.49 12.56
CA CYS B 59 4.96 5.54 13.39
C CYS B 59 5.35 6.75 12.54
N GLY B 60 4.73 6.87 11.38
CA GLY B 60 5.00 7.97 10.48
C GLY B 60 4.30 9.25 10.91
N ALA B 61 3.02 9.13 11.23
CA ALA B 61 2.22 10.30 11.57
C ALA B 61 1.11 9.91 12.54
N SER B 62 0.80 10.82 13.45
CA SER B 62 -0.31 10.64 14.38
C SER B 62 -0.76 11.99 14.91
N VAL B 63 -2.07 12.20 14.94
CA VAL B 63 -2.64 13.48 15.33
C VAL B 63 -4.07 13.29 15.84
N PRO B 64 -4.51 14.10 16.83
CA PRO B 64 -5.90 14.16 17.26
C PRO B 64 -6.87 14.22 16.07
N TRP B 65 -8.06 13.64 16.22
CA TRP B 65 -9.00 13.58 15.11
C TRP B 65 -9.74 14.90 14.94
N LEU B 66 -10.37 15.08 13.77
CA LEU B 66 -11.01 16.34 13.38
C LEU B 66 -9.95 17.39 13.04
N GLN B 67 -8.71 16.94 12.92
CA GLN B 67 -7.60 17.80 12.52
C GLN B 67 -6.99 17.24 11.24
N THR B 68 -6.19 18.04 10.54
CA THR B 68 -5.58 17.59 9.30
C THR B 68 -4.50 16.55 9.58
N GLY B 69 -4.81 15.29 9.28
CA GLY B 69 -3.91 14.20 9.59
C GLY B 69 -3.17 13.71 8.37
N ASP B 70 -2.48 14.63 7.70
CA ASP B 70 -1.69 14.28 6.51
C ASP B 70 -0.48 15.20 6.38
N GLU B 71 -0.64 16.48 6.72
CA GLU B 71 0.46 17.43 6.68
C GLU B 71 1.11 17.56 8.05
N ILE B 72 0.80 16.62 8.94
CA ILE B 72 1.30 16.67 10.30
C ILE B 72 2.46 15.69 10.48
N LYS B 73 3.68 16.22 10.33
CA LYS B 73 4.91 15.48 10.59
C LYS B 73 5.10 14.32 9.58
N HIS B 74 6.33 13.82 9.48
CA HIS B 74 6.62 12.67 8.65
C HIS B 74 7.84 11.92 9.17
N ALA B 75 7.79 10.61 9.15
CA ALA B 75 8.94 9.79 9.48
C ALA B 75 9.54 9.22 8.21
N ASP B 76 10.78 9.59 7.92
CA ASP B 76 11.45 9.19 6.69
C ASP B 76 11.65 7.68 6.63
N ASP B 77 11.60 7.05 7.80
CA ASP B 77 11.79 5.61 7.90
C ASP B 77 10.57 4.85 7.38
N CYS B 78 9.45 5.54 7.25
CA CYS B 78 8.21 4.89 6.86
C CYS B 78 8.08 4.79 5.34
N PRO B 79 7.85 3.56 4.84
CA PRO B 79 7.69 3.29 3.41
C PRO B 79 6.55 4.10 2.77
N VAL B 80 5.55 4.43 3.57
CA VAL B 80 4.41 5.21 3.08
C VAL B 80 4.87 6.61 2.66
N VAL B 81 5.79 7.19 3.43
CA VAL B 81 6.28 8.53 3.17
C VAL B 81 7.10 8.58 1.88
N ILE B 82 7.91 7.56 1.67
CA ILE B 82 8.74 7.48 0.48
C ILE B 82 7.89 7.11 -0.74
N ALA B 83 6.89 6.26 -0.52
CA ALA B 83 6.01 5.80 -1.59
C ALA B 83 5.23 6.95 -2.21
N LYS B 84 4.71 7.83 -1.36
CA LYS B 84 3.95 8.99 -1.85
C LYS B 84 4.86 9.91 -2.67
N GLN B 85 6.15 9.92 -2.35
CA GLN B 85 7.11 10.70 -3.09
C GLN B 85 7.41 10.04 -4.43
N ILE B 86 7.33 8.71 -4.48
CA ILE B 86 7.53 7.97 -5.72
C ILE B 86 6.50 8.37 -6.76
N LEU B 87 5.23 8.36 -6.36
CA LEU B 87 4.14 8.68 -7.27
C LEU B 87 4.15 10.16 -7.65
N SER B 88 4.85 10.97 -6.87
CA SER B 88 4.97 12.39 -7.14
C SER B 88 6.12 12.63 -8.12
N SER B 89 7.31 12.15 -7.76
CA SER B 89 8.52 12.28 -8.58
C SER B 89 8.99 13.74 -8.65
N ARG B 90 8.19 14.58 -9.30
CA ARG B 90 8.48 16.00 -9.45
C ARG B 90 7.28 16.73 -10.02
N PRO B 91 6.32 17.10 -9.16
CA PRO B 91 5.07 17.74 -9.58
C PRO B 91 5.25 19.23 -9.87
N LYS B 92 5.90 19.51 -11.00
CA LYS B 92 6.09 20.87 -11.50
C LYS B 92 7.02 20.83 -12.71
N LEU B 93 6.57 21.41 -13.82
CA LEU B 93 7.42 21.51 -15.01
C LEU B 93 8.55 22.49 -14.75
N HIS B 94 9.74 22.17 -15.26
CA HIS B 94 10.89 23.05 -15.09
C HIS B 94 10.93 24.07 -16.21
N ALA B 95 10.12 25.10 -16.08
CA ALA B 95 10.09 26.18 -17.05
C ALA B 95 10.53 27.48 -16.42
N VAL B 96 11.77 27.86 -16.65
CA VAL B 96 12.34 29.06 -16.09
C VAL B 96 12.94 29.93 -17.20
N MET A 1 -8.21 -20.32 4.53
CA MET A 1 -6.93 -20.65 3.85
C MET A 1 -5.76 -20.27 4.75
N GLY A 2 -4.56 -20.71 4.38
CA GLY A 2 -3.40 -20.42 5.19
C GLY A 2 -2.10 -20.43 4.40
N SER A 3 -1.62 -19.24 4.07
CA SER A 3 -0.33 -19.10 3.41
C SER A 3 0.56 -18.19 4.25
N SER A 4 1.26 -18.77 5.22
CA SER A 4 2.04 -17.99 6.15
C SER A 4 3.53 -18.01 5.76
N HIS A 5 3.96 -16.96 5.08
CA HIS A 5 5.36 -16.78 4.76
C HIS A 5 5.84 -15.44 5.31
N HIS A 6 6.38 -15.48 6.52
CA HIS A 6 6.78 -14.27 7.21
C HIS A 6 8.29 -14.06 7.18
N HIS A 7 8.71 -13.03 6.48
CA HIS A 7 10.12 -12.61 6.48
C HIS A 7 10.27 -11.36 7.33
N HIS A 8 11.48 -10.84 7.43
CA HIS A 8 11.73 -9.68 8.29
C HIS A 8 12.68 -8.69 7.63
N HIS A 9 12.21 -7.45 7.47
CA HIS A 9 13.02 -6.33 6.99
C HIS A 9 12.58 -5.05 7.69
N HIS A 10 13.37 -4.00 7.59
CA HIS A 10 13.05 -2.76 8.31
C HIS A 10 13.19 -1.53 7.42
N SER A 11 14.43 -1.08 7.22
CA SER A 11 14.68 0.20 6.57
C SER A 11 14.63 0.11 5.05
N SER A 12 14.32 1.23 4.43
CA SER A 12 14.33 1.33 2.98
C SER A 12 15.57 2.10 2.54
N GLY A 13 15.76 2.23 1.23
CA GLY A 13 16.91 2.96 0.73
C GLY A 13 16.53 4.08 -0.22
N ARG A 14 17.44 5.02 -0.42
CA ARG A 14 17.23 6.10 -1.37
C ARG A 14 17.82 5.71 -2.72
N GLU A 15 16.97 5.35 -3.66
CA GLU A 15 17.43 4.95 -4.98
C GLU A 15 17.06 6.01 -6.01
N ASN A 16 18.06 6.74 -6.50
CA ASN A 16 17.83 7.80 -7.48
C ASN A 16 17.73 7.24 -8.90
N LEU A 17 16.87 6.25 -9.07
CA LEU A 17 16.65 5.63 -10.36
C LEU A 17 15.16 5.38 -10.56
N TYR A 18 14.62 5.80 -11.69
CA TYR A 18 13.20 5.62 -11.96
C TYR A 18 12.99 4.38 -12.81
N PHE A 19 11.74 3.97 -12.97
CA PHE A 19 11.41 2.71 -13.62
C PHE A 19 11.62 2.77 -15.13
N GLN A 20 12.83 2.45 -15.54
CA GLN A 20 13.18 2.23 -16.94
C GLN A 20 14.13 1.04 -17.01
N GLY A 21 15.41 1.33 -16.84
CA GLY A 21 16.39 0.28 -16.69
C GLY A 21 16.63 -0.01 -15.23
N MET A 22 15.62 -0.59 -14.58
CA MET A 22 15.63 -0.80 -13.15
C MET A 22 16.58 -1.93 -12.77
N THR A 23 17.23 -1.79 -11.63
CA THR A 23 18.23 -2.74 -11.18
C THR A 23 17.61 -4.03 -10.64
N ASP A 24 16.27 -4.09 -10.65
CA ASP A 24 15.49 -5.24 -10.20
C ASP A 24 15.46 -5.33 -8.67
N THR A 25 16.60 -5.09 -8.03
CA THR A 25 16.69 -5.09 -6.56
C THR A 25 15.72 -4.08 -5.93
N ALA A 26 15.24 -3.15 -6.75
CA ALA A 26 14.25 -2.18 -6.31
C ALA A 26 13.00 -2.87 -5.77
N ALA A 27 12.73 -4.09 -6.26
CA ALA A 27 11.59 -4.87 -5.82
C ALA A 27 11.60 -5.08 -4.31
N GLU A 28 12.80 -5.17 -3.75
CA GLU A 28 12.97 -5.34 -2.32
C GLU A 28 12.36 -4.16 -1.55
N ASP A 29 12.64 -2.95 -2.01
CA ASP A 29 12.11 -1.75 -1.35
C ASP A 29 10.66 -1.52 -1.72
N VAL A 30 10.28 -1.93 -2.92
CA VAL A 30 8.89 -1.78 -3.35
C VAL A 30 7.98 -2.73 -2.57
N ARG A 31 8.49 -3.90 -2.24
CA ARG A 31 7.71 -4.84 -1.43
C ARG A 31 7.63 -4.36 0.02
N LYS A 32 8.63 -3.62 0.47
CA LYS A 32 8.59 -3.00 1.79
C LYS A 32 7.37 -2.09 1.93
N ILE A 33 7.19 -1.19 0.96
CA ILE A 33 6.04 -0.29 0.97
C ILE A 33 4.75 -1.06 0.72
N ALA A 34 4.86 -2.14 -0.04
CA ALA A 34 3.74 -3.05 -0.28
C ALA A 34 3.31 -3.73 1.02
N THR A 35 4.27 -3.97 1.89
CA THR A 35 3.99 -4.54 3.21
C THR A 35 3.40 -3.48 4.13
N ALA A 36 3.81 -2.22 3.90
CA ALA A 36 3.26 -1.10 4.65
C ALA A 36 1.77 -0.97 4.39
N LEU A 37 1.33 -1.45 3.23
CA LEU A 37 -0.09 -1.48 2.89
C LEU A 37 -0.83 -2.37 3.88
N LEU A 38 -0.25 -3.52 4.17
CA LEU A 38 -0.84 -4.47 5.12
C LEU A 38 -0.77 -3.92 6.54
N LYS A 39 0.20 -3.06 6.79
CA LYS A 39 0.37 -2.45 8.10
C LYS A 39 -0.67 -1.35 8.32
N THR A 40 -1.26 -0.87 7.25
CA THR A 40 -2.16 0.28 7.32
C THR A 40 -3.59 -0.05 6.90
N ALA A 41 -3.75 -0.61 5.70
CA ALA A 41 -5.07 -0.88 5.14
C ALA A 41 -5.70 -2.12 5.77
N ILE A 42 -4.86 -2.95 6.36
CA ILE A 42 -5.35 -4.12 7.09
C ILE A 42 -5.49 -3.74 8.56
N GLU A 43 -6.72 -3.56 9.00
CA GLU A 43 -6.95 -3.09 10.35
C GLU A 43 -8.02 -3.93 11.04
N ILE A 44 -7.75 -4.29 12.28
CA ILE A 44 -8.61 -5.17 13.04
C ILE A 44 -9.66 -4.37 13.81
N VAL A 45 -10.92 -4.69 13.55
CA VAL A 45 -12.02 -4.11 14.31
C VAL A 45 -12.42 -5.07 15.41
N SER A 46 -12.12 -4.69 16.64
CA SER A 46 -12.36 -5.55 17.78
C SER A 46 -13.84 -5.60 18.14
N GLU A 47 -14.34 -6.80 18.38
CA GLU A 47 -15.71 -6.98 18.79
C GLU A 47 -15.81 -6.70 20.29
N GLU A 48 -16.88 -6.05 20.70
CA GLU A 48 -17.07 -5.66 22.10
C GLU A 48 -17.09 -6.89 23.00
N ASP A 49 -17.52 -8.01 22.44
CA ASP A 49 -17.58 -9.27 23.16
C ASP A 49 -16.18 -9.71 23.61
N GLY A 50 -15.17 -9.20 22.94
CA GLY A 50 -13.81 -9.63 23.21
C GLY A 50 -13.22 -10.39 22.05
N GLY A 51 -13.81 -10.22 20.88
CA GLY A 51 -13.30 -10.86 19.70
C GLY A 51 -12.58 -9.88 18.81
N ALA A 52 -12.32 -10.27 17.58
CA ALA A 52 -11.52 -9.47 16.68
C ALA A 52 -11.73 -9.88 15.23
N HIS A 53 -12.09 -8.91 14.39
CA HIS A 53 -12.17 -9.13 12.96
C HIS A 53 -11.12 -8.28 12.27
N ASN A 54 -10.10 -8.91 11.71
CA ASN A 54 -9.08 -8.18 10.99
C ASN A 54 -9.55 -7.94 9.57
N GLN A 55 -9.90 -6.70 9.27
CA GLN A 55 -10.56 -6.41 8.01
C GLN A 55 -9.68 -5.62 7.06
N CYS A 56 -9.71 -6.03 5.81
CA CYS A 56 -9.13 -5.26 4.74
C CYS A 56 -10.26 -4.48 4.06
N LYS A 57 -10.06 -3.20 3.84
CA LYS A 57 -11.10 -2.37 3.31
C LYS A 57 -11.07 -2.48 1.79
N LEU A 58 -11.12 -1.34 1.11
CA LEU A 58 -11.08 -1.28 -0.35
C LEU A 58 -12.35 -1.88 -0.96
N CYS A 59 -12.56 -3.16 -0.71
CA CYS A 59 -13.75 -3.86 -1.21
C CYS A 59 -14.60 -4.33 -0.02
N GLY A 60 -14.01 -4.31 1.17
CA GLY A 60 -14.72 -4.73 2.37
C GLY A 60 -14.71 -6.24 2.55
N ALA A 61 -13.55 -6.79 2.89
CA ALA A 61 -13.41 -8.23 3.11
C ALA A 61 -12.78 -8.51 4.47
N SER A 62 -13.21 -9.58 5.12
CA SER A 62 -12.74 -9.89 6.47
C SER A 62 -11.66 -10.99 6.44
N VAL A 63 -10.73 -10.88 7.38
CA VAL A 63 -9.62 -11.82 7.49
C VAL A 63 -9.46 -12.26 8.96
N PRO A 64 -9.18 -13.55 9.19
CA PRO A 64 -8.85 -14.07 10.52
C PRO A 64 -7.73 -13.25 11.18
N TRP A 65 -7.98 -12.81 12.41
CA TRP A 65 -7.06 -11.94 13.13
C TRP A 65 -5.72 -12.61 13.43
N LEU A 66 -5.76 -13.87 13.82
CA LEU A 66 -4.55 -14.56 14.26
C LEU A 66 -3.80 -15.21 13.10
N GLN A 67 -3.88 -14.59 11.94
CA GLN A 67 -3.16 -15.08 10.77
C GLN A 67 -2.64 -13.90 9.96
N THR A 68 -1.51 -14.10 9.30
CA THR A 68 -0.90 -13.03 8.50
C THR A 68 -1.76 -12.66 7.29
N GLY A 69 -2.82 -13.43 7.08
CA GLY A 69 -3.69 -13.22 5.95
C GLY A 69 -4.29 -14.52 5.48
N ASP A 70 -5.56 -14.52 5.17
CA ASP A 70 -6.23 -15.71 4.68
C ASP A 70 -6.15 -15.76 3.16
N GLU A 71 -5.74 -14.63 2.58
CA GLU A 71 -5.64 -14.47 1.14
C GLU A 71 -6.99 -14.71 0.47
N ILE A 72 -8.05 -14.26 1.17
CA ILE A 72 -9.40 -14.25 0.62
C ILE A 72 -9.41 -13.49 -0.70
N LYS A 73 -10.24 -13.93 -1.65
CA LYS A 73 -10.30 -13.30 -2.96
C LYS A 73 -10.67 -11.83 -2.85
N HIS A 74 -10.03 -11.04 -3.69
CA HIS A 74 -10.32 -9.61 -3.79
C HIS A 74 -10.66 -9.28 -5.24
N ALA A 75 -11.06 -8.05 -5.49
CA ALA A 75 -11.42 -7.64 -6.83
C ALA A 75 -10.19 -7.60 -7.73
N ASP A 76 -10.40 -7.91 -9.00
CA ASP A 76 -9.35 -7.89 -10.01
C ASP A 76 -8.85 -6.47 -10.21
N ASP A 77 -9.65 -5.52 -9.76
CA ASP A 77 -9.36 -4.10 -9.92
C ASP A 77 -8.56 -3.58 -8.73
N CYS A 78 -8.28 -4.47 -7.77
CA CYS A 78 -7.57 -4.08 -6.56
C CYS A 78 -6.07 -4.08 -6.79
N PRO A 79 -5.40 -2.93 -6.51
CA PRO A 79 -3.94 -2.79 -6.66
C PRO A 79 -3.17 -3.73 -5.73
N VAL A 80 -3.87 -4.24 -4.72
CA VAL A 80 -3.25 -5.15 -3.75
C VAL A 80 -2.70 -6.39 -4.44
N VAL A 81 -3.33 -6.81 -5.53
CA VAL A 81 -2.87 -7.97 -6.29
C VAL A 81 -1.48 -7.72 -6.86
N ILE A 82 -1.25 -6.50 -7.34
CA ILE A 82 0.05 -6.12 -7.90
C ILE A 82 1.12 -6.13 -6.83
N ALA A 83 0.80 -5.56 -5.68
CA ALA A 83 1.74 -5.48 -4.57
C ALA A 83 2.18 -6.89 -4.13
N LYS A 84 1.25 -7.83 -4.13
CA LYS A 84 1.54 -9.20 -3.76
C LYS A 84 2.49 -9.86 -4.76
N GLN A 85 2.31 -9.56 -6.04
CA GLN A 85 3.19 -10.08 -7.08
C GLN A 85 4.62 -9.64 -6.82
N ILE A 86 4.77 -8.36 -6.46
CA ILE A 86 6.08 -7.78 -6.19
C ILE A 86 6.78 -8.46 -5.02
N LEU A 87 6.06 -8.60 -3.90
CA LEU A 87 6.65 -9.19 -2.70
C LEU A 87 6.87 -10.70 -2.87
N SER A 88 6.23 -11.28 -3.86
CA SER A 88 6.41 -12.69 -4.17
C SER A 88 7.73 -12.91 -4.90
N SER A 89 8.09 -11.98 -5.80
CA SER A 89 9.31 -12.08 -6.59
C SER A 89 9.27 -13.34 -7.45
N ARG A 90 8.05 -13.74 -7.81
CA ARG A 90 7.82 -15.03 -8.46
C ARG A 90 6.76 -14.88 -9.55
N PRO A 91 6.95 -15.56 -10.70
CA PRO A 91 5.95 -15.60 -11.77
C PRO A 91 4.61 -16.10 -11.28
N LYS A 92 3.66 -15.18 -11.16
CA LYS A 92 2.35 -15.49 -10.60
C LYS A 92 1.36 -15.90 -11.69
N LEU A 93 1.71 -15.61 -12.92
CA LEU A 93 0.86 -15.94 -14.06
C LEU A 93 1.09 -17.38 -14.50
N HIS A 94 0.01 -18.05 -14.88
CA HIS A 94 0.09 -19.42 -15.34
C HIS A 94 -0.46 -19.53 -16.75
N ALA A 95 -1.79 -19.56 -16.85
CA ALA A 95 -2.46 -19.64 -18.14
C ALA A 95 -3.53 -18.58 -18.25
N VAL A 96 -3.18 -17.47 -18.88
CA VAL A 96 -4.09 -16.35 -19.05
C VAL A 96 -4.59 -16.31 -20.49
N MET B 1 -25.19 -0.35 5.96
CA MET B 1 -25.82 0.87 5.43
C MET B 1 -26.92 0.52 4.43
N GLY B 2 -26.56 -0.21 3.37
CA GLY B 2 -27.56 -0.64 2.42
C GLY B 2 -27.06 -0.65 0.98
N SER B 3 -26.77 0.53 0.44
CA SER B 3 -26.44 0.70 -0.98
C SER B 3 -25.42 -0.33 -1.48
N SER B 4 -24.16 -0.14 -1.08
CA SER B 4 -23.06 -1.05 -1.47
C SER B 4 -22.82 -1.05 -2.99
N HIS B 5 -21.74 -1.70 -3.41
CA HIS B 5 -21.37 -1.83 -4.84
C HIS B 5 -20.94 -0.50 -5.45
N HIS B 6 -20.22 -0.60 -6.57
CA HIS B 6 -19.78 0.57 -7.32
C HIS B 6 -19.48 0.16 -8.77
N HIS B 7 -19.60 1.10 -9.69
CA HIS B 7 -19.29 0.82 -11.10
C HIS B 7 -18.36 1.87 -11.67
N HIS B 8 -17.83 1.58 -12.86
CA HIS B 8 -16.96 2.51 -13.61
C HIS B 8 -15.57 2.60 -12.98
N HIS B 9 -15.25 1.68 -12.08
CA HIS B 9 -13.91 1.63 -11.53
C HIS B 9 -13.06 0.72 -12.39
N HIS B 10 -12.24 1.33 -13.24
CA HIS B 10 -11.48 0.61 -14.24
C HIS B 10 -10.00 0.90 -14.10
N SER B 11 -9.33 0.14 -13.25
CA SER B 11 -7.90 0.29 -13.02
C SER B 11 -7.31 -1.05 -12.60
N SER B 12 -7.89 -2.12 -13.16
CA SER B 12 -7.54 -3.49 -12.81
C SER B 12 -6.04 -3.76 -12.95
N GLY B 13 -5.57 -4.75 -12.21
CA GLY B 13 -4.18 -5.13 -12.27
C GLY B 13 -3.91 -6.18 -13.34
N ARG B 14 -2.69 -6.68 -13.38
CA ARG B 14 -2.31 -7.66 -14.39
C ARG B 14 -1.20 -8.56 -13.84
N GLU B 15 -1.14 -9.79 -14.31
CA GLU B 15 -0.08 -10.71 -13.92
C GLU B 15 1.01 -10.69 -14.98
N ASN B 16 1.89 -9.69 -14.93
CA ASN B 16 2.86 -9.48 -15.99
C ASN B 16 3.94 -8.47 -15.59
N LEU B 17 5.11 -8.60 -16.22
CA LEU B 17 6.23 -7.64 -16.09
C LEU B 17 6.96 -7.81 -14.76
N TYR B 18 8.25 -7.48 -14.76
CA TYR B 18 9.07 -7.56 -13.56
C TYR B 18 10.05 -6.39 -13.53
N PHE B 19 10.87 -6.30 -12.48
CA PHE B 19 11.71 -5.13 -12.25
C PHE B 19 13.03 -5.19 -13.01
N GLN B 20 13.18 -6.18 -13.88
CA GLN B 20 14.40 -6.29 -14.68
C GLN B 20 14.42 -5.22 -15.77
N GLY B 21 13.23 -4.76 -16.13
CA GLY B 21 13.09 -3.73 -17.13
C GLY B 21 11.65 -3.33 -17.29
N MET B 22 11.34 -2.07 -17.02
CA MET B 22 9.98 -1.59 -17.05
C MET B 22 9.79 -0.52 -18.12
N THR B 23 8.56 -0.04 -18.23
CA THR B 23 8.22 0.94 -19.24
C THR B 23 7.58 2.17 -18.58
N ASP B 24 7.20 3.15 -19.40
CA ASP B 24 6.71 4.43 -18.90
C ASP B 24 5.42 4.29 -18.10
N THR B 25 4.47 3.52 -18.63
CA THR B 25 3.18 3.33 -17.98
C THR B 25 3.30 2.56 -16.65
N ALA B 26 4.44 1.89 -16.45
CA ALA B 26 4.64 1.08 -15.23
C ALA B 26 4.59 1.94 -13.98
N ALA B 27 5.01 3.20 -14.12
CA ALA B 27 5.02 4.14 -13.00
C ALA B 27 3.62 4.38 -12.45
N GLU B 28 2.62 4.23 -13.32
CA GLU B 28 1.24 4.48 -12.93
C GLU B 28 0.73 3.41 -12.00
N ASP B 29 1.09 2.16 -12.27
CA ASP B 29 0.68 1.04 -11.41
C ASP B 29 1.42 1.09 -10.09
N VAL B 30 2.65 1.58 -10.12
CA VAL B 30 3.42 1.81 -8.89
C VAL B 30 2.69 2.84 -8.02
N ARG B 31 2.19 3.89 -8.67
CA ARG B 31 1.39 4.89 -7.97
C ARG B 31 0.09 4.28 -7.47
N LYS B 32 -0.49 3.42 -8.30
CA LYS B 32 -1.77 2.78 -8.01
C LYS B 32 -1.78 2.10 -6.65
N ILE B 33 -0.73 1.33 -6.36
CA ILE B 33 -0.64 0.59 -5.11
C ILE B 33 -0.34 1.52 -3.93
N ALA B 34 0.52 2.51 -4.16
CA ALA B 34 0.93 3.41 -3.09
C ALA B 34 -0.18 4.38 -2.71
N THR B 35 -0.95 4.82 -3.71
CA THR B 35 -2.03 5.76 -3.46
C THR B 35 -3.21 5.08 -2.79
N ALA B 36 -3.38 3.79 -3.07
CA ALA B 36 -4.43 3.00 -2.43
C ALA B 36 -4.30 3.10 -0.92
N LEU B 37 -3.07 3.04 -0.45
CA LEU B 37 -2.73 3.23 0.95
C LEU B 37 -3.28 4.56 1.46
N LEU B 38 -2.96 5.64 0.74
CA LEU B 38 -3.35 6.98 1.15
C LEU B 38 -4.88 7.11 1.20
N LYS B 39 -5.55 6.37 0.34
CA LYS B 39 -6.99 6.49 0.19
C LYS B 39 -7.76 5.65 1.21
N THR B 40 -7.38 4.38 1.37
CA THR B 40 -8.20 3.46 2.16
C THR B 40 -7.56 3.12 3.52
N ALA B 41 -6.32 3.56 3.75
CA ALA B 41 -5.63 3.22 4.97
C ALA B 41 -5.45 4.43 5.88
N ILE B 42 -5.76 5.61 5.37
CA ILE B 42 -5.62 6.83 6.13
C ILE B 42 -6.98 7.32 6.63
N GLU B 43 -7.01 7.83 7.85
CA GLU B 43 -8.24 8.27 8.47
C GLU B 43 -8.19 9.78 8.74
N ILE B 44 -9.30 10.45 8.47
CA ILE B 44 -9.39 11.89 8.65
C ILE B 44 -10.24 12.21 9.87
N VAL B 45 -9.72 13.03 10.76
CA VAL B 45 -10.54 13.62 11.81
C VAL B 45 -10.90 15.04 11.42
N SER B 46 -12.13 15.23 11.02
CA SER B 46 -12.59 16.49 10.47
C SER B 46 -13.50 17.21 11.44
N GLU B 47 -13.34 18.53 11.53
CA GLU B 47 -14.12 19.34 12.44
C GLU B 47 -15.54 19.54 11.90
N GLU B 48 -16.42 20.11 12.71
CA GLU B 48 -17.81 20.30 12.33
C GLU B 48 -17.92 21.17 11.08
N ASP B 49 -17.64 22.45 11.26
CA ASP B 49 -17.70 23.41 10.17
C ASP B 49 -16.31 23.96 9.89
N GLY B 50 -15.35 23.54 10.69
CA GLY B 50 -13.99 24.02 10.54
C GLY B 50 -13.23 23.31 9.46
N GLY B 51 -12.09 22.74 9.82
CA GLY B 51 -11.25 22.11 8.83
C GLY B 51 -11.22 20.60 8.97
N ALA B 52 -10.10 20.01 8.61
CA ALA B 52 -9.91 18.58 8.67
C ALA B 52 -8.46 18.29 9.01
N HIS B 53 -8.22 17.24 9.77
CA HIS B 53 -6.87 16.89 10.16
C HIS B 53 -6.50 15.51 9.64
N ASN B 54 -5.59 15.49 8.70
CA ASN B 54 -5.16 14.26 8.05
C ASN B 54 -4.10 13.56 8.89
N GLN B 55 -4.45 12.42 9.46
CA GLN B 55 -3.53 11.67 10.30
C GLN B 55 -2.95 10.49 9.54
N CYS B 56 -1.65 10.49 9.35
CA CYS B 56 -0.96 9.36 8.76
C CYS B 56 -0.96 8.20 9.74
N LYS B 57 -1.70 7.14 9.39
CA LYS B 57 -1.97 6.04 10.32
C LYS B 57 -0.79 5.09 10.30
N LEU B 58 0.30 5.55 10.89
CA LEU B 58 1.54 4.79 10.95
C LEU B 58 2.58 5.59 11.72
N CYS B 59 2.78 6.83 11.31
CA CYS B 59 3.80 7.69 11.89
C CYS B 59 3.23 8.57 13.00
N GLY B 60 1.90 8.67 13.05
CA GLY B 60 1.26 9.49 14.07
C GLY B 60 1.42 10.97 13.80
N ALA B 61 1.51 11.33 12.53
CA ALA B 61 1.65 12.72 12.14
C ALA B 61 0.38 13.21 11.47
N SER B 62 -0.05 14.42 11.84
CA SER B 62 -1.28 14.96 11.30
C SER B 62 -1.05 16.35 10.68
N VAL B 63 -1.80 16.63 9.62
CA VAL B 63 -1.69 17.89 8.92
C VAL B 63 -3.09 18.50 8.72
N PRO B 64 -3.22 19.84 8.81
CA PRO B 64 -4.50 20.54 8.60
C PRO B 64 -5.07 20.38 7.18
N TRP B 65 -4.42 19.55 6.37
CA TRP B 65 -4.91 19.15 5.04
C TRP B 65 -4.75 20.25 4.01
N LEU B 66 -5.25 21.44 4.31
CA LEU B 66 -5.22 22.56 3.36
C LEU B 66 -3.80 22.89 2.90
N GLN B 67 -2.84 22.82 3.81
CA GLN B 67 -1.44 23.08 3.47
C GLN B 67 -0.96 22.09 2.42
N THR B 68 -1.24 20.81 2.67
CA THR B 68 -0.82 19.74 1.79
C THR B 68 -1.31 18.40 2.34
N GLY B 69 -1.59 17.47 1.44
CA GLY B 69 -1.98 16.14 1.87
C GLY B 69 -0.86 15.15 1.65
N ASP B 70 0.19 15.59 0.99
CA ASP B 70 1.30 14.70 0.64
C ASP B 70 2.57 15.05 1.40
N GLU B 71 3.10 16.25 1.20
CA GLU B 71 4.39 16.63 1.77
C GLU B 71 4.24 17.37 3.10
N ILE B 72 3.97 16.60 4.14
CA ILE B 72 3.98 17.13 5.49
C ILE B 72 5.34 16.83 6.10
N LYS B 73 5.79 17.65 7.04
CA LYS B 73 7.09 17.44 7.68
C LYS B 73 7.21 16.00 8.16
N HIS B 74 8.03 15.24 7.47
CA HIS B 74 7.97 13.78 7.55
C HIS B 74 9.19 13.18 8.21
N ALA B 75 9.00 12.03 8.81
CA ALA B 75 10.10 11.18 9.22
C ALA B 75 10.59 10.42 7.99
N ASP B 76 11.87 10.54 7.69
CA ASP B 76 12.40 10.05 6.42
C ASP B 76 12.64 8.55 6.48
N ASP B 77 12.30 7.96 7.61
CA ASP B 77 12.46 6.52 7.82
C ASP B 77 11.16 5.78 7.51
N CYS B 78 10.14 6.54 7.10
CA CYS B 78 8.83 5.95 6.82
C CYS B 78 8.68 5.64 5.34
N PRO B 79 8.38 4.37 5.01
CA PRO B 79 8.21 3.92 3.62
C PRO B 79 7.08 4.66 2.90
N VAL B 80 6.08 5.07 3.66
CA VAL B 80 4.95 5.81 3.11
C VAL B 80 5.42 7.12 2.47
N VAL B 81 6.50 7.67 2.99
CA VAL B 81 7.05 8.91 2.48
C VAL B 81 7.73 8.69 1.13
N ILE B 82 8.63 7.71 1.08
CA ILE B 82 9.37 7.45 -0.14
C ILE B 82 8.45 6.99 -1.26
N ALA B 83 7.39 6.29 -0.90
CA ALA B 83 6.36 5.89 -1.85
C ALA B 83 5.81 7.11 -2.59
N LYS B 84 5.57 8.19 -1.84
CA LYS B 84 5.10 9.44 -2.42
C LYS B 84 6.16 10.02 -3.36
N GLN B 85 7.41 9.87 -2.95
CA GLN B 85 8.55 10.33 -3.74
C GLN B 85 8.63 9.58 -5.07
N ILE B 86 8.25 8.31 -5.06
CA ILE B 86 8.28 7.48 -6.26
C ILE B 86 7.13 7.83 -7.21
N LEU B 87 5.94 8.03 -6.65
CA LEU B 87 4.73 8.22 -7.44
C LEU B 87 4.65 9.63 -8.04
N SER B 88 5.70 10.41 -7.86
CA SER B 88 5.77 11.74 -8.45
C SER B 88 5.86 11.65 -9.98
N SER B 89 5.84 12.81 -10.64
CA SER B 89 5.79 12.88 -12.11
C SER B 89 4.49 12.25 -12.61
N ARG B 90 4.50 11.72 -13.84
CA ARG B 90 3.36 10.99 -14.41
C ARG B 90 2.04 11.77 -14.26
N PRO B 91 1.78 12.70 -15.19
CA PRO B 91 0.58 13.54 -15.17
C PRO B 91 -0.69 12.75 -15.49
N LYS B 92 -1.63 12.75 -14.56
CA LYS B 92 -2.92 12.09 -14.74
C LYS B 92 -3.88 12.56 -13.65
N LEU B 93 -5.13 12.83 -14.05
CA LEU B 93 -6.10 13.50 -13.17
C LEU B 93 -6.64 12.59 -12.07
N HIS B 94 -5.83 12.39 -11.02
CA HIS B 94 -6.26 11.77 -9.76
C HIS B 94 -6.90 10.39 -9.93
N ALA B 95 -6.15 9.35 -9.61
CA ALA B 95 -6.67 7.98 -9.67
C ALA B 95 -7.55 7.69 -8.46
N VAL B 96 -8.87 7.71 -8.68
CA VAL B 96 -9.82 7.44 -7.62
C VAL B 96 -10.43 6.05 -7.78
N MET A 1 -3.81 -3.23 15.82
CA MET A 1 -3.53 -4.58 16.35
C MET A 1 -2.08 -4.96 16.05
N GLY A 2 -1.68 -4.78 14.79
CA GLY A 2 -0.30 -5.06 14.41
C GLY A 2 0.66 -4.01 14.90
N SER A 3 1.88 -4.41 15.21
CA SER A 3 2.89 -3.49 15.69
C SER A 3 3.94 -3.24 14.62
N SER A 4 4.61 -2.09 14.70
CA SER A 4 5.60 -1.71 13.70
C SER A 4 6.85 -1.13 14.37
N HIS A 5 7.99 -1.69 14.02
CA HIS A 5 9.27 -1.17 14.49
C HIS A 5 10.13 -0.83 13.27
N HIS A 6 10.24 -1.80 12.37
CA HIS A 6 10.87 -1.62 11.05
C HIS A 6 12.33 -1.15 11.12
N HIS A 7 13.23 -2.10 10.98
CA HIS A 7 14.64 -1.80 10.81
C HIS A 7 15.08 -2.23 9.42
N HIS A 8 14.85 -1.35 8.46
CA HIS A 8 15.04 -1.67 7.05
C HIS A 8 14.80 -0.40 6.22
N HIS A 9 15.32 0.71 6.72
CA HIS A 9 15.06 2.01 6.10
C HIS A 9 15.80 2.17 4.78
N HIS A 10 15.55 3.29 4.11
CA HIS A 10 16.20 3.59 2.83
C HIS A 10 16.53 5.07 2.76
N SER A 11 17.43 5.42 1.86
CA SER A 11 17.77 6.81 1.61
C SER A 11 16.63 7.52 0.88
N SER A 12 16.62 8.84 0.95
CA SER A 12 15.59 9.63 0.30
C SER A 12 16.06 10.08 -1.09
N GLY A 13 15.12 10.39 -1.97
CA GLY A 13 15.47 10.80 -3.31
C GLY A 13 14.23 11.09 -4.14
N ARG A 14 14.42 11.68 -5.31
CA ARG A 14 13.30 12.03 -6.18
C ARG A 14 13.83 12.32 -7.58
N GLU A 15 13.44 11.49 -8.55
CA GLU A 15 13.90 11.65 -9.92
C GLU A 15 12.71 11.57 -10.88
N ASN A 16 12.97 11.87 -12.15
CA ASN A 16 11.98 11.68 -13.21
C ASN A 16 11.68 10.19 -13.39
N LEU A 17 10.55 9.88 -14.02
CA LEU A 17 10.12 8.50 -14.26
C LEU A 17 11.25 7.65 -14.84
N TYR A 18 11.90 6.89 -13.97
CA TYR A 18 12.95 5.98 -14.37
C TYR A 18 12.40 4.57 -14.46
N PHE A 19 11.11 4.52 -14.66
CA PHE A 19 10.36 3.26 -14.72
C PHE A 19 10.49 2.60 -16.08
N GLN A 20 11.52 2.98 -16.84
CA GLN A 20 11.80 2.37 -18.12
C GLN A 20 12.34 0.97 -17.91
N GLY A 21 13.29 0.85 -17.00
CA GLY A 21 13.85 -0.44 -16.63
C GLY A 21 14.23 -0.47 -15.17
N MET A 22 14.06 -1.60 -14.52
CA MET A 22 14.34 -1.72 -13.10
C MET A 22 15.45 -2.72 -12.85
N THR A 23 15.78 -2.92 -11.58
CA THR A 23 16.89 -3.79 -11.21
C THR A 23 16.75 -4.28 -9.76
N ASP A 24 17.82 -4.87 -9.25
CA ASP A 24 17.88 -5.45 -7.90
C ASP A 24 17.24 -4.57 -6.83
N THR A 25 17.81 -3.40 -6.62
CA THR A 25 17.43 -2.53 -5.51
C THR A 25 16.04 -1.93 -5.72
N ALA A 26 15.62 -1.87 -6.98
CA ALA A 26 14.31 -1.32 -7.31
C ALA A 26 13.20 -2.18 -6.74
N ALA A 27 13.38 -3.50 -6.85
CA ALA A 27 12.39 -4.46 -6.37
C ALA A 27 12.29 -4.41 -4.85
N GLU A 28 13.41 -4.07 -4.21
CA GLU A 28 13.48 -4.05 -2.75
C GLU A 28 12.55 -2.98 -2.19
N ASP A 29 12.66 -1.75 -2.70
CA ASP A 29 11.83 -0.65 -2.21
C ASP A 29 10.36 -0.86 -2.54
N VAL A 30 10.09 -1.44 -3.69
CA VAL A 30 8.72 -1.76 -4.07
C VAL A 30 8.13 -2.80 -3.12
N ARG A 31 8.92 -3.85 -2.85
CA ARG A 31 8.53 -4.88 -1.89
C ARG A 31 8.33 -4.25 -0.50
N LYS A 32 9.16 -3.27 -0.19
CA LYS A 32 9.10 -2.57 1.09
C LYS A 32 7.76 -1.84 1.26
N ILE A 33 7.43 -0.98 0.29
CA ILE A 33 6.22 -0.18 0.36
C ILE A 33 4.96 -1.05 0.22
N ALA A 34 5.04 -2.08 -0.61
CA ALA A 34 3.92 -2.98 -0.83
C ALA A 34 3.50 -3.68 0.46
N THR A 35 4.49 -4.07 1.24
CA THR A 35 4.24 -4.73 2.52
C THR A 35 3.63 -3.74 3.51
N ALA A 36 4.09 -2.50 3.45
CA ALA A 36 3.63 -1.46 4.37
C ALA A 36 2.18 -1.10 4.09
N LEU A 37 1.84 -0.82 2.84
CA LEU A 37 0.50 -0.43 2.48
C LEU A 37 -0.48 -1.58 2.72
N LEU A 38 0.01 -2.80 2.55
CA LEU A 38 -0.81 -3.99 2.77
C LEU A 38 -1.18 -4.11 4.26
N LYS A 39 -0.18 -3.99 5.11
CA LYS A 39 -0.39 -4.15 6.55
C LYS A 39 -1.21 -3.01 7.14
N THR A 40 -1.31 -1.90 6.43
CA THR A 40 -2.05 -0.76 6.93
C THR A 40 -3.48 -0.74 6.39
N ALA A 41 -3.67 -1.29 5.18
CA ALA A 41 -4.99 -1.36 4.58
C ALA A 41 -5.70 -2.63 5.00
N ILE A 42 -4.94 -3.60 5.48
CA ILE A 42 -5.49 -4.86 5.96
C ILE A 42 -5.22 -5.01 7.45
N GLU A 43 -6.23 -4.72 8.24
CA GLU A 43 -6.15 -4.83 9.69
C GLU A 43 -7.48 -5.32 10.24
N ILE A 44 -7.45 -6.01 11.37
CA ILE A 44 -8.66 -6.50 11.98
C ILE A 44 -9.26 -5.46 12.91
N VAL A 45 -10.49 -5.06 12.63
CA VAL A 45 -11.19 -4.10 13.46
C VAL A 45 -11.88 -4.81 14.62
N SER A 46 -11.86 -4.17 15.77
CA SER A 46 -12.37 -4.79 16.98
C SER A 46 -13.88 -4.62 17.11
N GLU A 47 -14.55 -5.72 17.40
CA GLU A 47 -15.99 -5.71 17.62
C GLU A 47 -16.28 -5.66 19.12
N GLU A 48 -17.16 -4.77 19.52
CA GLU A 48 -17.56 -4.66 20.92
C GLU A 48 -18.31 -5.92 21.36
N ASP A 49 -18.80 -6.64 20.35
CA ASP A 49 -19.41 -7.95 20.54
C ASP A 49 -18.45 -8.90 21.26
N GLY A 50 -17.16 -8.70 21.04
CA GLY A 50 -16.16 -9.56 21.63
C GLY A 50 -15.41 -10.36 20.57
N GLY A 51 -15.18 -9.72 19.43
CA GLY A 51 -14.50 -10.37 18.33
C GLY A 51 -13.77 -9.39 17.46
N ALA A 52 -13.54 -9.76 16.21
CA ALA A 52 -12.81 -8.92 15.27
C ALA A 52 -13.13 -9.31 13.83
N HIS A 53 -13.09 -8.32 12.95
CA HIS A 53 -13.31 -8.56 11.52
C HIS A 53 -12.14 -8.03 10.71
N ASN A 54 -11.66 -8.82 9.77
CA ASN A 54 -10.63 -8.36 8.86
C ASN A 54 -11.30 -7.74 7.63
N GLN A 55 -11.25 -6.43 7.55
CA GLN A 55 -11.96 -5.72 6.50
C GLN A 55 -10.99 -4.87 5.70
N CYS A 56 -10.91 -5.15 4.40
CA CYS A 56 -10.01 -4.41 3.53
C CYS A 56 -10.53 -3.00 3.31
N LYS A 57 -9.74 -2.01 3.70
CA LYS A 57 -10.12 -0.61 3.60
C LYS A 57 -10.01 -0.11 2.18
N LEU A 58 -9.66 -1.01 1.27
CA LEU A 58 -9.41 -0.63 -0.11
C LEU A 58 -10.54 -1.05 -1.04
N CYS A 59 -11.46 -1.87 -0.53
CA CYS A 59 -12.58 -2.33 -1.35
C CYS A 59 -13.85 -2.49 -0.50
N GLY A 60 -13.69 -2.86 0.78
CA GLY A 60 -14.83 -2.92 1.67
C GLY A 60 -15.23 -4.34 2.02
N ALA A 61 -14.61 -5.32 1.37
CA ALA A 61 -14.93 -6.71 1.62
C ALA A 61 -14.29 -7.18 2.93
N SER A 62 -14.97 -8.10 3.61
CA SER A 62 -14.49 -8.61 4.88
C SER A 62 -14.13 -10.09 4.77
N VAL A 63 -13.13 -10.50 5.54
CA VAL A 63 -12.64 -11.87 5.53
C VAL A 63 -12.39 -12.31 6.98
N PRO A 64 -12.45 -13.63 7.29
CA PRO A 64 -12.03 -14.16 8.58
C PRO A 64 -10.78 -13.46 9.13
N TRP A 65 -10.88 -13.00 10.36
CA TRP A 65 -9.81 -12.23 11.00
C TRP A 65 -8.55 -13.08 11.19
N LEU A 66 -7.43 -12.40 11.44
CA LEU A 66 -6.16 -13.05 11.77
C LEU A 66 -5.50 -13.64 10.51
N GLN A 67 -6.30 -14.11 9.57
CA GLN A 67 -5.77 -14.77 8.38
C GLN A 67 -5.26 -13.74 7.36
N THR A 68 -4.63 -14.24 6.29
CA THR A 68 -3.89 -13.40 5.35
C THR A 68 -4.79 -12.51 4.47
N GLY A 69 -6.07 -12.86 4.38
CA GLY A 69 -6.98 -12.11 3.54
C GLY A 69 -6.61 -12.21 2.06
N ASP A 70 -6.76 -13.41 1.52
CA ASP A 70 -6.42 -13.68 0.12
C ASP A 70 -7.66 -14.20 -0.60
N GLU A 71 -8.68 -14.51 0.18
CA GLU A 71 -9.91 -15.09 -0.31
C GLU A 71 -10.95 -14.02 -0.61
N ILE A 72 -10.49 -12.77 -0.65
CA ILE A 72 -11.35 -11.63 -0.89
C ILE A 72 -11.80 -11.56 -2.34
N LYS A 73 -13.11 -11.42 -2.56
CA LYS A 73 -13.61 -11.13 -3.88
C LYS A 73 -13.18 -9.71 -4.27
N HIS A 74 -12.16 -9.65 -5.10
CA HIS A 74 -11.42 -8.42 -5.30
C HIS A 74 -11.73 -7.75 -6.63
N ALA A 75 -11.39 -6.47 -6.71
CA ALA A 75 -11.43 -5.74 -7.95
C ALA A 75 -10.30 -6.23 -8.85
N ASP A 76 -10.50 -6.13 -10.15
CA ASP A 76 -9.53 -6.65 -11.13
C ASP A 76 -8.18 -5.98 -11.00
N ASP A 77 -8.21 -4.67 -10.83
CA ASP A 77 -6.99 -3.86 -10.81
C ASP A 77 -6.64 -3.44 -9.38
N CYS A 78 -7.28 -4.11 -8.43
CA CYS A 78 -7.09 -3.83 -7.02
C CYS A 78 -5.61 -3.89 -6.64
N PRO A 79 -5.08 -2.81 -6.05
CA PRO A 79 -3.66 -2.70 -5.65
C PRO A 79 -3.21 -3.84 -4.75
N VAL A 80 -4.13 -4.36 -3.92
CA VAL A 80 -3.82 -5.48 -3.03
C VAL A 80 -3.37 -6.69 -3.85
N VAL A 81 -4.04 -6.92 -4.97
CA VAL A 81 -3.73 -8.05 -5.83
C VAL A 81 -2.36 -7.86 -6.47
N ILE A 82 -2.08 -6.63 -6.89
CA ILE A 82 -0.81 -6.30 -7.50
C ILE A 82 0.33 -6.40 -6.49
N ALA A 83 0.12 -5.79 -5.32
CA ALA A 83 1.13 -5.75 -4.27
C ALA A 83 1.55 -7.14 -3.84
N LYS A 84 0.57 -8.00 -3.57
CA LYS A 84 0.86 -9.37 -3.12
C LYS A 84 1.65 -10.15 -4.17
N GLN A 85 1.28 -9.96 -5.43
CA GLN A 85 1.99 -10.61 -6.53
C GLN A 85 3.45 -10.14 -6.59
N ILE A 86 3.65 -8.83 -6.47
CA ILE A 86 4.99 -8.25 -6.55
C ILE A 86 5.89 -8.75 -5.42
N LEU A 87 5.37 -8.74 -4.20
CA LEU A 87 6.19 -9.11 -3.03
C LEU A 87 6.46 -10.61 -3.00
N SER A 88 5.71 -11.37 -3.80
CA SER A 88 5.93 -12.80 -3.92
C SER A 88 6.92 -13.10 -5.04
N SER A 89 6.92 -12.21 -6.05
CA SER A 89 7.79 -12.30 -7.23
C SER A 89 7.57 -13.59 -8.03
N ARG A 90 8.07 -13.59 -9.27
CA ARG A 90 7.98 -14.75 -10.17
C ARG A 90 6.53 -15.21 -10.36
N PRO A 91 5.77 -14.51 -11.20
CA PRO A 91 4.35 -14.80 -11.41
C PRO A 91 4.13 -16.10 -12.19
N LYS A 92 3.28 -16.95 -11.65
CA LYS A 92 2.89 -18.19 -12.32
C LYS A 92 1.40 -18.20 -12.58
N LEU A 93 1.01 -17.87 -13.81
CA LEU A 93 -0.40 -17.90 -14.17
C LEU A 93 -0.80 -19.33 -14.46
N HIS A 94 -1.46 -19.97 -13.49
CA HIS A 94 -1.82 -21.38 -13.61
C HIS A 94 -3.27 -21.53 -14.01
N ALA A 95 -4.07 -20.51 -13.69
CA ALA A 95 -5.51 -20.55 -13.97
C ALA A 95 -5.97 -19.22 -14.54
N VAL A 96 -6.94 -19.30 -15.44
CA VAL A 96 -7.52 -18.11 -16.07
C VAL A 96 -8.62 -17.52 -15.20
N MET B 1 -9.09 16.81 -6.02
CA MET B 1 -10.05 15.67 -6.09
C MET B 1 -9.44 14.51 -6.86
N GLY B 2 -10.00 13.32 -6.68
CA GLY B 2 -9.52 12.15 -7.38
C GLY B 2 -10.30 11.87 -8.65
N SER B 3 -11.06 10.78 -8.64
CA SER B 3 -11.82 10.36 -9.81
C SER B 3 -13.30 10.22 -9.43
N SER B 4 -13.68 10.96 -8.40
CA SER B 4 -15.03 10.91 -7.86
C SER B 4 -16.08 11.24 -8.92
N HIS B 5 -16.88 10.23 -9.27
CA HIS B 5 -17.97 10.35 -10.24
C HIS B 5 -17.44 10.45 -11.67
N HIS B 6 -16.42 11.27 -11.89
CA HIS B 6 -15.79 11.38 -13.19
C HIS B 6 -14.84 10.22 -13.44
N HIS B 7 -15.28 9.27 -14.26
CA HIS B 7 -14.47 8.10 -14.57
C HIS B 7 -13.47 8.44 -15.66
N HIS B 8 -12.20 8.19 -15.38
CA HIS B 8 -11.14 8.56 -16.30
C HIS B 8 -11.02 7.53 -17.43
N HIS B 9 -11.34 6.28 -17.12
CA HIS B 9 -11.20 5.19 -18.09
C HIS B 9 -11.96 3.96 -17.61
N HIS B 10 -12.37 3.11 -18.54
CA HIS B 10 -13.11 1.89 -18.20
C HIS B 10 -12.19 0.68 -18.27
N SER B 11 -11.77 0.36 -19.49
CA SER B 11 -10.94 -0.81 -19.73
C SER B 11 -9.48 -0.40 -19.83
N SER B 12 -8.70 -0.77 -18.82
CA SER B 12 -7.29 -0.41 -18.77
C SER B 12 -6.43 -1.64 -18.55
N GLY B 13 -6.71 -2.68 -19.32
CA GLY B 13 -5.96 -3.92 -19.22
C GLY B 13 -4.58 -3.81 -19.82
N ARG B 14 -3.73 -3.02 -19.17
CA ARG B 14 -2.35 -2.86 -19.59
C ARG B 14 -1.43 -3.31 -18.47
N GLU B 15 -0.61 -4.32 -18.75
CA GLU B 15 0.26 -4.90 -17.73
C GLU B 15 1.68 -4.37 -17.85
N ASN B 16 2.48 -4.62 -16.82
CA ASN B 16 3.89 -4.28 -16.87
C ASN B 16 4.69 -5.46 -17.42
N LEU B 17 5.99 -5.29 -17.56
CA LEU B 17 6.85 -6.33 -18.12
C LEU B 17 7.88 -6.80 -17.10
N TYR B 18 7.48 -6.74 -15.84
CA TYR B 18 8.30 -7.18 -14.71
C TYR B 18 9.57 -6.33 -14.56
N PHE B 19 10.20 -6.38 -13.39
CA PHE B 19 11.35 -5.54 -13.07
C PHE B 19 12.51 -5.74 -14.05
N GLN B 20 12.61 -6.93 -14.61
CA GLN B 20 13.75 -7.27 -15.46
C GLN B 20 13.62 -6.64 -16.85
N GLY B 21 12.43 -6.18 -17.20
CA GLY B 21 12.20 -5.59 -18.51
C GLY B 21 11.50 -4.26 -18.42
N MET B 22 10.25 -4.30 -17.94
CA MET B 22 9.38 -3.13 -17.83
C MET B 22 8.94 -2.59 -19.19
N THR B 23 7.87 -1.82 -19.19
CA THR B 23 7.25 -1.34 -20.41
C THR B 23 6.42 -0.09 -20.14
N ASP B 24 6.97 0.74 -19.26
CA ASP B 24 6.38 2.04 -18.89
C ASP B 24 5.23 1.90 -17.87
N THR B 25 4.47 0.81 -17.98
CA THR B 25 3.34 0.56 -17.07
C THR B 25 3.77 0.55 -15.61
N ALA B 26 5.07 0.39 -15.37
CA ALA B 26 5.63 0.35 -14.02
C ALA B 26 5.27 1.60 -13.24
N ALA B 27 5.23 2.74 -13.93
CA ALA B 27 4.93 4.01 -13.29
C ALA B 27 3.48 4.03 -12.79
N GLU B 28 2.63 3.28 -13.47
CA GLU B 28 1.23 3.22 -13.13
C GLU B 28 1.03 2.27 -11.96
N ASP B 29 1.60 1.06 -12.06
CA ASP B 29 1.40 0.04 -11.04
C ASP B 29 1.96 0.45 -9.68
N VAL B 30 3.11 1.12 -9.68
CA VAL B 30 3.70 1.60 -8.44
C VAL B 30 2.86 2.74 -7.85
N ARG B 31 2.40 3.63 -8.72
CA ARG B 31 1.50 4.71 -8.32
C ARG B 31 0.19 4.12 -7.78
N LYS B 32 -0.25 3.05 -8.42
CA LYS B 32 -1.47 2.35 -8.06
C LYS B 32 -1.43 1.88 -6.61
N ILE B 33 -0.40 1.12 -6.25
CA ILE B 33 -0.29 0.59 -4.90
C ILE B 33 0.00 1.71 -3.89
N ALA B 34 0.73 2.73 -4.31
CA ALA B 34 1.04 3.86 -3.44
C ALA B 34 -0.22 4.64 -3.09
N THR B 35 -1.06 4.87 -4.09
CA THR B 35 -2.30 5.62 -3.90
C THR B 35 -3.22 4.95 -2.88
N ALA B 36 -3.10 3.63 -2.77
CA ALA B 36 -3.92 2.85 -1.84
C ALA B 36 -3.89 3.42 -0.43
N LEU B 37 -2.70 3.80 0.04
CA LEU B 37 -2.55 4.32 1.39
C LEU B 37 -3.03 5.77 1.48
N LEU B 38 -3.01 6.47 0.35
CA LEU B 38 -3.51 7.84 0.27
C LEU B 38 -5.04 7.85 0.34
N LYS B 39 -5.65 6.80 -0.20
CA LYS B 39 -7.10 6.68 -0.20
C LYS B 39 -7.62 6.57 1.23
N THR B 40 -7.14 5.56 1.94
CA THR B 40 -7.50 5.36 3.34
C THR B 40 -6.72 4.19 3.93
N ALA B 41 -5.53 4.49 4.40
CA ALA B 41 -4.74 3.53 5.14
C ALA B 41 -4.92 3.77 6.63
N ILE B 42 -5.21 5.01 6.97
CA ILE B 42 -5.48 5.39 8.34
C ILE B 42 -6.95 5.18 8.63
N GLU B 43 -7.33 5.00 9.89
CA GLU B 43 -8.71 4.69 10.21
C GLU B 43 -9.25 5.59 11.32
N ILE B 44 -10.54 5.90 11.22
CA ILE B 44 -11.21 6.74 12.20
C ILE B 44 -11.98 5.90 13.22
N VAL B 45 -11.57 6.00 14.47
CA VAL B 45 -12.34 5.45 15.56
C VAL B 45 -13.15 6.56 16.21
N SER B 46 -14.47 6.41 16.21
CA SER B 46 -15.35 7.48 16.65
C SER B 46 -15.73 7.29 18.12
N GLU B 47 -15.81 8.40 18.85
CA GLU B 47 -16.10 8.37 20.27
C GLU B 47 -17.57 8.68 20.53
N GLU B 48 -18.02 8.30 21.73
CA GLU B 48 -19.41 8.45 22.14
C GLU B 48 -19.72 9.91 22.46
N ASP B 49 -18.77 10.54 23.14
CA ASP B 49 -18.90 11.93 23.60
C ASP B 49 -19.20 12.89 22.45
N GLY B 50 -18.39 12.84 21.41
CA GLY B 50 -18.58 13.73 20.29
C GLY B 50 -17.27 14.07 19.62
N GLY B 51 -16.68 13.09 18.96
CA GLY B 51 -15.43 13.29 18.28
C GLY B 51 -14.93 11.99 17.70
N ALA B 52 -13.74 12.01 17.15
CA ALA B 52 -13.17 10.85 16.53
C ALA B 52 -11.64 10.89 16.60
N HIS B 53 -11.00 9.80 16.23
CA HIS B 53 -9.54 9.71 16.29
C HIS B 53 -9.03 9.03 15.02
N ASN B 54 -7.95 9.56 14.46
CA ASN B 54 -7.37 9.00 13.26
C ASN B 54 -5.95 8.54 13.57
N GLN B 55 -5.76 7.24 13.67
CA GLN B 55 -4.46 6.68 14.07
C GLN B 55 -3.82 5.89 12.93
N CYS B 56 -2.59 6.23 12.61
CA CYS B 56 -1.80 5.45 11.67
C CYS B 56 -1.11 4.32 12.42
N LYS B 57 -1.51 3.10 12.13
CA LYS B 57 -1.07 1.96 12.93
C LYS B 57 0.38 1.58 12.60
N LEU B 58 0.82 2.00 11.42
CA LEU B 58 2.16 1.64 10.95
C LEU B 58 3.20 2.60 11.51
N CYS B 59 2.76 3.79 11.91
CA CYS B 59 3.68 4.80 12.42
C CYS B 59 3.46 5.03 13.91
N GLY B 60 2.22 4.85 14.37
CA GLY B 60 1.90 5.11 15.76
C GLY B 60 1.47 6.55 15.97
N ALA B 61 1.34 7.27 14.86
CA ALA B 61 0.94 8.67 14.91
C ALA B 61 -0.58 8.80 14.96
N SER B 62 -1.05 9.72 15.78
CA SER B 62 -2.48 9.92 15.95
C SER B 62 -2.84 11.38 15.74
N VAL B 63 -3.88 11.61 14.96
CA VAL B 63 -4.42 12.95 14.76
C VAL B 63 -5.93 12.94 15.01
N PRO B 64 -6.41 13.76 15.96
CA PRO B 64 -7.81 13.72 16.38
C PRO B 64 -8.78 14.30 15.34
N TRP B 65 -9.30 13.41 14.50
CA TRP B 65 -10.38 13.70 13.55
C TRP B 65 -10.07 14.93 12.67
N LEU B 66 -10.53 16.10 13.09
CA LEU B 66 -10.36 17.31 12.32
C LEU B 66 -9.21 18.15 12.86
N GLN B 67 -8.05 17.94 12.26
CA GLN B 67 -6.86 18.70 12.60
C GLN B 67 -6.09 18.98 11.32
N THR B 68 -5.11 19.86 11.38
CA THR B 68 -4.32 20.23 10.21
C THR B 68 -3.53 19.03 9.67
N GLY B 69 -2.84 18.32 10.57
CA GLY B 69 -2.23 17.06 10.20
C GLY B 69 -0.83 16.86 10.77
N ASP B 70 0.06 17.82 10.55
CA ASP B 70 1.47 17.63 10.91
C ASP B 70 1.75 17.96 12.38
N GLU B 71 0.67 18.07 13.15
CA GLU B 71 0.80 18.37 14.57
C GLU B 71 1.26 17.16 15.35
N ILE B 72 1.37 16.02 14.67
CA ILE B 72 1.92 14.82 15.27
C ILE B 72 3.34 14.59 14.75
N LYS B 73 3.73 15.46 13.82
CA LYS B 73 5.04 15.41 13.16
C LYS B 73 5.24 14.15 12.33
N HIS B 74 5.22 14.32 11.02
CA HIS B 74 5.45 13.21 10.09
C HIS B 74 6.80 12.54 10.36
N ALA B 75 6.77 11.22 10.50
CA ALA B 75 7.99 10.42 10.63
C ALA B 75 8.43 9.90 9.28
N ASP B 76 9.61 10.32 8.84
CA ASP B 76 10.07 10.04 7.49
C ASP B 76 10.66 8.63 7.40
N ASP B 77 10.80 7.98 8.53
CA ASP B 77 11.35 6.62 8.58
C ASP B 77 10.31 5.58 8.17
N CYS B 78 9.11 6.05 7.87
CA CYS B 78 8.03 5.16 7.48
C CYS B 78 8.00 4.96 5.96
N PRO B 79 7.83 3.71 5.51
CA PRO B 79 7.82 3.37 4.08
C PRO B 79 6.75 4.12 3.28
N VAL B 80 5.74 4.60 3.99
CA VAL B 80 4.67 5.37 3.36
C VAL B 80 5.21 6.70 2.82
N VAL B 81 6.24 7.23 3.46
CA VAL B 81 6.87 8.47 3.02
C VAL B 81 7.69 8.22 1.76
N ILE B 82 8.29 7.03 1.69
CA ILE B 82 9.03 6.60 0.51
C ILE B 82 8.10 6.63 -0.70
N ALA B 83 6.91 6.05 -0.53
CA ALA B 83 5.92 6.01 -1.59
C ALA B 83 5.55 7.42 -2.07
N LYS B 84 5.46 8.34 -1.12
CA LYS B 84 5.14 9.74 -1.42
C LYS B 84 6.17 10.35 -2.37
N GLN B 85 7.43 9.99 -2.17
CA GLN B 85 8.50 10.50 -3.01
C GLN B 85 8.52 9.82 -4.37
N ILE B 86 8.15 8.54 -4.38
CA ILE B 86 8.12 7.77 -5.63
C ILE B 86 7.06 8.30 -6.58
N LEU B 87 5.86 8.58 -6.05
CA LEU B 87 4.75 9.07 -6.88
C LEU B 87 4.93 10.55 -7.20
N SER B 88 5.99 11.14 -6.69
CA SER B 88 6.27 12.56 -6.90
C SER B 88 7.26 12.73 -8.06
N SER B 89 7.36 11.70 -8.91
CA SER B 89 8.27 11.74 -10.04
C SER B 89 7.67 12.50 -11.22
N ARG B 90 7.64 13.84 -11.07
CA ARG B 90 7.09 14.74 -12.09
C ARG B 90 5.60 14.47 -12.35
N PRO B 91 4.72 15.06 -11.52
CA PRO B 91 3.29 14.99 -11.73
C PRO B 91 2.79 16.09 -12.66
N LYS B 92 1.48 16.22 -12.79
CA LYS B 92 0.89 17.23 -13.65
C LYS B 92 0.82 18.57 -12.90
N LEU B 93 2.00 19.07 -12.52
CA LEU B 93 2.12 20.29 -11.71
C LEU B 93 1.31 20.16 -10.42
N HIS B 94 0.11 20.73 -10.41
CA HIS B 94 -0.81 20.64 -9.28
C HIS B 94 -2.08 21.41 -9.58
N ALA B 95 -3.08 20.73 -10.10
CA ALA B 95 -4.36 21.35 -10.39
C ALA B 95 -5.32 21.15 -9.24
N VAL B 96 -5.73 22.26 -8.61
CA VAL B 96 -6.64 22.24 -7.48
C VAL B 96 -5.98 21.58 -6.27
N MET A 1 40.78 5.72 26.38
CA MET A 1 39.36 5.99 26.06
C MET A 1 39.18 6.22 24.57
N GLY A 2 38.21 5.52 24.00
CA GLY A 2 37.94 5.64 22.58
C GLY A 2 36.48 5.41 22.28
N SER A 3 35.62 6.22 22.89
CA SER A 3 34.19 6.08 22.70
C SER A 3 33.71 6.99 21.57
N SER A 4 34.20 8.23 21.58
CA SER A 4 33.78 9.22 20.60
C SER A 4 34.27 8.86 19.20
N HIS A 5 33.39 8.30 18.40
CA HIS A 5 33.70 7.91 17.04
C HIS A 5 32.48 8.16 16.17
N HIS A 6 32.33 9.40 15.72
CA HIS A 6 31.14 9.81 15.01
C HIS A 6 31.46 10.24 13.59
N HIS A 7 31.10 9.41 12.63
CA HIS A 7 31.15 9.79 11.23
C HIS A 7 30.39 8.76 10.40
N HIS A 8 29.58 9.24 9.47
CA HIS A 8 28.80 8.38 8.59
C HIS A 8 28.78 8.96 7.19
N HIS A 9 29.54 8.35 6.29
CA HIS A 9 29.62 8.84 4.92
C HIS A 9 28.26 8.70 4.21
N HIS A 10 27.55 9.80 4.11
CA HIS A 10 26.27 9.80 3.43
C HIS A 10 26.22 10.88 2.36
N SER A 11 26.70 10.53 1.18
CA SER A 11 26.58 11.40 0.03
C SER A 11 25.57 10.77 -0.93
N SER A 12 24.68 11.59 -1.48
CA SER A 12 23.63 11.08 -2.34
C SER A 12 24.23 10.49 -3.62
N GLY A 13 23.73 9.33 -4.00
CA GLY A 13 24.30 8.61 -5.12
C GLY A 13 23.49 8.75 -6.39
N ARG A 14 24.11 8.44 -7.52
CA ARG A 14 23.45 8.48 -8.81
C ARG A 14 23.96 7.35 -9.69
N GLU A 15 23.22 6.25 -9.71
CA GLU A 15 23.59 5.11 -10.53
C GLU A 15 22.33 4.46 -11.11
N ASN A 16 21.72 3.58 -10.33
CA ASN A 16 20.47 2.94 -10.71
C ASN A 16 19.50 3.03 -9.56
N LEU A 17 18.35 3.65 -9.80
CA LEU A 17 17.37 3.91 -8.75
C LEU A 17 15.95 3.80 -9.28
N TYR A 18 15.48 4.88 -9.89
CA TYR A 18 14.10 4.97 -10.38
C TYR A 18 13.99 4.27 -11.74
N PHE A 19 12.78 4.26 -12.29
CA PHE A 19 12.51 3.59 -13.57
C PHE A 19 13.44 4.05 -14.68
N GLN A 20 13.69 3.16 -15.64
CA GLN A 20 14.63 3.39 -16.74
C GLN A 20 16.07 3.24 -16.24
N GLY A 21 16.20 2.80 -15.00
CA GLY A 21 17.51 2.56 -14.43
C GLY A 21 17.45 1.55 -13.29
N MET A 22 17.09 0.32 -13.62
CA MET A 22 16.96 -0.73 -12.62
C MET A 22 18.09 -1.74 -12.71
N THR A 23 18.71 -2.02 -11.56
CA THR A 23 19.65 -3.12 -11.44
C THR A 23 18.99 -4.29 -10.72
N ASP A 24 18.74 -4.10 -9.42
CA ASP A 24 18.09 -5.13 -8.62
C ASP A 24 17.51 -4.55 -7.33
N THR A 25 18.24 -3.62 -6.73
CA THR A 25 17.88 -3.04 -5.44
C THR A 25 16.52 -2.35 -5.44
N ALA A 26 16.06 -1.94 -6.63
CA ALA A 26 14.77 -1.28 -6.76
C ALA A 26 13.63 -2.22 -6.43
N ALA A 27 13.89 -3.52 -6.50
CA ALA A 27 12.87 -4.51 -6.17
C ALA A 27 12.61 -4.55 -4.67
N GLU A 28 13.64 -4.22 -3.90
CA GLU A 28 13.57 -4.25 -2.46
C GLU A 28 12.69 -3.12 -1.93
N ASP A 29 12.70 -1.99 -2.62
CA ASP A 29 11.97 -0.81 -2.18
C ASP A 29 10.47 -0.98 -2.39
N VAL A 30 10.07 -1.31 -3.62
CA VAL A 30 8.67 -1.45 -3.95
C VAL A 30 8.03 -2.65 -3.24
N ARG A 31 8.81 -3.70 -3.03
CA ARG A 31 8.33 -4.87 -2.30
C ARG A 31 8.12 -4.51 -0.84
N LYS A 32 8.91 -3.57 -0.36
CA LYS A 32 8.85 -3.14 1.03
C LYS A 32 7.55 -2.38 1.30
N ILE A 33 7.24 -1.39 0.46
CA ILE A 33 6.01 -0.63 0.61
C ILE A 33 4.79 -1.51 0.38
N ALA A 34 4.93 -2.48 -0.53
CA ALA A 34 3.85 -3.42 -0.83
C ALA A 34 3.48 -4.21 0.42
N THR A 35 4.49 -4.56 1.20
CA THR A 35 4.28 -5.27 2.44
C THR A 35 3.72 -4.34 3.51
N ALA A 36 4.23 -3.11 3.52
CA ALA A 36 3.83 -2.12 4.50
C ALA A 36 2.37 -1.71 4.36
N LEU A 37 1.91 -1.55 3.11
CA LEU A 37 0.54 -1.11 2.87
C LEU A 37 -0.46 -2.18 3.30
N LEU A 38 -0.04 -3.43 3.32
CA LEU A 38 -0.90 -4.52 3.77
C LEU A 38 -1.07 -4.50 5.28
N LYS A 39 -0.04 -4.06 5.98
CA LYS A 39 -0.05 -4.03 7.42
C LYS A 39 -0.70 -2.76 7.95
N THR A 40 -0.84 -1.75 7.10
CA THR A 40 -1.51 -0.51 7.49
C THR A 40 -2.97 -0.53 7.02
N ALA A 41 -3.28 -1.42 6.09
CA ALA A 41 -4.65 -1.55 5.60
C ALA A 41 -5.44 -2.55 6.43
N ILE A 42 -4.72 -3.34 7.21
CA ILE A 42 -5.35 -4.30 8.09
C ILE A 42 -5.14 -3.90 9.54
N GLU A 43 -6.07 -3.14 10.07
CA GLU A 43 -6.02 -2.71 11.45
C GLU A 43 -7.37 -3.00 12.11
N ILE A 44 -7.34 -3.21 13.42
CA ILE A 44 -8.52 -3.61 14.14
C ILE A 44 -8.80 -2.70 15.33
N VAL A 45 -9.98 -2.10 15.34
CA VAL A 45 -10.43 -1.30 16.46
C VAL A 45 -11.32 -2.15 17.34
N SER A 46 -10.80 -2.55 18.48
CA SER A 46 -11.52 -3.44 19.35
C SER A 46 -12.19 -2.69 20.48
N GLU A 47 -13.40 -3.10 20.79
CA GLU A 47 -14.07 -2.63 21.98
C GLU A 47 -13.56 -3.47 23.13
N GLU A 48 -13.37 -2.83 24.28
CA GLU A 48 -12.76 -3.50 25.42
C GLU A 48 -13.58 -4.72 25.83
N ASP A 49 -14.89 -4.59 25.72
CA ASP A 49 -15.81 -5.70 25.88
C ASP A 49 -17.08 -5.42 25.10
N GLY A 50 -17.24 -6.11 23.99
CA GLY A 50 -18.39 -5.87 23.14
C GLY A 50 -18.16 -6.28 21.70
N GLY A 51 -16.89 -6.45 21.32
CA GLY A 51 -16.59 -6.89 19.97
C GLY A 51 -15.44 -6.13 19.33
N ALA A 52 -14.58 -6.86 18.63
CA ALA A 52 -13.45 -6.26 17.94
C ALA A 52 -13.78 -6.07 16.46
N HIS A 53 -13.44 -4.90 15.93
CA HIS A 53 -13.79 -4.57 14.56
C HIS A 53 -12.54 -4.41 13.69
N ASN A 54 -12.31 -5.37 12.80
CA ASN A 54 -11.20 -5.28 11.87
C ASN A 54 -11.67 -4.62 10.59
N GLN A 55 -11.27 -3.39 10.37
CA GLN A 55 -11.77 -2.66 9.21
C GLN A 55 -10.69 -2.52 8.14
N CYS A 56 -10.90 -3.15 7.01
CA CYS A 56 -10.00 -2.99 5.88
C CYS A 56 -10.60 -1.99 4.90
N LYS A 57 -10.29 -0.73 5.11
CA LYS A 57 -10.94 0.35 4.36
C LYS A 57 -10.05 0.83 3.22
N LEU A 58 -9.14 -0.02 2.77
CA LEU A 58 -8.31 0.33 1.64
C LEU A 58 -9.15 0.24 0.36
N CYS A 59 -9.86 -0.86 0.22
CA CYS A 59 -10.79 -1.02 -0.88
C CYS A 59 -12.22 -1.12 -0.35
N GLY A 60 -12.44 -2.03 0.59
CA GLY A 60 -13.75 -2.18 1.19
C GLY A 60 -13.98 -3.58 1.71
N ALA A 61 -13.28 -3.96 2.76
CA ALA A 61 -13.43 -5.29 3.35
C ALA A 61 -13.93 -5.18 4.79
N SER A 62 -14.50 -6.25 5.30
CA SER A 62 -15.12 -6.25 6.61
C SER A 62 -14.20 -6.89 7.67
N VAL A 63 -14.76 -7.12 8.85
CA VAL A 63 -14.03 -7.76 9.93
C VAL A 63 -14.30 -9.26 9.98
N PRO A 64 -13.25 -10.07 9.82
CA PRO A 64 -13.34 -11.52 9.87
C PRO A 64 -13.19 -12.09 11.27
N TRP A 65 -13.13 -11.21 12.27
CA TRP A 65 -13.00 -11.64 13.66
C TRP A 65 -14.35 -12.20 14.17
N LEU A 66 -14.62 -12.09 15.46
CA LEU A 66 -15.85 -12.61 16.05
C LEU A 66 -17.04 -11.69 15.70
N GLN A 67 -17.34 -11.66 14.42
CA GLN A 67 -18.43 -10.84 13.89
C GLN A 67 -18.71 -11.34 12.48
N THR A 68 -19.95 -11.23 12.02
CA THR A 68 -20.30 -11.70 10.69
C THR A 68 -19.78 -10.74 9.62
N GLY A 69 -18.50 -10.90 9.30
CA GLY A 69 -17.88 -10.13 8.24
C GLY A 69 -16.82 -10.93 7.52
N ASP A 70 -16.83 -12.24 7.73
CA ASP A 70 -15.88 -13.15 7.07
C ASP A 70 -16.19 -13.21 5.58
N GLU A 71 -17.46 -13.05 5.25
CA GLU A 71 -17.92 -13.06 3.87
C GLU A 71 -17.73 -11.69 3.22
N ILE A 72 -16.57 -11.50 2.60
CA ILE A 72 -16.25 -10.24 1.94
C ILE A 72 -15.16 -10.46 0.90
N LYS A 73 -15.13 -9.62 -0.13
CA LYS A 73 -14.14 -9.76 -1.19
C LYS A 73 -13.14 -8.61 -1.11
N HIS A 74 -11.98 -8.78 -1.76
CA HIS A 74 -10.94 -7.76 -1.72
C HIS A 74 -10.99 -6.87 -2.95
N ALA A 75 -11.96 -7.17 -3.84
CA ALA A 75 -12.10 -6.51 -5.14
C ALA A 75 -11.09 -7.08 -6.12
N ASP A 76 -11.55 -7.43 -7.32
CA ASP A 76 -10.71 -8.10 -8.30
C ASP A 76 -9.78 -7.12 -8.98
N ASP A 77 -10.12 -5.85 -8.92
CA ASP A 77 -9.32 -4.81 -9.58
C ASP A 77 -8.60 -3.96 -8.54
N CYS A 78 -8.56 -4.46 -7.30
CA CYS A 78 -7.89 -3.75 -6.22
C CYS A 78 -6.38 -3.70 -6.45
N PRO A 79 -5.69 -2.74 -5.80
CA PRO A 79 -4.24 -2.60 -5.93
C PRO A 79 -3.46 -3.70 -5.19
N VAL A 80 -4.06 -4.27 -4.16
CA VAL A 80 -3.35 -5.19 -3.29
C VAL A 80 -3.00 -6.50 -3.99
N VAL A 81 -3.81 -6.93 -4.96
CA VAL A 81 -3.53 -8.17 -5.68
C VAL A 81 -2.24 -8.03 -6.49
N ILE A 82 -2.04 -6.88 -7.10
CA ILE A 82 -0.84 -6.60 -7.86
C ILE A 82 0.36 -6.50 -6.93
N ALA A 83 0.18 -5.79 -5.82
CA ALA A 83 1.25 -5.64 -4.83
C ALA A 83 1.66 -6.98 -4.27
N LYS A 84 0.68 -7.86 -4.04
CA LYS A 84 0.93 -9.18 -3.49
C LYS A 84 1.79 -10.01 -4.46
N GLN A 85 1.54 -9.83 -5.75
CA GLN A 85 2.32 -10.50 -6.78
C GLN A 85 3.75 -9.98 -6.81
N ILE A 86 3.90 -8.68 -6.59
CA ILE A 86 5.22 -8.05 -6.60
C ILE A 86 6.05 -8.48 -5.39
N LEU A 87 5.43 -8.53 -4.22
CA LEU A 87 6.14 -8.79 -2.98
C LEU A 87 6.57 -10.26 -2.85
N SER A 88 5.96 -11.14 -3.64
CA SER A 88 6.36 -12.54 -3.66
C SER A 88 7.62 -12.72 -4.49
N SER A 89 7.75 -11.90 -5.52
CA SER A 89 8.95 -11.86 -6.37
C SER A 89 9.19 -13.19 -7.08
N ARG A 90 10.34 -13.26 -7.79
CA ARG A 90 10.73 -14.45 -8.55
C ARG A 90 9.86 -14.66 -9.79
N PRO A 91 10.42 -15.29 -10.84
CA PRO A 91 9.66 -15.77 -11.98
C PRO A 91 8.76 -16.94 -11.58
N LYS A 92 7.89 -17.35 -12.50
CA LYS A 92 6.86 -18.37 -12.22
C LYS A 92 5.77 -17.80 -11.31
N LEU A 93 4.58 -18.40 -11.38
CA LEU A 93 3.44 -18.02 -10.56
C LEU A 93 2.92 -16.63 -10.92
N HIS A 94 1.64 -16.41 -10.65
CA HIS A 94 1.01 -15.12 -10.91
C HIS A 94 -0.33 -15.03 -10.18
N ALA A 95 -1.08 -16.12 -10.21
CA ALA A 95 -2.42 -16.17 -9.63
C ALA A 95 -3.35 -15.22 -10.40
N VAL A 96 -4.53 -14.98 -9.85
CA VAL A 96 -5.47 -14.09 -10.48
C VAL A 96 -5.62 -12.82 -9.63
N MET B 1 -0.63 15.11 1.97
CA MET B 1 0.01 16.17 1.17
C MET B 1 0.38 15.64 -0.21
N GLY B 2 -0.04 16.36 -1.24
CA GLY B 2 0.26 15.96 -2.60
C GLY B 2 -0.54 14.75 -3.05
N SER B 3 -1.85 14.80 -2.86
CA SER B 3 -2.72 13.70 -3.24
C SER B 3 -3.33 13.94 -4.62
N SER B 4 -3.16 12.97 -5.51
CA SER B 4 -3.74 13.04 -6.85
C SER B 4 -4.09 11.63 -7.34
N HIS B 5 -5.35 11.26 -7.15
CA HIS B 5 -5.81 9.90 -7.43
C HIS B 5 -6.16 9.72 -8.90
N HIS B 6 -6.47 10.82 -9.59
CA HIS B 6 -7.00 10.73 -10.94
C HIS B 6 -5.92 10.47 -11.99
N HIS B 7 -5.58 9.20 -12.16
CA HIS B 7 -4.82 8.74 -13.30
C HIS B 7 -5.41 7.40 -13.74
N HIS B 8 -6.60 7.47 -14.31
CA HIS B 8 -7.36 6.28 -14.63
C HIS B 8 -7.09 5.83 -16.06
N HIS B 9 -6.50 4.65 -16.17
CA HIS B 9 -6.15 4.08 -17.47
C HIS B 9 -5.68 2.65 -17.27
N HIS B 10 -6.53 1.69 -17.59
CA HIS B 10 -6.18 0.29 -17.42
C HIS B 10 -5.27 -0.20 -18.53
N SER B 11 -3.97 -0.04 -18.32
CA SER B 11 -2.96 -0.58 -19.20
C SER B 11 -1.75 -0.97 -18.36
N SER B 12 -1.69 -2.24 -18.00
CA SER B 12 -0.70 -2.72 -17.06
C SER B 12 0.59 -3.15 -17.77
N GLY B 13 1.63 -2.35 -17.61
CA GLY B 13 2.93 -2.72 -18.09
C GLY B 13 3.22 -2.26 -19.51
N ARG B 14 4.46 -2.47 -19.92
CA ARG B 14 4.91 -2.11 -21.26
C ARG B 14 5.86 -3.20 -21.74
N GLU B 15 7.04 -3.20 -21.18
CA GLU B 15 8.01 -4.26 -21.35
C GLU B 15 8.73 -4.46 -20.03
N ASN B 16 8.59 -5.63 -19.44
CA ASN B 16 9.16 -5.89 -18.13
C ASN B 16 9.72 -7.30 -18.02
N LEU B 17 10.95 -7.38 -17.52
CA LEU B 17 11.58 -8.65 -17.24
C LEU B 17 11.69 -8.81 -15.72
N TYR B 18 10.73 -8.20 -15.03
CA TYR B 18 10.76 -8.06 -13.59
C TYR B 18 12.06 -7.42 -13.16
N PHE B 19 12.09 -6.11 -13.35
CA PHE B 19 13.26 -5.29 -13.08
C PHE B 19 14.39 -5.57 -14.08
N GLN B 20 15.50 -4.85 -13.95
CA GLN B 20 16.54 -4.78 -14.97
C GLN B 20 15.99 -4.11 -16.23
N GLY B 21 15.00 -4.73 -16.84
CA GLY B 21 14.27 -4.11 -17.91
C GLY B 21 12.93 -3.60 -17.44
N MET B 22 12.92 -2.37 -16.93
CA MET B 22 11.71 -1.78 -16.36
C MET B 22 11.55 -0.36 -16.88
N THR B 23 10.39 -0.07 -17.46
CA THR B 23 10.20 1.20 -18.14
C THR B 23 8.99 1.98 -17.58
N ASP B 24 8.64 3.07 -18.28
CA ASP B 24 7.62 4.03 -17.86
C ASP B 24 6.31 3.40 -17.42
N THR B 25 5.72 2.57 -18.27
CA THR B 25 4.35 2.10 -18.06
C THR B 25 4.24 1.12 -16.88
N ALA B 26 5.37 0.81 -16.24
CA ALA B 26 5.35 0.01 -15.03
C ALA B 26 4.98 0.87 -13.83
N ALA B 27 5.21 2.17 -13.98
CA ALA B 27 4.86 3.13 -12.95
C ALA B 27 3.36 3.22 -12.80
N GLU B 28 2.64 2.92 -13.88
CA GLU B 28 1.19 2.99 -13.88
C GLU B 28 0.58 2.20 -12.72
N ASP B 29 0.98 0.94 -12.59
CA ASP B 29 0.51 0.09 -11.49
C ASP B 29 1.17 0.49 -10.18
N VAL B 30 2.48 0.70 -10.22
CA VAL B 30 3.25 1.00 -9.01
C VAL B 30 2.76 2.28 -8.31
N ARG B 31 2.46 3.32 -9.08
CA ARG B 31 2.01 4.58 -8.50
C ARG B 31 0.62 4.43 -7.88
N LYS B 32 -0.18 3.54 -8.45
CA LYS B 32 -1.54 3.30 -7.98
C LYS B 32 -1.58 2.72 -6.57
N ILE B 33 -0.75 1.71 -6.33
CA ILE B 33 -0.74 1.05 -5.02
C ILE B 33 -0.25 1.99 -3.93
N ALA B 34 0.66 2.88 -4.30
CA ALA B 34 1.21 3.85 -3.35
C ALA B 34 0.20 4.95 -3.04
N THR B 35 -0.62 5.30 -4.03
CA THR B 35 -1.62 6.35 -3.86
C THR B 35 -2.78 5.86 -2.98
N ALA B 36 -3.06 4.56 -3.05
CA ALA B 36 -4.16 3.96 -2.31
C ALA B 36 -3.99 4.13 -0.81
N LEU B 37 -2.80 3.82 -0.31
CA LEU B 37 -2.53 3.86 1.12
C LEU B 37 -2.54 5.30 1.64
N LEU B 38 -2.28 6.26 0.77
CA LEU B 38 -2.29 7.66 1.14
C LEU B 38 -3.73 8.15 1.24
N LYS B 39 -4.60 7.58 0.41
CA LYS B 39 -5.97 8.02 0.34
C LYS B 39 -6.79 7.51 1.53
N THR B 40 -6.72 6.20 1.78
CA THR B 40 -7.52 5.61 2.84
C THR B 40 -6.89 4.33 3.38
N ALA B 41 -5.94 4.50 4.27
CA ALA B 41 -5.31 3.40 4.98
C ALA B 41 -5.01 3.82 6.41
N ILE B 42 -5.68 4.88 6.83
CA ILE B 42 -5.50 5.43 8.17
C ILE B 42 -6.84 5.49 8.88
N GLU B 43 -6.91 4.90 10.07
CA GLU B 43 -8.17 4.83 10.80
C GLU B 43 -8.18 5.80 11.99
N ILE B 44 -9.37 6.00 12.54
CA ILE B 44 -9.55 6.87 13.68
C ILE B 44 -9.91 6.08 14.94
N VAL B 45 -9.26 6.43 16.04
CA VAL B 45 -9.61 5.88 17.34
C VAL B 45 -10.34 6.95 18.15
N SER B 46 -11.56 6.64 18.55
CA SER B 46 -12.41 7.64 19.19
C SER B 46 -12.47 7.46 20.70
N GLU B 47 -12.12 8.52 21.41
CA GLU B 47 -12.23 8.56 22.86
C GLU B 47 -13.49 9.31 23.23
N GLU B 48 -14.28 8.75 24.15
CA GLU B 48 -15.49 9.42 24.63
C GLU B 48 -15.13 10.79 25.21
N ASP B 49 -14.02 10.83 25.92
CA ASP B 49 -13.48 12.09 26.42
C ASP B 49 -12.12 12.33 25.79
N GLY B 50 -12.02 13.39 25.01
CA GLY B 50 -10.78 13.69 24.32
C GLY B 50 -11.02 14.00 22.86
N GLY B 51 -11.50 13.02 22.11
CA GLY B 51 -11.76 13.21 20.70
C GLY B 51 -11.36 12.00 19.90
N ALA B 52 -11.65 12.04 18.62
CA ALA B 52 -11.25 10.97 17.71
C ALA B 52 -9.90 11.29 17.09
N HIS B 53 -8.97 10.35 17.19
CA HIS B 53 -7.60 10.56 16.72
C HIS B 53 -7.35 9.74 15.46
N ASN B 54 -6.89 10.41 14.41
CA ASN B 54 -6.50 9.73 13.18
C ASN B 54 -5.05 9.32 13.31
N GLN B 55 -4.81 8.03 13.51
CA GLN B 55 -3.47 7.55 13.84
C GLN B 55 -2.74 6.99 12.63
N CYS B 56 -1.62 7.58 12.31
CA CYS B 56 -0.78 7.11 11.21
C CYS B 56 -0.06 5.84 11.63
N LYS B 57 -0.48 4.72 11.06
CA LYS B 57 0.03 3.41 11.42
C LYS B 57 1.54 3.29 11.15
N LEU B 58 2.00 3.94 10.09
CA LEU B 58 3.36 3.76 9.62
C LEU B 58 4.30 4.83 10.15
N CYS B 59 3.82 5.67 11.06
CA CYS B 59 4.64 6.74 11.62
C CYS B 59 4.51 6.81 13.14
N GLY B 60 3.37 6.38 13.66
CA GLY B 60 3.16 6.42 15.09
C GLY B 60 2.82 7.81 15.59
N ALA B 61 1.87 8.45 14.92
CA ALA B 61 1.44 9.80 15.29
C ALA B 61 -0.03 9.98 14.98
N SER B 62 -0.75 10.63 15.88
CA SER B 62 -2.19 10.83 15.72
C SER B 62 -2.54 12.30 15.52
N VAL B 63 -3.45 12.54 14.59
CA VAL B 63 -3.93 13.89 14.29
C VAL B 63 -5.45 13.95 14.46
N PRO B 64 -6.01 15.07 14.93
CA PRO B 64 -7.47 15.27 15.05
C PRO B 64 -8.24 14.75 13.83
N TRP B 65 -9.39 14.14 14.10
CA TRP B 65 -10.21 13.52 13.05
C TRP B 65 -10.75 14.56 12.08
N LEU B 66 -11.41 14.05 11.02
CA LEU B 66 -12.04 14.88 9.99
C LEU B 66 -11.01 15.37 8.97
N GLN B 67 -9.78 15.56 9.43
CA GLN B 67 -8.69 16.00 8.56
C GLN B 67 -7.93 14.80 8.02
N THR B 68 -6.99 15.06 7.11
CA THR B 68 -6.24 14.00 6.47
C THR B 68 -5.05 13.59 7.33
N GLY B 69 -4.82 12.28 7.43
CA GLY B 69 -3.75 11.77 8.27
C GLY B 69 -2.37 12.21 7.81
N ASP B 70 -2.24 12.57 6.53
CA ASP B 70 -0.95 12.98 5.98
C ASP B 70 -0.83 14.51 5.94
N GLU B 71 -1.72 15.18 6.64
CA GLU B 71 -1.65 16.63 6.77
C GLU B 71 -0.64 17.02 7.84
N ILE B 72 -0.48 16.14 8.83
CA ILE B 72 0.51 16.34 9.86
C ILE B 72 1.86 15.80 9.39
N LYS B 73 2.92 16.56 9.64
CA LYS B 73 4.26 16.16 9.22
C LYS B 73 4.67 14.86 9.88
N HIS B 74 5.19 13.95 9.09
CA HIS B 74 5.58 12.64 9.56
C HIS B 74 7.09 12.53 9.58
N ALA B 75 7.58 11.40 10.05
CA ALA B 75 9.00 11.10 10.00
C ALA B 75 9.41 10.76 8.59
N ASP B 76 10.62 11.11 8.22
CA ASP B 76 11.15 10.79 6.90
C ASP B 76 11.51 9.32 6.86
N ASP B 77 11.56 8.72 8.05
CA ASP B 77 11.92 7.32 8.22
C ASP B 77 10.73 6.39 7.96
N CYS B 78 9.56 6.97 7.74
CA CYS B 78 8.34 6.19 7.60
C CYS B 78 8.06 5.86 6.13
N PRO B 79 7.53 4.65 5.86
CA PRO B 79 7.19 4.22 4.50
C PRO B 79 6.12 5.08 3.84
N VAL B 80 5.39 5.86 4.66
CA VAL B 80 4.39 6.79 4.12
C VAL B 80 5.05 7.79 3.18
N VAL B 81 6.18 8.34 3.62
CA VAL B 81 6.93 9.29 2.81
C VAL B 81 7.47 8.61 1.55
N ILE B 82 7.95 7.38 1.72
CA ILE B 82 8.48 6.60 0.61
C ILE B 82 7.43 6.38 -0.48
N ALA B 83 6.25 5.92 -0.08
CA ALA B 83 5.17 5.63 -1.01
C ALA B 83 4.82 6.84 -1.88
N LYS B 84 4.58 7.98 -1.25
CA LYS B 84 4.21 9.18 -1.98
C LYS B 84 5.41 9.74 -2.75
N GLN B 85 6.60 9.46 -2.26
CA GLN B 85 7.83 9.82 -2.96
C GLN B 85 7.89 9.11 -4.33
N ILE B 86 7.46 7.86 -4.35
CA ILE B 86 7.49 7.05 -5.56
C ILE B 86 6.40 7.45 -6.54
N LEU B 87 5.19 7.68 -6.02
CA LEU B 87 4.07 8.03 -6.88
C LEU B 87 4.27 9.39 -7.52
N SER B 88 5.19 10.17 -6.97
CA SER B 88 5.57 11.43 -7.56
C SER B 88 6.66 11.19 -8.61
N SER B 89 6.24 11.09 -9.86
CA SER B 89 7.15 10.78 -10.96
C SER B 89 8.20 11.87 -11.16
N ARG B 90 9.46 11.52 -10.91
CA ARG B 90 10.60 12.42 -11.11
C ARG B 90 10.55 13.64 -10.20
N PRO B 91 10.85 13.47 -8.91
CA PRO B 91 11.02 14.60 -8.00
C PRO B 91 12.46 15.14 -8.06
N LYS B 92 12.70 16.31 -7.49
CA LYS B 92 14.04 16.86 -7.46
C LYS B 92 14.82 16.32 -6.27
N LEU B 93 14.12 15.59 -5.42
CA LEU B 93 14.75 14.93 -4.29
C LEU B 93 15.05 13.49 -4.66
N HIS B 94 16.20 13.00 -4.24
CA HIS B 94 16.58 11.63 -4.49
C HIS B 94 17.04 10.95 -3.20
N ALA B 95 16.52 9.75 -2.95
CA ALA B 95 16.86 9.00 -1.77
C ALA B 95 18.30 8.49 -1.85
N VAL B 96 18.87 8.16 -0.70
CA VAL B 96 20.27 7.75 -0.60
C VAL B 96 21.18 8.91 -0.97
N MET A 1 17.01 -20.71 14.29
CA MET A 1 16.55 -21.92 13.57
C MET A 1 15.79 -21.53 12.30
N GLY A 2 15.73 -20.22 12.03
CA GLY A 2 15.02 -19.74 10.86
C GLY A 2 15.63 -20.26 9.57
N SER A 3 14.85 -21.00 8.80
CA SER A 3 15.34 -21.60 7.57
C SER A 3 14.88 -20.80 6.35
N SER A 4 14.19 -19.70 6.61
CA SER A 4 13.72 -18.83 5.56
C SER A 4 14.49 -17.51 5.59
N HIS A 5 15.09 -17.16 4.47
CA HIS A 5 15.80 -15.90 4.34
C HIS A 5 15.67 -15.38 2.92
N HIS A 6 15.54 -14.07 2.78
CA HIS A 6 15.39 -13.46 1.47
C HIS A 6 16.75 -13.28 0.83
N HIS A 7 16.81 -13.35 -0.49
CA HIS A 7 18.08 -13.37 -1.21
C HIS A 7 18.79 -12.01 -1.18
N HIS A 8 18.08 -10.97 -0.77
CA HIS A 8 18.68 -9.65 -0.66
C HIS A 8 18.50 -9.08 0.74
N HIS A 9 17.25 -8.77 1.10
CA HIS A 9 16.90 -8.20 2.41
C HIS A 9 17.84 -7.05 2.78
N HIS A 10 18.12 -6.20 1.78
CA HIS A 10 18.93 -5.00 1.96
C HIS A 10 20.41 -5.34 2.25
N SER A 11 20.88 -6.46 1.71
CA SER A 11 22.32 -6.74 1.75
C SER A 11 23.00 -6.08 0.55
N SER A 12 22.18 -5.52 -0.33
CA SER A 12 22.66 -4.79 -1.49
C SER A 12 21.68 -3.66 -1.80
N GLY A 13 22.05 -2.78 -2.71
CA GLY A 13 21.21 -1.64 -3.03
C GLY A 13 21.70 -0.40 -2.34
N ARG A 14 22.89 0.04 -2.71
CA ARG A 14 23.54 1.18 -2.08
C ARG A 14 23.11 2.48 -2.76
N GLU A 15 22.37 2.34 -3.85
CA GLU A 15 22.04 3.47 -4.70
C GLU A 15 20.54 3.50 -5.00
N ASN A 16 20.06 4.67 -5.41
CA ASN A 16 18.67 4.81 -5.82
C ASN A 16 18.60 5.23 -7.28
N LEU A 17 17.67 4.65 -8.01
CA LEU A 17 17.50 4.96 -9.41
C LEU A 17 16.06 5.35 -9.71
N TYR A 18 15.73 5.47 -10.98
CA TYR A 18 14.40 5.88 -11.40
C TYR A 18 13.73 4.76 -12.17
N PHE A 19 12.65 5.08 -12.87
CA PHE A 19 11.93 4.09 -13.66
C PHE A 19 12.73 3.70 -14.89
N GLN A 20 12.36 2.57 -15.51
CA GLN A 20 13.04 2.02 -16.69
C GLN A 20 14.39 1.43 -16.32
N GLY A 21 15.25 2.23 -15.70
CA GLY A 21 16.53 1.76 -15.26
C GLY A 21 16.48 1.26 -13.83
N MET A 22 15.91 0.08 -13.63
CA MET A 22 15.78 -0.50 -12.30
C MET A 22 15.98 -2.01 -12.34
N THR A 23 16.51 -2.56 -11.26
CA THR A 23 16.82 -3.98 -11.16
C THR A 23 16.31 -4.56 -9.84
N ASP A 24 16.96 -5.62 -9.35
CA ASP A 24 16.56 -6.32 -8.11
C ASP A 24 16.22 -5.37 -6.97
N THR A 25 17.08 -4.37 -6.75
CA THR A 25 16.91 -3.44 -5.65
C THR A 25 15.53 -2.77 -5.66
N ALA A 26 15.08 -2.35 -6.83
CA ALA A 26 13.80 -1.67 -6.96
C ALA A 26 12.65 -2.60 -6.61
N ALA A 27 12.76 -3.85 -7.01
CA ALA A 27 11.72 -4.82 -6.75
C ALA A 27 11.57 -5.09 -5.26
N GLU A 28 12.69 -5.13 -4.57
CA GLU A 28 12.69 -5.39 -3.13
C GLU A 28 12.26 -4.14 -2.36
N ASP A 29 12.68 -2.97 -2.84
CA ASP A 29 12.33 -1.71 -2.18
C ASP A 29 10.82 -1.49 -2.24
N VAL A 30 10.23 -1.78 -3.40
CA VAL A 30 8.77 -1.70 -3.54
C VAL A 30 8.09 -2.80 -2.73
N ARG A 31 8.72 -3.97 -2.63
CA ARG A 31 8.21 -5.04 -1.78
C ARG A 31 8.17 -4.59 -0.32
N LYS A 32 9.20 -3.83 0.07
CA LYS A 32 9.29 -3.28 1.42
C LYS A 32 8.12 -2.34 1.69
N ILE A 33 7.76 -1.56 0.67
CA ILE A 33 6.60 -0.67 0.75
C ILE A 33 5.31 -1.49 0.82
N ALA A 34 5.23 -2.51 -0.02
CA ALA A 34 4.07 -3.40 -0.05
C ALA A 34 3.87 -4.08 1.29
N THR A 35 4.97 -4.48 1.93
CA THR A 35 4.91 -5.11 3.23
C THR A 35 4.32 -4.15 4.26
N ALA A 36 4.64 -2.87 4.12
CA ALA A 36 4.16 -1.85 5.03
C ALA A 36 2.66 -1.63 4.88
N LEU A 37 2.20 -1.56 3.63
CA LEU A 37 0.78 -1.32 3.39
C LEU A 37 -0.06 -2.54 3.79
N LEU A 38 0.55 -3.72 3.79
CA LEU A 38 -0.11 -4.92 4.29
C LEU A 38 -0.33 -4.81 5.79
N LYS A 39 0.60 -4.14 6.46
CA LYS A 39 0.52 -3.94 7.89
C LYS A 39 -0.39 -2.76 8.20
N THR A 40 -0.74 -2.02 7.16
CA THR A 40 -1.56 -0.82 7.30
C THR A 40 -3.03 -1.11 6.99
N ALA A 41 -3.29 -1.75 5.86
CA ALA A 41 -4.65 -1.95 5.40
C ALA A 41 -5.23 -3.28 5.84
N ILE A 42 -4.43 -4.10 6.50
CA ILE A 42 -4.90 -5.40 6.98
C ILE A 42 -4.69 -5.51 8.48
N GLU A 43 -5.79 -5.62 9.22
CA GLU A 43 -5.73 -5.66 10.68
C GLU A 43 -6.55 -6.84 11.22
N ILE A 44 -6.23 -7.25 12.43
CA ILE A 44 -6.94 -8.33 13.10
C ILE A 44 -8.18 -7.80 13.81
N VAL A 45 -9.33 -8.32 13.44
CA VAL A 45 -10.56 -8.04 14.14
C VAL A 45 -11.13 -9.34 14.70
N SER A 46 -11.01 -9.49 16.01
CA SER A 46 -11.33 -10.75 16.65
C SER A 46 -12.74 -10.76 17.23
N GLU A 47 -13.26 -11.96 17.46
CA GLU A 47 -14.52 -12.15 18.13
C GLU A 47 -14.28 -12.33 19.62
N GLU A 48 -15.16 -11.79 20.44
CA GLU A 48 -15.04 -11.92 21.89
C GLU A 48 -15.11 -13.38 22.31
N ASP A 49 -16.02 -14.11 21.71
CA ASP A 49 -16.20 -15.53 22.04
C ASP A 49 -15.50 -16.42 21.02
N GLY A 50 -15.49 -15.97 19.76
CA GLY A 50 -14.87 -16.74 18.70
C GLY A 50 -13.36 -16.56 18.66
N GLY A 51 -12.86 -16.11 17.52
CA GLY A 51 -11.44 -15.94 17.37
C GLY A 51 -11.09 -14.76 16.49
N ALA A 52 -9.83 -14.69 16.09
CA ALA A 52 -9.33 -13.57 15.30
C ALA A 52 -9.70 -13.72 13.84
N HIS A 53 -9.91 -12.60 13.17
CA HIS A 53 -10.24 -12.60 11.76
C HIS A 53 -9.47 -11.50 11.03
N ASN A 54 -8.88 -11.85 9.91
CA ASN A 54 -8.16 -10.88 9.09
C ASN A 54 -9.10 -10.20 8.12
N GLN A 55 -9.22 -8.88 8.23
CA GLN A 55 -9.99 -8.12 7.26
C GLN A 55 -9.15 -6.98 6.69
N CYS A 56 -9.26 -6.77 5.39
CA CYS A 56 -8.57 -5.67 4.75
C CYS A 56 -9.51 -4.50 4.54
N LYS A 57 -9.01 -3.30 4.83
CA LYS A 57 -9.82 -2.09 4.77
C LYS A 57 -10.05 -1.68 3.31
N LEU A 58 -9.33 -2.33 2.40
CA LEU A 58 -9.34 -1.95 1.01
C LEU A 58 -10.40 -2.71 0.20
N CYS A 59 -10.44 -4.03 0.35
CA CYS A 59 -11.32 -4.85 -0.46
C CYS A 59 -12.41 -5.55 0.36
N GLY A 60 -12.37 -5.36 1.67
CA GLY A 60 -13.37 -5.97 2.53
C GLY A 60 -13.33 -7.49 2.49
N ALA A 61 -12.12 -8.04 2.48
CA ALA A 61 -11.95 -9.49 2.47
C ALA A 61 -11.63 -9.98 3.88
N SER A 62 -12.35 -11.00 4.31
CA SER A 62 -12.16 -11.55 5.64
C SER A 62 -11.74 -13.01 5.59
N VAL A 63 -10.86 -13.40 6.50
CA VAL A 63 -10.39 -14.78 6.57
C VAL A 63 -10.04 -15.14 8.02
N PRO A 64 -10.35 -16.36 8.46
CA PRO A 64 -9.96 -16.86 9.78
C PRO A 64 -8.45 -16.81 9.99
N TRP A 65 -8.05 -16.38 11.18
CA TRP A 65 -6.63 -16.17 11.51
C TRP A 65 -5.80 -17.45 11.36
N LEU A 66 -6.40 -18.60 11.62
CA LEU A 66 -5.66 -19.85 11.69
C LEU A 66 -5.42 -20.43 10.29
N GLN A 67 -5.92 -19.77 9.27
CA GLN A 67 -5.64 -20.17 7.91
C GLN A 67 -4.20 -19.84 7.56
N THR A 68 -3.95 -18.58 7.26
CA THR A 68 -2.60 -18.10 6.93
C THR A 68 -2.56 -16.58 6.99
N GLY A 69 -3.42 -15.95 6.19
CA GLY A 69 -3.33 -14.52 5.99
C GLY A 69 -2.51 -14.22 4.76
N ASP A 70 -2.43 -12.94 4.38
CA ASP A 70 -1.66 -12.51 3.21
C ASP A 70 -2.33 -12.95 1.90
N GLU A 71 -2.54 -14.25 1.77
CA GLU A 71 -3.19 -14.82 0.58
C GLU A 71 -4.71 -14.57 0.59
N ILE A 72 -5.10 -13.33 0.38
CA ILE A 72 -6.52 -12.98 0.27
C ILE A 72 -6.78 -12.11 -0.97
N LYS A 73 -7.39 -12.70 -1.98
CA LYS A 73 -7.68 -11.99 -3.21
C LYS A 73 -9.18 -11.91 -3.41
N HIS A 74 -9.75 -10.74 -3.15
CA HIS A 74 -11.19 -10.54 -3.27
C HIS A 74 -11.52 -9.67 -4.48
N ALA A 75 -10.48 -9.13 -5.10
CA ALA A 75 -10.66 -8.25 -6.25
C ALA A 75 -9.41 -8.23 -7.11
N ASP A 76 -9.54 -8.74 -8.33
CA ASP A 76 -8.44 -8.75 -9.28
C ASP A 76 -8.20 -7.36 -9.84
N ASP A 77 -9.22 -6.51 -9.70
CA ASP A 77 -9.15 -5.14 -10.21
C ASP A 77 -8.33 -4.25 -9.27
N CYS A 78 -8.40 -4.54 -7.98
CA CYS A 78 -7.75 -3.71 -6.98
C CYS A 78 -6.24 -3.92 -6.97
N PRO A 79 -5.48 -2.91 -6.50
CA PRO A 79 -4.00 -2.95 -6.50
C PRO A 79 -3.43 -4.00 -5.56
N VAL A 80 -4.30 -4.75 -4.88
CA VAL A 80 -3.86 -5.82 -3.99
C VAL A 80 -3.10 -6.89 -4.77
N VAL A 81 -3.61 -7.22 -5.95
CA VAL A 81 -3.00 -8.24 -6.79
C VAL A 81 -1.67 -7.78 -7.35
N ILE A 82 -1.60 -6.53 -7.81
CA ILE A 82 -0.38 -6.01 -8.39
C ILE A 82 0.71 -5.87 -7.33
N ALA A 83 0.30 -5.49 -6.12
CA ALA A 83 1.22 -5.41 -4.99
C ALA A 83 1.65 -6.80 -4.57
N LYS A 84 0.71 -7.74 -4.64
CA LYS A 84 0.97 -9.12 -4.28
C LYS A 84 2.05 -9.69 -5.18
N GLN A 85 1.99 -9.35 -6.46
CA GLN A 85 2.99 -9.78 -7.43
C GLN A 85 4.39 -9.36 -6.99
N ILE A 86 4.49 -8.17 -6.42
CA ILE A 86 5.77 -7.61 -6.01
C ILE A 86 6.28 -8.27 -4.74
N LEU A 87 5.43 -8.33 -3.72
CA LEU A 87 5.83 -8.87 -2.43
C LEU A 87 6.03 -10.39 -2.50
N SER A 88 5.37 -11.02 -3.47
CA SER A 88 5.56 -12.43 -3.71
C SER A 88 6.45 -12.60 -4.94
N SER A 89 7.72 -12.27 -4.76
CA SER A 89 8.67 -12.22 -5.87
C SER A 89 8.97 -13.62 -6.41
N ARG A 90 9.00 -14.60 -5.50
CA ARG A 90 9.42 -15.97 -5.84
C ARG A 90 10.81 -15.95 -6.49
N PRO A 91 11.87 -15.85 -5.68
CA PRO A 91 13.25 -15.78 -6.18
C PRO A 91 13.81 -17.15 -6.55
N LYS A 92 15.11 -17.21 -6.80
CA LYS A 92 15.77 -18.47 -7.11
C LYS A 92 15.87 -19.35 -5.87
N LEU A 93 14.77 -20.03 -5.56
CA LEU A 93 14.69 -20.92 -4.42
C LEU A 93 13.83 -22.11 -4.82
N HIS A 94 14.24 -23.30 -4.41
CA HIS A 94 13.56 -24.53 -4.84
C HIS A 94 12.14 -24.59 -4.30
N ALA A 95 11.18 -24.35 -5.17
CA ALA A 95 9.77 -24.40 -4.82
C ALA A 95 8.96 -24.92 -6.00
N VAL A 96 8.05 -25.84 -5.74
CA VAL A 96 7.25 -26.44 -6.79
C VAL A 96 5.95 -25.66 -6.98
N MET B 1 -9.40 20.88 3.86
CA MET B 1 -10.14 21.13 2.59
C MET B 1 -9.23 20.88 1.39
N GLY B 2 -9.81 20.33 0.34
CA GLY B 2 -9.04 20.01 -0.86
C GLY B 2 -9.30 18.60 -1.34
N SER B 3 -10.55 18.18 -1.30
CA SER B 3 -10.91 16.82 -1.66
C SER B 3 -11.11 16.69 -3.19
N SER B 4 -10.00 16.56 -3.90
CA SER B 4 -10.04 16.38 -5.34
C SER B 4 -10.42 14.95 -5.70
N HIS B 5 -11.62 14.76 -6.23
CA HIS B 5 -12.10 13.44 -6.60
C HIS B 5 -12.62 13.42 -8.04
N HIS B 6 -11.90 12.74 -8.91
CA HIS B 6 -12.38 12.51 -10.27
C HIS B 6 -12.43 11.01 -10.52
N HIS B 7 -13.40 10.58 -11.31
CA HIS B 7 -13.63 9.15 -11.50
C HIS B 7 -12.65 8.58 -12.51
N HIS B 8 -12.60 7.25 -12.58
CA HIS B 8 -11.71 6.56 -13.50
C HIS B 8 -12.27 5.19 -13.85
N HIS B 9 -12.76 5.06 -15.07
CA HIS B 9 -13.38 3.80 -15.50
C HIS B 9 -12.51 3.08 -16.52
N HIS B 10 -11.27 3.52 -16.65
CA HIS B 10 -10.35 2.89 -17.58
C HIS B 10 -9.09 2.41 -16.86
N SER B 11 -8.92 1.10 -16.78
CA SER B 11 -7.77 0.52 -16.12
C SER B 11 -7.42 -0.81 -16.79
N SER B 12 -6.22 -0.89 -17.35
CA SER B 12 -5.80 -2.08 -18.08
C SER B 12 -4.30 -2.32 -17.89
N GLY B 13 -3.96 -2.96 -16.78
CA GLY B 13 -2.56 -3.27 -16.50
C GLY B 13 -2.35 -4.74 -16.29
N ARG B 14 -2.77 -5.53 -17.27
CA ARG B 14 -2.69 -6.99 -17.18
C ARG B 14 -1.26 -7.48 -17.38
N GLU B 15 -0.49 -6.71 -18.14
CA GLU B 15 0.84 -7.15 -18.54
C GLU B 15 1.91 -6.50 -17.67
N ASN B 16 2.45 -7.29 -16.75
CA ASN B 16 3.50 -6.85 -15.84
C ASN B 16 4.46 -8.00 -15.58
N LEU B 17 5.72 -7.84 -15.96
CA LEU B 17 6.70 -8.91 -15.84
C LEU B 17 7.97 -8.44 -15.13
N TYR B 18 7.85 -8.13 -13.84
CA TYR B 18 9.00 -7.85 -12.96
C TYR B 18 9.75 -6.57 -13.35
N PHE B 19 10.25 -5.87 -12.33
CA PHE B 19 11.03 -4.66 -12.53
C PHE B 19 12.41 -4.95 -13.10
N GLN B 20 12.49 -5.10 -14.41
CA GLN B 20 13.76 -5.23 -15.11
C GLN B 20 13.61 -4.73 -16.53
N GLY B 21 12.73 -5.38 -17.28
CA GLY B 21 12.33 -4.88 -18.58
C GLY B 21 11.02 -4.16 -18.49
N MET B 22 10.80 -3.55 -17.32
CA MET B 22 9.55 -2.90 -16.97
C MET B 22 9.42 -1.57 -17.69
N THR B 23 10.41 -0.71 -17.50
CA THR B 23 10.52 0.50 -18.29
C THR B 23 9.42 1.53 -17.98
N ASP B 24 8.20 1.28 -18.44
CA ASP B 24 7.15 2.29 -18.42
C ASP B 24 6.07 1.99 -17.38
N THR B 25 5.61 0.74 -17.36
CA THR B 25 4.48 0.33 -16.54
C THR B 25 4.70 0.65 -15.05
N ALA B 26 5.96 0.63 -14.62
CA ALA B 26 6.31 0.79 -13.20
C ALA B 26 5.76 2.09 -12.61
N ALA B 27 5.60 3.10 -13.44
CA ALA B 27 5.11 4.39 -12.98
C ALA B 27 3.61 4.33 -12.71
N GLU B 28 2.92 3.45 -13.43
CA GLU B 28 1.47 3.36 -13.35
C GLU B 28 1.05 2.42 -12.22
N ASP B 29 1.65 1.24 -12.18
CA ASP B 29 1.18 0.18 -11.27
C ASP B 29 1.62 0.44 -9.84
N VAL B 30 2.85 0.90 -9.67
CA VAL B 30 3.37 1.24 -8.35
C VAL B 30 2.62 2.45 -7.78
N ARG B 31 2.15 3.33 -8.66
CA ARG B 31 1.40 4.50 -8.22
C ARG B 31 0.03 4.09 -7.70
N LYS B 32 -0.52 3.01 -8.24
CA LYS B 32 -1.80 2.50 -7.80
C LYS B 32 -1.81 2.20 -6.30
N ILE B 33 -0.81 1.47 -5.84
CA ILE B 33 -0.74 1.08 -4.43
C ILE B 33 -0.42 2.27 -3.54
N ALA B 34 0.39 3.19 -4.07
CA ALA B 34 0.77 4.39 -3.33
C ALA B 34 -0.41 5.33 -3.15
N THR B 35 -1.31 5.35 -4.12
CA THR B 35 -2.48 6.22 -4.08
C THR B 35 -3.49 5.72 -3.05
N ALA B 36 -3.53 4.41 -2.84
CA ALA B 36 -4.43 3.82 -1.85
C ALA B 36 -4.11 4.36 -0.45
N LEU B 37 -2.85 4.76 -0.26
CA LEU B 37 -2.39 5.31 1.00
C LEU B 37 -2.97 6.71 1.22
N LEU B 38 -3.27 7.37 0.12
CA LEU B 38 -3.84 8.71 0.16
C LEU B 38 -5.34 8.65 0.44
N LYS B 39 -5.98 7.60 -0.06
CA LYS B 39 -7.41 7.46 0.03
C LYS B 39 -7.86 7.06 1.44
N THR B 40 -7.19 6.09 2.04
CA THR B 40 -7.57 5.60 3.35
C THR B 40 -6.37 5.00 4.08
N ALA B 41 -5.86 3.89 3.54
CA ALA B 41 -4.70 3.19 4.10
C ALA B 41 -5.01 2.53 5.44
N ILE B 42 -5.24 3.35 6.46
CA ILE B 42 -5.44 2.85 7.81
C ILE B 42 -6.88 3.03 8.28
N GLU B 43 -7.10 2.80 9.57
CA GLU B 43 -8.42 2.87 10.15
C GLU B 43 -8.50 3.98 11.19
N ILE B 44 -9.70 4.47 11.45
CA ILE B 44 -9.92 5.52 12.42
C ILE B 44 -10.59 4.96 13.67
N VAL B 45 -9.95 5.15 14.81
CA VAL B 45 -10.49 4.69 16.08
C VAL B 45 -11.29 5.81 16.73
N SER B 46 -12.20 5.45 17.61
CA SER B 46 -13.06 6.45 18.23
C SER B 46 -13.15 6.25 19.73
N GLU B 47 -13.30 7.35 20.46
CA GLU B 47 -13.53 7.28 21.89
C GLU B 47 -14.91 6.68 22.15
N GLU B 48 -15.22 6.39 23.41
CA GLU B 48 -16.52 5.87 23.76
C GLU B 48 -17.56 6.93 23.44
N ASP B 49 -17.29 8.13 23.91
CA ASP B 49 -18.07 9.30 23.54
C ASP B 49 -17.24 10.55 23.76
N GLY B 50 -16.71 11.05 22.66
CA GLY B 50 -15.85 12.21 22.72
C GLY B 50 -15.43 12.66 21.33
N GLY B 51 -14.52 11.91 20.72
CA GLY B 51 -14.04 12.26 19.40
C GLY B 51 -13.25 11.15 18.77
N ALA B 52 -13.41 10.98 17.47
CA ALA B 52 -12.67 9.98 16.72
C ALA B 52 -11.25 10.44 16.44
N HIS B 53 -10.34 9.48 16.30
CA HIS B 53 -8.93 9.76 16.05
C HIS B 53 -8.39 8.81 14.99
N ASN B 54 -7.82 9.36 13.94
CA ASN B 54 -7.20 8.54 12.91
C ASN B 54 -5.80 8.14 13.37
N GLN B 55 -5.41 6.90 13.10
CA GLN B 55 -4.17 6.39 13.63
C GLN B 55 -3.36 5.64 12.57
N CYS B 56 -2.16 6.13 12.30
CA CYS B 56 -1.22 5.42 11.47
C CYS B 56 -0.34 4.55 12.36
N LYS B 57 -0.66 3.26 12.41
CA LYS B 57 -0.05 2.36 13.38
C LYS B 57 1.39 1.99 13.04
N LEU B 58 2.00 2.72 12.13
CA LEU B 58 3.39 2.53 11.78
C LEU B 58 4.28 3.46 12.61
N CYS B 59 4.18 4.76 12.32
CA CYS B 59 4.98 5.75 13.02
C CYS B 59 4.29 6.20 14.30
N GLY B 60 3.05 5.78 14.48
CA GLY B 60 2.28 6.19 15.65
C GLY B 60 1.67 7.55 15.48
N ALA B 61 1.26 7.85 14.25
CA ALA B 61 0.70 9.15 13.93
C ALA B 61 -0.78 9.21 14.27
N SER B 62 -1.18 10.26 14.96
CA SER B 62 -2.57 10.44 15.34
C SER B 62 -3.13 11.71 14.71
N VAL B 63 -4.29 11.58 14.08
CA VAL B 63 -4.95 12.71 13.44
C VAL B 63 -6.39 12.85 13.93
N PRO B 64 -6.69 13.95 14.63
CA PRO B 64 -8.05 14.24 15.09
C PRO B 64 -9.03 14.37 13.93
N TRP B 65 -10.21 13.79 14.10
CA TRP B 65 -11.25 13.84 13.08
C TRP B 65 -11.75 15.28 12.92
N LEU B 66 -12.41 15.54 11.78
CA LEU B 66 -12.87 16.88 11.38
C LEU B 66 -11.76 17.68 10.71
N GLN B 67 -10.52 17.25 10.90
CA GLN B 67 -9.39 17.90 10.24
C GLN B 67 -9.31 17.49 8.78
N THR B 68 -8.41 18.13 8.03
CA THR B 68 -8.26 17.88 6.61
C THR B 68 -7.45 16.61 6.33
N GLY B 69 -7.08 15.91 7.39
CA GLY B 69 -6.29 14.71 7.24
C GLY B 69 -4.89 14.91 7.77
N ASP B 70 -4.41 16.16 7.68
CA ASP B 70 -3.13 16.57 8.28
C ASP B 70 -1.96 15.87 7.59
N GLU B 71 -2.25 15.22 6.46
CA GLU B 71 -1.29 14.44 5.68
C GLU B 71 -0.62 13.34 6.50
N ILE B 72 -1.11 13.10 7.71
CA ILE B 72 -0.50 12.13 8.62
C ILE B 72 0.92 12.55 8.99
N LYS B 73 1.09 13.16 10.16
CA LYS B 73 2.41 13.56 10.62
C LYS B 73 3.33 12.35 10.71
N HIS B 74 4.47 12.44 10.05
CA HIS B 74 5.26 11.28 9.75
C HIS B 74 6.76 11.57 9.82
N ALA B 75 7.54 10.50 9.84
CA ALA B 75 8.96 10.59 9.60
C ALA B 75 9.17 10.53 8.09
N ASP B 76 10.32 10.96 7.61
CA ASP B 76 10.56 11.03 6.18
C ASP B 76 11.03 9.69 5.63
N ASP B 77 11.54 8.85 6.53
CA ASP B 77 12.09 7.54 6.14
C ASP B 77 10.99 6.48 6.03
N CYS B 78 9.78 6.83 6.45
CA CYS B 78 8.66 5.89 6.43
C CYS B 78 8.33 5.43 5.01
N PRO B 79 8.04 4.13 4.85
CA PRO B 79 7.75 3.53 3.52
C PRO B 79 6.59 4.21 2.81
N VAL B 80 5.59 4.62 3.58
CA VAL B 80 4.44 5.33 3.03
C VAL B 80 4.88 6.64 2.38
N VAL B 81 5.86 7.29 2.99
CA VAL B 81 6.34 8.57 2.52
C VAL B 81 7.19 8.43 1.26
N ILE B 82 8.05 7.42 1.24
CA ILE B 82 8.92 7.18 0.10
C ILE B 82 8.08 6.82 -1.12
N ALA B 83 7.00 6.09 -0.90
CA ALA B 83 6.07 5.73 -1.97
C ALA B 83 5.35 6.96 -2.51
N LYS B 84 4.98 7.87 -1.62
CA LYS B 84 4.32 9.11 -2.01
C LYS B 84 5.24 9.97 -2.87
N GLN B 85 6.52 9.96 -2.53
CA GLN B 85 7.51 10.70 -3.29
C GLN B 85 7.70 10.10 -4.67
N ILE B 86 7.42 8.80 -4.80
CA ILE B 86 7.54 8.10 -6.07
C ILE B 86 6.39 8.49 -7.02
N LEU B 87 5.17 8.56 -6.49
CA LEU B 87 4.01 8.87 -7.31
C LEU B 87 4.07 10.30 -7.84
N SER B 88 4.80 11.17 -7.12
CA SER B 88 5.03 12.52 -7.56
C SER B 88 6.12 12.55 -8.63
N SER B 89 5.70 12.52 -9.89
CA SER B 89 6.64 12.47 -11.01
C SER B 89 7.35 13.81 -11.17
N ARG B 90 8.50 13.93 -10.55
CA ARG B 90 9.30 15.14 -10.64
C ARG B 90 10.76 14.82 -10.32
N PRO B 91 11.70 15.36 -11.10
CA PRO B 91 13.13 15.21 -10.84
C PRO B 91 13.57 16.08 -9.67
N LYS B 92 13.55 15.51 -8.47
CA LYS B 92 13.98 16.23 -7.28
C LYS B 92 15.49 16.14 -7.13
N LEU B 93 16.17 17.18 -7.56
CA LEU B 93 17.61 17.25 -7.47
C LEU B 93 18.02 18.47 -6.66
N HIS B 94 18.09 18.29 -5.35
CA HIS B 94 18.43 19.39 -4.46
C HIS B 94 19.38 18.92 -3.37
N ALA B 95 20.67 19.06 -3.63
CA ALA B 95 21.70 18.74 -2.65
C ALA B 95 21.92 19.94 -1.75
N VAL B 96 21.48 19.82 -0.49
CA VAL B 96 21.57 20.89 0.50
C VAL B 96 20.58 22.02 0.18
N MET A 1 -1.66 -12.03 12.98
CA MET A 1 -0.19 -11.92 12.99
C MET A 1 0.23 -10.56 13.53
N GLY A 2 0.53 -10.51 14.82
CA GLY A 2 0.94 -9.27 15.44
C GLY A 2 2.38 -9.31 15.90
N SER A 3 3.20 -8.45 15.31
CA SER A 3 4.60 -8.38 15.67
C SER A 3 5.22 -7.04 15.27
N SER A 4 5.01 -6.04 16.12
CA SER A 4 5.61 -4.73 15.91
C SER A 4 7.03 -4.73 16.48
N HIS A 5 7.99 -5.08 15.65
CA HIS A 5 9.37 -5.24 16.09
C HIS A 5 10.33 -4.50 15.16
N HIS A 6 10.75 -3.31 15.57
CA HIS A 6 11.66 -2.50 14.76
C HIS A 6 13.04 -3.14 14.71
N HIS A 7 13.66 -3.13 13.54
CA HIS A 7 14.94 -3.79 13.33
C HIS A 7 15.80 -3.09 12.27
N HIS A 8 15.66 -1.77 12.17
CA HIS A 8 16.42 -1.01 11.18
C HIS A 8 16.19 0.50 11.36
N HIS A 9 17.02 1.15 12.17
CA HIS A 9 16.92 2.58 12.38
C HIS A 9 18.09 3.30 11.72
N HIS A 10 17.96 3.53 10.43
CA HIS A 10 18.96 4.27 9.66
C HIS A 10 18.38 4.59 8.29
N SER A 11 18.21 5.88 8.01
CA SER A 11 17.64 6.32 6.76
C SER A 11 18.68 7.02 5.90
N SER A 12 18.44 7.04 4.59
CA SER A 12 19.31 7.71 3.65
C SER A 12 18.51 8.15 2.43
N GLY A 13 18.72 9.38 2.01
CA GLY A 13 18.03 9.90 0.85
C GLY A 13 18.94 9.92 -0.37
N ARG A 14 18.94 11.06 -1.06
CA ARG A 14 19.79 11.27 -2.24
C ARG A 14 19.34 10.42 -3.42
N GLU A 15 18.12 9.90 -3.34
CA GLU A 15 17.53 9.16 -4.44
C GLU A 15 17.25 10.14 -5.58
N ASN A 16 17.59 9.74 -6.79
CA ASN A 16 17.47 10.64 -7.93
C ASN A 16 17.21 9.87 -9.23
N LEU A 17 16.72 8.65 -9.10
CA LEU A 17 16.46 7.81 -10.26
C LEU A 17 15.01 7.97 -10.72
N TYR A 18 14.61 7.12 -11.64
CA TYR A 18 13.26 7.12 -12.19
C TYR A 18 13.05 5.86 -13.04
N PHE A 19 11.83 5.63 -13.49
CA PHE A 19 11.51 4.44 -14.26
C PHE A 19 12.02 4.54 -15.70
N GLN A 20 13.32 4.44 -15.87
CA GLN A 20 13.92 4.28 -17.20
C GLN A 20 14.79 3.03 -17.21
N GLY A 21 14.92 2.41 -16.05
CA GLY A 21 15.77 1.26 -15.89
C GLY A 21 16.06 1.01 -14.43
N MET A 22 15.15 0.31 -13.77
CA MET A 22 15.25 0.10 -12.33
C MET A 22 16.34 -0.90 -11.97
N THR A 23 17.09 -0.57 -10.93
CA THR A 23 18.16 -1.41 -10.43
C THR A 23 17.58 -2.55 -9.60
N ASP A 24 18.42 -3.52 -9.25
CA ASP A 24 18.00 -4.70 -8.50
C ASP A 24 17.49 -4.31 -7.11
N THR A 25 18.09 -3.26 -6.56
CA THR A 25 17.74 -2.77 -5.23
C THR A 25 16.27 -2.32 -5.15
N ALA A 26 15.73 -1.88 -6.29
CA ALA A 26 14.38 -1.30 -6.34
C ALA A 26 13.32 -2.30 -5.88
N ALA A 27 13.59 -3.59 -6.09
CA ALA A 27 12.63 -4.62 -5.74
C ALA A 27 12.47 -4.75 -4.23
N GLU A 28 13.52 -4.40 -3.49
CA GLU A 28 13.52 -4.57 -2.04
C GLU A 28 12.76 -3.43 -1.37
N ASP A 29 12.95 -2.21 -1.88
CA ASP A 29 12.29 -1.03 -1.31
C ASP A 29 10.77 -1.12 -1.47
N VAL A 30 10.31 -1.41 -2.68
CA VAL A 30 8.88 -1.53 -2.95
C VAL A 30 8.31 -2.73 -2.19
N ARG A 31 9.13 -3.74 -2.01
CA ARG A 31 8.74 -4.94 -1.27
C ARG A 31 8.38 -4.59 0.18
N LYS A 32 9.11 -3.63 0.73
CA LYS A 32 8.86 -3.17 2.08
C LYS A 32 7.59 -2.32 2.13
N ILE A 33 7.39 -1.51 1.10
CA ILE A 33 6.20 -0.66 1.00
C ILE A 33 4.94 -1.52 0.94
N ALA A 34 4.98 -2.57 0.14
CA ALA A 34 3.84 -3.48 -0.02
C ALA A 34 3.48 -4.16 1.29
N THR A 35 4.48 -4.39 2.14
CA THR A 35 4.27 -5.04 3.42
C THR A 35 3.44 -4.15 4.37
N ALA A 36 3.62 -2.84 4.24
CA ALA A 36 2.91 -1.89 5.09
C ALA A 36 1.39 -2.00 4.89
N LEU A 37 0.95 -1.94 3.65
CA LEU A 37 -0.47 -1.95 3.33
C LEU A 37 -1.13 -3.27 3.73
N LEU A 38 -0.34 -4.34 3.79
CA LEU A 38 -0.85 -5.64 4.20
C LEU A 38 -1.31 -5.59 5.65
N LYS A 39 -0.61 -4.81 6.47
CA LYS A 39 -0.91 -4.72 7.87
C LYS A 39 -1.86 -3.56 8.19
N THR A 40 -1.49 -2.36 7.77
CA THR A 40 -2.17 -1.16 8.24
C THR A 40 -3.37 -0.76 7.39
N ALA A 41 -3.43 -1.21 6.15
CA ALA A 41 -4.54 -0.86 5.28
C ALA A 41 -5.78 -1.69 5.61
N ILE A 42 -5.57 -2.74 6.41
CA ILE A 42 -6.66 -3.52 6.94
C ILE A 42 -7.29 -2.77 8.08
N GLU A 43 -8.46 -2.20 7.84
CA GLU A 43 -9.09 -1.28 8.79
C GLU A 43 -10.28 -1.93 9.46
N ILE A 44 -10.48 -1.60 10.73
CA ILE A 44 -11.63 -2.06 11.46
C ILE A 44 -12.66 -0.95 11.57
N VAL A 45 -13.79 -1.14 10.91
CA VAL A 45 -14.90 -0.22 11.05
C VAL A 45 -15.90 -0.78 12.05
N SER A 46 -15.90 -0.21 13.24
CA SER A 46 -16.68 -0.74 14.34
C SER A 46 -17.92 0.10 14.59
N GLU A 47 -19.02 -0.58 14.92
CA GLU A 47 -20.27 0.10 15.23
C GLU A 47 -20.25 0.61 16.66
N GLU A 48 -21.07 1.63 16.94
CA GLU A 48 -21.14 2.21 18.27
C GLU A 48 -21.39 1.14 19.33
N ASP A 49 -22.32 0.25 19.01
CA ASP A 49 -22.56 -0.94 19.82
C ASP A 49 -23.36 -1.95 19.00
N GLY A 50 -22.73 -3.05 18.66
CA GLY A 50 -23.39 -4.05 17.85
C GLY A 50 -22.42 -4.96 17.14
N GLY A 51 -21.20 -4.49 16.94
CA GLY A 51 -20.19 -5.32 16.33
C GLY A 51 -19.17 -4.53 15.53
N ALA A 52 -17.94 -5.01 15.52
CA ALA A 52 -16.88 -4.42 14.71
C ALA A 52 -16.73 -5.20 13.41
N HIS A 53 -16.23 -4.54 12.37
CA HIS A 53 -16.14 -5.15 11.06
C HIS A 53 -14.73 -5.05 10.52
N ASN A 54 -14.14 -6.18 10.17
CA ASN A 54 -12.83 -6.20 9.54
C ASN A 54 -13.02 -5.96 8.04
N GLN A 55 -12.53 -4.84 7.54
CA GLN A 55 -12.82 -4.44 6.18
C GLN A 55 -11.56 -4.07 5.42
N CYS A 56 -11.37 -4.72 4.27
CA CYS A 56 -10.33 -4.33 3.35
C CYS A 56 -10.86 -3.20 2.47
N LYS A 57 -10.42 -1.98 2.77
CA LYS A 57 -10.95 -0.79 2.13
C LYS A 57 -10.31 -0.60 0.75
N LEU A 58 -9.54 -1.58 0.34
CA LEU A 58 -8.94 -1.57 -0.97
C LEU A 58 -9.66 -2.56 -1.87
N CYS A 59 -10.83 -3.00 -1.41
CA CYS A 59 -11.64 -3.95 -2.15
C CYS A 59 -13.12 -3.71 -1.85
N GLY A 60 -13.43 -3.45 -0.59
CA GLY A 60 -14.80 -3.19 -0.20
C GLY A 60 -15.38 -4.32 0.63
N ALA A 61 -14.66 -5.44 0.71
CA ALA A 61 -15.12 -6.61 1.45
C ALA A 61 -14.93 -6.41 2.95
N SER A 62 -15.91 -6.83 3.72
CA SER A 62 -15.87 -6.69 5.16
C SER A 62 -16.50 -7.91 5.82
N VAL A 63 -16.08 -8.22 7.04
CA VAL A 63 -16.60 -9.36 7.77
C VAL A 63 -16.52 -9.12 9.27
N PRO A 64 -17.48 -9.64 10.05
CA PRO A 64 -17.41 -9.64 11.53
C PRO A 64 -16.00 -9.95 12.03
N TRP A 65 -15.49 -9.06 12.88
CA TRP A 65 -14.10 -9.13 13.33
C TRP A 65 -13.83 -10.41 14.13
N LEU A 66 -14.88 -10.96 14.72
CA LEU A 66 -14.73 -12.12 15.57
C LEU A 66 -14.94 -13.41 14.76
N GLN A 67 -14.93 -13.30 13.44
CA GLN A 67 -15.04 -14.48 12.59
C GLN A 67 -13.69 -14.81 11.94
N THR A 68 -13.25 -13.99 11.00
CA THR A 68 -12.01 -14.27 10.29
C THR A 68 -11.29 -12.98 9.86
N GLY A 69 -11.63 -12.45 8.69
CA GLY A 69 -10.94 -11.27 8.19
C GLY A 69 -10.03 -11.61 7.02
N ASP A 70 -9.71 -12.89 6.90
CA ASP A 70 -8.83 -13.37 5.83
C ASP A 70 -9.64 -14.09 4.75
N GLU A 71 -10.76 -14.67 5.16
CA GLU A 71 -11.57 -15.51 4.30
C GLU A 71 -12.38 -14.69 3.29
N ILE A 72 -12.36 -13.36 3.43
CA ILE A 72 -13.17 -12.50 2.57
C ILE A 72 -12.69 -12.56 1.12
N LYS A 73 -13.65 -12.62 0.21
CA LYS A 73 -13.36 -12.77 -1.20
C LYS A 73 -13.08 -11.42 -1.85
N HIS A 74 -11.85 -11.25 -2.33
CA HIS A 74 -11.42 -10.00 -2.93
C HIS A 74 -11.96 -9.87 -4.36
N ALA A 75 -11.87 -8.66 -4.88
CA ALA A 75 -12.14 -8.42 -6.29
C ALA A 75 -10.81 -8.43 -7.04
N ASP A 76 -10.73 -9.14 -8.15
CA ASP A 76 -9.47 -9.30 -8.85
C ASP A 76 -9.09 -8.03 -9.63
N ASP A 77 -9.99 -7.06 -9.60
CA ASP A 77 -9.76 -5.77 -10.25
C ASP A 77 -8.96 -4.83 -9.33
N CYS A 78 -8.86 -5.20 -8.05
CA CYS A 78 -8.18 -4.35 -7.08
C CYS A 78 -6.66 -4.46 -7.22
N PRO A 79 -5.93 -3.38 -6.89
CA PRO A 79 -4.46 -3.34 -7.02
C PRO A 79 -3.74 -4.25 -6.04
N VAL A 80 -4.49 -4.89 -5.15
CA VAL A 80 -3.92 -5.80 -4.16
C VAL A 80 -3.24 -6.99 -4.85
N VAL A 81 -3.82 -7.40 -5.98
CA VAL A 81 -3.28 -8.50 -6.76
C VAL A 81 -1.87 -8.17 -7.24
N ILE A 82 -1.71 -6.98 -7.80
CA ILE A 82 -0.43 -6.53 -8.31
C ILE A 82 0.59 -6.40 -7.16
N ALA A 83 0.12 -5.88 -6.03
CA ALA A 83 0.97 -5.71 -4.85
C ALA A 83 1.51 -7.07 -4.39
N LYS A 84 0.63 -8.06 -4.34
CA LYS A 84 1.03 -9.42 -3.94
C LYS A 84 2.09 -9.98 -4.87
N GLN A 85 1.95 -9.71 -6.16
CA GLN A 85 2.91 -10.17 -7.16
C GLN A 85 4.30 -9.61 -6.85
N ILE A 86 4.34 -8.32 -6.56
CA ILE A 86 5.61 -7.63 -6.28
C ILE A 86 6.29 -8.20 -5.03
N LEU A 87 5.54 -8.28 -3.93
CA LEU A 87 6.10 -8.73 -2.66
C LEU A 87 6.40 -10.22 -2.69
N SER A 88 5.80 -10.93 -3.64
CA SER A 88 6.08 -12.36 -3.81
C SER A 88 7.34 -12.54 -4.64
N SER A 89 7.46 -11.72 -5.68
CA SER A 89 8.62 -11.74 -6.57
C SER A 89 8.75 -13.10 -7.26
N ARG A 90 7.63 -13.81 -7.37
CA ARG A 90 7.62 -15.15 -7.93
C ARG A 90 6.67 -15.24 -9.11
N PRO A 91 7.21 -15.19 -10.34
CA PRO A 91 6.42 -15.28 -11.56
C PRO A 91 6.15 -16.72 -11.97
N LYS A 92 4.92 -17.17 -11.74
CA LYS A 92 4.52 -18.53 -12.10
C LYS A 92 3.85 -18.57 -13.47
N LEU A 93 4.60 -19.07 -14.46
CA LEU A 93 4.09 -19.31 -15.82
C LEU A 93 3.87 -18.00 -16.59
N HIS A 94 2.92 -17.21 -16.13
CA HIS A 94 2.56 -15.96 -16.80
C HIS A 94 1.84 -15.03 -15.83
N ALA A 95 0.98 -15.61 -14.99
CA ALA A 95 0.21 -14.86 -14.02
C ALA A 95 -0.73 -13.88 -14.73
N VAL A 96 -1.17 -12.86 -14.00
CA VAL A 96 -2.02 -11.83 -14.58
C VAL A 96 -1.26 -10.52 -14.65
N MET B 1 -12.44 4.77 7.40
CA MET B 1 -13.86 5.19 7.58
C MET B 1 -14.10 6.51 6.89
N GLY B 2 -15.04 6.51 5.95
CA GLY B 2 -15.38 7.71 5.22
C GLY B 2 -16.69 7.55 4.48
N SER B 3 -16.92 8.37 3.47
CA SER B 3 -18.14 8.29 2.70
C SER B 3 -17.87 7.57 1.38
N SER B 4 -18.55 6.45 1.18
CA SER B 4 -18.41 5.69 -0.05
C SER B 4 -18.97 6.45 -1.24
N HIS B 5 -18.35 6.31 -2.40
CA HIS B 5 -18.78 7.02 -3.59
C HIS B 5 -18.41 6.24 -4.84
N HIS B 6 -19.22 6.39 -5.88
CA HIS B 6 -18.97 5.71 -7.14
C HIS B 6 -19.23 6.67 -8.30
N HIS B 7 -18.51 6.48 -9.39
CA HIS B 7 -18.68 7.31 -10.58
C HIS B 7 -18.22 6.56 -11.82
N HIS B 8 -16.93 6.24 -11.88
CA HIS B 8 -16.37 5.52 -13.01
C HIS B 8 -15.11 4.78 -12.57
N HIS B 9 -15.21 3.46 -12.52
CA HIS B 9 -14.12 2.62 -12.07
C HIS B 9 -13.64 1.75 -13.22
N HIS B 10 -12.42 1.99 -13.69
CA HIS B 10 -11.85 1.19 -14.75
C HIS B 10 -10.34 1.08 -14.59
N SER B 11 -9.90 -0.03 -14.01
CA SER B 11 -8.49 -0.29 -13.79
C SER B 11 -7.82 -0.73 -15.09
N SER B 12 -7.64 0.21 -16.00
CA SER B 12 -7.04 -0.05 -17.28
C SER B 12 -5.51 0.02 -17.22
N GLY B 13 -4.86 -1.02 -17.74
CA GLY B 13 -3.41 -1.09 -17.70
C GLY B 13 -2.95 -2.53 -17.83
N ARG B 14 -2.46 -3.08 -16.72
CA ARG B 14 -2.11 -4.51 -16.64
C ARG B 14 -0.89 -4.87 -17.50
N GLU B 15 0.03 -3.94 -17.66
CA GLU B 15 1.25 -4.25 -18.41
C GLU B 15 2.28 -4.88 -17.49
N ASN B 16 2.04 -6.14 -17.16
CA ASN B 16 2.89 -6.87 -16.23
C ASN B 16 4.20 -7.29 -16.90
N LEU B 17 5.30 -6.74 -16.42
CA LEU B 17 6.61 -7.05 -16.98
C LEU B 17 7.62 -7.37 -15.86
N TYR B 18 7.24 -7.04 -14.62
CA TYR B 18 8.09 -7.20 -13.45
C TYR B 18 9.32 -6.27 -13.55
N PHE B 19 10.06 -6.14 -12.45
CA PHE B 19 11.22 -5.24 -12.39
C PHE B 19 12.24 -5.56 -13.48
N GLN B 20 12.94 -4.51 -13.91
CA GLN B 20 13.91 -4.60 -15.00
C GLN B 20 13.22 -5.03 -16.30
N GLY B 21 12.75 -4.03 -17.04
CA GLY B 21 11.96 -4.28 -18.22
C GLY B 21 10.79 -3.32 -18.29
N MET B 22 9.97 -3.31 -17.24
CA MET B 22 8.92 -2.32 -17.11
C MET B 22 9.56 -0.95 -16.93
N THR B 23 9.18 -0.04 -17.79
CA THR B 23 9.84 1.24 -17.86
C THR B 23 8.83 2.39 -17.91
N ASP B 24 8.09 2.48 -19.01
CA ASP B 24 7.17 3.59 -19.20
C ASP B 24 5.89 3.38 -18.40
N THR B 25 5.25 2.24 -18.61
CA THR B 25 3.97 1.94 -17.97
C THR B 25 4.16 1.49 -16.52
N ALA B 26 5.42 1.32 -16.10
CA ALA B 26 5.73 0.85 -14.77
C ALA B 26 5.16 1.79 -13.71
N ALA B 27 5.17 3.08 -14.01
CA ALA B 27 4.69 4.09 -13.07
C ALA B 27 3.18 3.98 -12.87
N GLU B 28 2.49 3.48 -13.88
CA GLU B 28 1.03 3.42 -13.86
C GLU B 28 0.53 2.52 -12.73
N ASP B 29 1.06 1.30 -12.66
CA ASP B 29 0.60 0.33 -11.67
C ASP B 29 1.15 0.64 -10.28
N VAL B 30 2.42 1.05 -10.21
CA VAL B 30 3.03 1.40 -8.94
C VAL B 30 2.30 2.59 -8.30
N ARG B 31 1.88 3.53 -9.14
CA ARG B 31 1.15 4.71 -8.68
C ARG B 31 -0.18 4.30 -8.06
N LYS B 32 -0.86 3.34 -8.68
CA LYS B 32 -2.19 2.95 -8.23
C LYS B 32 -2.17 2.34 -6.84
N ILE B 33 -1.15 1.53 -6.54
CA ILE B 33 -1.04 0.92 -5.22
C ILE B 33 -0.57 1.95 -4.18
N ALA B 34 0.27 2.88 -4.61
CA ALA B 34 0.79 3.91 -3.73
C ALA B 34 -0.28 4.92 -3.35
N THR B 35 -1.22 5.16 -4.26
CA THR B 35 -2.29 6.11 -4.03
C THR B 35 -3.16 5.69 -2.84
N ALA B 36 -3.27 4.38 -2.62
CA ALA B 36 -4.07 3.85 -1.52
C ALA B 36 -3.50 4.27 -0.17
N LEU B 37 -2.20 4.07 0.01
CA LEU B 37 -1.55 4.41 1.26
C LEU B 37 -1.44 5.93 1.42
N LEU B 38 -1.45 6.63 0.30
CA LEU B 38 -1.46 8.08 0.32
C LEU B 38 -2.81 8.56 0.86
N LYS B 39 -3.87 7.87 0.47
CA LYS B 39 -5.22 8.20 0.87
C LYS B 39 -5.45 7.92 2.35
N THR B 40 -5.23 6.67 2.76
CA THR B 40 -5.34 6.27 4.16
C THR B 40 -4.62 4.95 4.38
N ALA B 41 -3.31 5.05 4.61
CA ALA B 41 -2.45 3.87 4.78
C ALA B 41 -2.75 3.15 6.08
N ILE B 42 -3.35 3.84 7.04
CA ILE B 42 -3.56 3.27 8.36
C ILE B 42 -5.04 3.37 8.75
N GLU B 43 -5.35 3.37 10.04
CA GLU B 43 -6.74 3.26 10.49
C GLU B 43 -7.27 4.61 10.96
N ILE B 44 -8.54 4.84 10.66
CA ILE B 44 -9.26 5.95 11.24
C ILE B 44 -10.59 5.44 11.78
N VAL B 45 -10.75 5.52 13.09
CA VAL B 45 -11.94 5.04 13.75
C VAL B 45 -12.74 6.21 14.32
N SER B 46 -14.05 6.03 14.42
CA SER B 46 -14.92 7.05 14.97
C SER B 46 -15.00 6.92 16.48
N GLU B 47 -15.06 8.05 17.16
CA GLU B 47 -15.18 8.07 18.62
C GLU B 47 -16.63 7.91 19.05
N GLU B 48 -16.83 8.01 20.36
CA GLU B 48 -18.16 8.02 20.93
C GLU B 48 -18.56 9.46 21.25
N ASP B 49 -17.54 10.31 21.43
CA ASP B 49 -17.74 11.74 21.61
C ASP B 49 -16.43 12.50 21.45
N GLY B 50 -16.28 13.10 20.29
CA GLY B 50 -15.11 13.92 20.02
C GLY B 50 -14.98 14.26 18.54
N GLY B 51 -14.35 13.36 17.80
CA GLY B 51 -14.16 13.56 16.38
C GLY B 51 -13.38 12.41 15.76
N ALA B 52 -13.68 12.10 14.51
CA ALA B 52 -12.94 11.07 13.78
C ALA B 52 -11.49 11.51 13.54
N HIS B 53 -10.55 10.67 13.98
CA HIS B 53 -9.13 11.00 13.89
C HIS B 53 -8.35 9.83 13.31
N ASN B 54 -7.40 10.13 12.44
CA ASN B 54 -6.50 9.11 11.92
C ASN B 54 -5.25 9.06 12.79
N GLN B 55 -4.86 7.85 13.15
CA GLN B 55 -3.69 7.67 13.99
C GLN B 55 -2.55 7.07 13.18
N CYS B 56 -1.57 7.90 12.85
CA CYS B 56 -0.42 7.46 12.09
C CYS B 56 0.56 6.72 13.00
N LYS B 57 0.33 5.43 13.16
CA LYS B 57 1.12 4.59 14.04
C LYS B 57 2.58 4.54 13.65
N LEU B 58 2.85 4.62 12.35
CA LEU B 58 4.22 4.49 11.83
C LEU B 58 5.12 5.65 12.26
N CYS B 59 4.56 6.83 12.39
CA CYS B 59 5.36 7.99 12.75
C CYS B 59 5.09 8.45 14.18
N GLY B 60 3.87 8.21 14.65
CA GLY B 60 3.52 8.61 15.99
C GLY B 60 2.85 9.98 16.03
N ALA B 61 2.11 10.30 14.98
CA ALA B 61 1.39 11.56 14.91
C ALA B 61 -0.11 11.32 14.80
N SER B 62 -0.88 12.30 15.22
CA SER B 62 -2.33 12.20 15.12
C SER B 62 -2.88 13.34 14.27
N VAL B 63 -3.87 13.03 13.45
CA VAL B 63 -4.42 13.97 12.49
C VAL B 63 -5.93 13.72 12.32
N PRO B 64 -6.72 14.72 11.90
CA PRO B 64 -8.14 14.52 11.56
C PRO B 64 -8.38 13.37 10.57
N TRP B 65 -9.63 12.99 10.39
CA TRP B 65 -9.98 11.91 9.47
C TRP B 65 -9.85 12.37 8.03
N LEU B 66 -9.82 11.39 7.11
CA LEU B 66 -9.54 11.65 5.70
C LEU B 66 -8.16 12.26 5.56
N GLN B 67 -7.32 11.94 6.54
CA GLN B 67 -5.99 12.53 6.69
C GLN B 67 -6.08 14.04 6.89
N THR B 68 -6.22 14.78 5.79
CA THR B 68 -6.27 16.24 5.86
C THR B 68 -5.00 16.77 6.53
N GLY B 69 -3.92 16.01 6.39
CA GLY B 69 -2.69 16.33 7.06
C GLY B 69 -1.53 16.42 6.10
N ASP B 70 -0.45 15.70 6.44
CA ASP B 70 0.80 15.72 5.68
C ASP B 70 1.53 17.06 5.84
N GLU B 71 0.84 18.04 6.41
CA GLU B 71 1.47 19.31 6.75
C GLU B 71 2.14 19.21 8.11
N ILE B 72 1.63 18.33 8.96
CA ILE B 72 2.32 17.98 10.20
C ILE B 72 3.56 17.18 9.84
N LYS B 73 4.71 17.64 10.33
CA LYS B 73 5.98 17.02 9.97
C LYS B 73 6.00 15.57 10.40
N HIS B 74 6.12 14.70 9.41
CA HIS B 74 6.08 13.27 9.64
C HIS B 74 7.46 12.66 9.41
N ALA B 75 7.69 11.50 10.00
CA ALA B 75 8.94 10.79 9.82
C ALA B 75 9.11 10.41 8.35
N ASP B 76 10.10 11.00 7.72
CA ASP B 76 10.38 10.75 6.31
C ASP B 76 11.17 9.47 6.16
N ASP B 77 11.37 8.79 7.28
CA ASP B 77 12.07 7.52 7.31
C ASP B 77 11.09 6.39 7.01
N CYS B 78 9.82 6.73 6.97
CA CYS B 78 8.77 5.76 6.71
C CYS B 78 8.60 5.52 5.21
N PRO B 79 8.42 4.25 4.81
CA PRO B 79 8.26 3.86 3.40
C PRO B 79 7.01 4.47 2.75
N VAL B 80 6.10 4.96 3.60
CA VAL B 80 4.89 5.62 3.12
C VAL B 80 5.26 6.89 2.35
N VAL B 81 6.31 7.56 2.80
CA VAL B 81 6.77 8.78 2.14
C VAL B 81 7.45 8.43 0.81
N ILE B 82 8.12 7.28 0.79
CA ILE B 82 8.75 6.77 -0.42
C ILE B 82 7.71 6.60 -1.53
N ALA B 83 6.61 5.94 -1.20
CA ALA B 83 5.55 5.66 -2.16
C ALA B 83 4.93 6.95 -2.69
N LYS B 84 4.69 7.91 -1.80
CA LYS B 84 4.13 9.19 -2.20
C LYS B 84 5.10 9.92 -3.13
N GLN B 85 6.38 9.85 -2.80
CA GLN B 85 7.44 10.46 -3.61
C GLN B 85 7.42 9.90 -5.03
N ILE B 86 7.25 8.58 -5.13
CA ILE B 86 7.25 7.89 -6.42
C ILE B 86 6.14 8.42 -7.33
N LEU B 87 4.91 8.46 -6.81
CA LEU B 87 3.77 8.88 -7.62
C LEU B 87 3.79 10.37 -7.90
N SER B 88 4.62 11.11 -7.16
CA SER B 88 4.71 12.55 -7.32
C SER B 88 5.77 12.94 -8.34
N SER B 89 6.50 11.95 -8.86
CA SER B 89 7.52 12.22 -9.85
C SER B 89 6.91 12.73 -11.16
N ARG B 90 5.95 11.97 -11.70
CA ARG B 90 5.25 12.40 -12.90
C ARG B 90 3.87 11.73 -12.96
N PRO B 91 2.85 12.40 -12.39
CA PRO B 91 1.49 11.87 -12.33
C PRO B 91 0.72 12.09 -13.64
N LYS B 92 0.97 11.24 -14.61
CA LYS B 92 0.21 11.24 -15.86
C LYS B 92 0.31 9.87 -16.52
N LEU B 93 -0.38 9.70 -17.64
CA LEU B 93 -0.34 8.47 -18.43
C LEU B 93 -1.04 7.33 -17.70
N HIS B 94 -2.21 6.96 -18.18
CA HIS B 94 -2.99 5.86 -17.62
C HIS B 94 -3.63 5.06 -18.74
N ALA B 95 -3.75 3.74 -18.52
CA ALA B 95 -4.42 2.81 -19.43
C ALA B 95 -3.54 2.43 -20.61
N VAL B 96 -3.57 1.15 -20.95
CA VAL B 96 -2.83 0.63 -22.09
C VAL B 96 -3.82 0.23 -23.18
N MET A 1 -7.77 -18.33 11.07
CA MET A 1 -6.30 -18.36 10.90
C MET A 1 -5.64 -18.83 12.19
N GLY A 2 -4.66 -19.72 12.06
CA GLY A 2 -3.96 -20.22 13.21
C GLY A 2 -2.45 -20.13 13.05
N SER A 3 -1.73 -20.96 13.79
CA SER A 3 -0.26 -20.95 13.79
C SER A 3 0.27 -19.62 14.31
N SER A 4 0.47 -18.66 13.41
CA SER A 4 0.96 -17.33 13.74
C SER A 4 1.17 -16.55 12.46
N HIS A 5 1.57 -15.28 12.57
CA HIS A 5 1.88 -14.48 11.40
C HIS A 5 3.26 -13.85 11.52
N HIS A 6 4.26 -14.66 11.18
CA HIS A 6 5.67 -14.26 11.18
C HIS A 6 5.87 -12.89 10.54
N HIS A 7 6.73 -12.08 11.15
CA HIS A 7 7.01 -10.73 10.65
C HIS A 7 8.29 -10.16 11.25
N HIS A 8 9.04 -11.00 11.96
CA HIS A 8 10.26 -10.55 12.62
C HIS A 8 11.46 -10.65 11.69
N HIS A 9 11.58 -9.68 10.79
CA HIS A 9 12.75 -9.55 9.93
C HIS A 9 12.94 -8.10 9.51
N HIS A 10 12.14 -7.67 8.53
CA HIS A 10 12.19 -6.30 8.01
C HIS A 10 13.55 -6.01 7.38
N SER A 11 13.61 -6.13 6.06
CA SER A 11 14.83 -5.86 5.33
C SER A 11 15.14 -4.36 5.31
N SER A 12 16.40 -4.01 5.15
CA SER A 12 16.84 -2.63 5.23
C SER A 12 17.35 -2.13 3.87
N GLY A 13 17.14 -0.84 3.63
CA GLY A 13 17.59 -0.22 2.39
C GLY A 13 16.79 1.03 2.08
N ARG A 14 17.32 1.90 1.23
CA ARG A 14 16.62 3.12 0.85
C ARG A 14 17.03 3.56 -0.55
N GLU A 15 16.30 3.09 -1.54
CA GLU A 15 16.58 3.41 -2.92
C GLU A 15 15.83 4.67 -3.34
N ASN A 16 16.53 5.60 -3.95
CA ASN A 16 15.91 6.83 -4.42
C ASN A 16 16.14 6.99 -5.92
N LEU A 17 15.32 6.31 -6.70
CA LEU A 17 15.45 6.31 -8.15
C LEU A 17 14.11 6.57 -8.81
N TYR A 18 14.09 6.51 -10.12
CA TYR A 18 12.87 6.73 -10.89
C TYR A 18 12.77 5.68 -11.99
N PHE A 19 11.57 5.45 -12.49
CA PHE A 19 11.34 4.48 -13.55
C PHE A 19 12.07 4.88 -14.82
N GLN A 20 13.28 4.36 -14.95
CA GLN A 20 14.19 4.70 -16.02
C GLN A 20 15.48 3.92 -15.81
N GLY A 21 15.84 3.76 -14.54
CA GLY A 21 16.98 2.95 -14.17
C GLY A 21 16.72 2.15 -12.91
N MET A 22 15.62 1.41 -12.92
CA MET A 22 15.25 0.58 -11.76
C MET A 22 15.95 -0.76 -11.82
N THR A 23 16.85 -1.00 -10.87
CA THR A 23 17.65 -2.21 -10.87
C THR A 23 17.13 -3.26 -9.88
N ASP A 24 17.93 -4.30 -9.66
CA ASP A 24 17.56 -5.42 -8.79
C ASP A 24 17.12 -4.96 -7.40
N THR A 25 17.83 -3.99 -6.85
CA THR A 25 17.60 -3.56 -5.48
C THR A 25 16.37 -2.66 -5.34
N ALA A 26 15.80 -2.22 -6.46
CA ALA A 26 14.59 -1.41 -6.44
C ALA A 26 13.41 -2.23 -5.91
N ALA A 27 13.53 -3.54 -6.03
CA ALA A 27 12.52 -4.45 -5.53
C ALA A 27 12.38 -4.35 -4.02
N GLU A 28 13.47 -3.96 -3.36
CA GLU A 28 13.50 -3.86 -1.91
C GLU A 28 12.55 -2.77 -1.41
N ASP A 29 12.68 -1.57 -1.98
CA ASP A 29 11.88 -0.44 -1.51
C ASP A 29 10.41 -0.58 -1.88
N VAL A 30 10.13 -1.12 -3.06
CA VAL A 30 8.76 -1.27 -3.49
C VAL A 30 8.01 -2.31 -2.64
N ARG A 31 8.70 -3.38 -2.24
CA ARG A 31 8.09 -4.38 -1.36
C ARG A 31 8.00 -3.84 0.06
N LYS A 32 8.92 -2.96 0.42
CA LYS A 32 8.88 -2.27 1.71
C LYS A 32 7.53 -1.59 1.89
N ILE A 33 7.08 -0.94 0.83
CA ILE A 33 5.78 -0.27 0.82
C ILE A 33 4.66 -1.29 1.03
N ALA A 34 4.76 -2.41 0.32
CA ALA A 34 3.78 -3.49 0.42
C ALA A 34 3.78 -4.10 1.82
N THR A 35 4.94 -4.13 2.45
CA THR A 35 5.08 -4.67 3.80
C THR A 35 4.17 -3.94 4.78
N ALA A 36 3.91 -2.67 4.53
CA ALA A 36 3.03 -1.88 5.37
C ALA A 36 1.62 -2.45 5.38
N LEU A 37 1.11 -2.75 4.19
CA LEU A 37 -0.24 -3.29 4.07
C LEU A 37 -0.27 -4.78 4.40
N LEU A 38 0.88 -5.43 4.25
CA LEU A 38 0.99 -6.86 4.52
C LEU A 38 0.89 -7.13 6.03
N LYS A 39 1.34 -6.17 6.83
CA LYS A 39 1.29 -6.30 8.27
C LYS A 39 -0.12 -6.10 8.81
N THR A 40 -0.82 -5.11 8.27
CA THR A 40 -2.17 -4.80 8.72
C THR A 40 -3.00 -4.16 7.62
N ALA A 41 -2.73 -2.88 7.34
CA ALA A 41 -3.47 -2.08 6.34
C ALA A 41 -4.91 -1.84 6.77
N ILE A 42 -5.67 -2.92 6.85
CA ILE A 42 -7.10 -2.88 7.16
C ILE A 42 -7.36 -2.09 8.44
N GLU A 43 -8.49 -1.40 8.52
CA GLU A 43 -8.78 -0.52 9.64
C GLU A 43 -9.81 -1.15 10.57
N ILE A 44 -9.67 -0.87 11.85
CA ILE A 44 -10.55 -1.43 12.85
C ILE A 44 -11.43 -0.37 13.47
N VAL A 45 -12.73 -0.61 13.45
CA VAL A 45 -13.67 0.24 14.16
C VAL A 45 -14.09 -0.46 15.44
N SER A 46 -13.60 0.02 16.57
CA SER A 46 -13.83 -0.64 17.83
C SER A 46 -14.92 0.04 18.63
N GLU A 47 -15.81 -0.78 19.16
CA GLU A 47 -16.86 -0.32 20.03
C GLU A 47 -16.60 -0.89 21.42
N GLU A 48 -16.68 -0.04 22.45
CA GLU A 48 -16.43 -0.52 23.79
C GLU A 48 -17.57 -1.42 24.24
N ASP A 49 -18.78 -1.06 23.85
CA ASP A 49 -19.95 -1.88 24.09
C ASP A 49 -19.89 -3.17 23.28
N GLY A 50 -19.64 -3.04 21.99
CA GLY A 50 -19.57 -4.19 21.11
C GLY A 50 -18.19 -4.81 21.08
N GLY A 51 -17.46 -4.56 20.01
CA GLY A 51 -16.13 -5.08 19.87
C GLY A 51 -15.38 -4.38 18.76
N ALA A 52 -14.22 -4.89 18.44
CA ALA A 52 -13.39 -4.32 17.38
C ALA A 52 -13.70 -4.98 16.06
N HIS A 53 -14.18 -4.21 15.11
CA HIS A 53 -14.54 -4.74 13.80
C HIS A 53 -13.46 -4.40 12.78
N ASN A 54 -12.93 -5.41 12.11
CA ASN A 54 -11.87 -5.19 11.13
C ASN A 54 -12.46 -5.01 9.74
N GLN A 55 -12.46 -3.78 9.24
CA GLN A 55 -13.12 -3.47 7.97
C GLN A 55 -12.16 -2.78 7.01
N CYS A 56 -12.22 -3.18 5.74
CA CYS A 56 -11.34 -2.63 4.73
C CYS A 56 -11.99 -1.43 4.06
N LYS A 57 -11.40 -0.25 4.29
CA LYS A 57 -11.94 1.01 3.79
C LYS A 57 -11.82 1.11 2.27
N LEU A 58 -11.09 0.18 1.68
CA LEU A 58 -10.76 0.27 0.27
C LEU A 58 -11.74 -0.54 -0.59
N CYS A 59 -12.34 -1.58 -0.02
CA CYS A 59 -13.26 -2.41 -0.78
C CYS A 59 -14.63 -2.46 -0.10
N GLY A 60 -14.68 -2.13 1.18
CA GLY A 60 -15.93 -2.12 1.90
C GLY A 60 -16.25 -3.46 2.55
N ALA A 61 -15.27 -4.36 2.58
CA ALA A 61 -15.47 -5.66 3.19
C ALA A 61 -15.30 -5.58 4.70
N SER A 62 -16.23 -6.17 5.43
CA SER A 62 -16.20 -6.13 6.88
C SER A 62 -15.93 -7.51 7.47
N VAL A 63 -14.90 -7.59 8.30
CA VAL A 63 -14.59 -8.80 9.05
C VAL A 63 -14.90 -8.56 10.53
N PRO A 64 -15.53 -9.53 11.21
CA PRO A 64 -15.85 -9.43 12.63
C PRO A 64 -14.68 -8.87 13.45
N TRP A 65 -13.55 -9.59 13.39
CA TRP A 65 -12.32 -9.16 14.04
C TRP A 65 -11.23 -10.20 13.79
N LEU A 66 -11.27 -11.29 14.53
CA LEU A 66 -10.25 -12.32 14.41
C LEU A 66 -10.80 -13.59 13.76
N GLN A 67 -10.60 -13.68 12.47
CA GLN A 67 -10.91 -14.88 11.71
C GLN A 67 -9.70 -15.20 10.83
N THR A 68 -9.76 -14.73 9.59
CA THR A 68 -8.63 -14.81 8.68
C THR A 68 -8.73 -13.66 7.69
N GLY A 69 -8.02 -12.58 7.99
CA GLY A 69 -8.20 -11.32 7.28
C GLY A 69 -7.93 -11.38 5.79
N ASP A 70 -7.09 -12.32 5.37
CA ASP A 70 -6.71 -12.39 3.96
C ASP A 70 -7.47 -13.48 3.20
N GLU A 71 -8.33 -14.21 3.90
CA GLU A 71 -9.11 -15.26 3.26
C GLU A 71 -10.51 -14.75 2.90
N ILE A 72 -10.74 -13.47 3.13
CA ILE A 72 -11.98 -12.84 2.70
C ILE A 72 -11.82 -12.33 1.28
N LYS A 73 -12.92 -12.20 0.55
CA LYS A 73 -12.87 -11.73 -0.83
C LYS A 73 -12.30 -10.32 -0.91
N HIS A 74 -11.33 -10.14 -1.79
CA HIS A 74 -10.70 -8.84 -1.97
C HIS A 74 -11.30 -8.16 -3.21
N ALA A 75 -10.85 -6.95 -3.50
CA ALA A 75 -11.25 -6.27 -4.70
C ALA A 75 -10.20 -6.50 -5.79
N ASP A 76 -10.64 -6.65 -7.03
CA ASP A 76 -9.73 -6.95 -8.13
C ASP A 76 -8.89 -5.73 -8.49
N ASP A 77 -9.33 -4.57 -8.05
CA ASP A 77 -8.65 -3.32 -8.37
C ASP A 77 -7.92 -2.76 -7.16
N CYS A 78 -7.92 -3.49 -6.06
CA CYS A 78 -7.30 -3.02 -4.84
C CYS A 78 -5.78 -3.28 -4.86
N PRO A 79 -5.00 -2.25 -4.48
CA PRO A 79 -3.53 -2.32 -4.42
C PRO A 79 -2.99 -3.58 -3.74
N VAL A 80 -3.75 -4.10 -2.78
CA VAL A 80 -3.34 -5.27 -2.02
C VAL A 80 -3.00 -6.44 -2.95
N VAL A 81 -3.78 -6.61 -4.00
CA VAL A 81 -3.58 -7.70 -4.94
C VAL A 81 -2.33 -7.48 -5.79
N ILE A 82 -2.17 -6.26 -6.29
CA ILE A 82 -1.03 -5.91 -7.13
C ILE A 82 0.26 -5.92 -6.32
N ALA A 83 0.20 -5.39 -5.10
CA ALA A 83 1.36 -5.35 -4.22
C ALA A 83 1.89 -6.74 -3.95
N LYS A 84 0.98 -7.71 -3.83
CA LYS A 84 1.37 -9.09 -3.62
C LYS A 84 2.17 -9.62 -4.80
N GLN A 85 1.70 -9.30 -6.00
CA GLN A 85 2.36 -9.72 -7.22
C GLN A 85 3.78 -9.14 -7.30
N ILE A 86 3.93 -7.91 -6.84
CA ILE A 86 5.22 -7.24 -6.85
C ILE A 86 6.17 -7.81 -5.80
N LEU A 87 5.65 -8.07 -4.60
CA LEU A 87 6.49 -8.58 -3.52
C LEU A 87 6.87 -10.04 -3.74
N SER A 88 6.15 -10.71 -4.62
CA SER A 88 6.47 -12.09 -4.96
C SER A 88 7.67 -12.14 -5.91
N SER A 89 8.86 -12.10 -5.33
CA SER A 89 10.09 -12.11 -6.11
C SER A 89 10.34 -13.51 -6.67
N ARG A 90 9.78 -13.76 -7.84
CA ARG A 90 9.92 -15.04 -8.52
C ARG A 90 9.34 -14.95 -9.92
N PRO A 91 9.93 -15.69 -10.88
CA PRO A 91 9.45 -15.71 -12.26
C PRO A 91 8.02 -16.25 -12.36
N LYS A 92 7.10 -15.40 -12.78
CA LYS A 92 5.71 -15.80 -12.93
C LYS A 92 5.25 -15.67 -14.38
N LEU A 93 4.75 -16.77 -14.92
CA LEU A 93 4.18 -16.79 -16.25
C LEU A 93 2.73 -16.34 -16.17
N HIS A 94 1.98 -16.43 -17.27
CA HIS A 94 0.57 -16.12 -17.24
C HIS A 94 -0.18 -17.17 -16.42
N ALA A 95 -0.34 -16.88 -15.14
CA ALA A 95 -1.02 -17.78 -14.22
C ALA A 95 -2.22 -17.09 -13.60
N VAL A 96 -3.31 -17.03 -14.35
CA VAL A 96 -4.55 -16.45 -13.88
C VAL A 96 -5.64 -17.52 -13.86
N MET B 1 -20.61 5.65 -6.53
CA MET B 1 -19.91 6.69 -7.33
C MET B 1 -20.23 6.56 -8.82
N GLY B 2 -21.17 5.68 -9.15
CA GLY B 2 -21.55 5.49 -10.53
C GLY B 2 -20.56 4.63 -11.30
N SER B 3 -20.67 3.32 -11.12
CA SER B 3 -19.82 2.38 -11.82
C SER B 3 -20.61 1.67 -12.91
N SER B 4 -20.51 2.17 -14.13
CA SER B 4 -21.25 1.60 -15.25
C SER B 4 -20.35 1.39 -16.45
N HIS B 5 -19.95 0.12 -16.66
CA HIS B 5 -19.19 -0.29 -17.84
C HIS B 5 -17.78 0.29 -17.83
N HIS B 6 -16.80 -0.55 -17.53
CA HIS B 6 -15.40 -0.14 -17.54
C HIS B 6 -14.75 -0.54 -18.85
N HIS B 7 -14.79 0.36 -19.83
CA HIS B 7 -14.21 0.08 -21.13
C HIS B 7 -12.74 0.50 -21.17
N HIS B 8 -11.90 -0.37 -20.64
CA HIS B 8 -10.45 -0.23 -20.76
C HIS B 8 -9.75 -1.36 -20.04
N HIS B 9 -9.31 -2.35 -20.80
CA HIS B 9 -8.56 -3.45 -20.22
C HIS B 9 -7.58 -3.99 -21.25
N HIS B 10 -6.30 -3.79 -20.98
CA HIS B 10 -5.25 -4.26 -21.86
C HIS B 10 -4.35 -5.23 -21.10
N SER B 11 -4.46 -6.50 -21.45
CA SER B 11 -3.73 -7.54 -20.74
C SER B 11 -2.35 -7.75 -21.35
N SER B 12 -1.59 -8.61 -20.70
CA SER B 12 -0.28 -9.02 -21.21
C SER B 12 -0.02 -10.44 -20.76
N GLY B 13 1.07 -11.02 -21.21
CA GLY B 13 1.39 -12.39 -20.84
C GLY B 13 1.94 -12.50 -19.44
N ARG B 14 2.21 -11.36 -18.81
CA ARG B 14 2.81 -11.29 -17.48
C ARG B 14 4.26 -11.78 -17.54
N GLU B 15 5.18 -10.84 -17.38
CA GLU B 15 6.59 -11.12 -17.58
C GLU B 15 7.16 -11.82 -16.35
N ASN B 16 8.23 -12.58 -16.55
CA ASN B 16 8.82 -13.38 -15.49
C ASN B 16 9.81 -12.56 -14.67
N LEU B 17 10.60 -11.74 -15.36
CA LEU B 17 11.63 -10.95 -14.70
C LEU B 17 11.28 -9.47 -14.75
N TYR B 18 10.84 -8.93 -13.62
CA TYR B 18 10.54 -7.52 -13.52
C TYR B 18 11.75 -6.77 -12.93
N PHE B 19 11.77 -5.45 -13.14
CA PHE B 19 12.93 -4.62 -12.80
C PHE B 19 14.12 -4.93 -13.71
N GLN B 20 15.16 -4.09 -13.62
CA GLN B 20 16.36 -4.18 -14.47
C GLN B 20 16.03 -3.70 -15.90
N GLY B 21 14.94 -4.20 -16.43
CA GLY B 21 14.46 -3.74 -17.72
C GLY B 21 13.03 -3.24 -17.63
N MET B 22 12.69 -2.67 -16.48
CA MET B 22 11.34 -2.19 -16.22
C MET B 22 11.14 -0.80 -16.81
N THR B 23 10.04 -0.60 -17.52
CA THR B 23 9.84 0.61 -18.29
C THR B 23 8.88 1.61 -17.65
N ASP B 24 8.61 2.68 -18.38
CA ASP B 24 7.74 3.78 -17.94
C ASP B 24 6.36 3.29 -17.51
N THR B 25 5.80 2.33 -18.24
CA THR B 25 4.44 1.85 -18.00
C THR B 25 4.24 1.34 -16.58
N ALA B 26 5.34 0.99 -15.91
CA ALA B 26 5.26 0.49 -14.54
C ALA B 26 4.85 1.60 -13.57
N ALA B 27 5.20 2.84 -13.91
CA ALA B 27 4.95 3.98 -13.03
C ALA B 27 3.46 4.17 -12.76
N GLU B 28 2.63 3.85 -13.74
CA GLU B 28 1.20 4.06 -13.63
C GLU B 28 0.58 3.16 -12.56
N ASP B 29 0.93 1.88 -12.59
CA ASP B 29 0.36 0.93 -11.65
C ASP B 29 0.96 1.08 -10.26
N VAL B 30 2.19 1.58 -10.20
CA VAL B 30 2.81 1.92 -8.92
C VAL B 30 2.11 3.14 -8.32
N ARG B 31 1.74 4.09 -9.18
CA ARG B 31 0.92 5.20 -8.76
C ARG B 31 -0.46 4.71 -8.34
N LYS B 32 -0.97 3.73 -9.07
CA LYS B 32 -2.28 3.14 -8.78
C LYS B 32 -2.35 2.62 -7.34
N ILE B 33 -1.42 1.76 -6.99
CA ILE B 33 -1.43 1.15 -5.65
C ILE B 33 -1.16 2.19 -4.57
N ALA B 34 -0.26 3.13 -4.85
CA ALA B 34 0.13 4.11 -3.86
C ALA B 34 -0.94 5.19 -3.67
N THR B 35 -1.58 5.62 -4.75
CA THR B 35 -2.58 6.67 -4.67
C THR B 35 -3.77 6.25 -3.80
N ALA B 36 -4.11 4.98 -3.85
CA ALA B 36 -5.24 4.47 -3.07
C ALA B 36 -4.91 4.50 -1.58
N LEU B 37 -3.71 4.06 -1.22
CA LEU B 37 -3.29 4.05 0.17
C LEU B 37 -3.00 5.47 0.66
N LEU B 38 -2.57 6.31 -0.26
CA LEU B 38 -2.29 7.71 0.03
C LEU B 38 -3.60 8.46 0.24
N LYS B 39 -4.61 8.11 -0.55
CA LYS B 39 -5.91 8.76 -0.46
C LYS B 39 -6.61 8.39 0.84
N THR B 40 -6.80 7.10 1.06
CA THR B 40 -7.44 6.62 2.27
C THR B 40 -7.40 5.10 2.38
N ALA B 41 -6.27 4.60 2.84
CA ALA B 41 -6.14 3.18 3.19
C ALA B 41 -6.35 3.03 4.68
N ILE B 42 -6.34 4.16 5.36
CA ILE B 42 -6.56 4.21 6.79
C ILE B 42 -8.02 4.59 7.04
N GLU B 43 -8.27 5.63 7.80
CA GLU B 43 -9.61 6.11 8.02
C GLU B 43 -9.59 7.46 8.72
N ILE B 44 -10.57 8.30 8.38
CA ILE B 44 -10.71 9.60 9.00
C ILE B 44 -11.36 9.48 10.37
N VAL B 45 -10.71 10.06 11.37
CA VAL B 45 -11.25 10.07 12.71
C VAL B 45 -11.77 11.46 13.07
N SER B 46 -13.06 11.54 13.30
CA SER B 46 -13.71 12.82 13.56
C SER B 46 -13.74 13.11 15.06
N GLU B 47 -13.64 14.38 15.40
CA GLU B 47 -13.71 14.80 16.79
C GLU B 47 -15.18 14.92 17.21
N GLU B 48 -15.44 14.71 18.50
CA GLU B 48 -16.79 14.88 19.03
C GLU B 48 -17.17 16.35 18.98
N ASP B 49 -16.18 17.20 19.17
CA ASP B 49 -16.36 18.64 19.05
C ASP B 49 -15.13 19.26 18.41
N GLY B 50 -15.31 19.81 17.22
CA GLY B 50 -14.20 20.40 16.51
C GLY B 50 -14.29 20.17 15.02
N GLY B 51 -13.67 19.10 14.55
CA GLY B 51 -13.69 18.79 13.13
C GLY B 51 -13.47 17.31 12.84
N ALA B 52 -12.70 17.03 11.80
CA ALA B 52 -12.42 15.66 11.39
C ALA B 52 -11.01 15.56 10.82
N HIS B 53 -10.29 14.53 11.21
CA HIS B 53 -8.89 14.40 10.81
C HIS B 53 -8.63 13.05 10.16
N ASN B 54 -8.15 13.06 8.92
CA ASN B 54 -7.79 11.82 8.25
C ASN B 54 -6.39 11.39 8.69
N GLN B 55 -6.32 10.30 9.42
CA GLN B 55 -5.08 9.90 10.10
C GLN B 55 -4.32 8.85 9.30
N CYS B 56 -3.00 8.87 9.43
CA CYS B 56 -2.15 7.83 8.87
C CYS B 56 -1.57 6.99 10.00
N LYS B 57 -1.90 5.69 10.02
CA LYS B 57 -1.55 4.82 11.15
C LYS B 57 -0.08 4.42 11.14
N LEU B 58 0.71 5.00 10.25
CA LEU B 58 2.14 4.71 10.18
C LEU B 58 2.98 5.89 10.66
N CYS B 59 2.67 7.08 10.15
CA CYS B 59 3.50 8.25 10.41
C CYS B 59 3.07 9.00 11.67
N GLY B 60 1.93 8.61 12.24
CA GLY B 60 1.40 9.31 13.39
C GLY B 60 1.05 10.76 13.06
N ALA B 61 0.40 10.95 11.92
CA ALA B 61 0.04 12.28 11.45
C ALA B 61 -1.37 12.27 10.88
N SER B 62 -1.96 13.44 10.73
CA SER B 62 -3.31 13.54 10.19
C SER B 62 -3.41 14.70 9.20
N VAL B 63 -4.18 14.50 8.16
CA VAL B 63 -4.46 15.55 7.19
C VAL B 63 -5.92 16.00 7.35
N PRO B 64 -6.15 17.32 7.46
CA PRO B 64 -7.50 17.87 7.64
C PRO B 64 -8.47 17.43 6.53
N TRP B 65 -9.73 17.27 6.92
CA TRP B 65 -10.77 16.82 5.99
C TRP B 65 -11.02 17.86 4.90
N LEU B 66 -11.19 17.36 3.67
CA LEU B 66 -11.49 18.19 2.50
C LEU B 66 -10.33 19.11 2.12
N GLN B 67 -9.12 18.75 2.54
CA GLN B 67 -7.93 19.45 2.09
C GLN B 67 -7.49 18.90 0.73
N THR B 68 -6.97 17.69 0.77
CA THR B 68 -6.51 17.00 -0.43
C THR B 68 -6.07 15.58 -0.09
N GLY B 69 -5.51 15.40 1.10
CA GLY B 69 -5.02 14.10 1.50
C GLY B 69 -3.81 13.69 0.69
N ASP B 70 -2.65 14.21 1.08
CA ASP B 70 -1.42 13.95 0.36
C ASP B 70 -0.22 14.36 1.21
N GLU B 71 -0.26 15.58 1.72
CA GLU B 71 0.83 16.15 2.51
C GLU B 71 0.98 15.44 3.86
N ILE B 72 1.78 14.39 3.86
CA ILE B 72 2.07 13.66 5.09
C ILE B 72 3.57 13.43 5.20
N LYS B 73 4.24 14.34 5.87
CA LYS B 73 5.68 14.28 6.04
C LYS B 73 6.06 14.46 7.50
N HIS B 74 6.05 13.35 8.22
CA HIS B 74 6.37 13.36 9.64
C HIS B 74 7.52 12.39 9.93
N ALA B 75 7.79 11.54 8.95
CA ALA B 75 8.84 10.55 9.03
C ALA B 75 9.03 9.94 7.65
N ASP B 76 10.19 10.13 7.07
CA ASP B 76 10.43 9.71 5.69
C ASP B 76 10.77 8.23 5.63
N ASP B 77 11.01 7.65 6.81
CA ASP B 77 11.34 6.24 6.94
C ASP B 77 10.11 5.37 6.68
N CYS B 78 8.95 6.01 6.62
CA CYS B 78 7.70 5.29 6.42
C CYS B 78 7.52 4.90 4.95
N PRO B 79 7.12 3.64 4.71
CA PRO B 79 6.92 3.09 3.36
C PRO B 79 5.92 3.90 2.54
N VAL B 80 4.95 4.50 3.21
CA VAL B 80 3.94 5.30 2.54
C VAL B 80 4.54 6.60 1.99
N VAL B 81 5.55 7.11 2.67
CA VAL B 81 6.21 8.34 2.26
C VAL B 81 7.12 8.11 1.07
N ILE B 82 7.94 7.05 1.14
CA ILE B 82 8.88 6.72 0.07
C ILE B 82 8.12 6.44 -1.23
N ALA B 83 6.96 5.81 -1.09
CA ALA B 83 6.09 5.53 -2.23
C ALA B 83 5.77 6.81 -3.00
N LYS B 84 5.49 7.88 -2.27
CA LYS B 84 5.17 9.17 -2.86
C LYS B 84 6.35 9.69 -3.67
N GLN B 85 7.55 9.54 -3.12
CA GLN B 85 8.76 10.01 -3.75
C GLN B 85 9.10 9.21 -5.00
N ILE B 86 8.66 7.96 -5.04
CA ILE B 86 8.88 7.11 -6.20
C ILE B 86 7.96 7.51 -7.35
N LEU B 87 6.72 7.85 -7.02
CA LEU B 87 5.72 8.18 -8.02
C LEU B 87 5.73 9.67 -8.37
N SER B 88 6.63 10.41 -7.72
CA SER B 88 6.69 11.85 -7.87
C SER B 88 6.80 12.27 -9.34
N SER B 89 7.81 11.73 -10.02
CA SER B 89 8.09 12.06 -11.42
C SER B 89 8.68 13.46 -11.54
N ARG B 90 9.48 13.67 -12.58
CA ARG B 90 10.20 14.93 -12.79
C ARG B 90 11.11 15.24 -11.62
N PRO B 91 12.12 14.39 -11.37
CA PRO B 91 13.04 14.58 -10.27
C PRO B 91 14.22 15.47 -10.64
N LYS B 92 14.65 16.29 -9.68
CA LYS B 92 15.82 17.16 -9.87
C LYS B 92 15.56 18.23 -10.93
N LEU B 93 14.30 18.53 -11.18
CA LEU B 93 13.95 19.54 -12.16
C LEU B 93 13.69 20.87 -11.44
N HIS B 94 12.61 20.94 -10.69
CA HIS B 94 12.30 22.13 -9.92
C HIS B 94 12.81 22.00 -8.50
N ALA B 95 13.24 23.12 -7.92
CA ALA B 95 13.79 23.13 -6.58
C ALA B 95 12.69 23.34 -5.54
N VAL B 96 12.70 22.50 -4.52
CA VAL B 96 11.72 22.57 -3.44
C VAL B 96 12.31 23.25 -2.22
N MET A 1 -0.15 -21.32 2.36
CA MET A 1 0.79 -22.41 2.01
C MET A 1 2.11 -22.21 2.74
N GLY A 2 2.56 -23.26 3.42
CA GLY A 2 3.81 -23.18 4.14
C GLY A 2 4.97 -23.66 3.31
N SER A 3 5.67 -22.72 2.71
CA SER A 3 6.85 -23.03 1.92
C SER A 3 7.92 -21.98 2.17
N SER A 4 8.69 -22.20 3.23
CA SER A 4 9.71 -21.26 3.64
C SER A 4 10.93 -21.32 2.71
N HIS A 5 11.14 -20.27 1.95
CA HIS A 5 12.34 -20.14 1.13
C HIS A 5 13.44 -19.49 1.96
N HIS A 6 14.47 -20.27 2.27
CA HIS A 6 15.52 -19.86 3.19
C HIS A 6 16.21 -18.59 2.68
N HIS A 7 15.94 -17.48 3.34
CA HIS A 7 16.43 -16.18 2.90
C HIS A 7 17.86 -15.98 3.38
N HIS A 8 18.80 -15.95 2.44
CA HIS A 8 20.21 -15.82 2.77
C HIS A 8 20.81 -14.63 2.02
N HIS A 9 20.92 -13.49 2.69
CA HIS A 9 21.44 -12.28 2.06
C HIS A 9 22.15 -11.40 3.09
N HIS A 10 23.11 -10.62 2.62
CA HIS A 10 23.79 -9.65 3.47
C HIS A 10 23.47 -8.24 3.01
N SER A 11 22.78 -7.48 3.85
CA SER A 11 22.43 -6.11 3.52
C SER A 11 23.55 -5.17 3.89
N SER A 12 24.34 -4.79 2.89
CA SER A 12 25.49 -3.92 3.14
C SER A 12 25.29 -2.56 2.47
N GLY A 13 25.15 -2.56 1.15
CA GLY A 13 24.97 -1.32 0.43
C GLY A 13 23.51 -1.05 0.15
N ARG A 14 23.15 0.23 0.11
CA ARG A 14 21.78 0.63 -0.19
C ARG A 14 21.71 1.19 -1.61
N GLU A 15 21.31 0.34 -2.54
CA GLU A 15 21.33 0.71 -3.95
C GLU A 15 20.01 1.37 -4.34
N ASN A 16 19.94 2.68 -4.13
CA ASN A 16 18.74 3.44 -4.44
C ASN A 16 18.87 4.09 -5.81
N LEU A 17 18.06 3.61 -6.75
CA LEU A 17 18.08 4.14 -8.11
C LEU A 17 16.72 4.75 -8.45
N TYR A 18 16.57 5.13 -9.71
CA TYR A 18 15.32 5.73 -10.17
C TYR A 18 14.71 4.83 -11.23
N PHE A 19 13.41 4.98 -11.47
CA PHE A 19 12.67 4.12 -12.41
C PHE A 19 13.20 4.25 -13.84
N GLN A 20 14.04 5.25 -14.08
CA GLN A 20 14.64 5.43 -15.40
C GLN A 20 15.72 4.38 -15.64
N GLY A 21 16.42 4.00 -14.60
CA GLY A 21 17.49 3.02 -14.74
C GLY A 21 17.28 1.82 -13.86
N MET A 22 16.88 0.71 -14.47
CA MET A 22 16.56 -0.49 -13.71
C MET A 22 17.78 -1.39 -13.56
N THR A 23 18.27 -1.45 -12.34
CA THR A 23 19.40 -2.31 -12.02
C THR A 23 18.91 -3.67 -11.52
N ASP A 24 18.34 -3.68 -10.32
CA ASP A 24 17.79 -4.89 -9.72
C ASP A 24 17.14 -4.55 -8.38
N THR A 25 17.74 -3.60 -7.67
CA THR A 25 17.31 -3.24 -6.32
C THR A 25 16.02 -2.42 -6.29
N ALA A 26 15.37 -2.30 -7.44
CA ALA A 26 14.06 -1.66 -7.50
C ALA A 26 13.05 -2.43 -6.67
N ALA A 27 13.33 -3.72 -6.49
CA ALA A 27 12.47 -4.58 -5.69
C ALA A 27 12.52 -4.20 -4.22
N GLU A 28 13.65 -3.65 -3.79
CA GLU A 28 13.86 -3.33 -2.38
C GLU A 28 12.89 -2.25 -1.92
N ASP A 29 12.87 -1.13 -2.61
CA ASP A 29 12.09 0.03 -2.17
C ASP A 29 10.59 -0.23 -2.32
N VAL A 30 10.21 -0.91 -3.40
CA VAL A 30 8.80 -1.23 -3.62
C VAL A 30 8.30 -2.28 -2.61
N ARG A 31 9.14 -3.26 -2.32
CA ARG A 31 8.78 -4.30 -1.34
C ARG A 31 8.68 -3.68 0.04
N LYS A 32 9.50 -2.66 0.28
CA LYS A 32 9.46 -1.89 1.51
C LYS A 32 8.05 -1.35 1.74
N ILE A 33 7.43 -0.87 0.67
CA ILE A 33 6.06 -0.35 0.73
C ILE A 33 5.06 -1.47 0.96
N ALA A 34 5.22 -2.54 0.18
CA ALA A 34 4.31 -3.69 0.24
C ALA A 34 4.27 -4.33 1.63
N THR A 35 5.41 -4.29 2.32
CA THR A 35 5.53 -4.87 3.65
C THR A 35 4.47 -4.33 4.62
N ALA A 36 4.03 -3.09 4.38
CA ALA A 36 3.08 -2.43 5.27
C ALA A 36 1.76 -3.21 5.39
N LEU A 37 1.34 -3.86 4.31
CA LEU A 37 0.07 -4.57 4.31
C LEU A 37 0.18 -5.88 5.11
N LEU A 38 1.40 -6.38 5.23
CA LEU A 38 1.65 -7.58 6.03
C LEU A 38 1.57 -7.24 7.52
N LYS A 39 1.84 -5.98 7.84
CA LYS A 39 1.86 -5.52 9.22
C LYS A 39 0.45 -5.26 9.74
N THR A 40 -0.27 -4.37 9.07
CA THR A 40 -1.59 -3.95 9.53
C THR A 40 -2.55 -3.86 8.36
N ALA A 41 -2.33 -2.85 7.50
CA ALA A 41 -3.14 -2.60 6.30
C ALA A 41 -4.56 -2.14 6.66
N ILE A 42 -5.30 -2.99 7.37
CA ILE A 42 -6.69 -2.73 7.69
C ILE A 42 -6.83 -1.63 8.74
N GLU A 43 -7.84 -0.79 8.59
CA GLU A 43 -8.12 0.25 9.56
C GLU A 43 -9.41 -0.04 10.31
N ILE A 44 -9.49 0.45 11.54
CA ILE A 44 -10.65 0.25 12.37
C ILE A 44 -11.51 1.50 12.41
N VAL A 45 -12.74 1.36 11.94
CA VAL A 45 -13.68 2.47 11.94
C VAL A 45 -14.57 2.36 13.16
N SER A 46 -14.90 3.48 13.78
CA SER A 46 -15.70 3.47 14.99
C SER A 46 -16.90 4.37 14.85
N GLU A 47 -18.03 3.87 15.32
CA GLU A 47 -19.27 4.62 15.34
C GLU A 47 -19.99 4.37 16.66
N GLU A 48 -20.83 5.30 17.06
CA GLU A 48 -21.68 5.10 18.22
C GLU A 48 -22.96 4.41 17.78
N ASP A 49 -23.30 4.62 16.51
CA ASP A 49 -24.48 4.04 15.91
C ASP A 49 -24.23 2.60 15.46
N GLY A 50 -23.18 2.41 14.69
CA GLY A 50 -22.88 1.08 14.15
C GLY A 50 -21.98 0.26 15.05
N GLY A 51 -20.97 0.89 15.61
CA GLY A 51 -20.02 0.20 16.43
C GLY A 51 -18.65 0.21 15.81
N ALA A 52 -17.84 -0.76 16.17
CA ALA A 52 -16.51 -0.91 15.60
C ALA A 52 -16.58 -1.71 14.30
N HIS A 53 -15.96 -1.18 13.25
CA HIS A 53 -16.03 -1.79 11.94
C HIS A 53 -14.64 -2.14 11.42
N ASN A 54 -14.47 -3.38 11.01
CA ASN A 54 -13.28 -3.82 10.32
C ASN A 54 -13.53 -3.65 8.83
N GLN A 55 -12.92 -2.64 8.23
CA GLN A 55 -13.25 -2.28 6.86
C GLN A 55 -12.06 -2.42 5.93
N CYS A 56 -12.32 -2.84 4.71
CA CYS A 56 -11.32 -2.88 3.68
C CYS A 56 -11.37 -1.57 2.90
N LYS A 57 -10.32 -0.76 3.05
CA LYS A 57 -10.26 0.61 2.54
C LYS A 57 -10.88 0.78 1.14
N LEU A 58 -10.48 -0.05 0.18
CA LEU A 58 -10.90 0.14 -1.20
C LEU A 58 -11.47 -1.13 -1.81
N CYS A 59 -11.62 -2.13 -0.97
CA CYS A 59 -12.16 -3.42 -1.42
C CYS A 59 -13.69 -3.41 -1.39
N GLY A 60 -14.27 -2.33 -0.88
CA GLY A 60 -15.71 -2.18 -0.85
C GLY A 60 -16.38 -3.17 0.08
N ALA A 61 -15.82 -3.32 1.27
CA ALA A 61 -16.34 -4.28 2.23
C ALA A 61 -16.08 -3.83 3.66
N SER A 62 -17.07 -4.00 4.52
CA SER A 62 -16.96 -3.63 5.92
C SER A 62 -17.66 -4.69 6.78
N VAL A 63 -16.98 -5.17 7.80
CA VAL A 63 -17.52 -6.22 8.65
C VAL A 63 -17.38 -5.84 10.13
N PRO A 64 -18.37 -6.20 10.97
CA PRO A 64 -18.29 -5.99 12.42
C PRO A 64 -16.95 -6.47 13.00
N TRP A 65 -16.40 -5.66 13.90
CA TRP A 65 -15.11 -5.93 14.50
C TRP A 65 -15.10 -7.28 15.23
N LEU A 66 -14.11 -8.10 14.89
CA LEU A 66 -13.88 -9.40 15.52
C LEU A 66 -14.92 -10.44 15.12
N GLN A 67 -15.78 -10.11 14.15
CA GLN A 67 -16.79 -11.05 13.69
C GLN A 67 -16.15 -12.12 12.82
N THR A 68 -15.23 -11.72 11.94
CA THR A 68 -14.51 -12.65 11.08
C THR A 68 -13.08 -12.20 10.87
N GLY A 69 -12.89 -11.20 10.02
CA GLY A 69 -11.57 -10.71 9.71
C GLY A 69 -11.26 -10.81 8.23
N ASP A 70 -10.56 -11.88 7.84
CA ASP A 70 -10.24 -12.10 6.43
C ASP A 70 -11.46 -12.59 5.67
N GLU A 71 -12.39 -13.21 6.39
CA GLU A 71 -13.63 -13.67 5.80
C GLU A 71 -14.55 -12.49 5.56
N ILE A 72 -14.48 -11.94 4.36
CA ILE A 72 -15.23 -10.75 3.99
C ILE A 72 -15.20 -10.63 2.47
N LYS A 73 -15.96 -9.69 1.92
CA LYS A 73 -15.91 -9.46 0.48
C LYS A 73 -14.57 -8.85 0.09
N HIS A 74 -14.11 -9.16 -1.12
CA HIS A 74 -12.85 -8.64 -1.61
C HIS A 74 -13.04 -8.05 -2.99
N ALA A 75 -12.15 -7.15 -3.38
CA ALA A 75 -12.22 -6.52 -4.69
C ALA A 75 -11.26 -7.20 -5.66
N ASP A 76 -11.68 -7.33 -6.90
CA ASP A 76 -10.89 -8.06 -7.89
C ASP A 76 -10.17 -7.10 -8.84
N ASP A 77 -10.69 -5.88 -8.93
CA ASP A 77 -10.09 -4.85 -9.77
C ASP A 77 -9.17 -3.94 -8.95
N CYS A 78 -9.08 -4.25 -7.66
CA CYS A 78 -8.31 -3.44 -6.72
C CYS A 78 -6.81 -3.68 -6.90
N PRO A 79 -5.99 -2.66 -6.61
CA PRO A 79 -4.53 -2.76 -6.71
C PRO A 79 -3.94 -3.68 -5.63
N VAL A 80 -4.77 -4.08 -4.66
CA VAL A 80 -4.31 -4.94 -3.58
C VAL A 80 -3.85 -6.29 -4.13
N VAL A 81 -4.56 -6.80 -5.14
CA VAL A 81 -4.19 -8.05 -5.78
C VAL A 81 -2.82 -7.92 -6.44
N ILE A 82 -2.63 -6.82 -7.16
CA ILE A 82 -1.37 -6.53 -7.83
C ILE A 82 -0.22 -6.47 -6.81
N ALA A 83 -0.46 -5.77 -5.71
CA ALA A 83 0.55 -5.61 -4.67
C ALA A 83 1.02 -6.96 -4.15
N LYS A 84 0.08 -7.88 -3.93
CA LYS A 84 0.40 -9.21 -3.46
C LYS A 84 1.29 -9.94 -4.46
N GLN A 85 0.92 -9.85 -5.74
CA GLN A 85 1.68 -10.50 -6.79
C GLN A 85 3.08 -9.92 -6.88
N ILE A 86 3.17 -8.60 -6.68
CA ILE A 86 4.43 -7.89 -6.70
C ILE A 86 5.38 -8.37 -5.60
N LEU A 87 4.91 -8.34 -4.36
CA LEU A 87 5.76 -8.69 -3.22
C LEU A 87 6.08 -10.17 -3.19
N SER A 88 5.30 -10.97 -3.91
CA SER A 88 5.55 -12.40 -3.99
C SER A 88 6.63 -12.70 -5.02
N SER A 89 6.58 -11.98 -6.15
CA SER A 89 7.57 -12.11 -7.22
C SER A 89 7.58 -13.53 -7.83
N ARG A 90 6.53 -14.28 -7.56
CA ARG A 90 6.44 -15.65 -8.02
C ARG A 90 5.14 -15.90 -8.78
N PRO A 91 5.23 -16.28 -10.06
CA PRO A 91 4.06 -16.56 -10.88
C PRO A 91 3.51 -17.96 -10.67
N LYS A 92 2.28 -18.04 -10.19
CA LYS A 92 1.59 -19.32 -10.02
C LYS A 92 0.57 -19.50 -11.14
N LEU A 93 0.87 -20.38 -12.08
CA LEU A 93 -0.04 -20.63 -13.19
C LEU A 93 -0.64 -22.03 -13.09
N HIS A 94 0.13 -23.02 -13.55
CA HIS A 94 -0.33 -24.42 -13.60
C HIS A 94 -1.63 -24.55 -14.38
N ALA A 95 -2.75 -24.48 -13.66
CA ALA A 95 -4.06 -24.63 -14.25
C ALA A 95 -5.09 -23.87 -13.43
N VAL A 96 -4.80 -22.58 -13.21
CA VAL A 96 -5.62 -21.71 -12.37
C VAL A 96 -5.37 -22.00 -10.89
N MET B 1 -21.83 -21.78 5.88
CA MET B 1 -23.08 -21.03 5.65
C MET B 1 -22.90 -20.05 4.49
N GLY B 2 -23.97 -19.82 3.75
CA GLY B 2 -23.91 -18.87 2.67
C GLY B 2 -24.96 -19.14 1.60
N SER B 3 -25.48 -18.08 1.03
CA SER B 3 -26.45 -18.18 -0.04
C SER B 3 -25.74 -18.34 -1.37
N SER B 4 -26.39 -19.00 -2.32
CA SER B 4 -25.78 -19.28 -3.61
C SER B 4 -25.69 -18.01 -4.44
N HIS B 5 -24.48 -17.47 -4.56
CA HIS B 5 -24.21 -16.30 -5.37
C HIS B 5 -23.13 -16.61 -6.40
N HIS B 6 -22.77 -15.64 -7.22
CA HIS B 6 -21.75 -15.83 -8.23
C HIS B 6 -20.48 -15.05 -7.91
N HIS B 7 -19.37 -15.77 -7.82
CA HIS B 7 -18.07 -15.13 -7.60
C HIS B 7 -17.45 -14.81 -8.94
N HIS B 8 -16.92 -13.60 -9.09
CA HIS B 8 -16.30 -13.19 -10.34
C HIS B 8 -14.85 -12.80 -10.13
N HIS B 9 -13.95 -13.73 -10.41
CA HIS B 9 -12.53 -13.48 -10.28
C HIS B 9 -11.87 -13.54 -11.66
N HIS B 10 -11.37 -12.41 -12.11
CA HIS B 10 -10.80 -12.31 -13.44
C HIS B 10 -9.31 -12.59 -13.39
N SER B 11 -8.76 -13.05 -14.52
CA SER B 11 -7.32 -13.26 -14.66
C SER B 11 -6.57 -11.98 -14.34
N SER B 12 -5.79 -12.01 -13.26
CA SER B 12 -5.04 -10.85 -12.82
C SER B 12 -3.54 -11.17 -12.76
N GLY B 13 -2.73 -10.28 -13.32
CA GLY B 13 -1.30 -10.50 -13.35
C GLY B 13 -0.63 -9.67 -14.43
N ARG B 14 0.62 -9.99 -14.72
CA ARG B 14 1.37 -9.27 -15.73
C ARG B 14 2.27 -10.22 -16.50
N GLU B 15 2.30 -10.08 -17.81
CA GLU B 15 3.05 -10.99 -18.67
C GLU B 15 4.51 -10.55 -18.77
N ASN B 16 4.75 -9.25 -18.63
CA ASN B 16 6.11 -8.71 -18.69
C ASN B 16 6.85 -8.92 -17.38
N LEU B 17 6.11 -9.33 -16.35
CA LEU B 17 6.66 -9.52 -15.01
C LEU B 17 6.97 -8.17 -14.36
N TYR B 18 7.04 -8.16 -13.05
CA TYR B 18 7.37 -6.97 -12.30
C TYR B 18 8.73 -7.15 -11.65
N PHE B 19 9.47 -6.06 -11.49
CA PHE B 19 10.84 -6.08 -10.96
C PHE B 19 11.81 -6.60 -12.01
N GLN B 20 12.90 -5.83 -12.20
CA GLN B 20 13.96 -6.16 -13.16
C GLN B 20 13.47 -6.02 -14.60
N GLY B 21 12.54 -6.86 -15.02
CA GLY B 21 12.01 -6.80 -16.36
C GLY B 21 10.86 -5.81 -16.46
N MET B 22 11.02 -4.67 -15.81
CA MET B 22 9.97 -3.67 -15.74
C MET B 22 10.36 -2.43 -16.51
N THR B 23 9.52 -2.07 -17.46
CA THR B 23 9.83 -1.02 -18.39
C THR B 23 8.63 -0.12 -18.64
N ASP B 24 8.89 1.19 -18.66
CA ASP B 24 7.89 2.21 -19.01
C ASP B 24 6.77 2.31 -17.97
N THR B 25 5.85 1.34 -18.00
CA THR B 25 4.64 1.40 -17.21
C THR B 25 4.91 1.14 -15.73
N ALA B 26 6.16 0.83 -15.41
CA ALA B 26 6.57 0.55 -14.05
C ALA B 26 6.18 1.68 -13.09
N ALA B 27 6.29 2.91 -13.57
CA ALA B 27 5.96 4.08 -12.76
C ALA B 27 4.46 4.19 -12.54
N GLU B 28 3.70 3.68 -13.50
CA GLU B 28 2.25 3.71 -13.42
C GLU B 28 1.73 2.62 -12.50
N ASP B 29 2.32 1.43 -12.63
CA ASP B 29 1.90 0.26 -11.86
C ASP B 29 2.15 0.47 -10.37
N VAL B 30 3.25 1.12 -10.03
CA VAL B 30 3.55 1.42 -8.63
C VAL B 30 2.64 2.55 -8.14
N ARG B 31 2.31 3.45 -9.05
CA ARG B 31 1.41 4.56 -8.75
C ARG B 31 0.00 4.02 -8.45
N LYS B 32 -0.34 2.91 -9.09
CA LYS B 32 -1.63 2.27 -8.92
C LYS B 32 -1.87 1.93 -7.44
N ILE B 33 -0.95 1.20 -6.84
CA ILE B 33 -1.07 0.81 -5.44
C ILE B 33 -0.85 2.00 -4.52
N ALA B 34 0.01 2.92 -4.96
CA ALA B 34 0.32 4.13 -4.19
C ALA B 34 -0.91 5.02 -4.03
N THR B 35 -1.81 4.97 -5.00
CA THR B 35 -3.01 5.82 -4.98
C THR B 35 -3.81 5.65 -3.69
N ALA B 36 -3.83 4.43 -3.15
CA ALA B 36 -4.59 4.14 -1.94
C ALA B 36 -4.04 4.92 -0.75
N LEU B 37 -2.71 4.97 -0.64
CA LEU B 37 -2.06 5.68 0.45
C LEU B 37 -2.01 7.18 0.19
N LEU B 38 -2.09 7.56 -1.08
CA LEU B 38 -2.15 8.96 -1.46
C LEU B 38 -3.53 9.52 -1.11
N LYS B 39 -4.56 8.68 -1.32
CA LYS B 39 -5.94 9.06 -1.07
C LYS B 39 -6.15 9.47 0.39
N THR B 40 -5.73 8.61 1.30
CA THR B 40 -5.85 8.89 2.73
C THR B 40 -4.90 8.01 3.54
N ALA B 41 -4.74 6.75 3.11
CA ALA B 41 -3.81 5.79 3.72
C ALA B 41 -4.25 5.36 5.12
N ILE B 42 -4.27 6.30 6.04
CA ILE B 42 -4.47 5.99 7.46
C ILE B 42 -5.87 6.41 7.91
N GLU B 43 -6.23 6.08 9.15
CA GLU B 43 -7.56 6.35 9.67
C GLU B 43 -7.54 7.56 10.61
N ILE B 44 -8.70 8.18 10.79
CA ILE B 44 -8.83 9.34 11.64
C ILE B 44 -9.75 9.06 12.83
N VAL B 45 -9.42 9.64 13.97
CA VAL B 45 -10.28 9.57 15.14
C VAL B 45 -10.82 10.96 15.46
N SER B 46 -12.13 11.05 15.61
CA SER B 46 -12.79 12.34 15.77
C SER B 46 -12.90 12.75 17.24
N GLU B 47 -12.64 14.03 17.50
CA GLU B 47 -12.69 14.56 18.85
C GLU B 47 -14.06 15.18 19.16
N GLU B 48 -14.89 14.46 19.90
CA GLU B 48 -16.20 14.96 20.33
C GLU B 48 -17.04 15.43 19.15
N ASP B 49 -16.85 16.67 18.75
CA ASP B 49 -17.59 17.26 17.64
C ASP B 49 -16.71 18.30 16.93
N GLY B 50 -15.44 18.31 17.29
CA GLY B 50 -14.52 19.28 16.73
C GLY B 50 -13.86 18.79 15.47
N GLY B 51 -12.69 18.20 15.60
CA GLY B 51 -11.96 17.72 14.46
C GLY B 51 -11.58 16.27 14.60
N ALA B 52 -10.54 15.87 13.89
CA ALA B 52 -10.05 14.51 13.95
C ALA B 52 -8.54 14.48 13.80
N HIS B 53 -7.92 13.43 14.32
CA HIS B 53 -6.47 13.28 14.20
C HIS B 53 -6.15 12.08 13.32
N ASN B 54 -5.38 12.32 12.27
CA ASN B 54 -4.86 11.24 11.44
C ASN B 54 -3.50 10.84 11.98
N GLN B 55 -3.40 9.62 12.50
CA GLN B 55 -2.16 9.15 13.09
C GLN B 55 -1.58 8.03 12.26
N CYS B 56 -0.59 8.38 11.44
CA CYS B 56 -0.04 7.45 10.46
C CYS B 56 0.33 6.12 11.09
N LYS B 57 -0.25 5.06 10.54
CA LYS B 57 -0.14 3.70 11.04
C LYS B 57 1.21 3.11 10.62
N LEU B 58 2.25 3.92 10.78
CA LEU B 58 3.57 3.58 10.28
C LEU B 58 4.64 4.37 11.03
N CYS B 59 4.60 5.68 10.89
CA CYS B 59 5.63 6.55 11.45
C CYS B 59 5.31 6.98 12.88
N GLY B 60 4.03 7.24 13.15
CA GLY B 60 3.63 7.66 14.49
C GLY B 60 3.34 9.15 14.57
N ALA B 61 3.51 9.84 13.45
CA ALA B 61 3.22 11.27 13.38
C ALA B 61 1.74 11.50 13.09
N SER B 62 1.19 12.58 13.61
CA SER B 62 -0.22 12.88 13.45
C SER B 62 -0.44 14.16 12.65
N VAL B 63 -1.49 14.18 11.86
CA VAL B 63 -1.86 15.36 11.07
C VAL B 63 -3.34 15.69 11.29
N PRO B 64 -3.67 16.98 11.48
CA PRO B 64 -5.05 17.43 11.68
C PRO B 64 -5.95 17.15 10.48
N TRP B 65 -7.18 16.74 10.78
CA TRP B 65 -8.20 16.45 9.78
C TRP B 65 -8.47 17.68 8.89
N LEU B 66 -8.77 17.39 7.62
CA LEU B 66 -9.17 18.40 6.63
C LEU B 66 -7.97 19.13 6.03
N GLN B 67 -6.83 19.11 6.69
CA GLN B 67 -5.67 19.83 6.19
C GLN B 67 -4.66 18.90 5.54
N THR B 68 -4.80 18.72 4.23
CA THR B 68 -3.85 17.97 3.40
C THR B 68 -3.79 16.49 3.80
N GLY B 69 -3.10 16.19 4.90
CA GLY B 69 -2.95 14.82 5.34
C GLY B 69 -1.72 14.16 4.75
N ASP B 70 -1.09 14.84 3.80
CA ASP B 70 0.08 14.28 3.10
C ASP B 70 1.36 14.91 3.63
N GLU B 71 1.22 15.92 4.48
CA GLU B 71 2.36 16.70 4.95
C GLU B 71 3.22 15.91 5.96
N ILE B 72 2.88 14.66 6.19
CA ILE B 72 3.65 13.81 7.09
C ILE B 72 4.87 13.24 6.37
N LYS B 73 6.00 13.92 6.55
CA LYS B 73 7.27 13.44 6.02
C LYS B 73 8.27 13.26 7.16
N HIS B 74 7.75 12.89 8.33
CA HIS B 74 8.59 12.74 9.53
C HIS B 74 9.57 11.58 9.37
N ALA B 75 9.34 10.78 8.35
CA ALA B 75 10.24 9.69 7.98
C ALA B 75 10.05 9.34 6.50
N ASP B 76 10.91 9.90 5.66
CA ASP B 76 10.76 9.80 4.22
C ASP B 76 10.97 8.37 3.72
N ASP B 77 11.69 7.57 4.51
CA ASP B 77 12.04 6.21 4.11
C ASP B 77 10.85 5.26 4.27
N CYS B 78 9.93 5.61 5.16
CA CYS B 78 8.82 4.73 5.49
C CYS B 78 7.91 4.47 4.28
N PRO B 79 7.51 3.19 4.09
CA PRO B 79 6.69 2.71 2.97
C PRO B 79 5.65 3.71 2.44
N VAL B 80 4.72 4.12 3.31
CA VAL B 80 3.65 5.01 2.89
C VAL B 80 4.19 6.37 2.44
N VAL B 81 5.20 6.87 3.16
CA VAL B 81 5.76 8.18 2.88
C VAL B 81 6.60 8.18 1.61
N ILE B 82 7.39 7.12 1.42
CA ILE B 82 8.23 7.01 0.24
C ILE B 82 7.37 6.85 -1.01
N ALA B 83 6.32 6.05 -0.90
CA ALA B 83 5.39 5.86 -2.01
C ALA B 83 4.73 7.17 -2.43
N LYS B 84 4.40 8.00 -1.45
CA LYS B 84 3.84 9.33 -1.70
C LYS B 84 4.80 10.18 -2.53
N GLN B 85 6.09 9.98 -2.30
CA GLN B 85 7.12 10.68 -3.03
C GLN B 85 7.34 10.06 -4.40
N ILE B 86 7.16 8.75 -4.49
CA ILE B 86 7.31 8.03 -5.76
C ILE B 86 6.29 8.49 -6.79
N LEU B 87 5.04 8.59 -6.38
CA LEU B 87 3.96 9.00 -7.29
C LEU B 87 4.06 10.49 -7.63
N SER B 88 4.99 11.16 -6.97
CA SER B 88 5.21 12.57 -7.20
C SER B 88 6.46 12.78 -8.05
N SER B 89 7.62 12.44 -7.46
CA SER B 89 8.94 12.63 -8.08
C SER B 89 9.22 14.13 -8.29
N ARG B 90 8.52 14.74 -9.22
CA ARG B 90 8.67 16.16 -9.50
C ARG B 90 7.52 16.63 -10.39
N PRO B 91 6.37 16.95 -9.78
CA PRO B 91 5.18 17.42 -10.49
C PRO B 91 5.18 18.94 -10.64
N LYS B 92 4.01 19.48 -10.93
CA LYS B 92 3.86 20.92 -11.06
C LYS B 92 3.23 21.49 -9.80
N LEU B 93 4.06 21.87 -8.84
CA LEU B 93 3.57 22.36 -7.56
C LEU B 93 4.72 22.96 -6.76
N HIS B 94 5.57 22.11 -6.22
CA HIS B 94 6.68 22.54 -5.37
C HIS B 94 7.94 21.78 -5.76
N ALA B 95 8.87 22.46 -6.39
CA ALA B 95 10.08 21.83 -6.88
C ALA B 95 11.27 22.17 -5.99
N VAL B 96 12.35 21.42 -6.16
CA VAL B 96 13.57 21.66 -5.41
C VAL B 96 14.78 21.54 -6.34
N MET A 1 -5.98 -13.37 -6.91
CA MET A 1 -6.58 -14.15 -5.81
C MET A 1 -5.50 -14.90 -5.04
N GLY A 2 -5.72 -15.11 -3.75
CA GLY A 2 -4.75 -15.82 -2.94
C GLY A 2 -3.61 -14.93 -2.49
N SER A 3 -2.91 -15.36 -1.44
CA SER A 3 -1.74 -14.63 -0.95
C SER A 3 -0.80 -15.55 -0.19
N SER A 4 -0.80 -16.82 -0.55
CA SER A 4 0.08 -17.79 0.08
C SER A 4 1.52 -17.64 -0.44
N HIS A 5 2.34 -16.94 0.33
CA HIS A 5 3.72 -16.69 -0.06
C HIS A 5 4.57 -16.46 1.19
N HIS A 6 4.89 -17.53 1.89
CA HIS A 6 5.66 -17.44 3.13
C HIS A 6 7.15 -17.49 2.83
N HIS A 7 7.92 -16.64 3.52
CA HIS A 7 9.37 -16.60 3.38
C HIS A 7 9.95 -15.44 4.20
N HIS A 8 9.63 -14.22 3.78
CA HIS A 8 10.18 -13.00 4.39
C HIS A 8 11.68 -12.86 4.14
N HIS A 9 12.18 -11.64 4.22
CA HIS A 9 13.60 -11.36 4.02
C HIS A 9 13.91 -9.95 4.49
N HIS A 10 15.12 -9.74 4.98
CA HIS A 10 15.53 -8.43 5.47
C HIS A 10 16.80 -7.96 4.79
N SER A 11 17.00 -6.66 4.76
CA SER A 11 18.18 -6.06 4.17
C SER A 11 18.39 -4.66 4.74
N SER A 12 19.45 -4.00 4.30
CA SER A 12 19.76 -2.65 4.76
C SER A 12 19.10 -1.62 3.84
N GLY A 13 18.78 -2.04 2.62
CA GLY A 13 18.15 -1.15 1.67
C GLY A 13 19.16 -0.29 0.93
N ARG A 14 18.79 0.18 -0.25
CA ARG A 14 19.64 1.04 -1.05
C ARG A 14 18.85 2.21 -1.61
N GLU A 15 18.29 2.01 -2.80
CA GLU A 15 17.53 3.05 -3.49
C GLU A 15 17.05 2.52 -4.84
N ASN A 16 16.17 3.27 -5.46
CA ASN A 16 15.77 3.01 -6.83
C ASN A 16 15.84 4.32 -7.63
N LEU A 17 16.23 4.23 -8.89
CA LEU A 17 16.35 5.41 -9.73
C LEU A 17 15.11 5.57 -10.59
N TYR A 18 13.96 5.26 -10.00
CA TYR A 18 12.68 5.29 -10.68
C TYR A 18 12.68 4.31 -11.86
N PHE A 19 11.68 4.41 -12.73
CA PHE A 19 11.53 3.46 -13.82
C PHE A 19 12.47 3.74 -14.98
N GLN A 20 13.29 4.78 -14.83
CA GLN A 20 14.29 5.10 -15.83
C GLN A 20 15.48 4.16 -15.70
N GLY A 21 15.97 4.02 -14.47
CA GLY A 21 17.12 3.18 -14.23
C GLY A 21 16.92 2.30 -13.01
N MET A 22 16.00 1.35 -13.11
CA MET A 22 15.75 0.43 -12.00
C MET A 22 16.97 -0.44 -11.73
N THR A 23 17.30 -0.60 -10.45
CA THR A 23 18.48 -1.33 -10.05
C THR A 23 18.08 -2.60 -9.28
N ASP A 24 19.06 -3.27 -8.70
CA ASP A 24 18.85 -4.53 -7.98
C ASP A 24 17.99 -4.33 -6.74
N THR A 25 18.38 -3.39 -5.89
CA THR A 25 17.77 -3.25 -4.57
C THR A 25 16.43 -2.51 -4.66
N ALA A 26 15.93 -2.32 -5.87
CA ALA A 26 14.60 -1.73 -6.06
C ALA A 26 13.53 -2.72 -5.63
N ALA A 27 13.96 -3.96 -5.40
CA ALA A 27 13.10 -4.99 -4.85
C ALA A 27 12.87 -4.77 -3.37
N GLU A 28 13.82 -4.13 -2.71
CA GLU A 28 13.80 -3.99 -1.26
C GLU A 28 12.79 -2.92 -0.84
N ASP A 29 12.87 -1.76 -1.48
CA ASP A 29 12.05 -0.61 -1.10
C ASP A 29 10.65 -0.70 -1.68
N VAL A 30 10.55 -1.01 -2.97
CA VAL A 30 9.25 -1.08 -3.66
C VAL A 30 8.34 -2.17 -3.07
N ARG A 31 8.91 -3.29 -2.65
CA ARG A 31 8.11 -4.39 -2.11
C ARG A 31 7.61 -4.06 -0.70
N LYS A 32 8.37 -3.24 0.03
CA LYS A 32 8.00 -2.87 1.40
C LYS A 32 6.71 -2.05 1.44
N ILE A 33 6.54 -1.13 0.48
CA ILE A 33 5.35 -0.27 0.47
C ILE A 33 4.08 -1.10 0.26
N ALA A 34 4.22 -2.16 -0.53
CA ALA A 34 3.11 -3.08 -0.77
C ALA A 34 2.87 -3.98 0.43
N THR A 35 3.94 -4.31 1.14
CA THR A 35 3.84 -5.15 2.33
C THR A 35 3.21 -4.38 3.50
N ALA A 36 3.41 -3.06 3.51
CA ALA A 36 2.83 -2.20 4.54
C ALA A 36 1.32 -2.36 4.61
N LEU A 37 0.71 -2.73 3.49
CA LEU A 37 -0.72 -2.97 3.42
C LEU A 37 -1.14 -4.07 4.38
N LEU A 38 -0.34 -5.14 4.41
CA LEU A 38 -0.63 -6.27 5.27
C LEU A 38 -0.25 -5.96 6.70
N LYS A 39 0.73 -5.09 6.85
CA LYS A 39 1.28 -4.77 8.17
C LYS A 39 0.28 -4.05 9.04
N THR A 40 -0.30 -2.97 8.54
CA THR A 40 -1.22 -2.18 9.36
C THR A 40 -2.11 -1.25 8.52
N ALA A 41 -2.07 -1.39 7.21
CA ALA A 41 -2.85 -0.52 6.33
C ALA A 41 -4.34 -0.88 6.38
N ILE A 42 -4.63 -2.11 6.77
CA ILE A 42 -6.02 -2.54 6.93
C ILE A 42 -6.55 -1.98 8.25
N GLU A 43 -7.83 -1.64 8.29
CA GLU A 43 -8.37 -0.89 9.42
C GLU A 43 -9.23 -1.75 10.33
N ILE A 44 -9.37 -1.30 11.57
CA ILE A 44 -10.22 -1.95 12.54
C ILE A 44 -11.34 -1.00 12.97
N VAL A 45 -12.56 -1.36 12.63
CA VAL A 45 -13.73 -0.65 13.10
C VAL A 45 -14.58 -1.59 13.94
N SER A 46 -14.73 -1.26 15.20
CA SER A 46 -15.41 -2.17 16.12
C SER A 46 -16.86 -1.73 16.35
N GLU A 47 -17.67 -2.66 16.84
CA GLU A 47 -19.05 -2.36 17.20
C GLU A 47 -19.07 -1.46 18.44
N GLU A 48 -20.20 -0.79 18.67
CA GLU A 48 -20.39 -0.03 19.90
C GLU A 48 -20.08 -0.93 21.09
N ASP A 49 -20.60 -2.15 21.02
CA ASP A 49 -20.26 -3.20 21.97
C ASP A 49 -20.45 -4.56 21.31
N GLY A 50 -19.35 -5.26 21.10
CA GLY A 50 -19.42 -6.56 20.49
C GLY A 50 -18.07 -7.05 19.98
N GLY A 51 -17.73 -6.68 18.75
CA GLY A 51 -16.52 -7.17 18.15
C GLY A 51 -15.95 -6.22 17.11
N ALA A 52 -14.64 -6.24 16.99
CA ALA A 52 -13.92 -5.45 16.00
C ALA A 52 -14.12 -6.01 14.59
N HIS A 53 -13.99 -5.14 13.60
CA HIS A 53 -14.11 -5.56 12.21
C HIS A 53 -12.84 -5.21 11.46
N ASN A 54 -12.25 -6.19 10.81
CA ASN A 54 -11.12 -5.95 9.93
C ASN A 54 -11.67 -5.48 8.59
N GLN A 55 -11.53 -4.19 8.32
CA GLN A 55 -12.22 -3.58 7.19
C GLN A 55 -11.25 -3.27 6.06
N CYS A 56 -11.46 -3.91 4.93
CA CYS A 56 -10.65 -3.66 3.75
C CYS A 56 -11.27 -2.53 2.93
N LYS A 57 -10.85 -1.31 3.22
CA LYS A 57 -11.43 -0.12 2.60
C LYS A 57 -10.97 0.05 1.13
N LEU A 58 -10.31 -0.97 0.61
CA LEU A 58 -9.93 -0.99 -0.80
C LEU A 58 -10.80 -1.97 -1.58
N CYS A 59 -11.91 -2.38 -0.98
CA CYS A 59 -12.84 -3.29 -1.61
C CYS A 59 -14.25 -3.15 -1.03
N GLY A 60 -14.34 -2.73 0.23
CA GLY A 60 -15.63 -2.54 0.85
C GLY A 60 -16.13 -3.83 1.48
N ALA A 61 -15.33 -4.39 2.36
CA ALA A 61 -15.66 -5.65 3.01
C ALA A 61 -14.99 -5.73 4.38
N SER A 62 -15.75 -6.14 5.37
CA SER A 62 -15.23 -6.28 6.72
C SER A 62 -15.38 -7.72 7.21
N VAL A 63 -14.49 -8.11 8.11
CA VAL A 63 -14.52 -9.45 8.69
C VAL A 63 -14.17 -9.38 10.17
N PRO A 64 -14.89 -10.12 11.03
CA PRO A 64 -14.61 -10.17 12.47
C PRO A 64 -13.12 -10.35 12.79
N TRP A 65 -12.66 -9.67 13.81
CA TRP A 65 -11.25 -9.73 14.21
C TRP A 65 -10.92 -11.11 14.76
N LEU A 66 -9.63 -11.44 14.79
CA LEU A 66 -9.13 -12.76 15.22
C LEU A 66 -9.40 -13.83 14.16
N GLN A 67 -10.31 -13.53 13.23
CA GLN A 67 -10.63 -14.45 12.14
C GLN A 67 -9.61 -14.31 11.01
N THR A 68 -8.61 -13.45 11.24
CA THR A 68 -7.50 -13.25 10.31
C THR A 68 -7.93 -12.45 9.07
N GLY A 69 -8.99 -12.91 8.41
CA GLY A 69 -9.44 -12.24 7.21
C GLY A 69 -10.42 -13.11 6.43
N ASP A 70 -10.29 -14.42 6.61
CA ASP A 70 -11.19 -15.40 6.01
C ASP A 70 -11.02 -15.48 4.48
N GLU A 71 -10.12 -14.64 3.96
CA GLU A 71 -9.94 -14.49 2.53
C GLU A 71 -11.27 -14.20 1.84
N ILE A 72 -12.00 -13.24 2.41
CA ILE A 72 -13.28 -12.83 1.86
C ILE A 72 -13.13 -12.38 0.40
N LYS A 73 -14.13 -12.64 -0.42
CA LYS A 73 -14.04 -12.35 -1.84
C LYS A 73 -13.82 -10.87 -2.11
N HIS A 74 -13.08 -10.59 -3.16
CA HIS A 74 -12.49 -9.29 -3.37
C HIS A 74 -12.48 -8.94 -4.86
N ALA A 75 -12.64 -7.64 -5.16
CA ALA A 75 -12.42 -7.15 -6.52
C ALA A 75 -10.94 -7.33 -6.84
N ASP A 76 -10.64 -8.40 -7.57
CA ASP A 76 -9.28 -8.94 -7.60
C ASP A 76 -8.32 -8.10 -8.43
N ASP A 77 -8.83 -7.18 -9.23
CA ASP A 77 -7.95 -6.34 -10.05
C ASP A 77 -7.55 -5.07 -9.29
N CYS A 78 -8.08 -4.90 -8.09
CA CYS A 78 -7.69 -3.79 -7.22
C CYS A 78 -6.18 -3.82 -6.96
N PRO A 79 -5.57 -2.65 -6.66
CA PRO A 79 -4.12 -2.50 -6.47
C PRO A 79 -3.54 -3.45 -5.42
N VAL A 80 -4.40 -3.98 -4.56
CA VAL A 80 -3.95 -4.90 -3.52
C VAL A 80 -3.29 -6.14 -4.12
N VAL A 81 -3.94 -6.72 -5.12
CA VAL A 81 -3.47 -7.97 -5.72
C VAL A 81 -2.24 -7.75 -6.61
N ILE A 82 -2.23 -6.65 -7.36
CA ILE A 82 -1.09 -6.35 -8.22
C ILE A 82 0.14 -6.07 -7.37
N ALA A 83 -0.08 -5.42 -6.23
CA ALA A 83 0.98 -5.20 -5.26
C ALA A 83 1.46 -6.53 -4.69
N LYS A 84 0.50 -7.43 -4.43
CA LYS A 84 0.80 -8.77 -3.94
C LYS A 84 1.74 -9.49 -4.90
N GLN A 85 1.48 -9.35 -6.20
CA GLN A 85 2.31 -9.96 -7.22
C GLN A 85 3.73 -9.41 -7.18
N ILE A 86 3.84 -8.09 -7.02
CA ILE A 86 5.14 -7.44 -6.94
C ILE A 86 5.94 -7.93 -5.74
N LEU A 87 5.27 -8.05 -4.59
CA LEU A 87 5.93 -8.47 -3.37
C LEU A 87 6.08 -9.99 -3.33
N SER A 88 5.50 -10.67 -4.32
CA SER A 88 5.56 -12.11 -4.40
C SER A 88 6.73 -12.55 -5.29
N SER A 89 7.64 -11.62 -5.58
CA SER A 89 8.84 -11.95 -6.36
C SER A 89 9.57 -13.13 -5.70
N ARG A 90 9.99 -14.05 -6.53
CA ARG A 90 10.47 -15.36 -6.09
C ARG A 90 9.34 -16.12 -5.37
N PRO A 91 8.40 -16.66 -6.16
CA PRO A 91 7.30 -17.45 -5.65
C PRO A 91 7.62 -18.94 -5.70
N LYS A 92 8.05 -19.49 -4.58
CA LYS A 92 8.39 -20.90 -4.52
C LYS A 92 7.12 -21.72 -4.28
N LEU A 93 6.26 -21.73 -5.28
CA LEU A 93 5.05 -22.54 -5.28
C LEU A 93 5.10 -23.49 -6.46
N HIS A 94 6.19 -23.41 -7.21
CA HIS A 94 6.40 -24.22 -8.40
C HIS A 94 5.26 -24.03 -9.40
N ALA A 95 5.31 -22.89 -10.11
CA ALA A 95 4.30 -22.50 -11.10
C ALA A 95 2.99 -22.07 -10.43
N VAL A 96 2.42 -20.99 -10.94
CA VAL A 96 1.16 -20.46 -10.42
C VAL A 96 0.19 -20.23 -11.57
N MET B 1 -17.06 -5.35 -2.71
CA MET B 1 -18.05 -4.89 -3.71
C MET B 1 -17.41 -3.89 -4.67
N GLY B 2 -17.13 -4.32 -5.88
CA GLY B 2 -16.53 -3.45 -6.87
C GLY B 2 -16.89 -3.83 -8.28
N SER B 3 -18.08 -4.39 -8.46
CA SER B 3 -18.55 -4.79 -9.77
C SER B 3 -19.59 -3.79 -10.29
N SER B 4 -19.19 -3.02 -11.31
CA SER B 4 -20.05 -2.01 -11.90
C SER B 4 -19.71 -1.81 -13.38
N HIS B 5 -18.65 -1.07 -13.62
CA HIS B 5 -18.08 -0.89 -14.95
C HIS B 5 -16.57 -1.03 -14.82
N HIS B 6 -16.18 -1.57 -13.67
CA HIS B 6 -14.80 -1.68 -13.26
C HIS B 6 -14.17 -2.97 -13.78
N HIS B 7 -13.49 -2.86 -14.91
CA HIS B 7 -12.70 -3.96 -15.47
C HIS B 7 -11.95 -3.49 -16.72
N HIS B 8 -10.65 -3.25 -16.55
CA HIS B 8 -9.76 -2.94 -17.67
C HIS B 8 -8.34 -2.84 -17.14
N HIS B 9 -7.35 -2.92 -18.03
CA HIS B 9 -5.93 -2.92 -17.64
C HIS B 9 -5.63 -4.13 -16.76
N HIS B 10 -4.53 -4.05 -16.01
CA HIS B 10 -4.16 -5.08 -15.04
C HIS B 10 -3.79 -6.39 -15.74
N SER B 11 -3.12 -6.26 -16.88
CA SER B 11 -2.71 -7.44 -17.65
C SER B 11 -1.49 -8.08 -17.01
N SER B 12 -0.77 -7.31 -16.19
CA SER B 12 0.40 -7.77 -15.47
C SER B 12 1.58 -8.06 -16.40
N GLY B 13 2.79 -7.95 -15.88
CA GLY B 13 3.97 -8.26 -16.67
C GLY B 13 4.32 -9.73 -16.61
N ARG B 14 3.60 -10.45 -15.74
CA ARG B 14 3.79 -11.89 -15.54
C ARG B 14 5.12 -12.18 -14.85
N GLU B 15 6.19 -12.06 -15.60
CA GLU B 15 7.52 -12.32 -15.09
C GLU B 15 8.57 -11.43 -15.78
N ASN B 16 9.19 -11.94 -16.84
CA ASN B 16 10.22 -11.21 -17.57
C ASN B 16 11.37 -10.85 -16.61
N LEU B 17 12.22 -9.91 -17.00
CA LEU B 17 13.26 -9.42 -16.12
C LEU B 17 12.67 -8.46 -15.09
N TYR B 18 12.17 -9.02 -13.99
CA TYR B 18 11.55 -8.22 -12.95
C TYR B 18 12.61 -7.65 -12.03
N PHE B 19 12.58 -6.32 -11.91
CA PHE B 19 13.58 -5.56 -11.16
C PHE B 19 14.93 -5.57 -11.88
N GLN B 20 15.81 -4.64 -11.50
CA GLN B 20 17.00 -4.32 -12.28
C GLN B 20 16.60 -3.78 -13.66
N GLY B 21 15.35 -3.39 -13.76
CA GLY B 21 14.80 -2.86 -14.99
C GLY B 21 13.29 -2.84 -14.92
N MET B 22 12.67 -1.89 -15.60
CA MET B 22 11.22 -1.78 -15.61
C MET B 22 10.74 -1.19 -16.91
N THR B 23 9.49 -1.44 -17.24
CA THR B 23 8.90 -0.94 -18.46
C THR B 23 8.06 0.32 -18.22
N ASP B 24 7.64 0.94 -19.31
CA ASP B 24 6.89 2.20 -19.25
C ASP B 24 5.55 2.03 -18.54
N THR B 25 4.87 0.93 -18.82
CA THR B 25 3.54 0.67 -18.25
C THR B 25 3.61 0.42 -16.75
N ALA B 26 4.76 -0.09 -16.29
CA ALA B 26 4.95 -0.46 -14.88
C ALA B 26 4.81 0.75 -13.96
N ALA B 27 5.07 1.93 -14.51
CA ALA B 27 4.98 3.16 -13.74
C ALA B 27 3.56 3.39 -13.23
N GLU B 28 2.58 3.03 -14.04
CA GLU B 28 1.18 3.25 -13.71
C GLU B 28 0.74 2.38 -12.54
N ASP B 29 1.13 1.11 -12.58
CA ASP B 29 0.73 0.16 -11.56
C ASP B 29 1.37 0.50 -10.20
N VAL B 30 2.63 0.88 -10.22
CA VAL B 30 3.35 1.16 -8.98
C VAL B 30 2.89 2.48 -8.35
N ARG B 31 2.61 3.50 -9.15
CA ARG B 31 2.10 4.75 -8.62
C ARG B 31 0.70 4.53 -8.04
N LYS B 32 -0.03 3.56 -8.61
CA LYS B 32 -1.38 3.23 -8.15
C LYS B 32 -1.34 2.67 -6.74
N ILE B 33 -0.48 1.68 -6.50
CA ILE B 33 -0.38 1.07 -5.19
C ILE B 33 0.18 2.04 -4.16
N ALA B 34 1.07 2.92 -4.62
CA ALA B 34 1.62 3.97 -3.77
C ALA B 34 0.54 4.93 -3.30
N THR B 35 -0.46 5.14 -4.16
CA THR B 35 -1.55 6.04 -3.85
C THR B 35 -2.45 5.43 -2.76
N ALA B 36 -2.53 4.10 -2.74
CA ALA B 36 -3.43 3.38 -1.84
C ALA B 36 -3.20 3.76 -0.38
N LEU B 37 -1.94 3.76 0.05
CA LEU B 37 -1.63 4.03 1.45
C LEU B 37 -1.88 5.49 1.82
N LEU B 38 -1.74 6.38 0.85
CA LEU B 38 -2.01 7.80 1.08
C LEU B 38 -3.51 8.10 1.01
N LYS B 39 -4.23 7.28 0.27
CA LYS B 39 -5.63 7.55 -0.03
C LYS B 39 -6.57 7.08 1.07
N THR B 40 -6.53 5.80 1.38
CA THR B 40 -7.56 5.22 2.25
C THR B 40 -6.97 4.29 3.30
N ALA B 41 -5.65 4.10 3.28
CA ALA B 41 -5.01 3.26 4.29
C ALA B 41 -5.19 3.86 5.68
N ILE B 42 -5.27 5.19 5.73
CA ILE B 42 -5.53 5.90 6.98
C ILE B 42 -7.02 6.16 7.13
N GLU B 43 -7.62 5.56 8.15
CA GLU B 43 -9.03 5.76 8.44
C GLU B 43 -9.18 6.37 9.82
N ILE B 44 -10.29 7.06 10.06
CA ILE B 44 -10.49 7.73 11.33
C ILE B 44 -11.47 6.94 12.20
N VAL B 45 -11.08 6.68 13.44
CA VAL B 45 -11.94 5.99 14.38
C VAL B 45 -12.56 6.97 15.36
N SER B 46 -13.86 6.93 15.49
CA SER B 46 -14.58 7.89 16.31
C SER B 46 -14.70 7.42 17.76
N GLU B 47 -14.98 8.36 18.65
CA GLU B 47 -15.29 8.05 20.03
C GLU B 47 -16.80 7.88 20.16
N GLU B 48 -17.33 8.05 21.37
CA GLU B 48 -18.76 7.89 21.59
C GLU B 48 -19.52 9.09 21.03
N ASP B 49 -19.08 10.28 21.39
CA ASP B 49 -19.76 11.50 20.96
C ASP B 49 -18.83 12.71 20.94
N GLY B 50 -17.78 12.67 21.76
CA GLY B 50 -16.88 13.80 21.89
C GLY B 50 -16.14 14.16 20.61
N GLY B 51 -15.79 13.15 19.82
CA GLY B 51 -15.10 13.41 18.57
C GLY B 51 -14.58 12.13 17.95
N ALA B 52 -13.47 12.24 17.23
CA ALA B 52 -12.88 11.09 16.56
C ALA B 52 -11.36 11.21 16.57
N HIS B 53 -10.67 10.13 16.22
CA HIS B 53 -9.22 10.12 16.20
C HIS B 53 -8.72 9.56 14.87
N ASN B 54 -8.08 10.41 14.10
CA ASN B 54 -7.51 10.01 12.82
C ASN B 54 -6.12 9.42 13.05
N GLN B 55 -5.96 8.15 12.73
CA GLN B 55 -4.73 7.45 13.06
C GLN B 55 -3.91 7.11 11.82
N CYS B 56 -2.72 7.69 11.74
CA CYS B 56 -1.81 7.41 10.65
C CYS B 56 -1.07 6.10 10.95
N LYS B 57 -1.65 5.01 10.47
CA LYS B 57 -1.20 3.66 10.79
C LYS B 57 0.27 3.43 10.48
N LEU B 58 0.71 3.86 9.30
CA LEU B 58 2.06 3.57 8.84
C LEU B 58 3.10 4.47 9.50
N CYS B 59 2.67 5.52 10.16
CA CYS B 59 3.59 6.43 10.84
C CYS B 59 3.58 6.18 12.34
N GLY B 60 2.45 5.68 12.84
CA GLY B 60 2.32 5.41 14.26
C GLY B 60 1.97 6.66 15.05
N ALA B 61 1.18 7.53 14.44
CA ALA B 61 0.79 8.78 15.07
C ALA B 61 -0.69 9.05 14.86
N SER B 62 -1.37 9.46 15.92
CA SER B 62 -2.80 9.74 15.84
C SER B 62 -3.08 11.22 16.14
N VAL B 63 -4.09 11.76 15.48
CA VAL B 63 -4.49 13.14 15.69
C VAL B 63 -6.02 13.21 15.78
N PRO B 64 -6.56 13.98 16.74
CA PRO B 64 -8.01 14.18 16.88
C PRO B 64 -8.68 14.59 15.56
N TRP B 65 -9.99 14.34 15.49
CA TRP B 65 -10.79 14.58 14.29
C TRP B 65 -10.43 15.89 13.60
N LEU B 66 -10.66 16.99 14.29
CA LEU B 66 -10.29 18.30 13.73
C LEU B 66 -9.37 19.05 14.69
N GLN B 67 -8.08 18.88 14.47
CA GLN B 67 -7.07 19.65 15.16
C GLN B 67 -6.14 20.27 14.14
N THR B 68 -5.59 19.41 13.29
CA THR B 68 -4.66 19.79 12.26
C THR B 68 -4.13 18.54 11.58
N GLY B 69 -3.74 18.65 10.31
CA GLY B 69 -3.16 17.52 9.62
C GLY B 69 -1.65 17.54 9.70
N ASP B 70 -1.13 18.35 10.61
CA ASP B 70 0.30 18.45 10.83
C ASP B 70 0.64 17.91 12.22
N GLU B 71 1.91 18.06 12.62
CA GLU B 71 2.43 17.53 13.87
C GLU B 71 2.35 16.01 13.94
N ILE B 72 2.05 15.39 12.81
CA ILE B 72 2.12 13.96 12.69
C ILE B 72 3.56 13.57 12.40
N LYS B 73 4.29 13.23 13.44
CA LYS B 73 5.71 12.94 13.32
C LYS B 73 5.94 11.73 12.40
N HIS B 74 6.32 12.03 11.17
CA HIS B 74 6.52 11.01 10.17
C HIS B 74 7.80 10.23 10.46
N ALA B 75 7.72 8.93 10.28
CA ALA B 75 8.88 8.08 10.41
C ALA B 75 9.72 8.16 9.15
N ASP B 76 11.02 8.31 9.30
CA ASP B 76 11.91 8.50 8.15
C ASP B 76 12.10 7.20 7.39
N ASP B 77 11.89 6.09 8.09
CA ASP B 77 12.11 4.76 7.53
C ASP B 77 10.80 4.12 7.06
N CYS B 78 9.70 4.83 7.22
CA CYS B 78 8.38 4.31 6.83
C CYS B 78 8.21 4.33 5.31
N PRO B 79 7.35 3.45 4.77
CA PRO B 79 7.10 3.36 3.34
C PRO B 79 6.32 4.57 2.79
N VAL B 80 5.79 5.40 3.69
CA VAL B 80 4.98 6.54 3.29
C VAL B 80 5.82 7.57 2.52
N VAL B 81 7.01 7.86 3.06
CA VAL B 81 7.88 8.89 2.48
C VAL B 81 8.24 8.58 1.03
N ILE B 82 8.69 7.36 0.79
CA ILE B 82 9.11 6.94 -0.54
C ILE B 82 7.92 6.89 -1.50
N ALA B 83 6.83 6.31 -1.04
CA ALA B 83 5.64 6.14 -1.87
C ALA B 83 5.05 7.48 -2.30
N LYS B 84 4.95 8.42 -1.35
CA LYS B 84 4.34 9.72 -1.63
C LYS B 84 5.19 10.50 -2.64
N GLN B 85 6.48 10.22 -2.66
CA GLN B 85 7.40 10.88 -3.58
C GLN B 85 7.24 10.30 -4.99
N ILE B 86 7.10 8.98 -5.07
CA ILE B 86 7.00 8.29 -6.36
C ILE B 86 5.75 8.75 -7.12
N LEU B 87 4.62 8.83 -6.44
CA LEU B 87 3.37 9.22 -7.08
C LEU B 87 3.34 10.72 -7.36
N SER B 88 4.35 11.42 -6.89
CA SER B 88 4.43 12.87 -7.07
C SER B 88 5.23 13.19 -8.34
N SER B 89 5.45 12.19 -9.16
CA SER B 89 6.22 12.35 -10.40
C SER B 89 5.35 12.91 -11.52
N ARG B 90 4.92 14.17 -11.37
CA ARG B 90 4.20 14.88 -12.42
C ARG B 90 4.66 16.33 -12.45
N PRO B 91 4.80 16.91 -13.66
CA PRO B 91 5.27 18.29 -13.83
C PRO B 91 4.39 19.29 -13.11
N LYS B 92 5.01 20.31 -12.54
CA LYS B 92 4.30 21.33 -11.79
C LYS B 92 3.99 22.54 -12.66
N LEU B 93 2.83 23.14 -12.41
CA LEU B 93 2.45 24.39 -13.03
C LEU B 93 2.60 25.50 -12.00
N HIS B 94 2.19 25.18 -10.76
CA HIS B 94 2.37 26.07 -9.61
C HIS B 94 1.51 27.32 -9.73
N ALA B 95 0.53 27.28 -10.65
CA ALA B 95 -0.39 28.39 -10.88
C ALA B 95 0.36 29.66 -11.30
N VAL B 96 -0.34 30.78 -11.34
CA VAL B 96 0.26 32.05 -11.71
C VAL B 96 -0.23 33.16 -10.78
N MET A 1 23.65 -35.35 4.90
CA MET A 1 23.54 -34.85 6.30
C MET A 1 23.90 -33.37 6.36
N GLY A 2 23.05 -32.59 7.02
CA GLY A 2 23.27 -31.16 7.11
C GLY A 2 22.63 -30.43 5.95
N SER A 3 22.36 -29.15 6.14
CA SER A 3 21.73 -28.35 5.09
C SER A 3 22.78 -27.85 4.10
N SER A 4 23.66 -26.97 4.58
CA SER A 4 24.75 -26.41 3.79
C SER A 4 24.22 -25.72 2.52
N HIS A 5 22.97 -25.27 2.58
CA HIS A 5 22.32 -24.70 1.41
C HIS A 5 22.36 -23.18 1.47
N HIS A 6 23.42 -22.61 0.93
CA HIS A 6 23.59 -21.15 0.87
C HIS A 6 24.89 -20.83 0.14
N HIS A 7 24.96 -19.65 -0.46
CA HIS A 7 26.21 -19.20 -1.07
C HIS A 7 26.45 -17.71 -0.82
N HIS A 8 25.80 -16.84 -1.58
CA HIS A 8 26.04 -15.40 -1.49
C HIS A 8 24.88 -14.61 -2.09
N HIS A 9 24.95 -13.30 -1.96
CA HIS A 9 24.05 -12.39 -2.66
C HIS A 9 24.83 -11.12 -2.98
N HIS A 10 24.81 -10.70 -4.24
CA HIS A 10 25.69 -9.61 -4.67
C HIS A 10 25.02 -8.78 -5.77
N SER A 11 25.01 -7.47 -5.58
CA SER A 11 24.41 -6.57 -6.54
C SER A 11 25.49 -5.92 -7.41
N SER A 12 25.30 -5.98 -8.72
CA SER A 12 26.25 -5.36 -9.65
C SER A 12 25.55 -4.98 -10.96
N GLY A 13 24.24 -4.84 -10.90
CA GLY A 13 23.48 -4.45 -12.07
C GLY A 13 23.51 -2.97 -12.31
N ARG A 14 23.51 -2.57 -13.58
CA ARG A 14 23.55 -1.15 -13.91
C ARG A 14 22.69 -0.88 -15.14
N GLU A 15 21.71 0.01 -14.98
CA GLU A 15 20.82 0.37 -16.07
C GLU A 15 20.04 1.63 -15.71
N ASN A 16 19.24 1.53 -14.66
CA ASN A 16 18.39 2.62 -14.22
C ASN A 16 18.32 2.66 -12.69
N LEU A 17 18.00 3.81 -12.13
CA LEU A 17 17.86 3.98 -10.69
C LEU A 17 17.18 5.31 -10.40
N TYR A 18 15.97 5.27 -9.86
CA TYR A 18 15.20 6.48 -9.63
C TYR A 18 14.61 6.55 -8.21
N PHE A 19 14.02 5.44 -7.75
CA PHE A 19 13.32 5.44 -6.46
C PHE A 19 14.32 5.49 -5.29
N GLN A 20 14.48 4.37 -4.62
CA GLN A 20 15.48 4.26 -3.57
C GLN A 20 16.66 3.42 -4.06
N GLY A 21 16.34 2.45 -4.92
CA GLY A 21 17.39 1.66 -5.54
C GLY A 21 16.86 0.64 -6.51
N MET A 22 17.21 0.80 -7.78
CA MET A 22 16.88 -0.20 -8.80
C MET A 22 18.00 -1.22 -8.88
N THR A 23 17.90 -2.13 -9.86
CA THR A 23 18.87 -3.21 -10.08
C THR A 23 19.13 -4.03 -8.82
N ASP A 24 18.58 -5.24 -8.80
CA ASP A 24 18.59 -6.12 -7.63
C ASP A 24 17.66 -5.59 -6.55
N THR A 25 17.99 -4.40 -6.05
CA THR A 25 17.21 -3.75 -5.00
C THR A 25 15.80 -3.38 -5.49
N ALA A 26 15.67 -3.19 -6.81
CA ALA A 26 14.43 -2.71 -7.41
C ALA A 26 13.22 -3.56 -7.02
N ALA A 27 13.41 -4.87 -6.98
CA ALA A 27 12.32 -5.77 -6.68
C ALA A 27 11.87 -5.64 -5.23
N GLU A 28 12.83 -5.46 -4.33
CA GLU A 28 12.56 -5.45 -2.91
C GLU A 28 12.12 -4.07 -2.43
N ASP A 29 12.67 -3.03 -3.08
CA ASP A 29 12.36 -1.64 -2.74
C ASP A 29 10.87 -1.36 -2.90
N VAL A 30 10.29 -1.90 -3.98
CA VAL A 30 8.86 -1.73 -4.24
C VAL A 30 8.02 -2.56 -3.26
N ARG A 31 8.55 -3.72 -2.88
CA ARG A 31 7.87 -4.61 -1.94
C ARG A 31 7.66 -3.93 -0.61
N LYS A 32 8.69 -3.22 -0.15
CA LYS A 32 8.66 -2.56 1.15
C LYS A 32 7.51 -1.56 1.27
N ILE A 33 7.15 -0.95 0.15
CA ILE A 33 6.03 -0.01 0.12
C ILE A 33 4.73 -0.74 0.44
N ALA A 34 4.53 -1.88 -0.22
CA ALA A 34 3.29 -2.64 -0.09
C ALA A 34 3.24 -3.42 1.22
N THR A 35 4.39 -3.86 1.71
CA THR A 35 4.45 -4.71 2.89
C THR A 35 3.88 -4.04 4.14
N ALA A 36 4.01 -2.73 4.22
CA ALA A 36 3.50 -1.97 5.36
C ALA A 36 1.99 -2.09 5.46
N LEU A 37 1.35 -2.26 4.31
CA LEU A 37 -0.10 -2.34 4.23
C LEU A 37 -0.60 -3.67 4.79
N LEU A 38 0.20 -4.71 4.60
CA LEU A 38 -0.17 -6.03 5.07
C LEU A 38 0.10 -6.18 6.56
N LYS A 39 1.06 -5.41 7.07
CA LYS A 39 1.42 -5.47 8.49
C LYS A 39 0.33 -4.85 9.33
N THR A 40 0.02 -3.59 9.06
CA THR A 40 -1.00 -2.89 9.80
C THR A 40 -1.58 -1.75 8.98
N ALA A 41 -2.62 -2.09 8.25
CA ALA A 41 -3.41 -1.12 7.52
C ALA A 41 -4.87 -1.51 7.60
N ILE A 42 -5.13 -2.81 7.59
CA ILE A 42 -6.47 -3.33 7.82
C ILE A 42 -6.83 -3.12 9.27
N GLU A 43 -7.94 -2.45 9.53
CA GLU A 43 -8.31 -2.09 10.88
C GLU A 43 -9.44 -2.97 11.38
N ILE A 44 -9.40 -3.25 12.68
CA ILE A 44 -10.43 -4.04 13.32
C ILE A 44 -11.37 -3.13 14.10
N VAL A 45 -12.66 -3.26 13.83
CA VAL A 45 -13.67 -2.46 14.52
C VAL A 45 -14.34 -3.28 15.61
N SER A 46 -14.41 -2.71 16.80
CA SER A 46 -15.00 -3.39 17.93
C SER A 46 -16.43 -2.92 18.16
N GLU A 47 -17.30 -3.86 18.46
CA GLU A 47 -18.68 -3.55 18.83
C GLU A 47 -18.82 -3.54 20.34
N GLU A 48 -19.94 -3.04 20.84
CA GLU A 48 -20.20 -3.07 22.27
C GLU A 48 -20.71 -4.46 22.64
N ASP A 49 -21.61 -4.97 21.82
CA ASP A 49 -22.10 -6.33 21.96
C ASP A 49 -22.23 -6.97 20.59
N GLY A 50 -21.39 -7.96 20.34
CA GLY A 50 -21.40 -8.62 19.06
C GLY A 50 -20.04 -9.17 18.70
N GLY A 51 -18.99 -8.51 19.16
CA GLY A 51 -17.65 -8.98 18.91
C GLY A 51 -16.89 -8.07 17.97
N ALA A 52 -15.58 -8.23 17.96
CA ALA A 52 -14.70 -7.48 17.07
C ALA A 52 -14.82 -8.01 15.64
N HIS A 53 -14.76 -7.09 14.67
CA HIS A 53 -14.86 -7.47 13.27
C HIS A 53 -13.70 -6.87 12.49
N ASN A 54 -13.10 -7.68 11.62
CA ASN A 54 -11.97 -7.23 10.82
C ASN A 54 -12.46 -6.64 9.51
N GLN A 55 -12.27 -5.33 9.34
CA GLN A 55 -12.82 -4.63 8.19
C GLN A 55 -11.72 -4.21 7.22
N CYS A 56 -11.72 -4.81 6.05
CA CYS A 56 -10.81 -4.39 4.99
C CYS A 56 -11.47 -3.29 4.17
N LYS A 57 -11.19 -2.04 4.55
CA LYS A 57 -11.83 -0.88 3.94
C LYS A 57 -11.29 -0.58 2.55
N LEU A 58 -10.34 -1.39 2.12
CA LEU A 58 -9.70 -1.19 0.83
C LEU A 58 -10.50 -1.85 -0.28
N CYS A 59 -10.75 -3.15 -0.15
CA CYS A 59 -11.53 -3.87 -1.14
C CYS A 59 -13.01 -3.93 -0.73
N GLY A 60 -13.25 -3.90 0.57
CA GLY A 60 -14.61 -4.01 1.06
C GLY A 60 -14.97 -5.42 1.46
N ALA A 61 -14.07 -6.06 2.19
CA ALA A 61 -14.28 -7.42 2.63
C ALA A 61 -14.31 -7.49 4.15
N SER A 62 -15.29 -8.20 4.69
CA SER A 62 -15.43 -8.35 6.12
C SER A 62 -14.89 -9.70 6.56
N VAL A 63 -14.11 -9.69 7.63
CA VAL A 63 -13.53 -10.89 8.19
C VAL A 63 -13.95 -11.03 9.65
N PRO A 64 -14.35 -12.25 10.09
CA PRO A 64 -14.78 -12.51 11.48
C PRO A 64 -13.65 -12.30 12.51
N TRP A 65 -12.48 -11.91 12.03
CA TRP A 65 -11.32 -11.61 12.86
C TRP A 65 -10.71 -12.91 13.42
N LEU A 66 -9.39 -12.86 13.66
CA LEU A 66 -8.61 -14.01 14.12
C LEU A 66 -8.44 -15.01 12.98
N GLN A 67 -9.55 -15.52 12.48
CA GLN A 67 -9.53 -16.40 11.32
C GLN A 67 -9.19 -15.60 10.07
N THR A 68 -8.14 -16.00 9.36
CA THR A 68 -7.71 -15.30 8.16
C THR A 68 -8.67 -15.60 6.99
N GLY A 69 -9.35 -16.75 7.07
CA GLY A 69 -10.29 -17.12 6.03
C GLY A 69 -9.61 -17.77 4.83
N ASP A 70 -8.29 -17.89 4.93
CA ASP A 70 -7.46 -18.41 3.83
C ASP A 70 -7.68 -17.59 2.56
N GLU A 71 -7.05 -16.43 2.58
CA GLU A 71 -7.14 -15.45 1.50
C GLU A 71 -8.55 -15.32 0.93
N ILE A 72 -9.40 -14.62 1.66
CA ILE A 72 -10.76 -14.32 1.21
C ILE A 72 -10.74 -13.75 -0.21
N LYS A 73 -11.73 -14.12 -1.02
CA LYS A 73 -11.80 -13.71 -2.41
C LYS A 73 -11.72 -12.19 -2.54
N HIS A 74 -10.64 -11.74 -3.15
CA HIS A 74 -10.34 -10.32 -3.26
C HIS A 74 -11.18 -9.64 -4.34
N ALA A 75 -11.27 -8.32 -4.24
CA ALA A 75 -11.77 -7.52 -5.34
C ALA A 75 -10.63 -7.31 -6.32
N ASP A 76 -10.84 -7.64 -7.57
CA ASP A 76 -9.76 -7.67 -8.55
C ASP A 76 -9.41 -6.26 -9.05
N ASP A 77 -10.29 -5.31 -8.77
CA ASP A 77 -10.06 -3.92 -9.21
C ASP A 77 -9.13 -3.18 -8.26
N CYS A 78 -9.10 -3.60 -7.00
CA CYS A 78 -8.31 -2.89 -6.00
C CYS A 78 -6.83 -3.27 -6.11
N PRO A 79 -5.92 -2.31 -5.83
CA PRO A 79 -4.47 -2.49 -5.96
C PRO A 79 -3.88 -3.57 -5.04
N VAL A 80 -4.74 -4.20 -4.25
CA VAL A 80 -4.31 -5.28 -3.36
C VAL A 80 -3.75 -6.45 -4.18
N VAL A 81 -4.29 -6.63 -5.38
CA VAL A 81 -3.81 -7.66 -6.29
C VAL A 81 -2.36 -7.40 -6.68
N ILE A 82 -2.03 -6.13 -6.88
CA ILE A 82 -0.69 -5.73 -7.26
C ILE A 82 0.23 -5.81 -6.04
N ALA A 83 -0.28 -5.42 -4.89
CA ALA A 83 0.47 -5.49 -3.65
C ALA A 83 1.00 -6.90 -3.41
N LYS A 84 0.10 -7.88 -3.49
CA LYS A 84 0.48 -9.27 -3.29
C LYS A 84 1.50 -9.74 -4.32
N GLN A 85 1.21 -9.51 -5.59
CA GLN A 85 2.01 -10.03 -6.67
C GLN A 85 3.44 -9.49 -6.62
N ILE A 86 3.61 -8.29 -6.12
CA ILE A 86 4.93 -7.69 -6.01
C ILE A 86 5.73 -8.31 -4.86
N LEU A 87 5.14 -8.36 -3.68
CA LEU A 87 5.88 -8.79 -2.49
C LEU A 87 5.96 -10.31 -2.37
N SER A 88 5.21 -11.02 -3.19
CA SER A 88 5.19 -12.47 -3.13
C SER A 88 5.81 -13.10 -4.39
N SER A 89 6.60 -12.31 -5.10
CA SER A 89 7.27 -12.80 -6.29
C SER A 89 8.55 -13.57 -5.94
N ARG A 90 8.41 -14.86 -5.70
CA ARG A 90 9.56 -15.69 -5.36
C ARG A 90 10.25 -16.20 -6.62
N PRO A 91 11.57 -16.37 -6.60
CA PRO A 91 12.35 -16.83 -7.75
C PRO A 91 11.99 -18.26 -8.17
N LYS A 92 11.30 -18.36 -9.30
CA LYS A 92 10.85 -19.65 -9.83
C LYS A 92 10.41 -19.45 -11.28
N LEU A 93 9.70 -20.42 -11.83
CA LEU A 93 9.19 -20.31 -13.20
C LEU A 93 8.29 -19.08 -13.34
N HIS A 94 7.15 -19.11 -12.67
CA HIS A 94 6.27 -17.97 -12.60
C HIS A 94 5.28 -18.14 -11.45
N ALA A 95 4.84 -17.03 -10.88
CA ALA A 95 3.92 -17.06 -9.73
C ALA A 95 2.49 -17.38 -10.15
N VAL A 96 2.33 -18.39 -11.00
CA VAL A 96 1.03 -18.83 -11.43
C VAL A 96 0.71 -20.18 -10.81
N MET B 1 7.89 19.47 5.26
CA MET B 1 6.44 19.38 4.97
C MET B 1 6.19 19.68 3.50
N GLY B 2 5.56 18.76 2.80
CA GLY B 2 5.25 18.94 1.40
C GLY B 2 4.04 18.13 0.97
N SER B 3 3.36 18.60 -0.05
CA SER B 3 2.18 17.91 -0.54
C SER B 3 2.29 17.64 -2.04
N SER B 4 1.68 16.57 -2.50
CA SER B 4 1.68 16.22 -3.92
C SER B 4 0.36 15.58 -4.32
N HIS B 5 -0.38 16.29 -5.15
CA HIS B 5 -1.69 15.81 -5.61
C HIS B 5 -1.78 15.91 -7.13
N HIS B 6 -0.62 16.03 -7.77
CA HIS B 6 -0.57 16.21 -9.22
C HIS B 6 -0.58 14.88 -9.94
N HIS B 7 -1.48 14.74 -10.89
CA HIS B 7 -1.52 13.55 -11.74
C HIS B 7 -0.57 13.70 -12.91
N HIS B 8 -0.06 12.57 -13.39
CA HIS B 8 0.84 12.53 -14.52
C HIS B 8 0.94 11.10 -15.04
N HIS B 9 0.52 10.91 -16.28
CA HIS B 9 0.45 9.58 -16.86
C HIS B 9 1.05 9.57 -18.26
N HIS B 10 1.84 8.54 -18.54
CA HIS B 10 2.42 8.27 -19.87
C HIS B 10 3.44 7.15 -19.73
N SER B 11 3.42 6.22 -20.68
CA SER B 11 4.29 5.06 -20.60
C SER B 11 5.09 4.87 -21.88
N SER B 12 6.35 4.48 -21.71
CA SER B 12 7.20 4.14 -22.84
C SER B 12 7.60 2.67 -22.74
N GLY B 13 6.99 1.83 -23.55
CA GLY B 13 7.21 0.41 -23.45
C GLY B 13 8.32 -0.09 -24.37
N ARG B 14 9.55 0.02 -23.90
CA ARG B 14 10.70 -0.50 -24.61
C ARG B 14 11.63 -1.24 -23.66
N GLU B 15 12.20 -2.34 -24.13
CA GLU B 15 13.08 -3.20 -23.35
C GLU B 15 12.34 -3.78 -22.14
N ASN B 16 11.81 -4.98 -22.28
CA ASN B 16 11.03 -5.59 -21.24
C ASN B 16 11.93 -6.17 -20.14
N LEU B 17 12.01 -5.46 -19.03
CA LEU B 17 12.71 -5.97 -17.85
C LEU B 17 11.76 -6.84 -17.03
N TYR B 18 10.97 -6.19 -16.19
CA TYR B 18 9.99 -6.89 -15.37
C TYR B 18 8.65 -6.17 -15.44
N PHE B 19 8.58 -4.99 -14.82
CA PHE B 19 7.36 -4.18 -14.86
C PHE B 19 7.33 -3.29 -16.10
N GLN B 20 7.13 -3.93 -17.25
CA GLN B 20 6.95 -3.22 -18.53
C GLN B 20 7.98 -2.10 -18.72
N GLY B 21 9.21 -2.49 -19.01
CA GLY B 21 10.27 -1.50 -19.21
C GLY B 21 10.93 -1.10 -17.91
N MET B 22 10.11 -0.78 -16.90
CA MET B 22 10.58 -0.35 -15.58
C MET B 22 11.26 1.01 -15.61
N THR B 23 11.16 1.68 -16.74
CA THR B 23 11.66 3.04 -16.86
C THR B 23 10.53 4.03 -16.58
N ASP B 24 9.48 3.93 -17.38
CA ASP B 24 8.34 4.84 -17.29
C ASP B 24 7.19 4.18 -16.55
N THR B 25 6.79 3.02 -17.04
CA THR B 25 5.62 2.31 -16.52
C THR B 25 5.77 1.95 -15.04
N ALA B 26 7.01 1.77 -14.59
CA ALA B 26 7.27 1.38 -13.21
C ALA B 26 6.68 2.38 -12.24
N ALA B 27 6.90 3.67 -12.50
CA ALA B 27 6.41 4.72 -11.64
C ALA B 27 4.89 4.79 -11.68
N GLU B 28 4.32 4.40 -12.81
CA GLU B 28 2.88 4.45 -13.00
C GLU B 28 2.20 3.28 -12.30
N ASP B 29 2.80 2.09 -12.36
CA ASP B 29 2.19 0.91 -11.78
C ASP B 29 2.35 0.90 -10.27
N VAL B 30 3.41 1.55 -9.78
CA VAL B 30 3.59 1.74 -8.34
C VAL B 30 2.61 2.80 -7.83
N ARG B 31 2.28 3.75 -8.71
CA ARG B 31 1.26 4.76 -8.40
C ARG B 31 -0.05 4.10 -7.99
N LYS B 32 -0.28 2.92 -8.56
CA LYS B 32 -1.48 2.13 -8.28
C LYS B 32 -1.67 1.93 -6.78
N ILE B 33 -0.66 1.39 -6.13
CA ILE B 33 -0.73 1.13 -4.69
C ILE B 33 -0.52 2.42 -3.90
N ALA B 34 0.23 3.35 -4.47
CA ALA B 34 0.47 4.65 -3.85
C ALA B 34 -0.83 5.43 -3.68
N THR B 35 -1.75 5.23 -4.62
CA THR B 35 -3.05 5.88 -4.55
C THR B 35 -3.91 5.22 -3.48
N ALA B 36 -3.75 3.91 -3.32
CA ALA B 36 -4.53 3.13 -2.37
C ALA B 36 -4.30 3.60 -0.94
N LEU B 37 -3.03 3.67 -0.54
CA LEU B 37 -2.67 4.06 0.82
C LEU B 37 -3.11 5.49 1.14
N LEU B 38 -3.28 6.30 0.10
CA LEU B 38 -3.70 7.68 0.28
C LEU B 38 -5.19 7.76 0.53
N LYS B 39 -5.96 6.94 -0.17
CA LYS B 39 -7.42 7.04 -0.14
C LYS B 39 -8.01 6.12 0.93
N THR B 40 -7.44 4.93 1.07
CA THR B 40 -7.96 3.97 2.01
C THR B 40 -6.85 3.09 2.60
N ALA B 41 -6.27 3.60 3.66
CA ALA B 41 -5.28 2.87 4.45
C ALA B 41 -5.23 3.47 5.84
N ILE B 42 -4.87 4.74 5.90
CA ILE B 42 -4.84 5.48 7.15
C ILE B 42 -6.27 5.82 7.57
N GLU B 43 -6.70 5.31 8.70
CA GLU B 43 -8.06 5.48 9.16
C GLU B 43 -8.15 6.50 10.27
N ILE B 44 -9.37 6.85 10.63
CA ILE B 44 -9.63 7.85 11.64
C ILE B 44 -10.75 7.40 12.56
N VAL B 45 -10.48 7.43 13.86
CA VAL B 45 -11.50 7.10 14.85
C VAL B 45 -12.06 8.39 15.45
N SER B 46 -13.32 8.66 15.15
CA SER B 46 -13.94 9.90 15.56
C SER B 46 -14.79 9.73 16.81
N GLU B 47 -14.48 10.53 17.81
CA GLU B 47 -15.30 10.61 19.00
C GLU B 47 -16.37 11.67 18.80
N GLU B 48 -17.62 11.22 18.83
CA GLU B 48 -18.75 12.11 18.63
C GLU B 48 -18.80 13.15 19.75
N ASP B 49 -18.30 12.76 20.91
CA ASP B 49 -18.27 13.66 22.04
C ASP B 49 -17.24 14.76 21.84
N GLY B 50 -15.99 14.37 21.59
CA GLY B 50 -14.96 15.36 21.40
C GLY B 50 -13.61 14.79 20.99
N GLY B 51 -13.40 14.65 19.70
CA GLY B 51 -12.06 14.38 19.19
C GLY B 51 -12.02 13.32 18.12
N ALA B 52 -11.49 13.69 16.98
CA ALA B 52 -11.30 12.76 15.88
C ALA B 52 -9.81 12.44 15.76
N HIS B 53 -9.47 11.16 15.76
CA HIS B 53 -8.08 10.77 15.76
C HIS B 53 -7.72 10.06 14.46
N ASN B 54 -6.93 10.73 13.63
CA ASN B 54 -6.41 10.13 12.41
C ASN B 54 -5.05 9.52 12.73
N GLN B 55 -4.95 8.21 12.62
CA GLN B 55 -3.79 7.48 13.12
C GLN B 55 -2.83 7.09 12.01
N CYS B 56 -1.61 7.58 12.09
CA CYS B 56 -0.57 7.17 11.17
C CYS B 56 0.23 6.02 11.80
N LYS B 57 -0.35 4.83 11.71
CA LYS B 57 0.14 3.66 12.45
C LYS B 57 1.47 3.13 11.91
N LEU B 58 1.99 3.76 10.86
CA LEU B 58 3.25 3.31 10.26
C LEU B 58 4.45 4.00 10.92
N CYS B 59 4.22 5.16 11.50
CA CYS B 59 5.32 5.95 12.03
C CYS B 59 5.06 6.40 13.47
N GLY B 60 3.92 7.03 13.69
CA GLY B 60 3.63 7.57 15.01
C GLY B 60 3.25 9.04 14.93
N ALA B 61 2.13 9.30 14.25
CA ALA B 61 1.63 10.66 14.11
C ALA B 61 0.12 10.67 14.31
N SER B 62 -0.39 11.76 14.86
CA SER B 62 -1.83 11.87 15.09
C SER B 62 -2.37 13.15 14.47
N VAL B 63 -3.36 12.98 13.62
CA VAL B 63 -4.03 14.10 12.98
C VAL B 63 -5.42 14.29 13.58
N PRO B 64 -5.77 15.54 13.95
CA PRO B 64 -7.08 15.84 14.55
C PRO B 64 -8.23 15.69 13.56
N TRP B 65 -7.89 15.38 12.30
CA TRP B 65 -8.86 15.16 11.24
C TRP B 65 -9.63 16.45 10.92
N LEU B 66 -10.25 16.47 9.73
CA LEU B 66 -11.10 17.59 9.28
C LEU B 66 -10.28 18.83 8.93
N GLN B 67 -9.02 18.86 9.37
CA GLN B 67 -8.12 19.97 9.07
C GLN B 67 -7.51 19.83 7.68
N THR B 68 -8.28 19.28 6.75
CA THR B 68 -7.83 19.03 5.38
C THR B 68 -6.86 17.84 5.33
N GLY B 69 -5.88 17.84 6.22
CA GLY B 69 -4.90 16.78 6.26
C GLY B 69 -3.78 17.10 7.22
N ASP B 70 -3.59 18.40 7.48
CA ASP B 70 -2.61 18.91 8.45
C ASP B 70 -1.19 18.89 7.86
N GLU B 71 -0.99 17.99 6.90
CA GLU B 71 0.27 17.85 6.17
C GLU B 71 1.46 17.63 7.10
N ILE B 72 1.21 17.00 8.23
CA ILE B 72 2.28 16.60 9.16
C ILE B 72 3.23 15.61 8.47
N LYS B 73 4.52 15.91 8.50
CA LYS B 73 5.51 15.04 7.87
C LYS B 73 5.61 13.72 8.64
N HIS B 74 5.98 12.67 7.94
CA HIS B 74 6.09 11.36 8.54
C HIS B 74 7.52 10.84 8.42
N ALA B 75 7.81 9.78 9.15
CA ALA B 75 9.16 9.22 9.20
C ALA B 75 9.71 8.90 7.81
N ASP B 76 10.93 9.35 7.56
CA ASP B 76 11.60 9.13 6.29
C ASP B 76 11.97 7.66 6.13
N ASP B 77 11.90 6.92 7.22
CA ASP B 77 12.20 5.49 7.22
C ASP B 77 10.98 4.68 6.84
N CYS B 78 9.87 5.36 6.61
CA CYS B 78 8.64 4.71 6.19
C CYS B 78 8.48 4.79 4.68
N PRO B 79 7.95 3.73 4.05
CA PRO B 79 7.76 3.66 2.59
C PRO B 79 6.77 4.72 2.09
N VAL B 80 6.10 5.38 3.02
CA VAL B 80 5.16 6.44 2.69
C VAL B 80 5.85 7.55 1.90
N VAL B 81 7.05 7.91 2.32
CA VAL B 81 7.81 8.96 1.65
C VAL B 81 8.20 8.52 0.25
N ILE B 82 8.58 7.25 0.14
CA ILE B 82 8.93 6.65 -1.15
C ILE B 82 7.75 6.74 -2.11
N ALA B 83 6.60 6.25 -1.66
CA ALA B 83 5.39 6.25 -2.50
C ALA B 83 5.03 7.65 -2.96
N LYS B 84 5.09 8.63 -2.04
CA LYS B 84 4.76 10.02 -2.35
C LYS B 84 5.73 10.59 -3.39
N GLN B 85 7.00 10.24 -3.28
CA GLN B 85 8.00 10.70 -4.23
C GLN B 85 7.70 10.16 -5.63
N ILE B 86 7.29 8.90 -5.68
CA ILE B 86 6.98 8.24 -6.95
C ILE B 86 5.73 8.83 -7.59
N LEU B 87 4.67 9.02 -6.80
CA LEU B 87 3.42 9.53 -7.32
C LEU B 87 3.53 11.01 -7.69
N SER B 88 4.51 11.69 -7.11
CA SER B 88 4.74 13.10 -7.42
C SER B 88 5.60 13.22 -8.67
N SER B 89 6.89 12.89 -8.55
CA SER B 89 7.85 12.94 -9.65
C SER B 89 7.77 14.27 -10.42
N ARG B 90 8.50 15.27 -9.95
CA ARG B 90 8.50 16.58 -10.59
C ARG B 90 9.90 16.92 -11.11
N PRO B 91 10.19 16.55 -12.36
CA PRO B 91 11.47 16.85 -13.00
C PRO B 91 11.45 18.18 -13.74
N LYS B 92 12.50 18.96 -13.55
CA LYS B 92 12.62 20.27 -14.20
C LYS B 92 13.71 20.22 -15.27
N LEU B 93 13.80 21.29 -16.05
CA LEU B 93 14.88 21.43 -17.01
C LEU B 93 16.02 22.20 -16.37
N HIS B 94 17.24 21.92 -16.80
CA HIS B 94 18.41 22.52 -16.20
C HIS B 94 19.40 22.98 -17.26
N ALA B 95 20.03 24.12 -17.01
CA ALA B 95 20.93 24.73 -17.98
C ALA B 95 22.22 23.92 -18.14
N VAL B 96 22.44 23.43 -19.34
CA VAL B 96 23.64 22.67 -19.65
C VAL B 96 24.49 23.42 -20.67
N MET A 1 -0.91 -20.80 4.86
CA MET A 1 -0.65 -22.23 5.12
C MET A 1 0.48 -22.74 4.22
N GLY A 2 1.37 -23.54 4.79
CA GLY A 2 2.41 -24.16 4.01
C GLY A 2 3.67 -23.34 3.94
N SER A 3 3.86 -22.67 2.81
CA SER A 3 5.06 -21.89 2.56
C SER A 3 5.04 -20.57 3.32
N SER A 4 6.20 -20.18 3.85
CA SER A 4 6.33 -18.92 4.56
C SER A 4 7.17 -17.95 3.72
N HIS A 5 7.58 -16.85 4.33
CA HIS A 5 8.34 -15.82 3.61
C HIS A 5 9.83 -15.88 3.94
N HIS A 6 10.63 -16.09 2.91
CA HIS A 6 12.08 -16.11 3.06
C HIS A 6 12.63 -14.69 2.92
N HIS A 7 13.96 -14.56 2.88
CA HIS A 7 14.60 -13.25 2.83
C HIS A 7 15.77 -13.29 1.85
N HIS A 8 16.67 -12.31 1.98
CA HIS A 8 17.91 -12.26 1.19
C HIS A 8 17.65 -11.83 -0.25
N HIS A 9 17.84 -10.54 -0.49
CA HIS A 9 17.84 -9.96 -1.83
C HIS A 9 19.01 -9.00 -1.93
N HIS A 10 19.29 -8.49 -3.11
CA HIS A 10 20.41 -7.56 -3.28
C HIS A 10 20.03 -6.17 -2.79
N SER A 11 20.34 -5.90 -1.53
CA SER A 11 20.05 -4.61 -0.94
C SER A 11 21.07 -3.58 -1.41
N SER A 12 22.25 -4.08 -1.76
CA SER A 12 23.31 -3.24 -2.27
C SER A 12 23.23 -3.16 -3.79
N GLY A 13 22.94 -1.97 -4.28
CA GLY A 13 22.84 -1.77 -5.72
C GLY A 13 22.31 -0.40 -6.06
N ARG A 14 21.01 -0.33 -6.36
CA ARG A 14 20.35 0.91 -6.74
C ARG A 14 21.06 1.59 -7.92
N GLU A 15 21.56 0.78 -8.84
CA GLU A 15 22.15 1.29 -10.07
C GLU A 15 21.04 1.76 -11.00
N ASN A 16 19.93 1.05 -10.95
CA ASN A 16 18.72 1.42 -11.65
C ASN A 16 17.77 2.10 -10.69
N LEU A 17 17.30 3.29 -11.04
CA LEU A 17 16.54 4.11 -10.11
C LEU A 17 15.06 4.13 -10.45
N TYR A 18 14.75 4.09 -11.74
CA TYR A 18 13.36 4.20 -12.17
C TYR A 18 13.04 3.16 -13.24
N PHE A 19 11.77 3.08 -13.60
CA PHE A 19 11.27 2.05 -14.51
C PHE A 19 11.64 2.35 -15.96
N GLN A 20 12.93 2.40 -16.21
CA GLN A 20 13.46 2.61 -17.56
C GLN A 20 14.49 1.55 -17.88
N GLY A 21 15.27 1.17 -16.87
CA GLY A 21 16.26 0.12 -17.04
C GLY A 21 16.49 -0.63 -15.74
N MET A 22 15.39 -0.99 -15.07
CA MET A 22 15.47 -1.68 -13.79
C MET A 22 15.95 -3.10 -13.97
N THR A 23 16.47 -3.67 -12.90
CA THR A 23 17.13 -4.96 -12.98
C THR A 23 16.91 -5.82 -11.73
N ASP A 24 17.10 -5.23 -10.54
CA ASP A 24 17.07 -6.02 -9.31
C ASP A 24 16.61 -5.23 -8.08
N THR A 25 17.35 -4.16 -7.73
CA THR A 25 17.13 -3.45 -6.47
C THR A 25 15.74 -2.80 -6.39
N ALA A 26 15.06 -2.71 -7.53
CA ALA A 26 13.72 -2.14 -7.58
C ALA A 26 12.76 -2.87 -6.63
N ALA A 27 12.95 -4.18 -6.50
CA ALA A 27 12.08 -5.00 -5.66
C ALA A 27 12.15 -4.57 -4.20
N GLU A 28 13.29 -4.03 -3.80
CA GLU A 28 13.56 -3.68 -2.41
C GLU A 28 12.58 -2.60 -1.93
N ASP A 29 12.39 -1.56 -2.74
CA ASP A 29 11.51 -0.45 -2.36
C ASP A 29 10.05 -0.75 -2.67
N VAL A 30 9.80 -1.53 -3.72
CA VAL A 30 8.42 -1.88 -4.09
C VAL A 30 7.76 -2.68 -2.96
N ARG A 31 8.44 -3.70 -2.46
CA ARG A 31 7.92 -4.48 -1.36
C ARG A 31 7.83 -3.64 -0.09
N LYS A 32 8.73 -2.66 0.01
CA LYS A 32 8.84 -1.79 1.17
C LYS A 32 7.54 -1.04 1.41
N ILE A 33 7.04 -0.37 0.37
CA ILE A 33 5.81 0.40 0.49
C ILE A 33 4.59 -0.51 0.60
N ALA A 34 4.65 -1.65 -0.07
CA ALA A 34 3.56 -2.62 -0.05
C ALA A 34 3.37 -3.20 1.35
N THR A 35 4.48 -3.44 2.04
CA THR A 35 4.44 -4.00 3.39
C THR A 35 3.76 -3.03 4.36
N ALA A 36 4.00 -1.73 4.17
CA ALA A 36 3.44 -0.71 5.05
C ALA A 36 1.91 -0.71 4.99
N LEU A 37 1.37 -0.72 3.78
CA LEU A 37 -0.07 -0.72 3.61
C LEU A 37 -0.65 -2.07 3.99
N LEU A 38 0.14 -3.12 3.80
CA LEU A 38 -0.30 -4.48 4.09
C LEU A 38 -0.50 -4.68 5.59
N LYS A 39 0.32 -3.99 6.38
CA LYS A 39 0.22 -4.07 7.83
C LYS A 39 -0.98 -3.31 8.36
N THR A 40 -1.31 -2.20 7.69
CA THR A 40 -2.31 -1.30 8.21
C THR A 40 -3.70 -1.58 7.63
N ALA A 41 -3.75 -1.89 6.33
CA ALA A 41 -5.03 -2.11 5.65
C ALA A 41 -5.54 -3.52 5.86
N ILE A 42 -4.71 -4.37 6.46
CA ILE A 42 -5.10 -5.72 6.80
C ILE A 42 -4.78 -5.99 8.25
N GLU A 43 -5.73 -5.66 9.11
CA GLU A 43 -5.57 -5.86 10.55
C GLU A 43 -6.88 -6.30 11.17
N ILE A 44 -6.78 -7.10 12.21
CA ILE A 44 -7.92 -7.54 12.97
C ILE A 44 -8.34 -6.49 13.99
N VAL A 45 -9.58 -6.05 13.92
CA VAL A 45 -10.15 -5.21 14.95
C VAL A 45 -10.80 -6.10 16.00
N SER A 46 -10.23 -6.11 17.18
CA SER A 46 -10.65 -7.04 18.21
C SER A 46 -11.78 -6.49 19.05
N GLU A 47 -12.80 -7.30 19.23
CA GLU A 47 -13.81 -7.03 20.24
C GLU A 47 -13.23 -7.45 21.57
N GLU A 48 -13.56 -6.73 22.64
CA GLU A 48 -12.93 -6.99 23.93
C GLU A 48 -13.26 -8.40 24.41
N ASP A 49 -14.48 -8.82 24.16
CA ASP A 49 -14.86 -10.20 24.41
C ASP A 49 -15.70 -10.71 23.26
N GLY A 50 -15.06 -11.48 22.40
CA GLY A 50 -15.71 -11.96 21.20
C GLY A 50 -14.71 -12.47 20.19
N GLY A 51 -14.58 -11.77 19.08
CA GLY A 51 -13.67 -12.21 18.03
C GLY A 51 -13.05 -11.05 17.29
N ALA A 52 -11.78 -11.17 16.99
CA ALA A 52 -11.09 -10.18 16.18
C ALA A 52 -11.53 -10.29 14.72
N HIS A 53 -11.94 -9.17 14.15
CA HIS A 53 -12.43 -9.15 12.78
C HIS A 53 -11.38 -8.55 11.84
N ASN A 54 -10.92 -9.34 10.88
CA ASN A 54 -9.91 -8.87 9.94
C ASN A 54 -10.57 -8.37 8.66
N GLN A 55 -10.38 -7.11 8.35
CA GLN A 55 -10.95 -6.52 7.15
C GLN A 55 -9.88 -6.30 6.10
N CYS A 56 -10.22 -6.60 4.85
CA CYS A 56 -9.42 -6.17 3.72
C CYS A 56 -10.03 -4.86 3.22
N LYS A 57 -9.50 -3.76 3.73
CA LYS A 57 -10.13 -2.45 3.59
C LYS A 57 -10.48 -2.08 2.15
N LEU A 58 -9.59 -2.35 1.21
CA LEU A 58 -9.81 -1.94 -0.17
C LEU A 58 -10.80 -2.88 -0.89
N CYS A 59 -11.03 -4.04 -0.32
CA CYS A 59 -11.97 -5.00 -0.90
C CYS A 59 -13.33 -4.88 -0.24
N GLY A 60 -13.34 -4.45 1.02
CA GLY A 60 -14.58 -4.32 1.76
C GLY A 60 -15.09 -5.66 2.25
N ALA A 61 -14.16 -6.56 2.57
CA ALA A 61 -14.52 -7.88 3.06
C ALA A 61 -13.90 -8.11 4.43
N SER A 62 -14.63 -8.79 5.30
CA SER A 62 -14.17 -9.03 6.66
C SER A 62 -14.27 -10.51 7.02
N VAL A 63 -13.28 -11.00 7.73
CA VAL A 63 -13.21 -12.41 8.10
C VAL A 63 -12.62 -12.56 9.50
N PRO A 64 -13.17 -13.48 10.32
CA PRO A 64 -12.62 -13.81 11.64
C PRO A 64 -11.12 -14.09 11.58
N TRP A 65 -10.40 -13.65 12.62
CA TRP A 65 -8.95 -13.75 12.71
C TRP A 65 -8.47 -15.20 12.57
N LEU A 66 -9.35 -16.15 12.86
CA LEU A 66 -8.98 -17.55 12.91
C LEU A 66 -8.57 -18.06 11.52
N GLN A 67 -9.28 -17.62 10.50
CA GLN A 67 -8.98 -18.04 9.13
C GLN A 67 -7.84 -17.21 8.54
N THR A 68 -8.20 -16.25 7.69
CA THR A 68 -7.24 -15.35 7.08
C THR A 68 -7.92 -14.46 6.05
N GLY A 69 -7.41 -13.24 5.90
CA GLY A 69 -7.92 -12.34 4.90
C GLY A 69 -7.02 -12.31 3.68
N ASP A 70 -6.01 -13.17 3.70
CA ASP A 70 -5.03 -13.22 2.63
C ASP A 70 -5.48 -14.20 1.54
N GLU A 71 -5.90 -15.38 1.96
CA GLU A 71 -6.27 -16.44 1.03
C GLU A 71 -7.77 -16.37 0.69
N ILE A 72 -8.48 -15.45 1.34
CA ILE A 72 -9.92 -15.31 1.14
C ILE A 72 -10.21 -14.65 -0.22
N LYS A 73 -11.45 -14.78 -0.68
CA LYS A 73 -11.87 -14.14 -1.93
C LYS A 73 -11.87 -12.63 -1.76
N HIS A 74 -11.40 -11.91 -2.76
CA HIS A 74 -11.23 -10.47 -2.64
C HIS A 74 -11.58 -9.78 -3.95
N ALA A 75 -11.33 -8.48 -4.00
CA ALA A 75 -11.49 -7.71 -5.22
C ALA A 75 -10.15 -7.65 -5.94
N ASP A 76 -10.03 -8.41 -7.03
CA ASP A 76 -8.78 -8.53 -7.76
C ASP A 76 -8.49 -7.26 -8.55
N ASP A 77 -9.46 -6.36 -8.55
CA ASP A 77 -9.32 -5.07 -9.22
C ASP A 77 -8.37 -4.16 -8.45
N CYS A 78 -8.31 -4.34 -7.13
CA CYS A 78 -7.55 -3.45 -6.28
C CYS A 78 -6.05 -3.67 -6.43
N PRO A 79 -5.25 -2.59 -6.31
CA PRO A 79 -3.79 -2.66 -6.47
C PRO A 79 -3.10 -3.50 -5.40
N VAL A 80 -3.84 -3.85 -4.36
CA VAL A 80 -3.31 -4.68 -3.28
C VAL A 80 -2.94 -6.05 -3.82
N VAL A 81 -3.78 -6.57 -4.71
CA VAL A 81 -3.53 -7.86 -5.33
C VAL A 81 -2.35 -7.76 -6.29
N ILE A 82 -2.25 -6.61 -6.96
CA ILE A 82 -1.13 -6.33 -7.84
C ILE A 82 0.19 -6.39 -7.06
N ALA A 83 0.25 -5.62 -5.98
CA ALA A 83 1.45 -5.56 -5.14
C ALA A 83 1.80 -6.93 -4.60
N LYS A 84 0.79 -7.68 -4.16
CA LYS A 84 0.98 -9.01 -3.63
C LYS A 84 1.62 -9.94 -4.66
N GLN A 85 1.11 -9.88 -5.89
CA GLN A 85 1.64 -10.70 -6.97
C GLN A 85 3.10 -10.33 -7.25
N ILE A 86 3.36 -9.03 -7.28
CA ILE A 86 4.69 -8.51 -7.59
C ILE A 86 5.71 -8.94 -6.54
N LEU A 87 5.43 -8.68 -5.27
CA LEU A 87 6.39 -8.98 -4.20
C LEU A 87 6.60 -10.49 -4.03
N SER A 88 5.63 -11.28 -4.51
CA SER A 88 5.74 -12.72 -4.45
C SER A 88 6.63 -13.25 -5.57
N SER A 89 6.58 -12.57 -6.73
CA SER A 89 7.38 -12.95 -7.89
C SER A 89 7.09 -14.39 -8.34
N ARG A 90 5.82 -14.78 -8.22
CA ARG A 90 5.41 -16.13 -8.58
C ARG A 90 4.07 -16.12 -9.30
N PRO A 91 3.79 -17.16 -10.09
CA PRO A 91 2.48 -17.31 -10.75
C PRO A 91 1.40 -17.78 -9.78
N LYS A 92 0.17 -17.82 -10.26
CA LYS A 92 -0.96 -18.23 -9.44
C LYS A 92 -1.03 -19.76 -9.39
N LEU A 93 -0.59 -20.33 -8.30
CA LEU A 93 -0.54 -21.78 -8.14
C LEU A 93 -1.30 -22.18 -6.88
N HIS A 94 -2.20 -23.14 -7.01
CA HIS A 94 -2.99 -23.63 -5.89
C HIS A 94 -3.16 -25.15 -5.99
N ALA A 95 -2.92 -25.85 -4.90
CA ALA A 95 -3.05 -27.30 -4.88
C ALA A 95 -4.47 -27.71 -4.54
N VAL A 96 -5.00 -28.63 -5.32
CA VAL A 96 -6.36 -29.12 -5.10
C VAL A 96 -6.37 -30.62 -4.81
N MET B 1 -19.89 -25.75 11.40
CA MET B 1 -21.22 -26.38 11.22
C MET B 1 -21.48 -26.67 9.75
N GLY B 2 -21.11 -27.84 9.28
CA GLY B 2 -21.43 -28.26 7.93
C GLY B 2 -20.48 -27.71 6.87
N SER B 3 -19.94 -26.52 7.12
CA SER B 3 -19.03 -25.84 6.20
C SER B 3 -19.80 -25.28 5.00
N SER B 4 -20.30 -26.17 4.14
CA SER B 4 -21.10 -25.78 2.98
C SER B 4 -20.28 -24.91 2.01
N HIS B 5 -20.98 -24.33 1.02
CA HIS B 5 -20.35 -23.46 0.01
C HIS B 5 -19.52 -24.25 -0.99
N HIS B 6 -19.87 -24.09 -2.27
CA HIS B 6 -19.11 -24.73 -3.34
C HIS B 6 -17.99 -23.80 -3.80
N HIS B 7 -16.99 -24.38 -4.44
CA HIS B 7 -15.82 -23.61 -4.84
C HIS B 7 -15.75 -23.46 -6.36
N HIS B 8 -15.99 -22.25 -6.84
CA HIS B 8 -15.88 -21.93 -8.26
C HIS B 8 -14.81 -20.85 -8.42
N HIS B 9 -13.79 -21.14 -9.23
CA HIS B 9 -12.63 -20.25 -9.30
C HIS B 9 -12.36 -19.77 -10.72
N HIS B 10 -11.99 -18.50 -10.82
CA HIS B 10 -11.53 -17.92 -12.07
C HIS B 10 -10.14 -17.34 -11.85
N SER B 11 -9.22 -17.65 -12.75
CA SER B 11 -7.85 -17.15 -12.64
C SER B 11 -7.24 -16.90 -14.01
N SER B 12 -7.16 -15.64 -14.38
CA SER B 12 -6.50 -15.25 -15.61
C SER B 12 -5.54 -14.10 -15.34
N GLY B 13 -4.26 -14.37 -15.53
CA GLY B 13 -3.26 -13.35 -15.27
C GLY B 13 -3.19 -12.31 -16.36
N ARG B 14 -2.51 -11.22 -16.08
CA ARG B 14 -2.40 -10.13 -17.04
C ARG B 14 -0.99 -10.08 -17.60
N GLU B 15 -0.18 -11.08 -17.24
CA GLU B 15 1.24 -11.10 -17.59
C GLU B 15 1.92 -9.86 -17.03
N ASN B 16 2.25 -9.91 -15.75
CA ASN B 16 2.77 -8.76 -15.03
C ASN B 16 4.23 -8.50 -15.38
N LEU B 17 4.60 -7.23 -15.40
CA LEU B 17 5.93 -6.80 -15.75
C LEU B 17 6.91 -7.14 -14.63
N TYR B 18 7.91 -7.92 -14.97
CA TYR B 18 8.94 -8.31 -14.03
C TYR B 18 9.98 -7.18 -13.88
N PHE B 19 10.83 -7.28 -12.88
CA PHE B 19 11.74 -6.19 -12.51
C PHE B 19 12.90 -6.02 -13.49
N GLN B 20 12.92 -6.80 -14.55
CA GLN B 20 13.96 -6.69 -15.56
C GLN B 20 13.47 -5.87 -16.73
N GLY B 21 13.90 -4.62 -16.79
CA GLY B 21 13.47 -3.72 -17.84
C GLY B 21 12.41 -2.75 -17.39
N MET B 22 11.18 -3.25 -17.24
CA MET B 22 10.02 -2.44 -16.90
C MET B 22 9.66 -1.49 -18.04
N THR B 23 8.54 -1.76 -18.70
CA THR B 23 8.14 -1.03 -19.89
C THR B 23 7.39 0.26 -19.57
N ASP B 24 7.93 1.02 -18.62
CA ASP B 24 7.43 2.37 -18.27
C ASP B 24 6.10 2.35 -17.52
N THR B 25 5.09 1.69 -18.09
CA THR B 25 3.75 1.62 -17.48
C THR B 25 3.80 1.02 -16.08
N ALA B 26 4.87 0.29 -15.78
CA ALA B 26 5.07 -0.29 -14.46
C ALA B 26 5.10 0.80 -13.38
N ALA B 27 5.62 1.97 -13.73
CA ALA B 27 5.65 3.09 -12.81
C ALA B 27 4.24 3.54 -12.49
N GLU B 28 3.38 3.47 -13.49
CA GLU B 28 1.98 3.84 -13.35
C GLU B 28 1.23 2.86 -12.43
N ASP B 29 1.70 1.62 -12.40
CA ASP B 29 1.12 0.61 -11.52
C ASP B 29 1.62 0.78 -10.09
N VAL B 30 2.92 0.99 -9.94
CA VAL B 30 3.51 1.18 -8.62
C VAL B 30 3.01 2.49 -8.00
N ARG B 31 2.71 3.48 -8.84
CA ARG B 31 2.13 4.72 -8.37
C ARG B 31 0.75 4.46 -7.77
N LYS B 32 0.04 3.48 -8.33
CA LYS B 32 -1.31 3.15 -7.86
C LYS B 32 -1.27 2.44 -6.51
N ILE B 33 -0.35 1.50 -6.35
CA ILE B 33 -0.24 0.74 -5.09
C ILE B 33 0.16 1.67 -3.95
N ALA B 34 0.97 2.67 -4.28
CA ALA B 34 1.35 3.69 -3.31
C ALA B 34 0.15 4.57 -2.95
N THR B 35 -0.66 4.87 -3.94
CA THR B 35 -1.86 5.68 -3.75
C THR B 35 -2.89 4.94 -2.90
N ALA B 36 -2.87 3.61 -3.00
CA ALA B 36 -3.83 2.75 -2.30
C ALA B 36 -3.86 3.03 -0.79
N LEU B 37 -2.71 3.31 -0.19
CA LEU B 37 -2.64 3.53 1.24
C LEU B 37 -3.22 4.90 1.61
N LEU B 38 -3.21 5.83 0.65
CA LEU B 38 -3.83 7.13 0.85
C LEU B 38 -5.34 7.02 0.72
N LYS B 39 -5.79 6.04 -0.06
CA LYS B 39 -7.20 5.79 -0.27
C LYS B 39 -7.88 5.30 0.99
N THR B 40 -7.36 4.23 1.57
CA THR B 40 -7.88 3.67 2.80
C THR B 40 -7.03 2.51 3.29
N ALA B 41 -5.96 2.86 3.97
CA ALA B 41 -5.09 1.87 4.58
C ALA B 41 -5.16 1.97 6.10
N ILE B 42 -5.26 3.20 6.60
CA ILE B 42 -5.33 3.43 8.03
C ILE B 42 -6.68 2.98 8.57
N GLU B 43 -6.66 2.29 9.71
CA GLU B 43 -7.89 1.76 10.29
C GLU B 43 -8.15 2.39 11.65
N ILE B 44 -9.43 2.54 11.97
CA ILE B 44 -9.83 3.12 13.23
C ILE B 44 -10.39 2.06 14.18
N VAL B 45 -9.77 1.93 15.35
CA VAL B 45 -10.31 1.06 16.38
C VAL B 45 -11.32 1.84 17.21
N SER B 46 -12.56 1.41 17.15
CA SER B 46 -13.64 2.14 17.77
C SER B 46 -13.93 1.65 19.19
N GLU B 47 -14.57 2.50 19.98
CA GLU B 47 -15.04 2.10 21.30
C GLU B 47 -16.23 1.15 21.19
N GLU B 48 -16.62 0.58 22.32
CA GLU B 48 -17.73 -0.36 22.36
C GLU B 48 -19.04 0.34 22.02
N ASP B 49 -19.19 1.56 22.50
CA ASP B 49 -20.37 2.36 22.19
C ASP B 49 -20.15 3.13 20.91
N GLY B 50 -19.03 3.84 20.85
CA GLY B 50 -18.69 4.61 19.67
C GLY B 50 -17.19 4.70 19.47
N GLY B 51 -16.57 5.64 20.19
CA GLY B 51 -15.15 5.87 20.10
C GLY B 51 -14.66 6.12 18.70
N ALA B 52 -13.34 6.23 18.62
CA ALA B 52 -12.61 6.29 17.37
C ALA B 52 -11.13 6.61 17.62
N HIS B 53 -10.29 5.59 17.57
CA HIS B 53 -8.85 5.77 17.68
C HIS B 53 -8.17 5.43 16.37
N ASN B 54 -7.65 6.46 15.70
CA ASN B 54 -7.04 6.30 14.39
C ASN B 54 -5.52 6.21 14.56
N GLN B 55 -4.97 5.02 14.38
CA GLN B 55 -3.55 4.81 14.62
C GLN B 55 -2.92 4.15 13.40
N CYS B 56 -1.66 4.47 13.11
CA CYS B 56 -0.98 3.89 11.97
C CYS B 56 -0.03 2.78 12.39
N LYS B 57 -0.05 1.67 11.64
CA LYS B 57 0.72 0.47 11.99
C LYS B 57 2.19 0.58 11.58
N LEU B 58 2.70 1.79 11.43
CA LEU B 58 4.09 1.96 11.02
C LEU B 58 4.96 2.38 12.20
N CYS B 59 5.12 3.69 12.36
CA CYS B 59 5.99 4.24 13.40
C CYS B 59 5.23 4.50 14.68
N GLY B 60 3.95 4.12 14.70
CA GLY B 60 3.12 4.39 15.86
C GLY B 60 2.48 5.76 15.77
N ALA B 61 2.02 6.13 14.58
CA ALA B 61 1.34 7.40 14.38
C ALA B 61 0.04 7.41 15.17
N SER B 62 -0.32 8.57 15.68
CA SER B 62 -1.37 8.67 16.67
C SER B 62 -2.70 9.12 16.06
N VAL B 63 -3.65 9.42 16.93
CA VAL B 63 -5.02 9.70 16.56
C VAL B 63 -5.28 11.20 16.41
N PRO B 64 -5.76 11.61 15.23
CA PRO B 64 -6.13 13.01 14.97
C PRO B 64 -7.60 13.30 15.33
N TRP B 65 -8.27 12.30 15.90
CA TRP B 65 -9.69 12.43 16.24
C TRP B 65 -9.87 13.27 17.50
N LEU B 66 -11.10 13.30 18.02
CA LEU B 66 -11.45 14.16 19.15
C LEU B 66 -10.94 13.60 20.48
N GLN B 67 -10.44 12.38 20.46
CA GLN B 67 -9.88 11.76 21.66
C GLN B 67 -8.49 12.33 21.97
N THR B 68 -7.78 11.69 22.88
CA THR B 68 -6.44 12.11 23.21
C THR B 68 -5.48 11.78 22.08
N GLY B 69 -5.29 12.74 21.21
CA GLY B 69 -4.39 12.58 20.09
C GLY B 69 -3.75 13.89 19.71
N ASP B 70 -2.46 14.02 19.97
CA ASP B 70 -1.74 15.27 19.73
C ASP B 70 -0.31 15.00 19.30
N GLU B 71 0.30 14.01 19.94
CA GLU B 71 1.68 13.65 19.66
C GLU B 71 1.76 12.72 18.46
N ILE B 72 1.64 13.31 17.27
CA ILE B 72 1.69 12.54 16.04
C ILE B 72 3.11 12.10 15.73
N LYS B 73 3.42 10.86 16.08
CA LYS B 73 4.73 10.30 15.83
C LYS B 73 4.83 9.80 14.41
N HIS B 74 5.55 10.53 13.57
CA HIS B 74 5.74 10.12 12.19
C HIS B 74 7.22 10.15 11.84
N ALA B 75 7.75 8.99 11.48
CA ALA B 75 9.13 8.88 11.09
C ALA B 75 9.29 9.23 9.62
N ASP B 76 10.42 9.79 9.28
CA ASP B 76 10.69 10.22 7.92
C ASP B 76 11.25 9.05 7.12
N ASP B 77 11.49 7.94 7.82
CA ASP B 77 11.98 6.71 7.19
C ASP B 77 10.82 5.80 6.80
N CYS B 78 9.61 6.17 7.21
CA CYS B 78 8.44 5.37 6.94
C CYS B 78 8.15 5.28 5.45
N PRO B 79 7.72 4.10 4.99
CA PRO B 79 7.41 3.86 3.57
C PRO B 79 6.37 4.81 3.00
N VAL B 80 5.63 5.50 3.88
CA VAL B 80 4.68 6.51 3.44
C VAL B 80 5.43 7.67 2.79
N VAL B 81 6.52 8.07 3.42
CA VAL B 81 7.36 9.14 2.88
C VAL B 81 8.06 8.67 1.61
N ILE B 82 8.48 7.41 1.64
CA ILE B 82 9.11 6.78 0.49
C ILE B 82 8.13 6.71 -0.68
N ALA B 83 6.91 6.27 -0.40
CA ALA B 83 5.86 6.15 -1.42
C ALA B 83 5.63 7.48 -2.12
N LYS B 84 5.57 8.55 -1.36
CA LYS B 84 5.41 9.89 -1.92
C LYS B 84 6.53 10.18 -2.91
N GLN B 85 7.76 9.95 -2.49
CA GLN B 85 8.93 10.21 -3.32
C GLN B 85 8.94 9.35 -4.59
N ILE B 86 8.32 8.18 -4.50
CA ILE B 86 8.21 7.29 -5.65
C ILE B 86 7.16 7.78 -6.63
N LEU B 87 5.99 8.16 -6.11
CA LEU B 87 4.88 8.58 -6.97
C LEU B 87 5.06 10.01 -7.47
N SER B 88 5.95 10.76 -6.85
CA SER B 88 6.20 12.13 -7.24
C SER B 88 7.18 12.21 -8.40
N SER B 89 6.66 12.18 -9.62
CA SER B 89 7.48 12.38 -10.80
C SER B 89 7.74 13.87 -11.00
N ARG B 90 6.94 14.68 -10.29
CA ARG B 90 7.12 16.12 -10.24
C ARG B 90 7.76 16.50 -8.91
N PRO B 91 9.07 16.73 -8.89
CA PRO B 91 9.80 17.04 -7.66
C PRO B 91 9.79 18.52 -7.31
N LYS B 92 9.23 18.84 -6.15
CA LYS B 92 9.26 20.21 -5.67
C LYS B 92 10.59 20.50 -4.98
N LEU B 93 11.39 21.36 -5.60
CA LEU B 93 12.64 21.79 -5.00
C LEU B 93 12.36 22.79 -3.90
N HIS B 94 12.89 22.50 -2.70
CA HIS B 94 12.66 23.31 -1.50
C HIS B 94 11.25 23.08 -0.96
N ALA B 95 11.15 22.88 0.34
CA ALA B 95 9.87 22.65 1.00
C ALA B 95 8.90 23.81 0.78
N VAL B 96 7.91 23.57 -0.06
CA VAL B 96 6.84 24.53 -0.30
C VAL B 96 5.54 23.80 -0.64
N MET A 1 -0.96 -25.42 -2.74
CA MET A 1 0.48 -25.25 -2.48
C MET A 1 0.73 -25.23 -0.98
N GLY A 2 1.70 -26.02 -0.52
CA GLY A 2 1.91 -26.15 0.90
C GLY A 2 3.37 -26.06 1.30
N SER A 3 4.18 -25.41 0.49
CA SER A 3 5.58 -25.18 0.85
C SER A 3 5.69 -23.97 1.76
N SER A 4 5.58 -24.20 3.05
CA SER A 4 5.57 -23.13 4.03
C SER A 4 6.99 -22.73 4.41
N HIS A 5 7.44 -21.61 3.89
CA HIS A 5 8.72 -21.04 4.26
C HIS A 5 8.53 -19.97 5.32
N HIS A 6 8.54 -20.38 6.58
CA HIS A 6 8.42 -19.45 7.69
C HIS A 6 9.65 -18.54 7.71
N HIS A 7 9.42 -17.27 7.52
CA HIS A 7 10.51 -16.33 7.34
C HIS A 7 10.42 -15.18 8.35
N HIS A 8 11.50 -15.00 9.09
CA HIS A 8 11.62 -13.86 9.99
C HIS A 8 12.84 -13.05 9.59
N HIS A 9 12.65 -12.13 8.67
CA HIS A 9 13.74 -11.30 8.19
C HIS A 9 13.24 -9.92 7.81
N HIS A 10 13.88 -8.90 8.34
CA HIS A 10 13.51 -7.53 8.03
C HIS A 10 14.22 -7.09 6.76
N SER A 11 13.46 -6.94 5.67
CA SER A 11 14.02 -6.56 4.37
C SER A 11 14.79 -5.25 4.46
N SER A 12 16.01 -5.26 3.93
CA SER A 12 16.84 -4.07 3.88
C SER A 12 16.44 -3.19 2.69
N GLY A 13 17.27 -2.22 2.35
CA GLY A 13 16.99 -1.41 1.19
C GLY A 13 17.24 0.06 1.46
N ARG A 14 17.59 0.79 0.41
CA ARG A 14 17.88 2.21 0.49
C ARG A 14 18.27 2.72 -0.89
N GLU A 15 18.73 3.97 -0.96
CA GLU A 15 19.06 4.62 -2.23
C GLU A 15 17.78 4.85 -3.03
N ASN A 16 17.94 5.21 -4.30
CA ASN A 16 16.78 5.43 -5.16
C ASN A 16 17.16 5.51 -6.62
N LEU A 17 16.86 4.45 -7.35
CA LEU A 17 17.00 4.45 -8.80
C LEU A 17 15.61 4.34 -9.42
N TYR A 18 15.26 5.35 -10.20
CA TYR A 18 13.91 5.46 -10.74
C TYR A 18 13.66 4.40 -11.80
N PHE A 19 12.40 4.25 -12.18
CA PHE A 19 11.97 3.18 -13.07
C PHE A 19 12.74 3.19 -14.39
N GLN A 20 12.88 2.00 -14.99
CA GLN A 20 13.60 1.79 -16.25
C GLN A 20 15.11 1.76 -16.01
N GLY A 21 15.58 2.56 -15.08
CA GLY A 21 16.97 2.54 -14.70
C GLY A 21 17.15 2.01 -13.30
N MET A 22 16.50 0.88 -13.03
CA MET A 22 16.46 0.32 -11.69
C MET A 22 17.56 -0.74 -11.52
N THR A 23 17.60 -1.34 -10.34
CA THR A 23 18.60 -2.34 -10.03
C THR A 23 18.11 -3.25 -8.90
N ASP A 24 19.02 -4.01 -8.31
CA ASP A 24 18.70 -4.99 -7.28
C ASP A 24 17.94 -4.37 -6.10
N THR A 25 18.53 -3.37 -5.47
CA THR A 25 17.96 -2.77 -4.28
C THR A 25 16.60 -2.13 -4.57
N ALA A 26 16.47 -1.53 -5.76
CA ALA A 26 15.24 -0.86 -6.16
C ALA A 26 14.03 -1.79 -6.07
N ALA A 27 14.24 -3.07 -6.36
CA ALA A 27 13.16 -4.04 -6.34
C ALA A 27 12.70 -4.32 -4.91
N GLU A 28 13.65 -4.29 -3.98
CA GLU A 28 13.37 -4.66 -2.60
C GLU A 28 12.60 -3.55 -1.88
N ASP A 29 12.93 -2.30 -2.19
CA ASP A 29 12.29 -1.16 -1.54
C ASP A 29 10.85 -0.98 -2.01
N VAL A 30 10.59 -1.23 -3.29
CA VAL A 30 9.22 -1.17 -3.80
C VAL A 30 8.41 -2.32 -3.20
N ARG A 31 9.05 -3.47 -3.08
CA ARG A 31 8.47 -4.64 -2.43
C ARG A 31 8.16 -4.34 -0.97
N LYS A 32 9.05 -3.58 -0.35
CA LYS A 32 8.94 -3.16 1.03
C LYS A 32 7.64 -2.38 1.26
N ILE A 33 7.35 -1.47 0.32
CA ILE A 33 6.13 -0.66 0.38
C ILE A 33 4.90 -1.56 0.34
N ALA A 34 4.90 -2.50 -0.59
CA ALA A 34 3.78 -3.42 -0.78
C ALA A 34 3.55 -4.27 0.46
N THR A 35 4.62 -4.56 1.18
CA THR A 35 4.53 -5.41 2.37
C THR A 35 3.87 -4.66 3.53
N ALA A 36 4.11 -3.36 3.61
CA ALA A 36 3.53 -2.52 4.66
C ALA A 36 2.02 -2.48 4.55
N LEU A 37 1.51 -2.70 3.34
CA LEU A 37 0.09 -2.61 3.05
C LEU A 37 -0.71 -3.66 3.82
N LEU A 38 -0.08 -4.78 4.11
CA LEU A 38 -0.73 -5.86 4.84
C LEU A 38 -0.97 -5.46 6.29
N LYS A 39 -0.09 -4.64 6.83
CA LYS A 39 -0.17 -4.21 8.21
C LYS A 39 -0.94 -2.90 8.36
N THR A 40 -0.46 -1.87 7.67
CA THR A 40 -0.95 -0.52 7.89
C THR A 40 -1.65 0.05 6.65
N ALA A 41 -2.43 -0.79 5.98
CA ALA A 41 -3.27 -0.33 4.89
C ALA A 41 -4.62 -1.04 4.92
N ILE A 42 -4.96 -1.56 6.08
CA ILE A 42 -6.23 -2.21 6.31
C ILE A 42 -6.93 -1.54 7.48
N GLU A 43 -8.00 -0.81 7.21
CA GLU A 43 -8.64 0.00 8.23
C GLU A 43 -10.00 -0.57 8.64
N ILE A 44 -10.45 -0.12 9.80
CA ILE A 44 -11.74 -0.51 10.33
C ILE A 44 -12.62 0.73 10.50
N VAL A 45 -13.81 0.69 9.92
CA VAL A 45 -14.74 1.80 10.03
C VAL A 45 -15.71 1.58 11.17
N SER A 46 -15.84 2.58 12.03
CA SER A 46 -16.72 2.50 13.17
C SER A 46 -18.12 2.97 12.78
N GLU A 47 -19.13 2.25 13.23
CA GLU A 47 -20.51 2.64 12.98
C GLU A 47 -20.98 3.67 13.99
N GLU A 48 -21.78 4.63 13.51
CA GLU A 48 -22.26 5.73 14.32
C GLU A 48 -23.15 5.23 15.45
N ASP A 49 -24.01 4.28 15.14
CA ASP A 49 -24.87 3.66 16.15
C ASP A 49 -24.04 2.76 17.06
N GLY A 50 -23.23 1.90 16.46
CA GLY A 50 -22.41 0.99 17.20
C GLY A 50 -22.02 -0.20 16.38
N GLY A 51 -20.79 -0.20 15.87
CA GLY A 51 -20.31 -1.31 15.10
C GLY A 51 -18.89 -1.10 14.66
N ALA A 52 -18.24 -2.19 14.30
CA ALA A 52 -16.85 -2.16 13.86
C ALA A 52 -16.66 -3.03 12.64
N HIS A 53 -16.52 -2.40 11.49
CA HIS A 53 -16.37 -3.13 10.23
C HIS A 53 -14.99 -2.91 9.66
N ASN A 54 -14.23 -3.99 9.52
CA ASN A 54 -12.92 -3.91 8.89
C ASN A 54 -13.13 -3.95 7.38
N GLN A 55 -12.97 -2.81 6.73
CA GLN A 55 -13.44 -2.67 5.36
C GLN A 55 -12.33 -2.25 4.42
N CYS A 56 -12.26 -2.93 3.28
CA CYS A 56 -11.31 -2.58 2.26
C CYS A 56 -11.84 -1.42 1.42
N LYS A 57 -11.17 -0.28 1.53
CA LYS A 57 -11.60 0.96 0.85
C LYS A 57 -11.60 0.83 -0.67
N LEU A 58 -10.98 -0.22 -1.20
CA LEU A 58 -11.02 -0.47 -2.62
C LEU A 58 -11.16 -1.96 -2.89
N CYS A 59 -12.41 -2.37 -3.00
CA CYS A 59 -12.81 -3.74 -3.27
C CYS A 59 -14.31 -3.83 -3.03
N GLY A 60 -14.75 -3.12 -1.99
CA GLY A 60 -16.18 -3.04 -1.70
C GLY A 60 -16.66 -4.17 -0.83
N ALA A 61 -15.74 -4.76 -0.07
CA ALA A 61 -16.08 -5.88 0.79
C ALA A 61 -15.79 -5.56 2.26
N SER A 62 -16.60 -6.13 3.15
CA SER A 62 -16.40 -5.95 4.58
C SER A 62 -15.87 -7.22 5.22
N VAL A 63 -14.77 -7.08 5.95
CA VAL A 63 -14.16 -8.18 6.65
C VAL A 63 -14.53 -8.12 8.13
N PRO A 64 -14.79 -9.28 8.77
CA PRO A 64 -15.07 -9.34 10.20
C PRO A 64 -13.98 -8.67 11.03
N TRP A 65 -14.41 -7.87 12.01
CA TRP A 65 -13.48 -7.16 12.88
C TRP A 65 -12.63 -8.15 13.68
N LEU A 66 -11.37 -7.77 13.91
CA LEU A 66 -10.39 -8.61 14.61
C LEU A 66 -9.89 -9.73 13.71
N GLN A 67 -9.86 -9.47 12.41
CA GLN A 67 -9.28 -10.38 11.45
C GLN A 67 -8.01 -9.78 10.86
N THR A 68 -7.22 -10.61 10.19
CA THR A 68 -5.94 -10.19 9.63
C THR A 68 -6.13 -9.09 8.58
N GLY A 69 -7.19 -9.21 7.78
CA GLY A 69 -7.44 -8.24 6.74
C GLY A 69 -7.58 -8.89 5.39
N ASP A 70 -6.45 -9.18 4.74
CA ASP A 70 -6.45 -9.86 3.46
C ASP A 70 -6.75 -11.34 3.65
N GLU A 71 -8.01 -11.69 3.43
CA GLU A 71 -8.49 -13.06 3.60
C GLU A 71 -9.83 -13.20 2.89
N ILE A 72 -10.03 -12.39 1.86
CA ILE A 72 -11.32 -12.31 1.19
C ILE A 72 -11.10 -12.07 -0.32
N LYS A 73 -12.16 -12.25 -1.12
CA LYS A 73 -12.09 -12.00 -2.56
C LYS A 73 -11.83 -10.53 -2.84
N HIS A 74 -11.22 -10.22 -3.98
CA HIS A 74 -10.84 -8.85 -4.29
C HIS A 74 -11.38 -8.39 -5.65
N ALA A 75 -11.10 -7.12 -5.96
CA ALA A 75 -11.61 -6.49 -7.17
C ALA A 75 -10.71 -6.72 -8.37
N ASP A 76 -11.19 -6.30 -9.54
CA ASP A 76 -10.52 -6.51 -10.82
C ASP A 76 -9.25 -5.69 -10.94
N ASP A 77 -9.26 -4.51 -10.34
CA ASP A 77 -8.11 -3.60 -10.39
C ASP A 77 -7.60 -3.34 -8.99
N CYS A 78 -8.04 -4.19 -8.06
CA CYS A 78 -7.70 -4.06 -6.66
C CYS A 78 -6.19 -4.00 -6.47
N PRO A 79 -5.68 -2.85 -5.98
CA PRO A 79 -4.24 -2.64 -5.76
C PRO A 79 -3.61 -3.71 -4.88
N VAL A 80 -4.43 -4.29 -4.00
CA VAL A 80 -3.97 -5.39 -3.14
C VAL A 80 -3.49 -6.57 -3.98
N VAL A 81 -4.13 -6.80 -5.12
CA VAL A 81 -3.74 -7.88 -6.02
C VAL A 81 -2.43 -7.53 -6.73
N ILE A 82 -2.31 -6.27 -7.10
CA ILE A 82 -1.08 -5.76 -7.71
C ILE A 82 0.08 -5.83 -6.71
N ALA A 83 -0.21 -5.45 -5.48
CA ALA A 83 0.78 -5.46 -4.40
C ALA A 83 1.37 -6.85 -4.22
N LYS A 84 0.51 -7.87 -4.26
CA LYS A 84 0.94 -9.25 -4.11
C LYS A 84 1.96 -9.63 -5.18
N GLN A 85 1.76 -9.10 -6.38
CA GLN A 85 2.66 -9.30 -7.49
C GLN A 85 3.97 -8.55 -7.29
N ILE A 86 3.87 -7.34 -6.74
CA ILE A 86 5.03 -6.49 -6.52
C ILE A 86 5.90 -7.01 -5.38
N LEU A 87 5.28 -7.50 -4.31
CA LEU A 87 6.01 -7.99 -3.16
C LEU A 87 6.50 -9.42 -3.40
N SER A 88 6.16 -9.96 -4.55
CA SER A 88 6.55 -11.32 -4.90
C SER A 88 7.88 -11.31 -5.65
N SER A 89 8.38 -12.50 -5.95
CA SER A 89 9.66 -12.68 -6.63
C SER A 89 9.95 -14.17 -6.76
N ARG A 90 9.57 -14.92 -5.74
CA ARG A 90 9.64 -16.37 -5.78
C ARG A 90 8.32 -16.93 -6.24
N PRO A 91 8.34 -17.77 -7.30
CA PRO A 91 7.13 -18.34 -7.91
C PRO A 91 6.15 -18.89 -6.88
N LYS A 92 5.05 -18.15 -6.67
CA LYS A 92 3.99 -18.58 -5.78
C LYS A 92 2.88 -19.26 -6.60
N LEU A 93 3.26 -19.71 -7.80
CA LEU A 93 2.38 -20.44 -8.69
C LEU A 93 1.19 -19.60 -9.17
N HIS A 94 0.26 -20.26 -9.85
CA HIS A 94 -0.92 -19.61 -10.46
C HIS A 94 -0.52 -18.77 -11.65
N ALA A 95 -0.25 -17.48 -11.42
CA ALA A 95 0.16 -16.56 -12.48
C ALA A 95 -0.89 -16.50 -13.60
N VAL A 96 -2.15 -16.64 -13.22
CA VAL A 96 -3.24 -16.63 -14.18
C VAL A 96 -4.58 -16.40 -13.44
N MET B 1 -21.03 -3.97 3.86
CA MET B 1 -21.92 -2.83 3.58
C MET B 1 -21.85 -2.48 2.10
N GLY B 2 -23.02 -2.32 1.49
CA GLY B 2 -23.09 -1.99 0.09
C GLY B 2 -23.04 -3.22 -0.79
N SER B 3 -23.46 -3.07 -2.04
CA SER B 3 -23.41 -4.16 -3.00
C SER B 3 -22.17 -4.03 -3.87
N SER B 4 -21.52 -5.15 -4.13
CA SER B 4 -20.27 -5.13 -4.86
C SER B 4 -20.44 -5.84 -6.20
N HIS B 5 -19.34 -6.01 -6.91
CA HIS B 5 -19.34 -6.68 -8.21
C HIS B 5 -18.04 -7.44 -8.40
N HIS B 6 -18.14 -8.77 -8.37
CA HIS B 6 -16.96 -9.62 -8.46
C HIS B 6 -16.49 -9.79 -9.90
N HIS B 7 -15.69 -8.85 -10.33
CA HIS B 7 -15.04 -8.90 -11.63
C HIS B 7 -13.54 -9.02 -11.41
N HIS B 8 -12.86 -9.84 -12.19
CA HIS B 8 -11.41 -9.94 -12.10
C HIS B 8 -10.82 -10.57 -13.35
N HIS B 9 -9.73 -9.98 -13.82
CA HIS B 9 -8.94 -10.57 -14.90
C HIS B 9 -8.00 -11.62 -14.33
N HIS B 10 -7.22 -12.24 -15.20
CA HIS B 10 -6.23 -13.21 -14.76
C HIS B 10 -4.92 -12.49 -14.41
N SER B 11 -4.25 -12.96 -13.37
CA SER B 11 -3.06 -12.30 -12.87
C SER B 11 -1.80 -12.85 -13.52
N SER B 12 -1.66 -12.60 -14.82
CA SER B 12 -0.52 -13.09 -15.56
C SER B 12 0.73 -12.28 -15.23
N GLY B 13 1.60 -12.87 -14.43
CA GLY B 13 2.84 -12.22 -14.06
C GLY B 13 4.02 -13.16 -14.14
N ARG B 14 5.22 -12.63 -14.13
CA ARG B 14 6.42 -13.45 -14.22
C ARG B 14 7.27 -13.29 -12.95
N GLU B 15 7.54 -14.42 -12.31
CA GLU B 15 8.25 -14.41 -11.04
C GLU B 15 9.75 -14.41 -11.23
N ASN B 16 10.33 -13.22 -11.22
CA ASN B 16 11.77 -13.04 -11.31
C ASN B 16 12.11 -11.60 -10.96
N LEU B 17 13.39 -11.25 -11.03
CA LEU B 17 13.82 -9.89 -10.75
C LEU B 17 13.56 -9.00 -11.96
N TYR B 18 12.29 -8.84 -12.31
CA TYR B 18 11.88 -8.13 -13.50
C TYR B 18 11.99 -6.61 -13.33
N PHE B 19 12.31 -6.18 -12.12
CA PHE B 19 12.49 -4.76 -11.86
C PHE B 19 13.82 -4.28 -12.43
N GLN B 20 14.75 -5.20 -12.66
CA GLN B 20 16.02 -4.85 -13.28
C GLN B 20 15.83 -4.67 -14.77
N GLY B 21 15.14 -5.61 -15.40
CA GLY B 21 14.82 -5.50 -16.81
C GLY B 21 13.50 -4.81 -17.01
N MET B 22 13.36 -3.63 -16.44
CA MET B 22 12.11 -2.89 -16.49
C MET B 22 12.25 -1.66 -17.37
N THR B 23 11.19 -1.34 -18.11
CA THR B 23 11.16 -0.14 -18.91
C THR B 23 9.74 0.40 -18.99
N ASP B 24 9.51 1.51 -18.29
CA ASP B 24 8.19 2.11 -18.17
C ASP B 24 7.22 1.12 -17.51
N THR B 25 5.92 1.41 -17.54
CA THR B 25 4.88 0.47 -17.09
C THR B 25 4.82 0.31 -15.56
N ALA B 26 5.98 0.22 -14.92
CA ALA B 26 6.04 0.00 -13.49
C ALA B 26 5.30 1.09 -12.72
N ALA B 27 5.53 2.34 -13.08
CA ALA B 27 4.92 3.47 -12.37
C ALA B 27 3.40 3.44 -12.50
N GLU B 28 2.93 2.88 -13.61
CA GLU B 28 1.50 2.80 -13.89
C GLU B 28 0.76 2.06 -12.78
N ASP B 29 1.25 0.89 -12.41
CA ASP B 29 0.61 0.10 -11.34
C ASP B 29 1.13 0.46 -9.95
N VAL B 30 2.35 0.98 -9.87
CA VAL B 30 2.88 1.44 -8.60
C VAL B 30 1.99 2.55 -8.03
N ARG B 31 1.50 3.42 -8.92
CA ARG B 31 0.60 4.48 -8.52
C ARG B 31 -0.69 3.94 -7.92
N LYS B 32 -1.11 2.74 -8.35
CA LYS B 32 -2.31 2.12 -7.78
C LYS B 32 -2.18 1.98 -6.27
N ILE B 33 -1.12 1.32 -5.82
CA ILE B 33 -0.92 1.10 -4.39
C ILE B 33 -0.50 2.39 -3.69
N ALA B 34 0.29 3.20 -4.39
CA ALA B 34 0.78 4.46 -3.85
C ALA B 34 -0.36 5.42 -3.53
N THR B 35 -1.36 5.46 -4.40
CA THR B 35 -2.50 6.33 -4.18
C THR B 35 -3.41 5.76 -3.09
N ALA B 36 -3.51 4.44 -3.06
CA ALA B 36 -4.34 3.76 -2.07
C ALA B 36 -3.90 4.09 -0.65
N LEU B 37 -2.61 3.93 -0.39
CA LEU B 37 -2.07 4.15 0.95
C LEU B 37 -2.09 5.64 1.32
N LEU B 38 -2.07 6.49 0.30
CA LEU B 38 -2.06 7.93 0.50
C LEU B 38 -3.47 8.41 0.88
N LYS B 39 -4.48 7.80 0.29
CA LYS B 39 -5.85 8.23 0.49
C LYS B 39 -6.45 7.62 1.74
N THR B 40 -6.22 6.33 1.93
CA THR B 40 -6.81 5.61 3.04
C THR B 40 -6.01 4.35 3.31
N ALA B 41 -5.02 4.46 4.19
CA ALA B 41 -4.29 3.31 4.68
C ALA B 41 -4.36 3.27 6.20
N ILE B 42 -4.49 4.45 6.79
CA ILE B 42 -4.55 4.61 8.24
C ILE B 42 -5.98 4.88 8.69
N GLU B 43 -6.19 4.96 10.00
CA GLU B 43 -7.54 5.12 10.52
C GLU B 43 -7.75 6.51 11.10
N ILE B 44 -8.97 6.99 10.98
CA ILE B 44 -9.38 8.23 11.62
C ILE B 44 -10.40 7.91 12.70
N VAL B 45 -10.08 8.25 13.94
CA VAL B 45 -10.97 8.00 15.05
C VAL B 45 -11.72 9.27 15.42
N SER B 46 -13.04 9.19 15.38
CA SER B 46 -13.87 10.32 15.72
C SER B 46 -14.01 10.44 17.24
N GLU B 47 -14.25 11.65 17.71
CA GLU B 47 -14.48 11.87 19.13
C GLU B 47 -15.86 11.32 19.51
N GLU B 48 -16.21 11.41 20.78
CA GLU B 48 -17.53 10.97 21.25
C GLU B 48 -18.61 11.58 20.37
N ASP B 49 -18.53 12.89 20.21
CA ASP B 49 -19.32 13.62 19.22
C ASP B 49 -18.85 15.06 19.14
N GLY B 50 -18.19 15.38 18.05
CA GLY B 50 -17.64 16.71 17.87
C GLY B 50 -16.65 16.76 16.74
N GLY B 51 -15.43 16.34 17.00
CA GLY B 51 -14.41 16.37 15.98
C GLY B 51 -13.90 14.99 15.62
N ALA B 52 -12.74 14.95 15.00
CA ALA B 52 -12.15 13.72 14.50
C ALA B 52 -10.62 13.77 14.64
N HIS B 53 -10.00 12.61 14.76
CA HIS B 53 -8.55 12.53 14.91
C HIS B 53 -7.97 11.48 13.97
N ASN B 54 -7.25 11.93 12.96
CA ASN B 54 -6.67 11.01 11.98
C ASN B 54 -5.18 10.84 12.26
N GLN B 55 -4.79 9.62 12.61
CA GLN B 55 -3.40 9.35 12.98
C GLN B 55 -2.73 8.48 11.92
N CYS B 56 -1.41 8.54 11.88
CA CYS B 56 -0.63 7.70 10.97
C CYS B 56 0.34 6.82 11.74
N LYS B 57 0.00 5.54 11.88
CA LYS B 57 0.77 4.61 12.69
C LYS B 57 1.98 4.08 11.93
N LEU B 58 2.89 4.96 11.56
CA LEU B 58 4.10 4.56 10.84
C LEU B 58 5.15 5.66 10.90
N CYS B 59 4.83 6.80 10.30
CA CYS B 59 5.81 7.88 10.15
C CYS B 59 5.75 8.88 11.30
N GLY B 60 5.07 8.50 12.38
CA GLY B 60 4.98 9.37 13.55
C GLY B 60 4.37 10.71 13.22
N ALA B 61 3.16 10.68 12.68
CA ALA B 61 2.47 11.90 12.29
C ALA B 61 0.98 11.77 12.55
N SER B 62 0.34 12.89 12.83
CA SER B 62 -1.10 12.92 13.05
C SER B 62 -1.68 14.21 12.48
N VAL B 63 -2.95 14.17 12.10
CA VAL B 63 -3.62 15.34 11.57
C VAL B 63 -4.98 15.53 12.25
N PRO B 64 -5.36 16.78 12.56
CA PRO B 64 -6.62 17.10 13.23
C PRO B 64 -7.84 16.84 12.36
N TRP B 65 -7.61 16.38 11.12
CA TRP B 65 -8.66 16.09 10.15
C TRP B 65 -9.30 17.39 9.65
N LEU B 66 -9.79 17.37 8.41
CA LEU B 66 -10.48 18.51 7.79
C LEU B 66 -9.50 19.58 7.32
N GLN B 67 -8.56 19.96 8.18
CA GLN B 67 -7.56 20.97 7.85
C GLN B 67 -6.76 20.54 6.63
N THR B 68 -6.35 19.28 6.63
CA THR B 68 -5.67 18.69 5.48
C THR B 68 -5.70 17.17 5.58
N GLY B 69 -5.49 16.51 4.45
CA GLY B 69 -5.45 15.07 4.44
C GLY B 69 -4.11 14.56 3.97
N ASP B 70 -3.14 15.47 3.87
CA ASP B 70 -1.80 15.13 3.45
C ASP B 70 -0.78 15.88 4.32
N GLU B 71 0.33 16.31 3.71
CA GLU B 71 1.49 16.88 4.40
C GLU B 71 2.00 15.94 5.50
N ILE B 72 1.59 14.68 5.42
CA ILE B 72 2.12 13.64 6.28
C ILE B 72 3.47 13.21 5.72
N LYS B 73 4.49 13.96 6.09
CA LYS B 73 5.83 13.78 5.54
C LYS B 73 6.84 13.91 6.67
N HIS B 74 6.42 13.52 7.87
CA HIS B 74 7.24 13.69 9.07
C HIS B 74 8.38 12.69 9.11
N ALA B 75 8.41 11.82 8.12
CA ALA B 75 9.50 10.87 7.94
C ALA B 75 9.65 10.58 6.46
N ASP B 76 10.87 10.30 6.02
CA ASP B 76 11.14 10.10 4.60
C ASP B 76 11.41 8.63 4.29
N ASP B 77 11.81 7.89 5.31
CA ASP B 77 12.22 6.50 5.13
C ASP B 77 11.07 5.53 5.30
N CYS B 78 9.91 6.05 5.70
CA CYS B 78 8.73 5.22 5.91
C CYS B 78 8.08 4.84 4.58
N PRO B 79 7.75 3.55 4.40
CA PRO B 79 7.21 3.01 3.13
C PRO B 79 6.07 3.84 2.54
N VAL B 80 5.13 4.25 3.39
CA VAL B 80 4.00 5.06 2.95
C VAL B 80 4.48 6.36 2.29
N VAL B 81 5.46 6.99 2.92
CA VAL B 81 5.99 8.25 2.41
C VAL B 81 6.87 7.99 1.18
N ILE B 82 7.59 6.87 1.19
CA ILE B 82 8.41 6.46 0.05
C ILE B 82 7.55 6.45 -1.23
N ALA B 83 6.36 5.87 -1.12
CA ALA B 83 5.44 5.80 -2.24
C ALA B 83 5.10 7.19 -2.76
N LYS B 84 4.99 8.14 -1.83
CA LYS B 84 4.68 9.52 -2.21
C LYS B 84 5.79 10.11 -3.05
N GLN B 85 7.04 9.89 -2.63
CA GLN B 85 8.20 10.35 -3.37
C GLN B 85 8.22 9.75 -4.78
N ILE B 86 7.79 8.50 -4.89
CA ILE B 86 7.78 7.80 -6.15
C ILE B 86 6.69 8.34 -7.08
N LEU B 87 5.48 8.53 -6.55
CA LEU B 87 4.35 8.93 -7.38
C LEU B 87 4.44 10.39 -7.81
N SER B 88 5.34 11.14 -7.17
CA SER B 88 5.51 12.55 -7.47
C SER B 88 6.34 12.76 -8.74
N SER B 89 5.89 12.15 -9.83
CA SER B 89 6.53 12.32 -11.12
C SER B 89 6.16 13.69 -11.70
N ARG B 90 7.13 14.58 -11.82
CA ARG B 90 6.86 15.90 -12.37
C ARG B 90 6.93 15.85 -13.89
N PRO B 91 6.05 16.62 -14.56
CA PRO B 91 5.95 16.64 -16.03
C PRO B 91 7.24 17.10 -16.70
N LYS B 92 7.50 16.55 -17.88
CA LYS B 92 8.64 16.93 -18.69
C LYS B 92 8.36 18.26 -19.38
N LEU B 93 9.32 19.16 -19.35
CA LEU B 93 9.14 20.47 -19.96
C LEU B 93 9.63 20.47 -21.41
N HIS B 94 9.07 21.38 -22.21
CA HIS B 94 9.44 21.48 -23.60
C HIS B 94 10.45 22.61 -23.79
N ALA B 95 11.70 22.24 -24.03
CA ALA B 95 12.75 23.22 -24.20
C ALA B 95 12.85 23.66 -25.66
N VAL B 96 12.63 24.93 -25.90
CA VAL B 96 12.72 25.47 -27.25
C VAL B 96 14.06 26.19 -27.43
#